data_4XCN
#
_entry.id   4XCN
#
_cell.length_a   149.890
_cell.length_b   149.890
_cell.length_c   469.760
_cell.angle_alpha   90.00
_cell.angle_beta   90.00
_cell.angle_gamma   120.00
#
_symmetry.space_group_name_H-M   'P 61 2 2'
#
loop_
_entity.id
_entity.type
_entity.pdbx_description
1 polymer '4E10 Fab light chain'
2 polymer '4E10 Fab heavy chain'
3 non-polymer 'UNKNOWN LIGAND'
4 non-polymer '(2R)-3-(phosphonooxy)propane-1,2-diyl dihexanoate'
5 non-polymer GLYCEROL
6 non-polymer 'PHOSPHATE ION'
7 water water
#
loop_
_entity_poly.entity_id
_entity_poly.type
_entity_poly.pdbx_seq_one_letter_code
_entity_poly.pdbx_strand_id
1 'polypeptide(L)'
;EIVLTQSPGTQSLSPGERATLSCRASQSVGNNKLAWYQQRPGQAPRLLIYGASSRPSGVADRFSGSGSGTDFTLTISRLE
PEDFAVYYCQQYGQSLSTFGQGTKVEVKRTVAAPSVFIFPPSDEQLKSGTASVVCLLNNFYPREAKVQWKVDNALQSGNS
QESVTEQDSKDSTYSLSSTLTLSKADYEKHKVYACEVTHQGLSSPVTKSFNRGEC
;
L,B,D,F,I,K
2 'polypeptide(L)'
;QVQLVQSGAEVKRPGSSVTVSCKASGGSFSTYALSWVRQAPGRGLEWMGGVIPLLTITNYAPRFQGRITITADRSTSTAY
LELNSLRPEDTAVYYCAREGTTGWGWLGKPIGAFAHWGQGTLVTVSSASTKGPSVFPLAPSSKSTSGGTAALGCLVKDYF
PEPVTVSWNSGALTSGVHTFPAVLQSSGLYSLSSVVTVPSSSLGTQTYICNVNHKPSNTKVDKKVEPKSC
;
H,A,C,E,G,J
#
# COMPACT_ATOMS: atom_id res chain seq x y z
N GLU A 1 19.16 -21.17 -8.87
CA GLU A 1 17.84 -20.72 -9.32
C GLU A 1 17.71 -19.20 -9.25
N ILE A 2 17.25 -18.61 -10.35
CA ILE A 2 17.04 -17.17 -10.38
C ILE A 2 15.69 -16.84 -9.76
N VAL A 3 15.72 -16.01 -8.71
CA VAL A 3 14.50 -15.59 -8.02
C VAL A 3 14.09 -14.17 -8.41
N LEU A 4 12.89 -14.02 -8.95
CA LEU A 4 12.38 -12.70 -9.34
C LEU A 4 11.49 -12.10 -8.26
N THR A 5 11.78 -10.86 -7.89
CA THR A 5 10.99 -10.15 -6.89
C THR A 5 10.37 -8.88 -7.48
N GLN A 6 9.04 -8.84 -7.54
CA GLN A 6 8.35 -7.69 -8.11
C GLN A 6 8.00 -6.64 -7.06
N SER A 7 8.07 -5.38 -7.44
CA SER A 7 7.76 -4.28 -6.54
C SER A 7 6.99 -3.18 -7.27
N PRO A 8 5.96 -2.62 -6.60
CA PRO A 8 5.50 -3.04 -5.28
C PRO A 8 4.49 -4.18 -5.36
N GLY A 9 3.94 -4.59 -4.23
CA GLY A 9 2.92 -5.64 -4.22
C GLY A 9 1.65 -5.11 -4.86
N THR A 10 1.20 -3.96 -4.38
CA THR A 10 0.03 -3.30 -4.92
C THR A 10 0.38 -1.87 -5.34
N GLN A 11 -0.16 -1.47 -6.48
CA GLN A 11 0.05 -0.14 -7.05
C GLN A 11 -1.28 0.54 -7.20
N SER A 12 -1.55 1.53 -6.37
CA SER A 12 -2.84 2.21 -6.42
C SER A 12 -2.75 3.51 -7.20
N LEU A 13 -3.34 3.54 -8.40
CA LEU A 13 -3.25 4.71 -9.25
C LEU A 13 -4.57 5.04 -9.94
N SER A 14 -4.71 6.29 -10.36
CA SER A 14 -5.90 6.73 -11.09
C SER A 14 -5.72 6.57 -12.59
N PRO A 15 -6.83 6.36 -13.32
CA PRO A 15 -6.78 6.23 -14.78
C PRO A 15 -6.16 7.45 -15.47
N GLY A 16 -5.31 7.22 -16.46
CA GLY A 16 -4.65 8.29 -17.19
C GLY A 16 -3.25 8.56 -16.69
N GLU A 17 -2.94 8.02 -15.52
CA GLU A 17 -1.60 8.19 -14.93
C GLU A 17 -0.57 7.20 -15.51
N ARG A 18 0.69 7.45 -15.16
CA ARG A 18 1.80 6.64 -15.63
C ARG A 18 2.16 5.59 -14.59
N ALA A 19 2.10 4.33 -14.98
CA ALA A 19 2.38 3.24 -14.06
C ALA A 19 3.75 2.64 -14.35
N THR A 20 4.55 2.47 -13.30
CA THR A 20 5.86 1.86 -13.45
C THR A 20 6.03 0.69 -12.48
N LEU A 21 6.17 -0.50 -13.03
CA LEU A 21 6.31 -1.72 -12.24
C LEU A 21 7.75 -2.24 -12.30
N SER A 22 8.25 -2.70 -11.16
CA SER A 22 9.64 -3.13 -11.08
C SER A 22 9.78 -4.65 -10.91
N CYS A 23 10.77 -5.22 -11.59
CA CYS A 23 11.14 -6.63 -11.45
C CYS A 23 12.63 -6.74 -11.16
N ARG A 24 12.96 -7.30 -10.00
CA ARG A 24 14.35 -7.41 -9.58
C ARG A 24 14.82 -8.86 -9.49
N ALA A 25 15.87 -9.18 -10.25
CA ALA A 25 16.40 -10.55 -10.31
C ALA A 25 17.50 -10.80 -9.28
N SER A 26 17.53 -12.02 -8.75
CA SER A 26 18.55 -12.41 -7.78
C SER A 26 19.93 -12.46 -8.42
N GLN A 27 19.98 -12.85 -9.69
CA GLN A 27 21.23 -12.79 -10.46
C GLN A 27 20.92 -12.29 -11.86
N SER A 28 21.96 -12.02 -12.64
CA SER A 28 21.79 -11.48 -14.00
C SER A 28 21.03 -12.41 -14.92
N VAL A 29 19.99 -11.88 -15.55
CA VAL A 29 19.16 -12.63 -16.49
C VAL A 29 19.75 -12.69 -17.91
N GLY A 30 20.67 -13.63 -18.13
CA GLY A 30 21.27 -13.89 -19.44
C GLY A 30 20.42 -13.59 -20.66
N ASN A 31 21.03 -12.95 -21.66
CA ASN A 31 20.37 -12.68 -22.94
C ASN A 31 19.05 -11.91 -22.81
N ASN A 32 18.95 -11.07 -21.77
CA ASN A 32 17.74 -10.29 -21.49
C ASN A 32 16.39 -11.01 -21.64
N LYS A 33 16.39 -12.34 -21.51
CA LYS A 33 15.19 -13.14 -21.66
C LYS A 33 14.19 -12.85 -20.53
N LEU A 34 13.61 -11.65 -20.56
CA LEU A 34 12.65 -11.22 -19.54
C LEU A 34 11.32 -10.88 -20.20
N ALA A 35 10.24 -11.36 -19.60
CA ALA A 35 8.90 -11.18 -20.16
C ALA A 35 7.92 -10.61 -19.15
N TRP A 36 6.92 -9.88 -19.66
CA TRP A 36 5.85 -9.35 -18.82
C TRP A 36 4.49 -9.87 -19.29
N TYR A 37 3.73 -10.39 -18.33
CA TYR A 37 2.40 -10.93 -18.57
C TYR A 37 1.34 -10.18 -17.78
N GLN A 38 0.14 -10.06 -18.35
CA GLN A 38 -1.00 -9.50 -17.66
C GLN A 38 -2.04 -10.59 -17.48
N GLN A 39 -2.67 -10.60 -16.30
CA GLN A 39 -3.75 -11.55 -16.04
C GLN A 39 -4.92 -10.84 -15.36
N ARG A 40 -6.11 -11.06 -15.93
CA ARG A 40 -7.35 -10.60 -15.35
C ARG A 40 -8.05 -11.80 -14.72
N PRO A 41 -8.92 -11.54 -13.71
CA PRO A 41 -9.65 -12.62 -13.03
C PRO A 41 -10.46 -13.48 -13.99
N GLY A 42 -10.28 -14.79 -13.90
CA GLY A 42 -11.05 -15.74 -14.69
C GLY A 42 -10.43 -16.04 -16.04
N GLN A 43 -9.32 -15.39 -16.33
CA GLN A 43 -8.64 -15.57 -17.62
C GLN A 43 -7.22 -16.07 -17.46
N ALA A 44 -6.67 -16.59 -18.55
CA ALA A 44 -5.28 -17.03 -18.59
C ALA A 44 -4.38 -15.79 -18.72
N PRO A 45 -3.11 -15.92 -18.32
CA PRO A 45 -2.16 -14.82 -18.49
C PRO A 45 -2.02 -14.41 -19.95
N ARG A 46 -1.65 -13.16 -20.18
CA ARG A 46 -1.44 -12.65 -21.54
C ARG A 46 -0.06 -12.00 -21.69
N LEU A 47 0.70 -12.43 -22.69
CA LEU A 47 2.04 -11.90 -22.93
C LEU A 47 2.02 -10.45 -23.36
N LEU A 48 2.65 -9.59 -22.57
CA LEU A 48 2.74 -8.17 -22.87
C LEU A 48 4.08 -7.82 -23.49
N ILE A 49 5.15 -8.30 -22.86
CA ILE A 49 6.49 -7.95 -23.31
C ILE A 49 7.36 -9.21 -23.36
N TYR A 50 8.24 -9.30 -24.35
CA TYR A 50 9.23 -10.36 -24.37
C TYR A 50 10.58 -9.77 -24.76
N GLY A 51 11.66 -10.44 -24.39
CA GLY A 51 13.00 -9.94 -24.67
C GLY A 51 13.25 -8.60 -24.01
N ALA A 52 12.67 -8.43 -22.82
CA ALA A 52 12.82 -7.24 -21.98
C ALA A 52 12.16 -5.98 -22.56
N SER A 53 12.11 -5.84 -23.88
CA SER A 53 11.61 -4.61 -24.48
C SER A 53 10.70 -4.83 -25.68
N SER A 54 10.79 -6.00 -26.32
CA SER A 54 9.99 -6.28 -27.50
C SER A 54 8.51 -6.49 -27.15
N ARG A 55 7.64 -5.99 -28.02
CA ARG A 55 6.20 -6.05 -27.81
C ARG A 55 5.50 -6.80 -28.94
N PRO A 56 4.76 -7.86 -28.61
CA PRO A 56 4.05 -8.63 -29.64
C PRO A 56 3.01 -7.79 -30.36
N SER A 57 2.66 -8.18 -31.58
CA SER A 57 1.63 -7.48 -32.33
C SER A 57 0.27 -7.74 -31.69
N GLY A 58 -0.52 -6.68 -31.56
CA GLY A 58 -1.84 -6.78 -30.95
C GLY A 58 -1.86 -6.16 -29.57
N VAL A 59 -0.69 -6.02 -28.97
CA VAL A 59 -0.55 -5.42 -27.65
C VAL A 59 -0.36 -3.91 -27.80
N ALA A 60 -1.15 -3.13 -27.05
CA ALA A 60 -1.10 -1.68 -27.17
C ALA A 60 0.30 -1.15 -26.88
N ASP A 61 0.66 -0.05 -27.54
CA ASP A 61 2.00 0.53 -27.44
C ASP A 61 2.22 1.26 -26.13
N ARG A 62 1.16 1.45 -25.35
CA ARG A 62 1.31 2.14 -24.08
C ARG A 62 2.04 1.22 -23.11
N PHE A 63 2.12 -0.06 -23.46
CA PHE A 63 2.93 -1.00 -22.71
C PHE A 63 4.35 -1.03 -23.28
N SER A 64 5.33 -0.79 -22.43
CA SER A 64 6.73 -0.80 -22.84
C SER A 64 7.60 -1.45 -21.77
N GLY A 65 8.65 -2.13 -22.20
CA GLY A 65 9.56 -2.77 -21.27
C GLY A 65 10.96 -2.18 -21.34
N SER A 66 11.68 -2.19 -20.22
CA SER A 66 13.04 -1.69 -20.19
C SER A 66 13.89 -2.37 -19.12
N GLY A 67 15.19 -2.09 -19.12
CA GLY A 67 16.09 -2.63 -18.12
C GLY A 67 16.99 -3.74 -18.62
N SER A 68 17.92 -4.16 -17.75
CA SER A 68 18.82 -5.27 -18.07
C SER A 68 19.52 -5.78 -16.82
N GLY A 69 20.23 -6.88 -16.95
CA GLY A 69 20.98 -7.44 -15.84
C GLY A 69 20.09 -8.01 -14.76
N THR A 70 19.82 -7.20 -13.74
CA THR A 70 18.97 -7.63 -12.62
C THR A 70 17.80 -6.67 -12.40
N ASP A 71 17.83 -5.51 -13.06
CA ASP A 71 16.77 -4.52 -12.91
C ASP A 71 15.94 -4.38 -14.18
N PHE A 72 14.65 -4.69 -14.06
CA PHE A 72 13.73 -4.59 -15.20
C PHE A 72 12.50 -3.79 -14.83
N THR A 73 11.87 -3.17 -15.82
CA THR A 73 10.75 -2.29 -15.57
C THR A 73 9.69 -2.37 -16.66
N LEU A 74 8.44 -2.56 -16.24
CA LEU A 74 7.30 -2.47 -17.15
C LEU A 74 6.62 -1.12 -16.97
N THR A 75 6.42 -0.42 -18.07
CA THR A 75 5.85 0.92 -18.03
C THR A 75 4.55 1.01 -18.84
N ILE A 76 3.52 1.48 -18.17
CA ILE A 76 2.27 1.81 -18.82
C ILE A 76 2.19 3.33 -18.89
N SER A 77 2.39 3.88 -20.09
CA SER A 77 2.48 5.32 -20.28
C SER A 77 1.22 6.02 -19.77
N ARG A 78 0.07 5.42 -20.05
CA ARG A 78 -1.20 5.96 -19.60
C ARG A 78 -2.10 4.80 -19.17
N LEU A 79 -2.55 4.83 -17.92
CA LEU A 79 -3.38 3.75 -17.39
C LEU A 79 -4.81 3.81 -17.91
N GLU A 80 -5.17 2.84 -18.74
CA GLU A 80 -6.55 2.70 -19.17
C GLU A 80 -7.32 1.80 -18.21
N PRO A 81 -8.65 1.91 -18.18
CA PRO A 81 -9.48 1.08 -17.30
C PRO A 81 -9.18 -0.42 -17.35
N GLU A 82 -8.88 -0.98 -18.51
CA GLU A 82 -8.66 -2.43 -18.59
C GLU A 82 -7.25 -2.80 -18.15
N ASP A 83 -6.42 -1.82 -17.85
CA ASP A 83 -5.04 -2.09 -17.43
C ASP A 83 -4.95 -2.44 -15.96
N PHE A 84 -6.00 -2.16 -15.20
CA PHE A 84 -6.00 -2.47 -13.79
C PHE A 84 -6.22 -3.97 -13.59
N ALA A 85 -5.12 -4.71 -13.53
CA ALA A 85 -5.14 -6.16 -13.40
C ALA A 85 -3.88 -6.62 -12.68
N VAL A 86 -3.53 -7.90 -12.80
CA VAL A 86 -2.31 -8.38 -12.17
C VAL A 86 -1.19 -8.53 -13.21
N TYR A 87 0.03 -8.17 -12.85
CA TYR A 87 1.15 -8.27 -13.78
C TYR A 87 2.29 -9.13 -13.23
N TYR A 88 2.76 -10.07 -14.05
CA TYR A 88 3.85 -10.95 -13.66
C TYR A 88 5.07 -10.76 -14.54
N CYS A 89 6.26 -10.87 -13.95
CA CYS A 89 7.48 -10.89 -14.75
C CYS A 89 8.06 -12.29 -14.74
N GLN A 90 8.68 -12.70 -15.85
CA GLN A 90 9.17 -14.06 -16.00
C GLN A 90 10.53 -14.08 -16.69
N GLN A 91 11.46 -14.85 -16.13
CA GLN A 91 12.76 -15.03 -16.78
C GLN A 91 12.80 -16.40 -17.43
N TYR A 92 13.35 -16.46 -18.64
CA TYR A 92 13.47 -17.71 -19.37
C TYR A 92 14.85 -17.81 -20.01
N GLY A 93 15.83 -17.19 -19.36
CA GLY A 93 17.21 -17.21 -19.81
C GLY A 93 17.96 -18.46 -19.37
N GLN A 94 17.41 -19.15 -18.38
CA GLN A 94 17.93 -20.44 -17.95
C GLN A 94 16.99 -21.55 -18.38
N SER A 95 17.41 -22.79 -18.18
CA SER A 95 16.58 -23.94 -18.47
C SER A 95 15.43 -23.96 -17.46
N LEU A 96 15.74 -23.55 -16.23
CA LEU A 96 14.75 -23.40 -15.18
C LEU A 96 14.14 -22.00 -15.21
N SER A 97 12.92 -21.91 -15.74
CA SER A 97 12.19 -20.65 -15.84
C SER A 97 11.37 -20.35 -14.58
N THR A 98 11.35 -19.07 -14.18
CA THR A 98 10.64 -18.67 -12.97
C THR A 98 9.81 -17.40 -13.16
N PHE A 99 8.74 -17.28 -12.37
CA PHE A 99 7.88 -16.11 -12.38
C PHE A 99 8.11 -15.22 -11.15
N GLY A 100 7.71 -13.97 -11.27
CA GLY A 100 7.69 -13.07 -10.12
C GLY A 100 6.44 -13.34 -9.31
N GLN A 101 6.35 -12.78 -8.10
CA GLN A 101 5.19 -13.02 -7.25
C GLN A 101 3.98 -12.21 -7.71
N GLY A 102 4.22 -11.25 -8.60
CA GLY A 102 3.17 -10.47 -9.21
C GLY A 102 2.89 -9.12 -8.56
N THR A 103 2.36 -8.20 -9.37
CA THR A 103 1.96 -6.88 -8.89
C THR A 103 0.53 -6.55 -9.33
N LYS A 104 -0.32 -6.22 -8.38
CA LYS A 104 -1.69 -5.84 -8.69
C LYS A 104 -1.81 -4.33 -8.85
N VAL A 105 -2.30 -3.89 -10.00
CA VAL A 105 -2.53 -2.47 -10.22
C VAL A 105 -4.00 -2.15 -10.01
N GLU A 106 -4.31 -1.44 -8.95
CA GLU A 106 -5.69 -1.12 -8.63
C GLU A 106 -6.00 0.36 -8.84
N VAL A 107 -7.27 0.65 -9.04
CA VAL A 107 -7.73 2.02 -9.18
C VAL A 107 -7.70 2.71 -7.83
N LYS A 108 -7.00 3.84 -7.76
CA LYS A 108 -7.04 4.64 -6.55
C LYS A 108 -8.24 5.56 -6.61
N ARG A 109 -9.11 5.47 -5.61
CA ARG A 109 -10.27 6.34 -5.57
C ARG A 109 -10.42 6.98 -4.20
N THR A 110 -11.46 7.80 -4.08
CA THR A 110 -11.79 8.44 -2.83
C THR A 110 -12.17 7.40 -1.78
N VAL A 111 -11.78 7.63 -0.53
CA VAL A 111 -12.09 6.70 0.54
C VAL A 111 -13.60 6.58 0.73
N ALA A 112 -14.08 5.35 0.78
CA ALA A 112 -15.50 5.09 0.99
C ALA A 112 -15.67 4.19 2.19
N ALA A 113 -16.54 4.60 3.11
CA ALA A 113 -16.81 3.80 4.29
C ALA A 113 -17.68 2.61 3.93
N PRO A 114 -17.46 1.47 4.61
CA PRO A 114 -18.23 0.25 4.34
C PRO A 114 -19.64 0.32 4.91
N SER A 115 -20.61 -0.19 4.16
CA SER A 115 -21.95 -0.37 4.71
C SER A 115 -22.02 -1.72 5.40
N VAL A 116 -22.17 -1.72 6.72
CA VAL A 116 -22.11 -2.97 7.48
C VAL A 116 -23.49 -3.57 7.74
N PHE A 117 -23.63 -4.86 7.45
CA PHE A 117 -24.87 -5.59 7.69
C PHE A 117 -24.60 -6.89 8.44
N ILE A 118 -25.52 -7.30 9.32
CA ILE A 118 -25.37 -8.57 10.00
C ILE A 118 -26.57 -9.48 9.75
N PHE A 119 -26.28 -10.77 9.58
CA PHE A 119 -27.26 -11.79 9.25
C PHE A 119 -27.18 -12.96 10.22
N PRO A 120 -28.25 -13.18 11.00
CA PRO A 120 -28.37 -14.35 11.86
C PRO A 120 -28.55 -15.63 11.03
N PRO A 121 -28.22 -16.79 11.60
CA PRO A 121 -28.46 -18.05 10.90
C PRO A 121 -29.96 -18.28 10.69
N SER A 122 -30.33 -18.79 9.52
CA SER A 122 -31.71 -19.10 9.21
C SER A 122 -32.20 -20.28 10.03
N ASP A 123 -33.51 -20.41 10.15
CA ASP A 123 -34.09 -21.54 10.87
C ASP A 123 -33.79 -22.84 10.15
N GLU A 124 -33.77 -22.79 8.82
CA GLU A 124 -33.48 -23.97 8.01
C GLU A 124 -32.11 -24.53 8.33
N GLN A 125 -31.12 -23.65 8.46
CA GLN A 125 -29.77 -24.09 8.77
C GLN A 125 -29.68 -24.60 10.20
N LEU A 126 -30.38 -23.93 11.11
CA LEU A 126 -30.40 -24.35 12.52
C LEU A 126 -31.00 -25.74 12.65
N LYS A 127 -31.88 -26.10 11.72
CA LYS A 127 -32.45 -27.43 11.70
C LYS A 127 -31.41 -28.49 11.36
N SER A 128 -30.29 -28.09 10.78
CA SER A 128 -29.26 -29.04 10.37
C SER A 128 -28.16 -29.18 11.42
N GLY A 129 -28.23 -28.35 12.46
CA GLY A 129 -27.33 -28.49 13.60
C GLY A 129 -26.15 -27.54 13.61
N THR A 130 -26.09 -26.65 12.63
CA THR A 130 -25.01 -25.66 12.56
C THR A 130 -25.58 -24.26 12.40
N ALA A 131 -24.80 -23.26 12.80
CA ALA A 131 -25.22 -21.86 12.73
C ALA A 131 -24.15 -20.99 12.08
N SER A 132 -24.54 -20.27 11.04
CA SER A 132 -23.62 -19.37 10.35
C SER A 132 -24.09 -17.93 10.44
N VAL A 133 -23.29 -17.09 11.09
CA VAL A 133 -23.58 -15.67 11.19
C VAL A 133 -22.78 -14.92 10.13
N VAL A 134 -23.44 -14.11 9.31
CA VAL A 134 -22.75 -13.46 8.20
C VAL A 134 -22.67 -11.95 8.35
N CYS A 135 -21.45 -11.43 8.32
CA CYS A 135 -21.22 -9.99 8.35
C CYS A 135 -20.82 -9.51 6.97
N LEU A 136 -21.56 -8.53 6.45
CA LEU A 136 -21.30 -7.98 5.13
C LEU A 136 -20.75 -6.56 5.22
N LEU A 137 -19.59 -6.35 4.59
CA LEU A 137 -19.01 -5.02 4.45
C LEU A 137 -19.15 -4.61 3.00
N ASN A 138 -20.09 -3.72 2.74
CA ASN A 138 -20.47 -3.44 1.36
C ASN A 138 -19.87 -2.14 0.82
N ASN A 139 -19.23 -2.26 -0.35
CA ASN A 139 -18.75 -1.12 -1.13
C ASN A 139 -17.87 -0.13 -0.36
N PHE A 140 -16.60 -0.48 -0.17
CA PHE A 140 -15.66 0.38 0.54
C PHE A 140 -14.31 0.48 -0.17
N TYR A 141 -13.56 1.52 0.19
CA TYR A 141 -12.18 1.70 -0.27
C TYR A 141 -11.42 2.48 0.80
N PRO A 142 -10.17 2.08 1.09
CA PRO A 142 -9.39 1.02 0.45
C PRO A 142 -9.79 -0.39 0.85
N ARG A 143 -9.05 -1.37 0.33
CA ARG A 143 -9.35 -2.78 0.51
C ARG A 143 -9.12 -3.22 1.95
N GLU A 144 -8.17 -2.59 2.62
CA GLU A 144 -7.79 -2.99 3.98
C GLU A 144 -8.90 -2.69 4.97
N ALA A 145 -9.52 -3.73 5.50
CA ALA A 145 -10.56 -3.58 6.51
C ALA A 145 -10.40 -4.65 7.56
N LYS A 146 -10.89 -4.39 8.77
CA LYS A 146 -10.75 -5.36 9.83
C LYS A 146 -12.11 -5.70 10.43
N VAL A 147 -12.38 -7.00 10.53
CA VAL A 147 -13.64 -7.50 11.06
C VAL A 147 -13.37 -8.34 12.30
N GLN A 148 -14.05 -7.99 13.38
CA GLN A 148 -13.88 -8.67 14.65
C GLN A 148 -15.22 -9.17 15.19
N TRP A 149 -15.27 -10.43 15.59
CA TRP A 149 -16.51 -11.03 16.10
C TRP A 149 -16.60 -10.98 17.61
N LYS A 150 -17.73 -10.51 18.12
CA LYS A 150 -17.97 -10.46 19.55
C LYS A 150 -19.20 -11.29 19.93
N VAL A 151 -18.99 -12.30 20.76
CA VAL A 151 -20.09 -13.10 21.28
C VAL A 151 -20.24 -12.85 22.77
N ASP A 152 -21.34 -12.22 23.17
CA ASP A 152 -21.52 -11.74 24.54
C ASP A 152 -20.34 -10.84 24.90
N ASN A 153 -19.94 -9.99 23.96
CA ASN A 153 -18.81 -9.08 24.10
C ASN A 153 -17.49 -9.80 24.34
N ALA A 154 -17.41 -11.06 23.93
CA ALA A 154 -16.17 -11.80 24.01
C ALA A 154 -15.55 -11.95 22.62
N LEU A 155 -14.31 -11.51 22.49
CA LEU A 155 -13.62 -11.55 21.21
C LEU A 155 -13.39 -12.97 20.70
N GLN A 156 -13.92 -13.25 19.52
CA GLN A 156 -13.76 -14.56 18.90
C GLN A 156 -12.51 -14.58 18.03
N SER A 157 -11.96 -15.77 17.79
CA SER A 157 -10.71 -15.91 17.04
C SER A 157 -10.50 -17.34 16.54
N GLY A 158 -10.48 -17.52 15.22
CA GLY A 158 -10.20 -18.82 14.63
C GLY A 158 -11.44 -19.63 14.34
N ASN A 159 -12.59 -18.99 14.43
CA ASN A 159 -13.86 -19.64 14.14
C ASN A 159 -14.63 -18.87 13.07
N SER A 160 -13.91 -18.05 12.31
CA SER A 160 -14.49 -17.25 11.24
C SER A 160 -13.63 -17.22 9.99
N GLN A 161 -14.27 -17.15 8.83
CA GLN A 161 -13.55 -17.05 7.55
C GLN A 161 -14.10 -15.91 6.70
N GLU A 162 -13.22 -15.16 6.05
CA GLU A 162 -13.69 -14.05 5.22
C GLU A 162 -13.16 -14.12 3.80
N SER A 163 -13.87 -13.49 2.87
CA SER A 163 -13.40 -13.36 1.49
C SER A 163 -13.73 -11.98 0.94
N VAL A 164 -12.88 -11.48 0.05
CA VAL A 164 -13.04 -10.15 -0.53
C VAL A 164 -13.24 -10.24 -2.04
N THR A 165 -14.14 -9.41 -2.55
CA THR A 165 -14.42 -9.36 -3.98
C THR A 165 -13.31 -8.64 -4.76
N GLU A 166 -13.34 -8.80 -6.08
CA GLU A 166 -12.45 -8.03 -6.95
C GLU A 166 -12.92 -6.58 -6.93
N GLN A 167 -12.01 -5.65 -7.21
CA GLN A 167 -12.35 -4.24 -7.23
C GLN A 167 -13.41 -3.98 -8.30
N ASP A 168 -14.54 -3.39 -7.88
CA ASP A 168 -15.69 -3.17 -8.75
C ASP A 168 -15.35 -2.32 -9.98
N SER A 169 -15.86 -2.73 -11.14
CA SER A 169 -15.52 -2.05 -12.39
C SER A 169 -16.18 -0.69 -12.52
N LYS A 170 -17.21 -0.44 -11.70
CA LYS A 170 -17.94 0.82 -11.81
C LYS A 170 -17.49 1.84 -10.75
N ASP A 171 -17.59 1.49 -9.47
CA ASP A 171 -17.25 2.44 -8.42
C ASP A 171 -15.89 2.16 -7.77
N SER A 172 -15.18 1.14 -8.27
CA SER A 172 -13.84 0.81 -7.80
C SER A 172 -13.78 0.53 -6.31
N THR A 173 -14.85 -0.02 -5.75
CA THR A 173 -14.89 -0.35 -4.33
C THR A 173 -14.70 -1.85 -4.09
N TYR A 174 -14.53 -2.22 -2.83
CA TYR A 174 -14.42 -3.62 -2.46
C TYR A 174 -15.58 -4.01 -1.55
N SER A 175 -15.82 -5.31 -1.45
CA SER A 175 -16.81 -5.82 -0.51
C SER A 175 -16.24 -7.05 0.18
N LEU A 176 -16.49 -7.13 1.47
CA LEU A 176 -15.95 -8.22 2.29
C LEU A 176 -17.08 -9.02 2.93
N SER A 177 -16.91 -10.33 2.97
CA SER A 177 -17.89 -11.19 3.63
C SER A 177 -17.23 -12.05 4.69
N SER A 178 -17.67 -11.91 5.93
CA SER A 178 -17.12 -12.71 7.03
C SER A 178 -18.17 -13.66 7.60
N THR A 179 -17.84 -14.95 7.65
CA THR A 179 -18.76 -15.96 8.14
C THR A 179 -18.24 -16.56 9.44
N LEU A 180 -19.06 -16.46 10.48
CA LEU A 180 -18.77 -17.06 11.77
C LEU A 180 -19.56 -18.37 11.87
N THR A 181 -18.83 -19.47 12.07
CA THR A 181 -19.45 -20.79 12.05
C THR A 181 -19.42 -21.42 13.44
N LEU A 182 -20.60 -21.81 13.93
CA LEU A 182 -20.70 -22.48 15.21
C LEU A 182 -21.60 -23.71 15.11
N SER A 183 -21.56 -24.56 16.13
CA SER A 183 -22.51 -25.65 16.23
C SER A 183 -23.78 -25.06 16.79
N LYS A 184 -24.92 -25.73 16.59
CA LYS A 184 -26.18 -25.20 17.08
C LYS A 184 -26.14 -25.06 18.60
N ALA A 185 -25.46 -25.99 19.25
CA ALA A 185 -25.34 -25.97 20.71
C ALA A 185 -24.55 -24.77 21.19
N ASP A 186 -23.37 -24.58 20.59
CA ASP A 186 -22.50 -23.47 20.99
C ASP A 186 -23.18 -22.15 20.68
N TYR A 187 -24.00 -22.15 19.63
CA TYR A 187 -24.74 -20.97 19.23
C TYR A 187 -25.85 -20.66 20.24
N GLU A 188 -26.45 -21.71 20.78
CA GLU A 188 -27.54 -21.56 21.74
C GLU A 188 -27.01 -21.41 23.17
N LYS A 189 -25.69 -21.46 23.32
CA LYS A 189 -25.10 -21.24 24.64
C LYS A 189 -25.01 -19.74 24.97
N HIS A 190 -24.99 -18.91 23.94
CA HIS A 190 -24.83 -17.45 24.10
C HIS A 190 -26.01 -16.64 23.55
N LYS A 191 -26.04 -15.34 23.84
CA LYS A 191 -27.16 -14.49 23.44
C LYS A 191 -26.80 -13.41 22.42
N VAL A 192 -25.82 -12.59 22.77
CA VAL A 192 -25.48 -11.43 21.94
C VAL A 192 -24.45 -11.77 20.86
N TYR A 193 -24.82 -11.51 19.60
CA TYR A 193 -23.89 -11.72 18.49
C TYR A 193 -23.63 -10.41 17.76
N ALA A 194 -22.35 -10.05 17.66
CA ALA A 194 -21.97 -8.77 17.11
C ALA A 194 -20.77 -8.84 16.16
N CYS A 195 -20.78 -7.99 15.14
CA CYS A 195 -19.61 -7.84 14.29
CA CYS A 195 -19.65 -7.82 14.24
C CYS A 195 -19.17 -6.37 14.28
N GLU A 196 -17.90 -6.18 14.62
CA GLU A 196 -17.29 -4.85 14.70
C GLU A 196 -16.33 -4.63 13.54
N VAL A 197 -16.53 -3.52 12.85
CA VAL A 197 -15.80 -3.19 11.64
C VAL A 197 -14.93 -1.96 11.80
N THR A 198 -13.63 -2.14 11.56
CA THR A 198 -12.67 -1.05 11.56
C THR A 198 -12.17 -0.76 10.14
N HIS A 199 -12.25 0.50 9.74
CA HIS A 199 -11.82 0.90 8.41
C HIS A 199 -11.33 2.34 8.41
N GLN A 200 -10.50 2.68 7.44
CA GLN A 200 -9.93 4.02 7.32
C GLN A 200 -11.04 5.07 7.16
N GLY A 201 -12.10 4.70 6.46
CA GLY A 201 -13.20 5.61 6.21
C GLY A 201 -14.13 5.76 7.39
N LEU A 202 -13.84 5.03 8.46
CA LEU A 202 -14.65 5.14 9.67
C LEU A 202 -13.84 5.83 10.75
N SER A 203 -14.40 6.90 11.31
N SER A 203 -14.39 6.92 11.30
CA SER A 203 -13.77 7.64 12.39
CA SER A 203 -13.74 7.62 12.39
C SER A 203 -13.73 6.78 13.66
C SER A 203 -13.71 6.74 13.64
N SER A 204 -14.76 5.95 13.81
CA SER A 204 -14.86 5.03 14.95
C SER A 204 -15.42 3.70 14.47
N PRO A 205 -14.96 2.60 15.07
CA PRO A 205 -15.40 1.24 14.72
C PRO A 205 -16.92 1.09 14.75
N VAL A 206 -17.50 0.60 13.66
CA VAL A 206 -18.95 0.41 13.57
C VAL A 206 -19.35 -1.00 14.00
N THR A 207 -20.31 -1.11 14.91
CA THR A 207 -20.72 -2.42 15.39
C THR A 207 -22.17 -2.73 15.03
N LYS A 208 -22.37 -3.80 14.27
CA LYS A 208 -23.74 -4.27 13.99
C LYS A 208 -23.99 -5.57 14.74
N SER A 209 -25.11 -5.64 15.45
CA SER A 209 -25.37 -6.80 16.30
C SER A 209 -26.84 -7.25 16.32
N PHE A 210 -27.07 -8.40 16.93
CA PHE A 210 -28.42 -8.92 17.14
C PHE A 210 -28.46 -9.84 18.36
N ASN A 211 -29.66 -10.02 18.92
CA ASN A 211 -29.86 -10.97 20.01
C ASN A 211 -30.56 -12.22 19.50
N ARG A 212 -30.02 -13.38 19.87
CA ARG A 212 -30.53 -14.65 19.38
C ARG A 212 -31.98 -14.89 19.78
N GLY A 213 -32.85 -15.06 18.79
CA GLY A 213 -34.24 -15.37 19.07
C GLY A 213 -35.18 -14.18 18.99
N GLU A 214 -34.62 -12.98 18.92
CA GLU A 214 -35.43 -11.76 18.87
C GLU A 214 -35.65 -11.31 17.43
N GLN B 1 -3.24 -18.51 -36.33
CA GLN B 1 -3.04 -18.31 -34.91
C GLN B 1 -3.06 -19.64 -34.16
N VAL B 2 -2.06 -19.83 -33.30
CA VAL B 2 -1.97 -21.03 -32.48
C VAL B 2 -3.04 -21.09 -31.40
N GLN B 3 -3.70 -22.23 -31.26
CA GLN B 3 -4.72 -22.40 -30.22
C GLN B 3 -4.54 -23.67 -29.42
N LEU B 4 -4.59 -23.51 -28.10
CA LEU B 4 -4.39 -24.63 -27.20
C LEU B 4 -5.68 -24.96 -26.45
N VAL B 5 -6.12 -26.21 -26.57
CA VAL B 5 -7.35 -26.63 -25.90
C VAL B 5 -7.08 -27.77 -24.92
N GLN B 6 -7.33 -27.50 -23.64
CA GLN B 6 -7.02 -28.47 -22.60
C GLN B 6 -8.22 -29.32 -22.23
N SER B 7 -7.97 -30.38 -21.47
CA SER B 7 -9.02 -31.28 -21.03
C SER B 7 -9.85 -30.68 -19.90
N GLY B 8 -10.99 -31.30 -19.61
CA GLY B 8 -11.92 -30.80 -18.62
C GLY B 8 -11.40 -30.87 -17.20
N ALA B 9 -12.15 -30.26 -16.28
CA ALA B 9 -11.79 -30.22 -14.87
C ALA B 9 -11.71 -31.63 -14.28
N GLU B 10 -10.87 -31.80 -13.27
CA GLU B 10 -10.64 -33.10 -12.66
C GLU B 10 -10.81 -33.04 -11.14
N VAL B 11 -11.42 -34.09 -10.59
CA VAL B 11 -11.56 -34.22 -9.14
C VAL B 11 -10.87 -35.50 -8.70
N LYS B 12 -9.82 -35.40 -7.90
CA LYS B 12 -9.05 -36.57 -7.51
C LYS B 12 -8.87 -36.72 -6.00
N ARG B 13 -8.63 -37.95 -5.54
CA ARG B 13 -8.39 -38.21 -4.13
C ARG B 13 -6.88 -38.17 -3.84
N PRO B 14 -6.51 -37.88 -2.58
CA PRO B 14 -5.08 -37.84 -2.22
C PRO B 14 -4.37 -39.16 -2.52
N GLY B 15 -3.24 -39.08 -3.20
CA GLY B 15 -2.46 -40.27 -3.50
C GLY B 15 -2.63 -40.76 -4.92
N SER B 16 -3.65 -40.24 -5.61
CA SER B 16 -3.93 -40.68 -6.96
C SER B 16 -3.07 -39.93 -7.99
N SER B 17 -3.29 -40.24 -9.26
CA SER B 17 -2.55 -39.59 -10.33
C SER B 17 -3.52 -38.96 -11.34
N VAL B 18 -3.15 -37.80 -11.89
CA VAL B 18 -3.98 -37.12 -12.88
C VAL B 18 -3.20 -36.81 -14.15
N THR B 19 -3.89 -36.82 -15.29
CA THR B 19 -3.27 -36.47 -16.57
C THR B 19 -4.09 -35.42 -17.32
N VAL B 20 -3.54 -34.23 -17.43
CA VAL B 20 -4.17 -33.14 -18.16
C VAL B 20 -3.60 -33.07 -19.57
N SER B 21 -4.47 -32.97 -20.57
CA SER B 21 -4.03 -32.90 -21.95
C SER B 21 -4.09 -31.47 -22.50
N CYS B 22 -3.28 -31.20 -23.51
CA CYS B 22 -3.25 -29.91 -24.17
C CYS B 22 -3.10 -30.14 -25.66
N LYS B 23 -4.20 -30.00 -26.38
CA LYS B 23 -4.22 -30.28 -27.82
C LYS B 23 -3.96 -28.96 -28.57
N ALA B 24 -2.94 -28.95 -29.43
CA ALA B 24 -2.59 -27.74 -30.17
C ALA B 24 -3.17 -27.76 -31.59
N SER B 25 -3.74 -26.63 -32.01
CA SER B 25 -4.29 -26.53 -33.37
C SER B 25 -3.85 -25.23 -34.01
N GLY B 26 -3.49 -25.31 -35.28
CA GLY B 26 -2.95 -24.18 -36.01
C GLY B 26 -1.44 -24.27 -35.83
N GLY B 27 -0.71 -23.36 -36.46
CA GLY B 27 0.75 -23.39 -36.41
C GLY B 27 1.44 -24.75 -36.51
N SER B 28 2.73 -24.76 -36.22
CA SER B 28 3.48 -26.01 -36.17
C SER B 28 3.60 -26.46 -34.71
N PHE B 29 3.69 -27.77 -34.51
CA PHE B 29 3.74 -28.34 -33.16
C PHE B 29 5.13 -28.69 -32.67
N SER B 30 5.87 -29.44 -33.50
CA SER B 30 7.14 -30.05 -33.11
C SER B 30 8.29 -29.13 -32.66
N THR B 31 8.42 -27.95 -33.24
CA THR B 31 9.63 -27.17 -32.99
C THR B 31 9.53 -26.12 -31.90
N TYR B 32 8.35 -25.95 -31.30
CA TYR B 32 8.18 -24.92 -30.29
C TYR B 32 7.97 -25.46 -28.87
N ALA B 33 8.52 -24.75 -27.90
CA ALA B 33 8.51 -25.20 -26.51
C ALA B 33 7.11 -25.17 -25.90
N LEU B 34 6.73 -26.27 -25.26
CA LEU B 34 5.44 -26.37 -24.60
C LEU B 34 5.64 -26.52 -23.10
N SER B 35 5.21 -25.52 -22.34
CA SER B 35 5.38 -25.54 -20.89
C SER B 35 4.05 -25.70 -20.15
N TRP B 36 4.14 -26.05 -18.87
CA TRP B 36 2.98 -26.17 -17.99
C TRP B 36 3.16 -25.26 -16.79
N VAL B 37 2.17 -24.42 -16.52
CA VAL B 37 2.21 -23.48 -15.41
C VAL B 37 0.98 -23.62 -14.54
N ARG B 38 1.14 -23.90 -13.24
CA ARG B 38 -0.03 -24.02 -12.39
C ARG B 38 -0.23 -22.76 -11.56
N GLN B 39 -1.46 -22.57 -11.08
CA GLN B 39 -1.81 -21.42 -10.27
C GLN B 39 -2.85 -21.79 -9.24
N ALA B 40 -2.42 -21.82 -7.98
CA ALA B 40 -3.30 -22.08 -6.86
C ALA B 40 -4.29 -20.92 -6.68
N PRO B 41 -5.47 -21.20 -6.12
CA PRO B 41 -6.49 -20.16 -5.90
C PRO B 41 -5.98 -18.94 -5.13
N GLY B 42 -6.05 -17.77 -5.76
CA GLY B 42 -5.63 -16.53 -5.13
C GLY B 42 -4.12 -16.41 -5.01
N ARG B 43 -3.40 -17.24 -5.76
CA ARG B 43 -1.95 -17.23 -5.71
C ARG B 43 -1.38 -16.87 -7.08
N GLY B 44 -0.05 -16.88 -7.20
CA GLY B 44 0.60 -16.49 -8.44
C GLY B 44 0.90 -17.63 -9.39
N LEU B 45 1.60 -17.31 -10.48
CA LEU B 45 1.95 -18.29 -11.49
C LEU B 45 3.19 -19.08 -11.06
N GLU B 46 3.22 -20.36 -11.39
CA GLU B 46 4.34 -21.21 -11.01
C GLU B 46 4.72 -22.13 -12.17
N TRP B 47 5.95 -21.99 -12.65
CA TRP B 47 6.44 -22.79 -13.77
C TRP B 47 6.75 -24.22 -13.30
N MET B 48 6.17 -25.19 -13.99
CA MET B 48 6.33 -26.59 -13.58
C MET B 48 7.39 -27.28 -14.45
N GLY B 49 7.33 -27.02 -15.74
CA GLY B 49 8.25 -27.64 -16.66
C GLY B 49 7.91 -27.34 -18.10
N GLY B 50 8.76 -27.80 -19.02
CA GLY B 50 8.54 -27.57 -20.43
C GLY B 50 9.16 -28.66 -21.27
N VAL B 51 8.78 -28.73 -22.54
CA VAL B 51 9.33 -29.76 -23.42
C VAL B 51 9.38 -29.27 -24.86
N ILE B 52 10.48 -29.54 -25.54
CA ILE B 52 10.46 -29.31 -26.99
C ILE B 52 10.22 -30.66 -27.68
N PRO B 53 9.02 -30.82 -28.26
CA PRO B 53 8.54 -32.11 -28.78
C PRO B 53 9.53 -32.81 -29.70
N LEU B 54 10.09 -32.06 -30.64
CA LEU B 54 10.98 -32.65 -31.63
C LEU B 54 12.33 -33.04 -31.05
N LEU B 55 12.59 -32.68 -29.80
CA LEU B 55 13.88 -33.00 -29.21
C LEU B 55 13.74 -34.03 -28.10
N THR B 56 12.49 -34.29 -27.73
CA THR B 56 12.16 -35.20 -26.64
C THR B 56 12.96 -34.80 -25.40
N ILE B 57 13.10 -33.49 -25.20
CA ILE B 57 13.79 -32.93 -24.05
C ILE B 57 12.85 -32.13 -23.17
N THR B 58 12.64 -32.68 -21.97
CA THR B 58 11.78 -32.09 -20.96
C THR B 58 12.64 -31.52 -19.83
N ASN B 59 12.25 -30.36 -19.33
CA ASN B 59 12.93 -29.70 -18.21
C ASN B 59 11.94 -29.45 -17.09
N TYR B 60 12.21 -29.99 -15.91
CA TYR B 60 11.31 -29.85 -14.78
C TYR B 60 11.81 -28.87 -13.74
N ALA B 61 10.88 -28.26 -13.01
CA ALA B 61 11.22 -27.43 -11.88
C ALA B 61 11.54 -28.33 -10.70
N PRO B 62 12.62 -28.00 -9.96
CA PRO B 62 13.11 -28.82 -8.84
C PRO B 62 12.04 -29.21 -7.83
N ARG B 63 11.04 -28.34 -7.67
CA ARG B 63 9.97 -28.58 -6.70
C ARG B 63 9.11 -29.77 -7.11
N PHE B 64 9.04 -30.03 -8.41
CA PHE B 64 8.18 -31.10 -8.93
C PHE B 64 8.97 -32.29 -9.44
N GLN B 65 10.29 -32.16 -9.47
CA GLN B 65 11.18 -33.18 -9.99
C GLN B 65 10.99 -34.54 -9.29
N GLY B 66 10.42 -35.50 -10.00
CA GLY B 66 10.21 -36.83 -9.45
C GLY B 66 8.75 -37.20 -9.34
N ARG B 67 7.90 -36.18 -9.30
CA ARG B 67 6.46 -36.36 -9.13
C ARG B 67 5.71 -36.00 -10.40
N ILE B 68 6.40 -35.34 -11.31
CA ILE B 68 5.80 -34.78 -12.52
C ILE B 68 6.34 -35.47 -13.79
N THR B 69 5.50 -35.61 -14.81
CA THR B 69 5.94 -36.17 -16.08
C THR B 69 5.27 -35.45 -17.26
N ILE B 70 6.06 -34.69 -18.01
CA ILE B 70 5.55 -33.93 -19.15
C ILE B 70 5.96 -34.56 -20.47
N THR B 71 4.97 -34.83 -21.30
CA THR B 71 5.21 -35.53 -22.57
C THR B 71 4.69 -34.71 -23.75
N ALA B 72 5.18 -35.02 -24.94
CA ALA B 72 4.72 -34.38 -26.16
C ALA B 72 4.53 -35.47 -27.20
N ASP B 73 3.32 -35.56 -27.72
CA ASP B 73 3.00 -36.54 -28.76
C ASP B 73 2.85 -35.87 -30.11
N ARG B 74 3.81 -36.07 -31.00
CA ARG B 74 3.81 -35.43 -32.30
C ARG B 74 2.81 -36.06 -33.26
N SER B 75 2.38 -37.28 -32.96
CA SER B 75 1.43 -37.98 -33.82
C SER B 75 0.04 -37.37 -33.70
N THR B 76 -0.23 -36.72 -32.58
CA THR B 76 -1.53 -36.11 -32.34
C THR B 76 -1.41 -34.61 -32.08
N SER B 77 -0.18 -34.10 -32.14
CA SER B 77 0.12 -32.71 -31.83
C SER B 77 -0.45 -32.36 -30.47
N THR B 78 -0.20 -33.22 -29.48
CA THR B 78 -0.80 -33.05 -28.17
C THR B 78 0.20 -33.23 -27.03
N ALA B 79 0.29 -32.23 -26.15
CA ALA B 79 1.16 -32.34 -24.98
C ALA B 79 0.38 -32.85 -23.78
N TYR B 80 1.10 -33.44 -22.83
CA TYR B 80 0.48 -34.04 -21.66
C TYR B 80 1.23 -33.72 -20.37
N LEU B 81 0.47 -33.37 -19.33
CA LEU B 81 1.00 -33.20 -17.99
C LEU B 81 0.49 -34.32 -17.10
N GLU B 82 1.39 -35.10 -16.53
CA GLU B 82 0.97 -36.13 -15.59
C GLU B 82 1.52 -35.81 -14.21
N LEU B 83 0.63 -35.73 -13.22
CA LEU B 83 1.02 -35.44 -11.85
C LEU B 83 0.62 -36.57 -10.93
N ASN B 84 1.60 -37.19 -10.28
CA ASN B 84 1.40 -38.33 -9.40
C ASN B 84 1.38 -37.93 -7.93
N SER B 85 0.96 -38.85 -7.07
CA SER B 85 0.97 -38.66 -5.62
C SER B 85 0.30 -37.36 -5.21
N LEU B 86 -0.91 -37.14 -5.71
CA LEU B 86 -1.62 -35.89 -5.48
C LEU B 86 -1.94 -35.64 -4.01
N ARG B 87 -1.79 -34.38 -3.60
CA ARG B 87 -2.10 -33.94 -2.25
C ARG B 87 -2.99 -32.70 -2.34
N PRO B 88 -3.73 -32.37 -1.26
CA PRO B 88 -4.64 -31.22 -1.29
C PRO B 88 -4.00 -29.92 -1.77
N GLU B 89 -2.70 -29.76 -1.56
CA GLU B 89 -2.01 -28.53 -1.96
C GLU B 89 -1.70 -28.50 -3.45
N ASP B 90 -2.05 -29.57 -4.15
CA ASP B 90 -1.91 -29.62 -5.61
C ASP B 90 -3.15 -29.05 -6.28
N THR B 91 -4.15 -28.69 -5.49
CA THR B 91 -5.38 -28.11 -6.01
C THR B 91 -5.08 -26.77 -6.67
N ALA B 92 -5.23 -26.71 -7.99
CA ALA B 92 -4.89 -25.50 -8.72
C ALA B 92 -5.45 -25.48 -10.13
N VAL B 93 -5.27 -24.36 -10.83
CA VAL B 93 -5.60 -24.31 -12.24
C VAL B 93 -4.32 -24.51 -13.05
N TYR B 94 -4.32 -25.54 -13.89
CA TYR B 94 -3.14 -25.89 -14.65
C TYR B 94 -3.26 -25.39 -16.09
N TYR B 95 -2.36 -24.48 -16.45
CA TYR B 95 -2.32 -23.91 -17.79
C TYR B 95 -1.24 -24.55 -18.64
N CYS B 96 -1.54 -24.71 -19.91
CA CYS B 96 -0.52 -25.11 -20.87
CA CYS B 96 -0.56 -25.12 -20.90
C CYS B 96 -0.20 -23.89 -21.73
N ALA B 97 1.09 -23.60 -21.87
CA ALA B 97 1.50 -22.42 -22.62
C ALA B 97 2.60 -22.74 -23.63
N ARG B 98 2.45 -22.21 -24.84
CA ARG B 98 3.45 -22.36 -25.87
C ARG B 98 4.12 -21.02 -26.18
N GLU B 99 5.41 -21.07 -26.46
CA GLU B 99 6.18 -19.90 -26.84
C GLU B 99 5.71 -19.38 -28.18
N GLY B 100 5.88 -18.08 -28.41
CA GLY B 100 5.46 -17.49 -29.67
C GLY B 100 6.56 -17.58 -30.71
N THR B 101 6.23 -17.22 -31.94
CA THR B 101 7.23 -17.25 -33.00
C THR B 101 7.10 -16.03 -33.91
N THR B 102 8.05 -15.90 -34.84
CA THR B 102 8.01 -14.85 -35.86
C THR B 102 8.06 -15.52 -37.21
N GLY B 103 6.90 -16.01 -37.66
CA GLY B 103 6.80 -16.70 -38.93
C GLY B 103 6.00 -17.96 -38.75
N TRP B 104 6.13 -18.90 -39.68
CA TRP B 104 5.35 -20.13 -39.59
C TRP B 104 6.14 -21.39 -39.92
N GLY B 105 5.70 -22.49 -39.33
CA GLY B 105 6.29 -23.80 -39.52
C GLY B 105 7.51 -24.08 -38.69
N TRP B 106 8.48 -24.77 -39.30
CA TRP B 106 9.65 -25.23 -38.56
C TRP B 106 10.80 -24.24 -38.64
N LEU B 107 10.69 -23.26 -39.54
CA LEU B 107 11.76 -22.29 -39.71
C LEU B 107 11.22 -20.95 -39.23
N GLY B 108 10.10 -21.06 -38.51
CA GLY B 108 9.62 -20.00 -37.64
C GLY B 108 10.68 -19.75 -36.59
N LYS B 109 10.78 -18.51 -36.12
CA LYS B 109 11.81 -18.15 -35.16
C LYS B 109 11.18 -17.96 -33.78
N PRO B 110 11.61 -18.76 -32.80
CA PRO B 110 11.06 -18.75 -31.44
C PRO B 110 11.45 -17.54 -30.59
N ILE B 111 10.51 -17.07 -29.78
CA ILE B 111 10.75 -15.90 -28.94
C ILE B 111 10.91 -16.28 -27.47
N GLY B 112 10.61 -17.52 -27.14
CA GLY B 112 10.79 -18.02 -25.79
C GLY B 112 9.62 -17.77 -24.85
N ALA B 113 9.14 -16.53 -24.82
CA ALA B 113 8.06 -16.15 -23.92
C ALA B 113 6.74 -16.85 -24.28
N PHE B 114 5.93 -17.16 -23.27
CA PHE B 114 4.69 -17.90 -23.47
C PHE B 114 3.64 -16.99 -24.09
N ALA B 115 3.52 -17.02 -25.42
CA ALA B 115 2.60 -16.13 -26.11
C ALA B 115 1.24 -16.77 -26.28
N HIS B 116 1.17 -18.10 -26.20
CA HIS B 116 -0.10 -18.78 -26.38
C HIS B 116 -0.48 -19.60 -25.15
N TRP B 117 -1.72 -19.48 -24.71
CA TRP B 117 -2.17 -20.15 -23.50
C TRP B 117 -3.43 -20.95 -23.74
N GLY B 118 -3.60 -22.02 -22.97
CA GLY B 118 -4.81 -22.82 -22.99
C GLY B 118 -5.85 -22.16 -22.10
N GLN B 119 -7.04 -22.74 -22.04
CA GLN B 119 -8.12 -22.16 -21.23
C GLN B 119 -7.93 -22.50 -19.75
N GLY B 120 -6.98 -23.41 -19.48
CA GLY B 120 -6.70 -23.82 -18.11
C GLY B 120 -7.55 -25.02 -17.70
N THR B 121 -7.04 -25.79 -16.75
CA THR B 121 -7.75 -26.97 -16.26
C THR B 121 -7.75 -27.03 -14.74
N LEU B 122 -8.93 -26.96 -14.14
CA LEU B 122 -9.03 -27.01 -12.69
C LEU B 122 -8.83 -28.43 -12.16
N VAL B 123 -7.79 -28.62 -11.35
CA VAL B 123 -7.56 -29.91 -10.72
C VAL B 123 -7.73 -29.78 -9.20
N THR B 124 -8.74 -30.45 -8.67
CA THR B 124 -9.04 -30.43 -7.24
C THR B 124 -8.70 -31.75 -6.57
N VAL B 125 -7.78 -31.71 -5.62
CA VAL B 125 -7.40 -32.90 -4.86
C VAL B 125 -7.92 -32.86 -3.43
N SER B 126 -8.83 -33.76 -3.09
CA SER B 126 -9.41 -33.78 -1.75
C SER B 126 -9.96 -35.14 -1.35
N SER B 127 -10.24 -35.31 -0.06
CA SER B 127 -10.85 -36.54 0.44
C SER B 127 -12.36 -36.40 0.39
N ALA B 128 -12.83 -35.17 0.14
CA ALA B 128 -14.25 -34.90 0.12
C ALA B 128 -14.94 -35.54 -1.07
N SER B 129 -16.24 -35.80 -0.93
CA SER B 129 -17.02 -36.33 -2.03
C SER B 129 -17.79 -35.19 -2.69
N THR B 130 -18.10 -35.35 -3.96
CA THR B 130 -18.87 -34.35 -4.67
C THR B 130 -20.23 -34.17 -4.00
N LYS B 131 -20.54 -32.93 -3.64
CA LYS B 131 -21.78 -32.63 -2.96
C LYS B 131 -22.40 -31.33 -3.46
N GLY B 132 -23.71 -31.35 -3.66
CA GLY B 132 -24.44 -30.15 -3.98
C GLY B 132 -24.55 -29.30 -2.73
N PRO B 133 -24.67 -27.98 -2.90
CA PRO B 133 -24.70 -27.07 -1.75
C PRO B 133 -26.06 -26.99 -1.09
N SER B 134 -26.06 -26.62 0.19
CA SER B 134 -27.27 -26.23 0.88
C SER B 134 -27.36 -24.71 0.79
N VAL B 135 -28.49 -24.20 0.30
CA VAL B 135 -28.64 -22.77 0.12
C VAL B 135 -29.58 -22.18 1.17
N PHE B 136 -29.02 -21.40 2.08
CA PHE B 136 -29.81 -20.79 3.14
C PHE B 136 -30.05 -19.31 2.88
N PRO B 137 -31.18 -18.78 3.37
CA PRO B 137 -31.49 -17.37 3.12
C PRO B 137 -30.81 -16.42 4.10
N LEU B 138 -30.12 -15.44 3.56
CA LEU B 138 -29.66 -14.29 4.34
C LEU B 138 -30.74 -13.22 4.26
N ALA B 139 -31.74 -13.34 5.13
CA ALA B 139 -32.93 -12.49 5.12
C ALA B 139 -32.62 -11.04 5.48
N PRO B 140 -33.32 -10.10 4.83
CA PRO B 140 -33.16 -8.66 5.12
C PRO B 140 -33.57 -8.31 6.54
N SER B 141 -32.77 -7.46 7.19
CA SER B 141 -33.01 -7.08 8.57
C SER B 141 -34.35 -6.36 8.75
N SER B 142 -35.02 -6.68 9.87
CA SER B 142 -36.30 -6.07 10.22
C SER B 142 -36.08 -4.69 10.84
N LYS B 143 -34.86 -4.18 10.69
CA LYS B 143 -34.49 -2.87 11.21
C LYS B 143 -33.82 -2.11 10.07
N SER B 144 -34.19 -2.49 8.85
CA SER B 144 -33.67 -1.85 7.65
C SER B 144 -34.12 -0.40 7.62
N THR B 145 -33.21 0.49 7.27
CA THR B 145 -33.50 1.92 7.25
C THR B 145 -34.69 2.21 6.34
N SER B 146 -35.81 2.58 6.95
CA SER B 146 -37.04 2.89 6.23
C SER B 146 -36.78 3.99 5.21
N GLY B 147 -37.00 3.68 3.93
CA GLY B 147 -36.79 4.65 2.88
C GLY B 147 -35.32 4.75 2.48
N GLY B 148 -34.55 3.72 2.82
CA GLY B 148 -33.13 3.71 2.50
C GLY B 148 -32.71 2.46 1.75
N THR B 149 -31.58 1.89 2.14
CA THR B 149 -31.04 0.72 1.46
C THR B 149 -30.93 -0.48 2.41
N ALA B 150 -31.35 -1.64 1.93
CA ALA B 150 -31.29 -2.87 2.70
C ALA B 150 -30.50 -3.95 1.96
N ALA B 151 -29.81 -4.80 2.71
CA ALA B 151 -29.03 -5.86 2.10
C ALA B 151 -29.61 -7.23 2.43
N LEU B 152 -29.68 -8.09 1.42
CA LEU B 152 -30.13 -9.47 1.60
C LEU B 152 -29.25 -10.39 0.76
N GLY B 153 -29.50 -11.69 0.82
CA GLY B 153 -28.73 -12.59 -0.02
C GLY B 153 -28.93 -14.06 0.27
N CYS B 154 -28.03 -14.90 -0.23
CA CYS B 154 -28.07 -16.34 0.01
CA CYS B 154 -28.08 -16.31 0.11
C CYS B 154 -26.69 -16.88 0.38
N LEU B 155 -26.66 -17.79 1.34
CA LEU B 155 -25.46 -18.49 1.75
C LEU B 155 -25.42 -19.86 1.11
N VAL B 156 -24.47 -20.03 0.20
CA VAL B 156 -24.25 -21.29 -0.49
C VAL B 156 -23.22 -22.12 0.28
N LYS B 157 -23.70 -23.04 1.11
CA LYS B 157 -22.82 -23.71 2.06
C LYS B 157 -22.60 -25.22 1.81
N ASP B 158 -21.38 -25.66 2.08
CA ASP B 158 -21.00 -27.09 2.07
C ASP B 158 -21.21 -27.77 0.72
N TYR B 159 -20.36 -27.44 -0.24
CA TYR B 159 -20.41 -28.10 -1.54
C TYR B 159 -19.01 -28.48 -1.98
N PHE B 160 -18.94 -29.37 -2.96
CA PHE B 160 -17.67 -29.83 -3.49
C PHE B 160 -17.84 -30.45 -4.87
N PRO B 161 -16.95 -30.10 -5.80
CA PRO B 161 -15.92 -29.08 -5.62
C PRO B 161 -16.35 -27.75 -6.23
N GLU B 162 -15.39 -26.86 -6.46
CA GLU B 162 -15.64 -25.64 -7.23
C GLU B 162 -15.93 -26.01 -8.69
N PRO B 163 -16.64 -25.13 -9.43
CA PRO B 163 -17.20 -23.85 -9.01
C PRO B 163 -18.71 -23.84 -8.80
N VAL B 164 -19.22 -22.70 -8.36
CA VAL B 164 -20.66 -22.46 -8.24
C VAL B 164 -20.99 -21.11 -8.88
N THR B 165 -22.09 -21.05 -9.61
CA THR B 165 -22.54 -19.78 -10.18
C THR B 165 -23.82 -19.35 -9.49
N VAL B 166 -23.93 -18.07 -9.15
CA VAL B 166 -25.16 -17.55 -8.54
C VAL B 166 -25.71 -16.35 -9.31
N SER B 167 -26.99 -16.40 -9.64
CA SER B 167 -27.66 -15.23 -10.24
C SER B 167 -28.83 -14.78 -9.37
N TRP B 168 -29.48 -13.69 -9.75
CA TRP B 168 -30.63 -13.20 -9.00
C TRP B 168 -31.81 -12.88 -9.91
N ASN B 169 -32.98 -13.40 -9.55
CA ASN B 169 -34.20 -13.28 -10.37
C ASN B 169 -33.96 -13.70 -11.81
N SER B 170 -33.23 -14.81 -11.96
CA SER B 170 -32.94 -15.39 -13.27
C SER B 170 -32.20 -14.41 -14.18
N GLY B 171 -31.34 -13.58 -13.58
CA GLY B 171 -30.53 -12.65 -14.34
C GLY B 171 -31.15 -11.28 -14.50
N ALA B 172 -32.36 -11.10 -14.00
CA ALA B 172 -33.05 -9.82 -14.12
C ALA B 172 -32.48 -8.79 -13.15
N LEU B 173 -31.93 -9.26 -12.03
CA LEU B 173 -31.34 -8.38 -11.03
C LEU B 173 -29.83 -8.50 -10.98
N THR B 174 -29.14 -7.46 -11.42
CA THR B 174 -27.68 -7.48 -11.49
C THR B 174 -27.04 -6.33 -10.71
N SER B 175 -27.77 -5.22 -10.58
CA SER B 175 -27.25 -4.05 -9.89
C SER B 175 -27.14 -4.28 -8.40
N GLY B 176 -25.92 -4.11 -7.87
CA GLY B 176 -25.69 -4.24 -6.44
C GLY B 176 -25.43 -5.67 -5.99
N VAL B 177 -25.21 -6.56 -6.95
CA VAL B 177 -24.97 -7.96 -6.62
C VAL B 177 -23.48 -8.22 -6.40
N HIS B 178 -23.18 -8.85 -5.26
CA HIS B 178 -21.82 -9.26 -4.91
C HIS B 178 -21.76 -10.74 -4.58
N THR B 179 -21.22 -11.54 -5.49
CA THR B 179 -20.98 -12.95 -5.21
C THR B 179 -19.53 -13.13 -4.80
N PHE B 180 -19.32 -13.44 -3.53
CA PHE B 180 -17.96 -13.51 -2.97
C PHE B 180 -17.22 -14.78 -3.36
N PRO B 181 -15.87 -14.70 -3.43
CA PRO B 181 -15.04 -15.88 -3.65
C PRO B 181 -15.28 -16.93 -2.57
N ALA B 182 -15.29 -18.20 -2.95
CA ALA B 182 -15.55 -19.27 -2.00
C ALA B 182 -14.36 -19.48 -1.09
N VAL B 183 -14.63 -19.85 0.16
CA VAL B 183 -13.57 -20.24 1.09
C VAL B 183 -13.61 -21.75 1.28
N LEU B 184 -12.44 -22.33 1.51
CA LEU B 184 -12.36 -23.76 1.76
C LEU B 184 -12.41 -23.99 3.26
N GLN B 185 -13.54 -24.51 3.73
CA GLN B 185 -13.73 -24.77 5.15
C GLN B 185 -12.84 -25.90 5.65
N SER B 186 -12.70 -26.00 6.97
CA SER B 186 -11.85 -27.03 7.57
C SER B 186 -12.45 -28.43 7.35
N SER B 187 -13.74 -28.48 7.04
CA SER B 187 -14.41 -29.75 6.78
C SER B 187 -14.06 -30.31 5.40
N GLY B 188 -13.43 -29.47 4.57
CA GLY B 188 -13.04 -29.87 3.23
C GLY B 188 -14.08 -29.48 2.20
N LEU B 189 -15.16 -28.85 2.66
CA LEU B 189 -16.23 -28.40 1.79
C LEU B 189 -16.15 -26.91 1.55
N TYR B 190 -16.59 -26.48 0.37
CA TYR B 190 -16.57 -25.06 0.02
C TYR B 190 -17.83 -24.34 0.48
N SER B 191 -17.73 -23.03 0.56
CA SER B 191 -18.87 -22.20 0.94
C SER B 191 -18.65 -20.75 0.49
N LEU B 192 -19.68 -20.16 -0.10
CA LEU B 192 -19.60 -18.75 -0.46
C LEU B 192 -20.89 -18.03 -0.12
N SER B 193 -20.85 -16.71 -0.21
CA SER B 193 -22.01 -15.89 0.09
CA SER B 193 -22.01 -15.90 0.09
C SER B 193 -22.31 -14.95 -1.06
N SER B 194 -23.58 -14.83 -1.43
CA SER B 194 -23.95 -13.91 -2.50
C SER B 194 -24.99 -12.92 -2.01
N VAL B 195 -24.62 -11.64 -1.95
CA VAL B 195 -25.51 -10.62 -1.42
C VAL B 195 -25.94 -9.60 -2.48
N VAL B 196 -26.94 -8.80 -2.14
CA VAL B 196 -27.43 -7.74 -3.01
C VAL B 196 -28.12 -6.67 -2.17
N THR B 197 -27.91 -5.40 -2.55
CA THR B 197 -28.53 -4.29 -1.86
C THR B 197 -29.67 -3.71 -2.72
N VAL B 198 -30.82 -3.56 -2.09
CA VAL B 198 -32.03 -3.09 -2.76
C VAL B 198 -32.71 -2.01 -1.92
N PRO B 199 -33.61 -1.23 -2.53
CA PRO B 199 -34.38 -0.27 -1.73
C PRO B 199 -35.22 -0.95 -0.64
N SER B 200 -35.27 -0.35 0.54
CA SER B 200 -36.02 -0.92 1.66
C SER B 200 -37.51 -0.96 1.35
N SER B 201 -37.95 -0.03 0.52
CA SER B 201 -39.35 0.11 0.15
C SER B 201 -39.85 -1.12 -0.61
N SER B 202 -38.92 -1.84 -1.23
CA SER B 202 -39.24 -2.99 -2.06
C SER B 202 -39.34 -4.30 -1.27
N LEU B 203 -38.89 -4.28 -0.02
CA LEU B 203 -38.79 -5.50 0.78
C LEU B 203 -40.10 -6.25 0.98
N GLY B 204 -41.21 -5.53 1.06
CA GLY B 204 -42.49 -6.16 1.30
C GLY B 204 -43.25 -6.55 0.04
N THR B 205 -42.76 -6.11 -1.11
CA THR B 205 -43.47 -6.34 -2.37
C THR B 205 -42.68 -7.19 -3.38
N GLN B 206 -41.40 -6.88 -3.55
CA GLN B 206 -40.59 -7.55 -4.57
C GLN B 206 -40.06 -8.91 -4.14
N THR B 207 -40.13 -9.86 -5.05
CA THR B 207 -39.63 -11.20 -4.80
C THR B 207 -38.18 -11.31 -5.24
N TYR B 208 -37.34 -11.76 -4.31
CA TYR B 208 -35.93 -11.95 -4.59
C TYR B 208 -35.59 -13.42 -4.51
N ILE B 209 -35.12 -13.98 -5.62
CA ILE B 209 -34.78 -15.38 -5.70
C ILE B 209 -33.37 -15.52 -6.23
N CYS B 210 -32.50 -16.18 -5.47
CA CYS B 210 -31.15 -16.47 -5.93
CA CYS B 210 -31.16 -16.45 -5.97
C CYS B 210 -31.12 -17.82 -6.62
N ASN B 211 -30.53 -17.86 -7.80
CA ASN B 211 -30.42 -19.07 -8.58
C ASN B 211 -29.01 -19.61 -8.46
N VAL B 212 -28.87 -20.69 -7.69
CA VAL B 212 -27.58 -21.30 -7.44
C VAL B 212 -27.41 -22.52 -8.34
N ASN B 213 -26.29 -22.55 -9.05
CA ASN B 213 -26.00 -23.58 -10.00
C ASN B 213 -24.65 -24.23 -9.69
N HIS B 214 -24.68 -25.53 -9.42
CA HIS B 214 -23.49 -26.32 -9.14
C HIS B 214 -23.35 -27.46 -10.14
N LYS B 215 -22.69 -27.17 -11.26
CA LYS B 215 -22.48 -28.14 -12.33
C LYS B 215 -21.76 -29.44 -11.91
N PRO B 216 -20.70 -29.35 -11.09
CA PRO B 216 -20.00 -30.59 -10.74
C PRO B 216 -20.85 -31.64 -10.04
N SER B 217 -22.00 -31.25 -9.50
CA SER B 217 -22.86 -32.19 -8.79
C SER B 217 -24.23 -32.25 -9.44
N ASN B 218 -24.35 -31.62 -10.61
CA ASN B 218 -25.60 -31.58 -11.38
C ASN B 218 -26.74 -30.98 -10.56
N THR B 219 -26.39 -30.03 -9.68
CA THR B 219 -27.36 -29.43 -8.78
C THR B 219 -27.83 -28.04 -9.23
N LYS B 220 -29.13 -27.80 -9.13
CA LYS B 220 -29.75 -26.52 -9.46
C LYS B 220 -30.80 -26.15 -8.42
N VAL B 221 -30.50 -25.11 -7.62
CA VAL B 221 -31.38 -24.72 -6.54
C VAL B 221 -31.81 -23.26 -6.64
N ASP B 222 -33.11 -23.01 -6.69
CA ASP B 222 -33.64 -21.65 -6.67
C ASP B 222 -34.22 -21.30 -5.30
N LYS B 223 -33.56 -20.41 -4.57
CA LYS B 223 -34.00 -20.08 -3.21
C LYS B 223 -34.59 -18.68 -3.10
N LYS B 224 -35.80 -18.60 -2.53
CA LYS B 224 -36.48 -17.34 -2.31
C LYS B 224 -36.11 -16.73 -0.94
N VAL B 225 -35.70 -15.47 -0.96
CA VAL B 225 -35.34 -14.75 0.26
C VAL B 225 -36.38 -13.70 0.61
N GLU B 226 -36.93 -13.80 1.82
CA GLU B 226 -37.95 -12.89 2.28
C GLU B 226 -37.73 -12.51 3.75
N PRO B 227 -38.25 -11.34 4.17
CA PRO B 227 -38.17 -10.86 5.56
C PRO B 227 -38.73 -11.89 6.55
N LYS B 228 -38.05 -12.08 7.69
CA LYS B 228 -38.49 -13.04 8.69
C LYS B 228 -39.70 -12.51 9.44
N SER B 229 -40.74 -13.32 9.56
CA SER B 229 -41.96 -12.92 10.26
C SER B 229 -41.76 -13.01 11.78
N CYS B 230 -41.16 -11.97 12.35
CA CYS B 230 -40.90 -11.92 13.78
C CYS B 230 -41.89 -11.00 14.49
N GLU C 1 21.50 -11.31 -4.69
CA GLU C 1 21.08 -10.38 -3.64
C GLU C 1 19.69 -10.70 -3.12
N ILE C 2 19.56 -10.82 -1.81
CA ILE C 2 18.27 -11.10 -1.17
C ILE C 2 17.45 -9.83 -0.96
N VAL C 3 16.23 -9.82 -1.48
CA VAL C 3 15.35 -8.68 -1.33
C VAL C 3 14.33 -8.89 -0.21
N LEU C 4 14.33 -8.00 0.76
CA LEU C 4 13.37 -8.04 1.86
C LEU C 4 12.18 -7.13 1.55
N THR C 5 10.98 -7.67 1.67
CA THR C 5 9.76 -6.90 1.40
C THR C 5 8.90 -6.79 2.65
N GLN C 6 8.75 -5.56 3.14
CA GLN C 6 7.95 -5.34 4.34
C GLN C 6 6.50 -5.01 4.00
N SER C 7 5.59 -5.51 4.81
CA SER C 7 4.17 -5.30 4.61
C SER C 7 3.49 -5.05 5.94
N PRO C 8 2.55 -4.09 6.00
CA PRO C 8 2.19 -3.18 4.90
C PRO C 8 3.09 -1.95 4.88
N GLY C 9 2.79 -1.00 4.00
CA GLY C 9 3.53 0.24 3.96
C GLY C 9 3.24 1.10 5.18
N THR C 10 1.96 1.34 5.44
CA THR C 10 1.53 2.12 6.60
C THR C 10 0.53 1.34 7.44
N GLN C 11 0.68 1.46 8.75
CA GLN C 11 -0.12 0.77 9.73
C GLN C 11 -0.80 1.76 10.66
N SER C 12 -2.11 1.94 10.52
CA SER C 12 -2.81 2.91 11.37
C SER C 12 -3.49 2.22 12.54
N LEU C 13 -3.00 2.44 13.76
CA LEU C 13 -3.59 1.76 14.90
C LEU C 13 -3.77 2.69 16.08
N SER C 14 -4.68 2.33 16.98
CA SER C 14 -4.88 3.12 18.16
C SER C 14 -3.87 2.59 19.17
N PRO C 15 -3.32 3.49 20.00
CA PRO C 15 -2.37 3.17 21.08
C PRO C 15 -2.95 2.18 22.08
N GLY C 16 -2.17 1.18 22.46
CA GLY C 16 -2.64 0.11 23.34
C GLY C 16 -3.03 -1.11 22.53
N GLU C 17 -3.19 -0.93 21.22
CA GLU C 17 -3.55 -2.03 20.33
C GLU C 17 -2.31 -2.82 19.96
N ARG C 18 -2.51 -3.95 19.31
CA ARG C 18 -1.43 -4.86 18.96
C ARG C 18 -1.03 -4.70 17.48
N ALA C 19 0.24 -4.41 17.24
CA ALA C 19 0.71 -4.17 15.87
C ALA C 19 1.46 -5.38 15.33
N THR C 20 1.13 -5.79 14.11
CA THR C 20 1.82 -6.92 13.48
C THR C 20 2.43 -6.51 12.14
N LEU C 21 3.76 -6.55 12.09
CA LEU C 21 4.50 -6.16 10.90
C LEU C 21 5.11 -7.39 10.25
N SER C 22 5.02 -7.46 8.92
CA SER C 22 5.50 -8.61 8.19
C SER C 22 6.74 -8.29 7.38
N CYS C 23 7.69 -9.23 7.36
CA CYS C 23 8.88 -9.14 6.54
C CYS C 23 9.02 -10.42 5.74
N ARG C 24 9.02 -10.30 4.42
CA ARG C 24 9.11 -11.47 3.53
C ARG C 24 10.40 -11.45 2.73
N ALA C 25 11.22 -12.49 2.85
CA ALA C 25 12.48 -12.54 2.13
C ALA C 25 12.28 -13.22 0.78
N SER C 26 12.99 -12.73 -0.24
CA SER C 26 12.86 -13.30 -1.59
C SER C 26 13.39 -14.72 -1.62
N GLN C 27 14.43 -14.97 -0.83
CA GLN C 27 14.92 -16.33 -0.65
C GLN C 27 15.30 -16.53 0.82
N SER C 28 15.54 -17.79 1.20
CA SER C 28 15.75 -18.13 2.61
C SER C 28 16.96 -17.48 3.27
N VAL C 29 16.72 -16.86 4.42
CA VAL C 29 17.76 -16.22 5.22
C VAL C 29 18.49 -17.26 6.07
N GLY C 30 19.77 -17.46 5.80
CA GLY C 30 20.58 -18.41 6.53
C GLY C 30 20.69 -18.10 8.01
N ASN C 31 20.65 -19.15 8.84
CA ASN C 31 20.82 -19.03 10.28
C ASN C 31 19.78 -18.19 11.02
N ASN C 32 18.83 -17.60 10.27
CA ASN C 32 17.77 -16.77 10.83
C ASN C 32 18.28 -15.39 11.22
N LYS C 33 19.38 -15.00 10.59
CA LYS C 33 19.98 -13.70 10.85
C LYS C 33 19.09 -12.58 10.32
N LEU C 34 17.96 -12.38 10.99
CA LEU C 34 17.01 -11.34 10.64
C LEU C 34 16.87 -10.40 11.82
N ALA C 35 16.91 -9.10 11.56
CA ALA C 35 16.89 -8.11 12.63
C ALA C 35 15.81 -7.06 12.41
N TRP C 36 15.29 -6.53 13.50
CA TRP C 36 14.28 -5.48 13.46
C TRP C 36 14.75 -4.22 14.15
N TYR C 37 14.65 -3.11 13.42
CA TYR C 37 15.07 -1.79 13.88
C TYR C 37 13.90 -0.82 13.94
N GLN C 38 13.95 0.10 14.90
CA GLN C 38 12.97 1.17 15.01
C GLN C 38 13.64 2.52 14.76
N GLN C 39 12.98 3.38 14.00
CA GLN C 39 13.49 4.73 13.75
C GLN C 39 12.38 5.79 13.86
N ARG C 40 12.66 6.80 14.67
CA ARG C 40 11.79 7.96 14.83
C ARG C 40 12.38 9.12 14.04
N PRO C 41 11.54 10.08 13.64
CA PRO C 41 12.04 11.24 12.89
C PRO C 41 13.15 11.98 13.61
N GLY C 42 14.29 12.17 12.93
CA GLY C 42 15.40 12.92 13.48
C GLY C 42 16.39 12.11 14.30
N GLN C 43 16.11 10.82 14.45
CA GLN C 43 16.98 9.96 15.24
C GLN C 43 17.56 8.80 14.45
N ALA C 44 18.61 8.19 14.98
CA ALA C 44 19.22 7.01 14.37
C ALA C 44 18.36 5.80 14.66
N PRO C 45 18.47 4.75 13.81
CA PRO C 45 17.72 3.51 14.05
C PRO C 45 18.11 2.84 15.37
N ARG C 46 17.17 2.08 15.93
CA ARG C 46 17.40 1.39 17.19
C ARG C 46 17.11 -0.11 17.04
N LEU C 47 18.07 -0.94 17.42
CA LEU C 47 17.91 -2.37 17.31
C LEU C 47 16.84 -2.88 18.28
N LEU C 48 15.79 -3.49 17.71
CA LEU C 48 14.72 -4.07 18.52
C LEU C 48 14.90 -5.57 18.66
N ILE C 49 15.15 -6.24 17.53
CA ILE C 49 15.25 -7.69 17.51
C ILE C 49 16.48 -8.14 16.72
N TYR C 50 17.15 -9.19 17.18
CA TYR C 50 18.22 -9.79 16.39
C TYR C 50 18.06 -11.29 16.42
N GLY C 51 18.61 -11.97 15.42
CA GLY C 51 18.47 -13.41 15.32
C GLY C 51 17.02 -13.85 15.20
N ALA C 52 16.23 -13.04 14.50
CA ALA C 52 14.80 -13.29 14.23
C ALA C 52 13.89 -13.20 15.45
N SER C 53 14.39 -13.54 16.63
CA SER C 53 13.54 -13.58 17.82
C SER C 53 14.22 -13.04 19.08
N SER C 54 15.54 -13.01 19.10
CA SER C 54 16.26 -12.57 20.29
C SER C 54 16.13 -11.07 20.49
N ARG C 55 16.01 -10.66 21.75
CA ARG C 55 15.80 -9.26 22.08
C ARG C 55 16.95 -8.74 22.94
N PRO C 56 17.63 -7.69 22.48
CA PRO C 56 18.75 -7.08 23.23
C PRO C 56 18.31 -6.53 24.58
N SER C 57 19.26 -6.39 25.49
CA SER C 57 18.97 -5.79 26.80
C SER C 57 18.62 -4.32 26.64
N GLY C 58 17.57 -3.87 27.31
CA GLY C 58 17.16 -2.50 27.22
C GLY C 58 15.90 -2.32 26.38
N VAL C 59 15.60 -3.33 25.56
CA VAL C 59 14.39 -3.32 24.74
C VAL C 59 13.22 -3.98 25.49
N ALA C 60 12.10 -3.28 25.55
CA ALA C 60 10.91 -3.77 26.27
C ALA C 60 10.40 -5.07 25.66
N ASP C 61 9.78 -5.92 26.49
CA ASP C 61 9.30 -7.22 26.03
C ASP C 61 8.07 -7.13 25.15
N ARG C 62 7.48 -5.95 25.03
CA ARG C 62 6.30 -5.81 24.18
C ARG C 62 6.71 -5.93 22.72
N PHE C 63 8.00 -5.84 22.46
CA PHE C 63 8.56 -6.10 21.15
C PHE C 63 8.94 -7.57 21.06
N SER C 64 8.42 -8.26 20.05
CA SER C 64 8.73 -9.67 19.86
C SER C 64 8.97 -10.01 18.41
N GLY C 65 9.90 -10.91 18.15
CA GLY C 65 10.18 -11.35 16.79
C GLY C 65 9.91 -12.82 16.60
N SER C 66 9.49 -13.20 15.40
CA SER C 66 9.24 -14.60 15.11
C SER C 66 9.42 -14.91 13.64
N GLY C 67 9.37 -16.20 13.30
CA GLY C 67 9.48 -16.61 11.92
C GLY C 67 10.81 -17.25 11.57
N SER C 68 10.90 -17.76 10.35
CA SER C 68 12.13 -18.36 9.84
C SER C 68 12.07 -18.50 8.33
N GLY C 69 13.20 -18.91 7.74
CA GLY C 69 13.25 -19.16 6.32
C GLY C 69 13.11 -17.87 5.55
N THR C 70 11.88 -17.57 5.13
CA THR C 70 11.59 -16.36 4.39
C THR C 70 10.50 -15.53 5.05
N ASP C 71 9.81 -16.10 6.03
CA ASP C 71 8.69 -15.40 6.65
C ASP C 71 9.03 -14.96 8.06
N PHE C 72 9.01 -13.65 8.27
CA PHE C 72 9.34 -13.08 9.57
C PHE C 72 8.30 -12.09 10.03
N THR C 73 8.16 -11.94 11.34
CA THR C 73 7.12 -11.10 11.91
C THR C 73 7.58 -10.36 13.16
N LEU C 74 7.34 -9.05 13.17
CA LEU C 74 7.55 -8.24 14.36
C LEU C 74 6.20 -7.95 15.00
N THR C 75 6.08 -8.23 16.29
CA THR C 75 4.82 -8.03 17.00
C THR C 75 5.03 -7.05 18.15
N ILE C 76 4.23 -5.99 18.17
CA ILE C 76 4.21 -5.09 19.31
C ILE C 76 2.89 -5.30 20.07
N SER C 77 3.00 -5.96 21.23
CA SER C 77 1.84 -6.39 22.03
C SER C 77 0.92 -5.25 22.47
N ARG C 78 1.51 -4.14 22.89
CA ARG C 78 0.73 -2.98 23.31
C ARG C 78 1.40 -1.75 22.72
N LEU C 79 0.68 -1.02 21.89
CA LEU C 79 1.26 0.14 21.22
C LEU C 79 1.35 1.36 22.11
N GLU C 80 2.59 1.74 22.42
CA GLU C 80 2.85 2.97 23.15
C GLU C 80 3.06 4.13 22.20
N PRO C 81 2.86 5.37 22.67
CA PRO C 81 3.05 6.57 21.85
C PRO C 81 4.41 6.63 21.15
N GLU C 82 5.45 6.16 21.81
CA GLU C 82 6.79 6.19 21.24
C GLU C 82 7.03 5.04 20.27
N ASP C 83 6.07 4.12 20.17
CA ASP C 83 6.20 2.99 19.25
C ASP C 83 5.74 3.39 17.85
N PHE C 84 5.03 4.50 17.76
CA PHE C 84 4.56 4.98 16.47
C PHE C 84 5.72 5.62 15.73
N ALA C 85 6.37 4.80 14.91
CA ALA C 85 7.54 5.23 14.15
C ALA C 85 7.67 4.38 12.90
N VAL C 86 8.85 4.39 12.29
CA VAL C 86 9.10 3.54 11.12
C VAL C 86 9.93 2.33 11.55
N TYR C 87 9.63 1.16 11.00
CA TYR C 87 10.34 -0.07 11.37
C TYR C 87 10.99 -0.73 10.16
N TYR C 88 12.27 -1.07 10.30
CA TYR C 88 13.00 -1.73 9.21
C TYR C 88 13.43 -3.13 9.58
N CYS C 89 13.34 -4.04 8.62
CA CYS C 89 13.89 -5.38 8.81
C CYS C 89 15.13 -5.55 7.96
N GLN C 90 16.11 -6.27 8.48
CA GLN C 90 17.39 -6.41 7.83
C GLN C 90 17.91 -7.84 7.90
N GLN C 91 18.40 -8.36 6.79
CA GLN C 91 19.04 -9.67 6.82
C GLN C 91 20.56 -9.49 6.76
N TYR C 92 21.27 -10.26 7.57
CA TYR C 92 22.72 -10.19 7.61
C TYR C 92 23.31 -11.60 7.64
N GLY C 93 22.58 -12.54 7.04
CA GLY C 93 23.01 -13.93 6.95
C GLY C 93 23.95 -14.15 5.79
N GLN C 94 23.96 -13.19 4.86
CA GLN C 94 24.88 -13.23 3.73
C GLN C 94 26.01 -12.22 3.83
N SER C 95 26.91 -12.26 2.85
CA SER C 95 28.00 -11.31 2.79
C SER C 95 27.45 -9.92 2.48
N LEU C 96 26.46 -9.88 1.59
CA LEU C 96 25.73 -8.67 1.26
C LEU C 96 24.47 -8.49 2.12
N SER C 97 24.50 -7.56 3.07
CA SER C 97 23.35 -7.31 3.93
C SER C 97 22.40 -6.30 3.31
N THR C 98 21.10 -6.53 3.47
CA THR C 98 20.07 -5.64 2.91
C THR C 98 18.95 -5.32 3.89
N PHE C 99 18.34 -4.15 3.72
CA PHE C 99 17.21 -3.71 4.54
C PHE C 99 15.89 -3.84 3.78
N GLY C 100 14.79 -3.88 4.52
CA GLY C 100 13.47 -3.79 3.90
C GLY C 100 13.17 -2.33 3.64
N GLN C 101 12.12 -2.06 2.87
CA GLN C 101 11.80 -0.68 2.51
C GLN C 101 11.14 0.07 3.68
N GLY C 102 10.75 -0.68 4.70
CA GLY C 102 10.21 -0.09 5.92
C GLY C 102 8.70 -0.04 6.03
N THR C 103 8.23 -0.01 7.28
CA THR C 103 6.81 0.12 7.58
C THR C 103 6.57 1.21 8.62
N LYS C 104 5.70 2.16 8.28
CA LYS C 104 5.39 3.27 9.17
C LYS C 104 4.18 2.95 10.04
N VAL C 105 4.33 3.02 11.36
CA VAL C 105 3.20 2.83 12.26
C VAL C 105 2.69 4.16 12.80
N GLU C 106 1.48 4.55 12.37
CA GLU C 106 0.90 5.83 12.78
C GLU C 106 -0.31 5.65 13.69
N VAL C 107 -0.59 6.70 14.46
CA VAL C 107 -1.74 6.72 15.35
C VAL C 107 -3.05 6.87 14.60
N LYS C 108 -3.97 5.95 14.84
CA LYS C 108 -5.32 6.06 14.28
C LYS C 108 -6.17 6.92 15.21
N ARG C 109 -6.71 8.00 14.67
CA ARG C 109 -7.60 8.87 15.45
C ARG C 109 -8.86 9.16 14.66
N THR C 110 -9.76 9.94 15.25
CA THR C 110 -10.99 10.35 14.60
C THR C 110 -10.70 11.23 13.40
N VAL C 111 -11.54 11.13 12.38
CA VAL C 111 -11.36 11.92 11.17
C VAL C 111 -11.45 13.41 11.46
N ALA C 112 -10.45 14.15 11.00
CA ALA C 112 -10.44 15.60 11.16
C ALA C 112 -10.25 16.28 9.81
N ALA C 113 -11.13 17.21 9.49
CA ALA C 113 -11.02 17.95 8.24
C ALA C 113 -9.94 19.02 8.33
N PRO C 114 -9.25 19.29 7.21
CA PRO C 114 -8.20 20.31 7.21
C PRO C 114 -8.79 21.71 7.20
N SER C 115 -8.13 22.64 7.91
CA SER C 115 -8.47 24.04 7.79
C SER C 115 -7.69 24.58 6.60
N VAL C 116 -8.38 24.98 5.54
CA VAL C 116 -7.70 25.38 4.31
C VAL C 116 -7.50 26.88 4.25
N PHE C 117 -6.27 27.32 3.96
CA PHE C 117 -5.98 28.73 3.81
C PHE C 117 -5.20 28.99 2.52
N ILE C 118 -5.42 30.13 1.89
CA ILE C 118 -4.63 30.48 0.71
C ILE C 118 -3.91 31.81 0.92
N PHE C 119 -2.68 31.86 0.42
CA PHE C 119 -1.81 33.01 0.56
C PHE C 119 -1.29 33.46 -0.80
N PRO C 120 -1.66 34.69 -1.19
CA PRO C 120 -1.12 35.31 -2.39
C PRO C 120 0.34 35.68 -2.18
N PRO C 121 1.11 35.79 -3.26
CA PRO C 121 2.49 36.23 -3.11
C PRO C 121 2.56 37.67 -2.60
N SER C 122 3.47 37.94 -1.68
CA SER C 122 3.63 39.30 -1.15
C SER C 122 4.18 40.24 -2.21
N ASP C 123 3.99 41.53 -2.00
CA ASP C 123 4.53 42.53 -2.92
C ASP C 123 6.06 42.53 -2.93
N GLU C 124 6.66 42.27 -1.77
N GLU C 124 6.66 42.29 -1.77
CA GLU C 124 8.10 42.26 -1.64
CA GLU C 124 8.11 42.27 -1.65
C GLU C 124 8.73 41.22 -2.56
C GLU C 124 8.72 41.23 -2.58
N GLN C 125 8.14 40.04 -2.60
CA GLN C 125 8.63 38.96 -3.44
C GLN C 125 8.39 39.27 -4.92
N LEU C 126 7.25 39.90 -5.21
CA LEU C 126 6.93 40.29 -6.57
C LEU C 126 7.95 41.30 -7.09
N LYS C 127 8.49 42.11 -6.18
CA LYS C 127 9.54 43.05 -6.57
C LYS C 127 10.84 42.34 -6.93
N SER C 128 10.96 41.07 -6.54
CA SER C 128 12.18 40.31 -6.82
C SER C 128 12.05 39.46 -8.09
N GLY C 129 10.87 39.45 -8.68
CA GLY C 129 10.66 38.82 -9.97
C GLY C 129 10.03 37.44 -10.00
N THR C 130 9.68 36.92 -8.84
CA THR C 130 9.01 35.63 -8.76
C THR C 130 7.79 35.70 -7.85
N ALA C 131 6.86 34.77 -8.05
CA ALA C 131 5.61 34.74 -7.30
C ALA C 131 5.36 33.35 -6.72
N SER C 132 5.16 33.30 -5.41
CA SER C 132 4.85 32.04 -4.73
C SER C 132 3.47 32.10 -4.08
N VAL C 133 2.57 31.25 -4.57
CA VAL C 133 1.23 31.12 -4.00
C VAL C 133 1.21 29.93 -3.06
N VAL C 134 0.82 30.14 -1.80
CA VAL C 134 0.90 29.06 -0.83
C VAL C 134 -0.46 28.61 -0.29
N CYS C 135 -0.74 27.32 -0.41
CA CYS C 135 -1.96 26.72 0.13
C CYS C 135 -1.64 25.90 1.36
N LEU C 136 -2.30 26.23 2.47
CA LEU C 136 -2.07 25.56 3.74
C LEU C 136 -3.25 24.68 4.15
N LEU C 137 -2.97 23.42 4.42
CA LEU C 137 -3.95 22.47 4.95
C LEU C 137 -3.62 22.17 6.41
N ASN C 138 -4.38 22.75 7.32
CA ASN C 138 -4.00 22.73 8.74
C ASN C 138 -4.73 21.68 9.57
N ASN C 139 -3.95 20.86 10.27
CA ASN C 139 -4.45 19.91 11.26
C ASN C 139 -5.56 18.99 10.75
N PHE C 140 -5.19 17.97 10.01
CA PHE C 140 -6.17 17.03 9.47
C PHE C 140 -5.76 15.57 9.67
N TYR C 141 -6.76 14.70 9.61
CA TYR C 141 -6.54 13.26 9.66
C TYR C 141 -7.65 12.55 8.90
N PRO C 142 -7.31 11.50 8.12
CA PRO C 142 -5.97 10.93 7.93
C PRO C 142 -5.07 11.74 7.01
N ARG C 143 -3.89 11.20 6.75
CA ARG C 143 -2.85 11.89 5.99
C ARG C 143 -3.26 12.07 4.53
N GLU C 144 -4.07 11.16 4.04
CA GLU C 144 -4.41 11.18 2.62
C GLU C 144 -5.23 12.42 2.27
N ALA C 145 -4.60 13.34 1.55
CA ALA C 145 -5.27 14.54 1.08
C ALA C 145 -4.77 14.88 -0.32
N LYS C 146 -5.60 15.57 -1.10
CA LYS C 146 -5.22 15.93 -2.46
C LYS C 146 -5.34 17.42 -2.73
N VAL C 147 -4.30 17.99 -3.30
CA VAL C 147 -4.29 19.41 -3.62
C VAL C 147 -4.10 19.64 -5.11
N GLN C 148 -5.01 20.39 -5.72
CA GLN C 148 -4.92 20.73 -7.13
C GLN C 148 -4.90 22.23 -7.33
N TRP C 149 -3.95 22.72 -8.11
CA TRP C 149 -3.87 24.15 -8.38
C TRP C 149 -4.58 24.47 -9.68
N LYS C 150 -5.49 25.45 -9.60
CA LYS C 150 -6.22 25.91 -10.76
C LYS C 150 -5.94 27.40 -10.95
N VAL C 151 -5.37 27.73 -12.09
CA VAL C 151 -5.08 29.10 -12.47
C VAL C 151 -5.94 29.53 -13.66
N ASP C 152 -6.84 30.48 -13.44
CA ASP C 152 -7.87 30.83 -14.43
C ASP C 152 -8.66 29.58 -14.79
N ASN C 153 -8.97 28.81 -13.76
CA ASN C 153 -9.71 27.55 -13.85
C ASN C 153 -9.00 26.52 -14.72
N ALA C 154 -7.69 26.67 -14.87
CA ALA C 154 -6.87 25.69 -15.59
C ALA C 154 -6.01 24.86 -14.62
N LEU C 155 -6.13 23.54 -14.71
CA LEU C 155 -5.41 22.63 -13.82
C LEU C 155 -3.90 22.69 -14.02
N GLN C 156 -3.17 22.96 -12.94
CA GLN C 156 -1.72 23.08 -13.00
C GLN C 156 -1.01 21.74 -12.82
N SER C 157 0.21 21.65 -13.32
CA SER C 157 0.97 20.40 -13.33
C SER C 157 2.47 20.61 -13.53
N GLY C 158 3.26 20.30 -12.50
CA GLY C 158 4.70 20.39 -12.59
C GLY C 158 5.29 21.71 -12.17
N ASN C 159 4.45 22.57 -11.58
CA ASN C 159 4.91 23.87 -11.11
C ASN C 159 4.60 24.09 -9.63
N SER C 160 4.37 22.99 -8.91
CA SER C 160 4.09 23.07 -7.48
C SER C 160 4.81 21.99 -6.68
N GLN C 161 5.21 22.33 -5.47
CA GLN C 161 5.84 21.36 -4.58
C GLN C 161 5.17 21.41 -3.22
N GLU C 162 4.94 20.26 -2.59
CA GLU C 162 4.30 20.27 -1.28
C GLU C 162 5.12 19.53 -0.25
N SER C 163 4.89 19.88 1.01
CA SER C 163 5.57 19.21 2.11
C SER C 163 4.57 18.95 3.24
N VAL C 164 4.77 17.84 3.95
CA VAL C 164 3.87 17.44 5.03
C VAL C 164 4.64 17.36 6.34
N THR C 165 4.03 17.81 7.43
CA THR C 165 4.66 17.70 8.73
C THR C 165 4.56 16.26 9.23
N GLU C 166 5.35 15.92 10.24
CA GLU C 166 5.22 14.63 10.90
C GLU C 166 3.94 14.63 11.73
N GLN C 167 3.41 13.44 12.01
CA GLN C 167 2.19 13.33 12.80
C GLN C 167 2.40 13.95 14.18
N ASP C 168 1.55 14.92 14.51
CA ASP C 168 1.64 15.68 15.75
C ASP C 168 1.53 14.78 16.98
N SER C 169 2.38 15.03 17.96
CA SER C 169 2.41 14.20 19.16
C SER C 169 1.23 14.49 20.08
N LYS C 170 0.56 15.61 19.87
CA LYS C 170 -0.53 16.03 20.73
C LYS C 170 -1.90 15.66 20.17
N ASP C 171 -2.23 16.12 18.97
CA ASP C 171 -3.55 15.85 18.40
C ASP C 171 -3.54 14.78 17.30
N SER C 172 -2.35 14.23 17.03
CA SER C 172 -2.17 13.18 16.02
C SER C 172 -2.67 13.55 14.63
N THR C 173 -2.62 14.83 14.28
CA THR C 173 -3.04 15.28 12.96
C THR C 173 -1.83 15.55 12.09
N TYR C 174 -2.09 15.77 10.80
CA TYR C 174 -1.03 16.12 9.85
C TYR C 174 -1.31 17.53 9.35
N SER C 175 -0.29 18.17 8.80
CA SER C 175 -0.47 19.47 8.17
C SER C 175 0.31 19.50 6.87
N LEU C 176 -0.29 20.03 5.82
CA LEU C 176 0.32 20.05 4.51
C LEU C 176 0.47 21.48 3.97
N SER C 177 1.59 21.75 3.30
CA SER C 177 1.78 23.04 2.65
C SER C 177 2.16 22.85 1.18
N SER C 178 1.36 23.40 0.28
CA SER C 178 1.64 23.28 -1.15
C SER C 178 1.99 24.65 -1.73
N THR C 179 3.15 24.75 -2.38
CA THR C 179 3.60 26.01 -2.95
C THR C 179 3.63 25.96 -4.48
N LEU C 180 2.91 26.89 -5.09
CA LEU C 180 2.88 27.06 -6.54
C LEU C 180 3.81 28.21 -6.92
N THR C 181 4.80 27.92 -7.76
CA THR C 181 5.80 28.93 -8.10
C THR C 181 5.72 29.36 -9.57
N LEU C 182 5.60 30.65 -9.80
CA LEU C 182 5.58 31.21 -11.15
C LEU C 182 6.50 32.41 -11.26
N SER C 183 6.79 32.84 -12.49
CA SER C 183 7.53 34.08 -12.67
C SER C 183 6.53 35.23 -12.54
N LYS C 184 7.04 36.44 -12.29
CA LYS C 184 6.17 37.59 -12.12
C LYS C 184 5.35 37.83 -13.38
N ALA C 185 5.96 37.58 -14.54
CA ALA C 185 5.27 37.76 -15.81
C ALA C 185 4.12 36.78 -15.96
N ASP C 186 4.41 35.52 -15.70
CA ASP C 186 3.42 34.46 -15.80
C ASP C 186 2.33 34.66 -14.75
N TYR C 187 2.72 35.21 -13.60
CA TYR C 187 1.78 35.47 -12.54
C TYR C 187 0.84 36.61 -12.92
N GLU C 188 1.38 37.58 -13.65
CA GLU C 188 0.59 38.73 -14.08
C GLU C 188 -0.15 38.45 -15.38
N LYS C 189 0.05 37.27 -15.95
CA LYS C 189 -0.74 36.87 -17.11
C LYS C 189 -2.12 36.34 -16.71
N HIS C 190 -2.26 35.87 -15.47
CA HIS C 190 -3.54 35.30 -15.04
C HIS C 190 -4.17 36.06 -13.88
N LYS C 191 -5.44 35.77 -13.60
CA LYS C 191 -6.20 36.51 -12.59
C LYS C 191 -6.63 35.65 -11.40
N VAL C 192 -7.36 34.58 -11.68
CA VAL C 192 -7.92 33.74 -10.63
C VAL C 192 -6.94 32.66 -10.20
N TYR C 193 -6.59 32.65 -8.92
CA TYR C 193 -5.70 31.62 -8.38
C TYR C 193 -6.43 30.83 -7.30
N ALA C 194 -6.51 29.52 -7.50
CA ALA C 194 -7.27 28.68 -6.61
C ALA C 194 -6.57 27.39 -6.24
N CYS C 195 -6.77 26.97 -5.00
CA CYS C 195 -6.30 25.66 -4.57
CA CYS C 195 -6.29 25.68 -4.51
C CYS C 195 -7.49 24.83 -4.10
N GLU C 196 -7.61 23.64 -4.70
CA GLU C 196 -8.71 22.74 -4.41
C GLU C 196 -8.23 21.54 -3.59
N VAL C 197 -8.92 21.31 -2.48
CA VAL C 197 -8.55 20.30 -1.50
C VAL C 197 -9.59 19.19 -1.38
N THR C 198 -9.13 17.95 -1.57
CA THR C 198 -9.97 16.77 -1.38
C THR C 198 -9.51 16.01 -0.14
N HIS C 199 -10.44 15.73 0.76
CA HIS C 199 -10.15 15.00 1.99
C HIS C 199 -11.36 14.22 2.50
N GLN C 200 -11.13 13.21 3.32
CA GLN C 200 -12.20 12.40 3.90
C GLN C 200 -13.17 13.21 4.74
N GLY C 201 -12.64 14.18 5.47
CA GLY C 201 -13.42 14.98 6.39
C GLY C 201 -14.25 16.04 5.70
N LEU C 202 -14.13 16.10 4.38
CA LEU C 202 -14.88 17.04 3.57
C LEU C 202 -15.93 16.32 2.74
N SER C 203 -17.17 16.77 2.82
CA SER C 203 -18.24 16.19 2.02
C SER C 203 -18.03 16.46 0.53
N SER C 204 -17.45 17.62 0.24
CA SER C 204 -17.13 18.01 -1.12
C SER C 204 -15.79 18.73 -1.13
N PRO C 205 -15.01 18.57 -2.20
CA PRO C 205 -13.72 19.25 -2.33
C PRO C 205 -13.85 20.76 -2.09
N VAL C 206 -13.09 21.27 -1.14
CA VAL C 206 -13.13 22.69 -0.78
C VAL C 206 -12.12 23.51 -1.56
N THR C 207 -12.55 24.63 -2.13
CA THR C 207 -11.64 25.47 -2.91
C THR C 207 -11.43 26.82 -2.27
N LYS C 208 -10.17 27.16 -1.99
CA LYS C 208 -9.84 28.49 -1.52
C LYS C 208 -9.18 29.24 -2.66
N SER C 209 -9.66 30.45 -2.95
CA SER C 209 -9.17 31.19 -4.10
C SER C 209 -9.06 32.69 -3.84
N PHE C 210 -8.39 33.38 -4.76
CA PHE C 210 -8.29 34.83 -4.73
C PHE C 210 -8.09 35.37 -6.13
N ASN C 211 -8.40 36.64 -6.32
CA ASN C 211 -8.17 37.30 -7.59
C ASN C 211 -6.95 38.20 -7.49
N ARG C 212 -6.06 38.11 -8.47
CA ARG C 212 -4.82 38.89 -8.44
C ARG C 212 -5.14 40.38 -8.44
N GLY C 213 -4.70 41.10 -7.42
CA GLY C 213 -4.92 42.54 -7.38
C GLY C 213 -6.05 43.03 -6.49
N GLU C 214 -6.87 42.12 -5.99
CA GLU C 214 -7.99 42.51 -5.13
C GLU C 214 -7.63 42.44 -3.64
N GLN D 1 29.17 0.41 27.96
CA GLN D 1 28.45 1.48 27.29
C GLN D 1 29.20 1.99 26.06
N VAL D 2 29.09 1.26 24.96
CA VAL D 2 29.73 1.62 23.69
C VAL D 2 29.06 2.87 23.08
N GLN D 3 29.89 3.82 22.67
CA GLN D 3 29.44 5.09 22.10
C GLN D 3 30.12 5.41 20.78
N LEU D 4 29.33 5.75 19.76
CA LEU D 4 29.88 6.13 18.46
C LEU D 4 29.62 7.61 18.18
N VAL D 5 30.68 8.36 17.91
CA VAL D 5 30.55 9.79 17.63
C VAL D 5 31.12 10.13 16.25
N GLN D 6 30.28 10.62 15.35
CA GLN D 6 30.70 10.91 13.99
C GLN D 6 31.10 12.37 13.82
N SER D 7 31.72 12.67 12.68
CA SER D 7 32.15 14.02 12.37
C SER D 7 30.96 14.89 11.97
N GLY D 8 31.18 16.20 11.92
CA GLY D 8 30.10 17.14 11.65
C GLY D 8 29.55 17.07 10.24
N ALA D 9 28.45 17.79 10.02
CA ALA D 9 27.81 17.81 8.70
C ALA D 9 28.76 18.41 7.68
N GLU D 10 28.68 17.92 6.45
CA GLU D 10 29.61 18.36 5.43
C GLU D 10 28.90 18.67 4.12
N VAL D 11 29.38 19.69 3.41
CA VAL D 11 28.86 20.04 2.10
C VAL D 11 29.94 19.92 1.03
N LYS D 12 29.72 19.05 0.04
CA LYS D 12 30.72 18.82 -0.99
C LYS D 12 30.15 19.07 -2.38
N ARG D 13 31.02 19.40 -3.34
CA ARG D 13 30.57 19.65 -4.70
C ARG D 13 30.63 18.36 -5.50
N PRO D 14 29.83 18.26 -6.57
CA PRO D 14 29.81 17.06 -7.42
C PRO D 14 31.19 16.74 -7.98
N GLY D 15 31.59 15.47 -7.84
CA GLY D 15 32.84 14.98 -8.39
C GLY D 15 33.94 14.84 -7.37
N SER D 16 33.74 15.44 -6.21
CA SER D 16 34.75 15.40 -5.15
C SER D 16 34.60 14.13 -4.30
N SER D 17 35.40 14.07 -3.24
CA SER D 17 35.36 12.92 -2.33
C SER D 17 35.10 13.40 -0.90
N VAL D 18 34.37 12.59 -0.13
CA VAL D 18 34.10 12.94 1.26
C VAL D 18 34.61 11.85 2.20
N THR D 19 35.04 12.26 3.39
CA THR D 19 35.52 11.32 4.40
C THR D 19 34.83 11.56 5.74
N VAL D 20 33.99 10.62 6.14
CA VAL D 20 33.30 10.71 7.41
C VAL D 20 34.00 9.86 8.45
N SER D 21 34.24 10.43 9.63
CA SER D 21 34.93 9.69 10.70
C SER D 21 33.93 9.18 11.74
N CYS D 22 34.31 8.13 12.44
CA CYS D 22 33.46 7.52 13.46
C CYS D 22 34.31 7.07 14.65
N LYS D 23 34.23 7.83 15.73
CA LYS D 23 35.01 7.56 16.93
C LYS D 23 34.29 6.64 17.91
N ALA D 24 34.94 5.54 18.26
CA ALA D 24 34.34 4.63 19.23
C ALA D 24 34.93 4.92 20.61
N SER D 25 34.07 5.02 21.61
CA SER D 25 34.50 5.25 22.97
C SER D 25 33.74 4.33 23.91
N GLY D 26 34.47 3.71 24.84
CA GLY D 26 33.88 2.76 25.75
C GLY D 26 33.97 1.43 25.01
N GLY D 27 33.56 0.34 25.65
CA GLY D 27 33.66 -0.99 25.06
C GLY D 27 34.95 -1.29 24.31
N SER D 28 34.96 -2.40 23.58
CA SER D 28 36.11 -2.74 22.75
C SER D 28 35.88 -2.34 21.29
N PHE D 29 36.96 -1.99 20.60
CA PHE D 29 36.92 -1.54 19.21
C PHE D 29 37.31 -2.62 18.18
N SER D 30 38.44 -3.26 18.44
CA SER D 30 39.10 -4.13 17.47
C SER D 30 38.34 -5.35 16.94
N THR D 31 37.55 -6.02 17.78
CA THR D 31 37.02 -7.32 17.37
C THR D 31 35.61 -7.29 16.80
N TYR D 32 34.96 -6.13 16.81
CA TYR D 32 33.58 -6.07 16.34
C TYR D 32 33.43 -5.32 15.03
N ALA D 33 32.52 -5.82 14.19
CA ALA D 33 32.32 -5.28 12.85
C ALA D 33 31.70 -3.89 12.86
N LEU D 34 32.30 -2.99 12.09
CA LEU D 34 31.84 -1.62 11.94
C LEU D 34 31.34 -1.38 10.51
N SER D 35 30.05 -1.09 10.37
CA SER D 35 29.43 -0.87 9.07
C SER D 35 28.99 0.59 8.86
N TRP D 36 28.69 0.93 7.61
CA TRP D 36 28.17 2.24 7.24
C TRP D 36 26.83 2.11 6.52
N VAL D 37 25.82 2.83 7.02
CA VAL D 37 24.50 2.79 6.44
C VAL D 37 23.99 4.19 6.14
N ARG D 38 23.66 4.46 4.88
CA ARG D 38 23.16 5.78 4.52
C ARG D 38 21.65 5.82 4.34
N GLN D 39 21.11 7.02 4.40
CA GLN D 39 19.67 7.23 4.25
C GLN D 39 19.41 8.56 3.55
N ALA D 40 18.92 8.48 2.31
CA ALA D 40 18.56 9.68 1.56
C ALA D 40 17.35 10.35 2.23
N PRO D 41 17.23 11.68 2.08
CA PRO D 41 16.11 12.42 2.69
C PRO D 41 14.75 11.83 2.31
N GLY D 42 14.00 11.39 3.31
CA GLY D 42 12.68 10.82 3.09
C GLY D 42 12.73 9.41 2.51
N ARG D 43 13.90 8.78 2.59
CA ARG D 43 14.06 7.43 2.05
C ARG D 43 14.41 6.44 3.17
N GLY D 44 14.65 5.20 2.80
CA GLY D 44 14.93 4.15 3.77
C GLY D 44 16.40 3.92 4.07
N LEU D 45 16.68 2.90 4.86
CA LEU D 45 18.05 2.58 5.24
C LEU D 45 18.73 1.80 4.13
N GLU D 46 20.01 2.06 3.94
CA GLU D 46 20.78 1.43 2.89
C GLU D 46 22.17 1.05 3.38
N TRP D 47 22.45 -0.25 3.42
CA TRP D 47 23.75 -0.76 3.86
C TRP D 47 24.80 -0.56 2.78
N MET D 48 25.92 0.06 3.14
CA MET D 48 26.97 0.35 2.18
C MET D 48 28.13 -0.65 2.27
N GLY D 49 28.55 -0.95 3.49
CA GLY D 49 29.67 -1.85 3.68
C GLY D 49 30.13 -1.94 5.13
N GLY D 50 31.08 -2.81 5.40
CA GLY D 50 31.57 -2.98 6.77
C GLY D 50 33.01 -3.46 6.82
N VAL D 51 33.60 -3.37 8.00
CA VAL D 51 34.98 -3.81 8.20
C VAL D 51 35.17 -4.29 9.63
N ILE D 52 35.88 -5.40 9.78
CA ILE D 52 36.31 -5.85 11.10
C ILE D 52 37.72 -5.33 11.29
N PRO D 53 37.88 -4.33 12.18
CA PRO D 53 39.13 -3.59 12.37
C PRO D 53 40.34 -4.50 12.53
N LEU D 54 40.19 -5.56 13.30
CA LEU D 54 41.31 -6.44 13.59
C LEU D 54 41.79 -7.18 12.34
N LEU D 55 40.85 -7.73 11.57
CA LEU D 55 41.19 -8.51 10.39
C LEU D 55 41.43 -7.69 9.11
N THR D 56 41.16 -6.38 9.18
CA THR D 56 41.32 -5.45 8.05
C THR D 56 40.57 -5.94 6.79
N ILE D 57 39.53 -6.75 6.98
CA ILE D 57 38.73 -7.28 5.89
C ILE D 57 37.50 -6.44 5.61
N THR D 58 37.45 -5.81 4.44
CA THR D 58 36.32 -4.95 4.12
C THR D 58 35.36 -5.65 3.17
N ASN D 59 34.08 -5.47 3.43
CA ASN D 59 33.01 -6.03 2.62
C ASN D 59 32.08 -4.92 2.14
N TYR D 60 32.01 -4.74 0.82
CA TYR D 60 31.21 -3.67 0.24
C TYR D 60 29.97 -4.17 -0.47
N ALA D 61 28.95 -3.32 -0.51
CA ALA D 61 27.75 -3.59 -1.30
C ALA D 61 28.07 -3.29 -2.76
N PRO D 62 27.64 -4.18 -3.67
CA PRO D 62 27.92 -4.08 -5.11
C PRO D 62 27.60 -2.71 -5.71
N ARG D 63 26.61 -2.01 -5.16
CA ARG D 63 26.21 -0.72 -5.68
C ARG D 63 27.29 0.35 -5.48
N PHE D 64 28.13 0.17 -4.46
CA PHE D 64 29.17 1.15 -4.14
C PHE D 64 30.59 0.68 -4.45
N GLN D 65 30.72 -0.59 -4.84
CA GLN D 65 32.03 -1.17 -5.10
C GLN D 65 32.77 -0.36 -6.17
N GLY D 66 33.82 0.34 -5.77
CA GLY D 66 34.59 1.16 -6.69
C GLY D 66 34.61 2.63 -6.30
N ARG D 67 33.61 3.06 -5.55
CA ARG D 67 33.54 4.44 -5.10
C ARG D 67 33.76 4.55 -3.60
N ILE D 68 33.69 3.42 -2.92
CA ILE D 68 33.69 3.40 -1.46
C ILE D 68 34.96 2.78 -0.89
N THR D 69 35.43 3.34 0.22
CA THR D 69 36.59 2.81 0.94
C THR D 69 36.36 2.94 2.45
N ILE D 70 36.19 1.81 3.11
CA ILE D 70 35.96 1.82 4.55
C ILE D 70 37.20 1.35 5.29
N THR D 71 37.69 2.17 6.20
CA THR D 71 38.92 1.85 6.93
C THR D 71 38.72 1.90 8.43
N ALA D 72 39.64 1.28 9.17
CA ALA D 72 39.56 1.29 10.63
C ALA D 72 40.95 1.53 11.24
N ASP D 73 41.02 2.56 12.08
CA ASP D 73 42.26 2.90 12.78
C ASP D 73 42.18 2.47 14.25
N ARG D 74 42.91 1.42 14.59
CA ARG D 74 42.87 0.89 15.94
C ARG D 74 43.69 1.76 16.90
N SER D 75 44.56 2.60 16.34
CA SER D 75 45.39 3.48 17.16
C SER D 75 44.57 4.61 17.77
N THR D 76 43.44 4.93 17.14
CA THR D 76 42.55 5.97 17.63
C THR D 76 41.13 5.46 17.84
N SER D 77 40.93 4.16 17.59
CA SER D 77 39.59 3.54 17.64
C SER D 77 38.60 4.32 16.77
N THR D 78 39.02 4.63 15.53
CA THR D 78 38.20 5.45 14.65
C THR D 78 38.08 4.85 13.26
N ALA D 79 36.84 4.63 12.83
CA ALA D 79 36.57 4.12 11.49
C ALA D 79 36.33 5.27 10.52
N TYR D 80 36.52 5.03 9.24
CA TYR D 80 36.36 6.07 8.23
C TYR D 80 35.61 5.56 7.02
N LEU D 81 34.67 6.38 6.54
CA LEU D 81 33.98 6.12 5.28
C LEU D 81 34.45 7.13 4.25
N GLU D 82 35.02 6.63 3.15
CA GLU D 82 35.45 7.52 2.08
C GLU D 82 34.62 7.25 0.83
N LEU D 83 33.95 8.28 0.34
CA LEU D 83 33.12 8.14 -0.85
C LEU D 83 33.60 9.08 -1.94
N ASN D 84 34.00 8.52 -3.08
CA ASN D 84 34.54 9.30 -4.19
C ASN D 84 33.50 9.55 -5.27
N SER D 85 33.82 10.48 -6.18
CA SER D 85 32.95 10.79 -7.33
C SER D 85 31.52 11.07 -6.91
N LEU D 86 31.35 11.99 -5.96
CA LEU D 86 30.04 12.29 -5.39
C LEU D 86 29.08 12.85 -6.43
N ARG D 87 27.82 12.43 -6.31
CA ARG D 87 26.76 12.89 -7.20
C ARG D 87 25.64 13.42 -6.32
N PRO D 88 24.77 14.28 -6.88
CA PRO D 88 23.67 14.86 -6.10
C PRO D 88 22.80 13.81 -5.39
N GLU D 89 22.71 12.61 -5.96
CA GLU D 89 21.89 11.56 -5.35
C GLU D 89 22.61 10.88 -4.19
N ASP D 90 23.85 11.28 -3.93
CA ASP D 90 24.60 10.77 -2.79
C ASP D 90 24.33 11.60 -1.54
N THR D 91 23.55 12.66 -1.71
CA THR D 91 23.15 13.51 -0.59
C THR D 91 22.30 12.70 0.38
N ALA D 92 22.83 12.47 1.57
CA ALA D 92 22.13 11.63 2.53
C ALA D 92 22.69 11.79 3.93
N VAL D 93 22.04 11.14 4.89
CA VAL D 93 22.59 11.05 6.23
C VAL D 93 23.33 9.73 6.36
N TYR D 94 24.61 9.81 6.69
CA TYR D 94 25.45 8.62 6.79
C TYR D 94 25.66 8.22 8.24
N TYR D 95 25.15 7.05 8.60
CA TYR D 95 25.28 6.52 9.95
C TYR D 95 26.39 5.48 10.02
N CYS D 96 27.12 5.49 11.12
CA CYS D 96 28.08 4.44 11.40
CA CYS D 96 28.09 4.45 11.42
C CYS D 96 27.49 3.51 12.46
N ALA D 97 27.53 2.21 12.20
CA ALA D 97 26.92 1.28 13.13
C ALA D 97 27.85 0.12 13.50
N ARG D 98 27.90 -0.21 14.79
CA ARG D 98 28.67 -1.34 15.25
C ARG D 98 27.76 -2.45 15.74
N GLU D 99 28.14 -3.69 15.44
CA GLU D 99 27.39 -4.85 15.88
C GLU D 99 27.47 -4.94 17.39
N GLY D 100 26.44 -5.48 18.01
CA GLY D 100 26.40 -5.60 19.45
C GLY D 100 27.01 -6.90 19.94
N THR D 101 27.10 -7.02 21.26
CA THR D 101 27.62 -8.25 21.84
C THR D 101 26.79 -8.66 23.05
N THR D 102 27.07 -9.85 23.58
CA THR D 102 26.42 -10.35 24.78
C THR D 102 27.48 -10.65 25.82
N GLY D 103 28.57 -9.91 25.74
CA GLY D 103 29.70 -10.06 26.64
C GLY D 103 30.52 -8.80 26.54
N TRP D 104 31.77 -8.84 26.97
CA TRP D 104 32.57 -7.63 26.94
C TRP D 104 34.01 -7.91 26.48
N GLY D 105 34.60 -6.92 25.84
CA GLY D 105 35.98 -6.99 25.37
C GLY D 105 36.17 -7.75 24.07
N TRP D 106 37.25 -8.53 24.00
CA TRP D 106 37.59 -9.24 22.77
C TRP D 106 37.01 -10.64 22.78
N LEU D 107 36.64 -11.11 23.97
CA LEU D 107 36.15 -12.46 24.14
C LEU D 107 34.63 -12.44 24.07
N GLY D 108 34.07 -11.24 24.01
CA GLY D 108 32.64 -11.03 23.85
C GLY D 108 32.07 -11.72 22.62
N LYS D 109 30.84 -12.20 22.74
CA LYS D 109 30.18 -12.88 21.64
C LYS D 109 29.39 -11.90 20.78
N PRO D 110 29.74 -11.79 19.50
CA PRO D 110 29.09 -10.88 18.55
C PRO D 110 27.70 -11.36 18.12
N ILE D 111 26.77 -10.44 17.92
CA ILE D 111 25.40 -10.79 17.56
C ILE D 111 25.09 -10.47 16.10
N GLY D 112 26.01 -9.75 15.44
CA GLY D 112 25.88 -9.44 14.03
C GLY D 112 25.06 -8.20 13.75
N ALA D 113 23.87 -8.12 14.36
CA ALA D 113 22.97 -7.00 14.17
C ALA D 113 23.56 -5.70 14.72
N PHE D 114 23.22 -4.59 14.07
CA PHE D 114 23.74 -3.29 14.43
C PHE D 114 23.09 -2.76 15.70
N ALA D 115 23.73 -2.99 16.84
CA ALA D 115 23.16 -2.60 18.11
C ALA D 115 23.60 -1.20 18.51
N HIS D 116 24.68 -0.72 17.92
CA HIS D 116 25.16 0.61 18.28
C HIS D 116 25.22 1.52 17.07
N TRP D 117 24.70 2.74 17.21
CA TRP D 117 24.65 3.67 16.09
C TRP D 117 25.26 5.03 16.43
N GLY D 118 25.83 5.68 15.42
CA GLY D 118 26.32 7.03 15.57
C GLY D 118 25.17 8.00 15.42
N GLN D 119 25.44 9.29 15.62
CA GLN D 119 24.39 10.29 15.55
C GLN D 119 24.09 10.63 14.10
N GLY D 120 24.94 10.13 13.20
CA GLY D 120 24.75 10.37 11.79
C GLY D 120 25.48 11.61 11.31
N THR D 121 25.82 11.62 10.03
CA THR D 121 26.53 12.74 9.44
C THR D 121 25.84 13.17 8.14
N LEU D 122 25.33 14.40 8.13
CA LEU D 122 24.66 14.91 6.94
C LEU D 122 25.66 15.29 5.85
N VAL D 123 25.59 14.61 4.72
CA VAL D 123 26.43 14.97 3.59
C VAL D 123 25.56 15.44 2.44
N THR D 124 25.74 16.72 2.10
CA THR D 124 24.97 17.35 1.03
C THR D 124 25.88 17.56 -0.18
N VAL D 125 25.51 16.94 -1.29
CA VAL D 125 26.29 17.09 -2.51
C VAL D 125 25.56 18.02 -3.46
N SER D 126 26.14 19.19 -3.69
CA SER D 126 25.53 20.20 -4.55
C SER D 126 26.57 21.14 -5.13
N SER D 127 26.18 21.82 -6.20
CA SER D 127 27.01 22.82 -6.85
C SER D 127 26.69 24.22 -6.33
N ALA D 128 25.65 24.31 -5.52
CA ALA D 128 25.17 25.60 -5.02
C ALA D 128 26.13 26.27 -4.06
N SER D 129 26.01 27.59 -3.94
CA SER D 129 26.83 28.36 -3.01
C SER D 129 26.05 28.56 -1.71
N THR D 130 26.77 28.74 -0.61
CA THR D 130 26.12 29.01 0.66
C THR D 130 25.35 30.32 0.55
N LYS D 131 24.05 30.28 0.79
CA LYS D 131 23.27 31.50 0.66
C LYS D 131 22.16 31.59 1.71
N GLY D 132 21.99 32.79 2.25
CA GLY D 132 20.92 33.07 3.18
C GLY D 132 19.58 33.15 2.48
N PRO D 133 18.51 32.85 3.20
CA PRO D 133 17.14 32.84 2.66
C PRO D 133 16.51 34.22 2.58
N SER D 134 15.55 34.35 1.68
CA SER D 134 14.66 35.51 1.67
C SER D 134 13.39 35.14 2.42
N VAL D 135 13.00 35.96 3.40
CA VAL D 135 11.83 35.66 4.20
C VAL D 135 10.66 36.60 3.86
N PHE D 136 9.64 36.04 3.23
CA PHE D 136 8.47 36.84 2.82
C PHE D 136 7.27 36.59 3.73
N PRO D 137 6.41 37.60 3.87
CA PRO D 137 5.25 37.41 4.77
C PRO D 137 4.06 36.70 4.13
N LEU D 138 3.62 35.63 4.78
CA LEU D 138 2.33 35.00 4.48
C LEU D 138 1.27 35.66 5.36
N ALA D 139 0.76 36.80 4.90
CA ALA D 139 -0.15 37.63 5.67
C ALA D 139 -1.52 37.00 5.90
N PRO D 140 -2.08 37.20 7.10
CA PRO D 140 -3.41 36.68 7.43
C PRO D 140 -4.54 37.31 6.60
N SER D 141 -5.41 36.46 6.08
CA SER D 141 -6.56 36.85 5.27
C SER D 141 -7.58 37.67 6.04
N SER D 142 -8.20 38.64 5.38
CA SER D 142 -9.24 39.43 6.03
C SER D 142 -10.59 38.71 6.06
N LYS D 143 -10.62 37.44 5.67
CA LYS D 143 -11.84 36.65 5.77
C LYS D 143 -11.61 35.14 6.00
N SER D 144 -10.45 34.77 6.53
CA SER D 144 -10.12 33.35 6.76
C SER D 144 -10.97 32.68 7.86
N THR D 145 -11.43 31.45 7.56
CA THR D 145 -12.26 30.64 8.45
C THR D 145 -13.36 31.45 9.15
CA GLY D 147 -15.08 30.00 12.57
C GLY D 147 -14.42 31.23 13.17
N GLY D 148 -13.44 31.02 14.04
CA GLY D 148 -12.73 32.12 14.67
C GLY D 148 -11.22 32.01 14.58
N THR D 149 -10.73 31.35 13.54
CA THR D 149 -9.29 31.09 13.41
C THR D 149 -8.71 31.68 12.13
N ALA D 150 -7.55 32.31 12.26
CA ALA D 150 -6.85 32.88 11.12
C ALA D 150 -5.45 32.30 11.05
N ALA D 151 -4.94 32.11 9.84
CA ALA D 151 -3.61 31.53 9.67
C ALA D 151 -2.65 32.55 9.09
N LEU D 152 -1.44 32.60 9.64
CA LEU D 152 -0.40 33.49 9.11
C LEU D 152 0.93 32.75 9.09
N GLY D 153 1.97 33.40 8.58
CA GLY D 153 3.28 32.78 8.63
C GLY D 153 4.35 33.47 7.82
N CYS D 154 5.45 32.77 7.59
CA CYS D 154 6.56 33.29 6.79
CA CYS D 154 6.50 33.31 6.73
C CYS D 154 7.06 32.24 5.81
N LEU D 155 7.41 32.69 4.60
CA LEU D 155 7.98 31.84 3.58
C LEU D 155 9.49 32.06 3.56
N VAL D 156 10.21 31.03 3.97
CA VAL D 156 11.67 31.03 3.98
C VAL D 156 12.14 30.42 2.67
N LYS D 157 12.43 31.27 1.70
CA LYS D 157 12.67 30.79 0.34
C LYS D 157 14.10 30.99 -0.13
N ASP D 158 14.60 30.02 -0.91
CA ASP D 158 15.90 30.11 -1.57
C ASP D 158 17.07 30.26 -0.60
N TYR D 159 17.43 29.16 0.07
CA TYR D 159 18.61 29.16 0.92
C TYR D 159 19.40 27.87 0.72
N PHE D 160 20.66 27.89 1.12
CA PHE D 160 21.54 26.73 1.02
C PHE D 160 22.74 26.85 1.95
N PRO D 161 23.07 25.77 2.66
CA PRO D 161 22.29 24.54 2.66
C PRO D 161 21.36 24.44 3.86
N GLU D 162 20.89 23.23 4.14
CA GLU D 162 20.16 22.96 5.37
C GLU D 162 21.16 23.11 6.52
N PRO D 163 20.68 23.41 7.73
CA PRO D 163 19.29 23.66 8.08
C PRO D 163 19.00 25.14 8.30
N VAL D 164 17.74 25.43 8.57
CA VAL D 164 17.31 26.76 8.97
C VAL D 164 16.45 26.58 10.22
N THR D 165 16.57 27.49 11.17
CA THR D 165 15.70 27.41 12.35
C THR D 165 14.71 28.56 12.34
N VAL D 166 13.45 28.25 12.62
CA VAL D 166 12.42 29.28 12.66
C VAL D 166 11.70 29.26 13.99
N SER D 167 11.64 30.40 14.65
CA SER D 167 10.85 30.52 15.87
C SER D 167 9.81 31.62 15.70
N TRP D 168 8.95 31.79 16.69
CA TRP D 168 7.94 32.85 16.62
C TRP D 168 7.93 33.66 17.91
N ASN D 169 8.00 34.97 17.77
CA ASN D 169 8.07 35.89 18.90
C ASN D 169 9.18 35.49 19.87
N SER D 170 10.32 35.09 19.30
CA SER D 170 11.50 34.70 20.07
C SER D 170 11.19 33.55 21.04
N GLY D 171 10.31 32.65 20.62
CA GLY D 171 9.97 31.48 21.41
C GLY D 171 8.75 31.68 22.30
N ALA D 172 8.18 32.87 22.29
CA ALA D 172 7.02 33.16 23.13
C ALA D 172 5.76 32.51 22.54
N LEU D 173 5.77 32.33 21.22
CA LEU D 173 4.64 31.70 20.53
C LEU D 173 5.01 30.32 19.98
N THR D 174 4.45 29.28 20.57
CA THR D 174 4.74 27.91 20.13
C THR D 174 3.49 27.11 19.78
N SER D 175 2.38 27.43 20.44
CA SER D 175 1.13 26.69 20.23
C SER D 175 0.51 26.95 18.86
N GLY D 176 0.30 25.87 18.11
CA GLY D 176 -0.32 25.98 16.81
C GLY D 176 0.68 26.26 15.71
N VAL D 177 1.96 26.16 16.04
CA VAL D 177 3.02 26.43 15.07
C VAL D 177 3.37 25.19 14.26
N HIS D 178 3.40 25.36 12.94
CA HIS D 178 3.80 24.32 12.02
C HIS D 178 4.92 24.81 11.10
N THR D 179 6.14 24.34 11.36
CA THR D 179 7.26 24.61 10.47
C THR D 179 7.47 23.42 9.55
N PHE D 180 7.17 23.60 8.28
CA PHE D 180 7.20 22.49 7.32
C PHE D 180 8.62 22.10 6.93
N PRO D 181 8.84 20.82 6.64
CA PRO D 181 10.11 20.34 6.10
C PRO D 181 10.44 21.06 4.79
N ALA D 182 11.72 21.35 4.57
CA ALA D 182 12.14 22.05 3.36
C ALA D 182 12.09 21.15 2.13
N VAL D 183 11.76 21.75 0.99
CA VAL D 183 11.84 21.06 -0.29
C VAL D 183 13.02 21.57 -1.09
N LEU D 184 13.63 20.69 -1.88
CA LEU D 184 14.74 21.09 -2.73
C LEU D 184 14.24 21.47 -4.11
N GLN D 185 14.29 22.77 -4.40
CA GLN D 185 13.84 23.31 -5.67
C GLN D 185 14.78 22.93 -6.81
N SER D 186 14.32 23.12 -8.04
CA SER D 186 15.13 22.80 -9.22
C SER D 186 16.32 23.75 -9.36
N SER D 187 16.26 24.88 -8.67
CA SER D 187 17.37 25.84 -8.68
C SER D 187 18.54 25.38 -7.82
N GLY D 188 18.31 24.33 -7.02
CA GLY D 188 19.34 23.80 -6.15
C GLY D 188 19.27 24.44 -4.78
N LEU D 189 18.30 25.33 -4.62
CA LEU D 189 18.09 26.03 -3.36
C LEU D 189 16.91 25.44 -2.58
N TYR D 190 16.99 25.48 -1.26
CA TYR D 190 15.93 24.96 -0.42
C TYR D 190 14.88 26.02 -0.13
N SER D 191 13.70 25.58 0.27
CA SER D 191 12.61 26.48 0.61
C SER D 191 11.61 25.80 1.52
N LEU D 192 11.21 26.48 2.59
CA LEU D 192 10.16 25.98 3.48
C LEU D 192 9.22 27.08 3.92
N SER D 193 8.13 26.69 4.58
CA SER D 193 7.19 27.65 5.12
C SER D 193 6.92 27.37 6.59
N SER D 194 6.78 28.42 7.38
CA SER D 194 6.44 28.27 8.79
C SER D 194 5.16 29.03 9.09
N VAL D 195 4.10 28.32 9.44
CA VAL D 195 2.81 28.94 9.69
C VAL D 195 2.38 28.79 11.14
N VAL D 196 1.35 29.55 11.50
CA VAL D 196 0.78 29.48 12.84
C VAL D 196 -0.66 29.98 12.74
N THR D 197 -1.54 29.30 13.48
CA THR D 197 -2.95 29.67 13.53
C THR D 197 -3.25 30.34 14.85
N VAL D 198 -3.92 31.48 14.78
CA VAL D 198 -4.23 32.27 15.95
C VAL D 198 -5.70 32.67 15.91
N PRO D 199 -6.27 33.08 17.05
CA PRO D 199 -7.64 33.60 17.05
C PRO D 199 -7.76 34.83 16.16
N SER D 200 -8.87 35.00 15.45
CA SER D 200 -9.01 36.13 14.54
C SER D 200 -8.98 37.43 15.32
N SER D 201 -9.49 37.36 16.55
CA SER D 201 -9.58 38.51 17.42
C SER D 201 -8.19 39.04 17.75
N SER D 202 -7.20 38.17 17.61
CA SER D 202 -5.85 38.52 17.98
C SER D 202 -5.15 39.27 16.85
N LEU D 203 -5.73 39.26 15.66
CA LEU D 203 -5.07 39.92 14.52
C LEU D 203 -4.88 41.42 14.75
N GLY D 204 -5.81 42.03 15.47
CA GLY D 204 -5.78 43.47 15.70
C GLY D 204 -5.03 43.89 16.94
N THR D 205 -4.64 42.92 17.77
CA THR D 205 -3.99 43.23 19.04
C THR D 205 -2.58 42.67 19.17
N GLN D 206 -2.40 41.40 18.81
CA GLN D 206 -1.14 40.70 19.01
C GLN D 206 -0.17 40.92 17.83
N THR D 207 1.11 41.14 18.13
CA THR D 207 2.14 41.30 17.09
C THR D 207 2.82 39.95 16.80
N TYR D 208 2.89 39.57 15.53
CA TYR D 208 3.50 38.31 15.13
C TYR D 208 4.77 38.47 14.30
N ILE D 209 5.88 37.97 14.85
CA ILE D 209 7.19 38.04 14.20
C ILE D 209 7.88 36.67 14.13
N CYS D 210 8.27 36.25 12.94
CA CYS D 210 9.00 34.99 12.78
CA CYS D 210 9.00 34.99 12.81
C CYS D 210 10.51 35.24 12.73
N ASN D 211 11.26 34.48 13.53
CA ASN D 211 12.70 34.60 13.56
C ASN D 211 13.36 33.47 12.79
N VAL D 212 13.90 33.83 11.62
CA VAL D 212 14.56 32.89 10.73
C VAL D 212 16.07 32.99 10.87
N ASN D 213 16.70 31.85 11.12
CA ASN D 213 18.14 31.79 11.35
C ASN D 213 18.83 30.78 10.46
N HIS D 214 19.80 31.25 9.68
CA HIS D 214 20.57 30.40 8.78
C HIS D 214 22.05 30.50 9.13
N LYS D 215 22.49 29.63 10.04
CA LYS D 215 23.87 29.61 10.52
C LYS D 215 24.94 29.41 9.42
N PRO D 216 24.70 28.52 8.44
CA PRO D 216 25.76 28.34 7.43
C PRO D 216 26.11 29.61 6.66
N SER D 217 25.25 30.61 6.67
CA SER D 217 25.51 31.83 5.93
C SER D 217 25.56 33.03 6.85
N ASN D 218 25.51 32.76 8.15
CA ASN D 218 25.52 33.80 9.17
C ASN D 218 24.37 34.78 8.98
N THR D 219 23.24 34.28 8.49
CA THR D 219 22.07 35.11 8.19
C THR D 219 21.02 35.06 9.29
N LYS D 220 20.47 36.20 9.65
CA LYS D 220 19.42 36.29 10.66
C LYS D 220 18.35 37.31 10.28
N VAL D 221 17.14 36.82 10.03
CA VAL D 221 16.04 37.69 9.60
C VAL D 221 14.83 37.59 10.53
N ASP D 222 14.44 38.71 11.14
CA ASP D 222 13.22 38.79 11.93
C ASP D 222 12.13 39.46 11.12
N LYS D 223 11.14 38.70 10.69
CA LYS D 223 10.12 39.25 9.80
C LYS D 223 8.78 39.44 10.50
N LYS D 224 8.25 40.65 10.43
CA LYS D 224 6.94 40.96 11.01
C LYS D 224 5.84 40.66 10.02
N VAL D 225 4.85 39.87 10.45
CA VAL D 225 3.73 39.54 9.57
C VAL D 225 2.44 40.21 10.02
N GLU D 226 1.85 40.98 9.10
CA GLU D 226 0.62 41.70 9.38
C GLU D 226 -0.34 41.69 8.20
N PRO D 227 -1.65 41.84 8.48
CA PRO D 227 -2.72 41.92 7.47
C PRO D 227 -2.46 43.02 6.44
N LYS D 228 -2.69 42.72 5.17
CA LYS D 228 -2.46 43.71 4.11
C LYS D 228 -3.58 44.74 4.09
N GLU E 1 -33.11 -21.69 -42.60
CA GLU E 1 -32.30 -20.48 -42.60
C GLU E 1 -32.02 -19.99 -41.19
N ILE E 2 -30.74 -19.80 -40.86
CA ILE E 2 -30.39 -19.26 -39.56
C ILE E 2 -30.43 -17.74 -39.61
N VAL E 3 -31.25 -17.14 -38.75
CA VAL E 3 -31.37 -15.70 -38.71
C VAL E 3 -30.58 -15.11 -37.54
N LEU E 4 -29.65 -14.22 -37.86
CA LEU E 4 -28.88 -13.53 -36.84
C LEU E 4 -29.49 -12.17 -36.53
N THR E 5 -29.71 -11.89 -35.25
CA THR E 5 -30.25 -10.61 -34.84
C THR E 5 -29.27 -9.88 -33.92
N GLN E 6 -28.77 -8.74 -34.39
CA GLN E 6 -27.81 -7.97 -33.60
C GLN E 6 -28.51 -6.91 -32.78
N SER E 7 -28.01 -6.70 -31.56
CA SER E 7 -28.58 -5.72 -30.67
C SER E 7 -27.46 -4.99 -29.95
N PRO E 8 -27.58 -3.66 -29.81
CA PRO E 8 -28.69 -2.87 -30.34
C PRO E 8 -28.47 -2.48 -31.80
N GLY E 9 -29.38 -1.69 -32.36
CA GLY E 9 -29.21 -1.21 -33.72
C GLY E 9 -28.10 -0.19 -33.76
N THR E 10 -28.21 0.83 -32.92
CA THR E 10 -27.19 1.85 -32.79
C THR E 10 -26.73 1.96 -31.35
N GLN E 11 -25.43 2.10 -31.16
CA GLN E 11 -24.86 2.22 -29.81
C GLN E 11 -24.05 3.51 -29.71
N SER E 12 -24.54 4.45 -28.93
CA SER E 12 -23.90 5.75 -28.77
C SER E 12 -23.04 5.76 -27.51
N LEU E 13 -21.73 5.81 -27.70
CA LEU E 13 -20.81 5.76 -26.57
C LEU E 13 -19.69 6.78 -26.70
N SER E 14 -19.07 7.11 -25.58
CA SER E 14 -17.96 8.06 -25.57
C SER E 14 -16.65 7.33 -25.80
N PRO E 15 -15.65 8.02 -26.38
CA PRO E 15 -14.35 7.39 -26.60
C PRO E 15 -13.72 6.91 -25.30
N GLY E 16 -13.20 5.69 -25.30
CA GLY E 16 -12.58 5.13 -24.11
C GLY E 16 -13.54 4.23 -23.34
N GLU E 17 -14.82 4.31 -23.66
CA GLU E 17 -15.83 3.51 -22.97
C GLU E 17 -15.83 2.08 -23.48
N ARG E 18 -16.54 1.21 -22.76
CA ARG E 18 -16.55 -0.21 -23.07
C ARG E 18 -17.81 -0.58 -23.85
N ALA E 19 -17.60 -1.12 -25.05
CA ALA E 19 -18.73 -1.47 -25.92
C ALA E 19 -19.00 -2.96 -25.95
N THR E 20 -20.26 -3.32 -25.76
CA THR E 20 -20.68 -4.72 -25.84
C THR E 20 -21.81 -4.88 -26.84
N LEU E 21 -21.53 -5.61 -27.92
CA LEU E 21 -22.50 -5.84 -28.98
C LEU E 21 -23.00 -7.28 -28.91
N SER E 22 -24.30 -7.46 -29.10
CA SER E 22 -24.91 -8.78 -28.98
C SER E 22 -25.34 -9.33 -30.33
N CYS E 23 -25.12 -10.63 -30.51
CA CYS E 23 -25.58 -11.35 -31.69
C CYS E 23 -26.36 -12.58 -31.25
N ARG E 24 -27.65 -12.63 -31.59
CA ARG E 24 -28.48 -13.74 -31.17
C ARG E 24 -29.00 -14.53 -32.38
N ALA E 25 -28.69 -15.83 -32.39
CA ALA E 25 -29.07 -16.70 -33.49
C ALA E 25 -30.44 -17.34 -33.28
N SER E 26 -31.18 -17.53 -34.36
CA SER E 26 -32.51 -18.14 -34.28
C SER E 26 -32.43 -19.61 -33.85
N GLN E 27 -31.37 -20.28 -34.24
CA GLN E 27 -31.11 -21.64 -33.77
C GLN E 27 -29.61 -21.76 -33.48
N SER E 28 -29.21 -22.87 -32.88
CA SER E 28 -27.81 -23.04 -32.50
C SER E 28 -26.88 -23.03 -33.70
N VAL E 29 -25.85 -22.19 -33.62
CA VAL E 29 -24.85 -22.08 -34.66
C VAL E 29 -23.86 -23.24 -34.48
N GLY E 30 -23.26 -23.68 -35.58
CA GLY E 30 -22.30 -24.79 -35.53
C GLY E 30 -21.12 -24.56 -34.60
N ASN E 31 -21.35 -24.76 -33.30
CA ASN E 31 -20.30 -24.66 -32.29
C ASN E 31 -19.61 -23.29 -32.26
N ASN E 32 -18.46 -23.21 -32.92
CA ASN E 32 -17.66 -21.99 -32.95
C ASN E 32 -17.87 -21.08 -34.14
N LYS E 33 -18.54 -21.58 -35.19
CA LYS E 33 -18.57 -20.86 -36.45
C LYS E 33 -19.35 -19.54 -36.41
N LEU E 34 -18.84 -18.58 -35.63
CA LEU E 34 -19.39 -17.23 -35.57
C LEU E 34 -18.25 -16.23 -35.83
N ALA E 35 -18.49 -15.24 -36.66
CA ALA E 35 -17.46 -14.28 -37.02
C ALA E 35 -17.94 -12.84 -36.84
N TRP E 36 -17.01 -11.95 -36.51
CA TRP E 36 -17.30 -10.54 -36.38
C TRP E 36 -16.46 -9.75 -37.36
N TYR E 37 -17.13 -8.91 -38.14
CA TYR E 37 -16.49 -8.07 -39.15
C TYR E 37 -16.72 -6.60 -38.83
N GLN E 38 -15.73 -5.79 -39.17
CA GLN E 38 -15.83 -4.35 -39.02
C GLN E 38 -15.87 -3.69 -40.38
N GLN E 39 -16.72 -2.69 -40.53
CA GLN E 39 -16.78 -1.92 -41.76
C GLN E 39 -16.90 -0.43 -41.49
N ARG E 40 -15.98 0.32 -42.11
CA ARG E 40 -15.98 1.77 -42.09
C ARG E 40 -16.52 2.28 -43.41
N PRO E 41 -17.05 3.50 -43.43
CA PRO E 41 -17.61 4.08 -44.66
C PRO E 41 -16.65 4.08 -45.85
N GLY E 42 -17.09 3.51 -46.97
CA GLY E 42 -16.32 3.53 -48.20
C GLY E 42 -15.34 2.38 -48.33
N GLN E 43 -15.29 1.52 -47.33
CA GLN E 43 -14.33 0.43 -47.32
C GLN E 43 -15.02 -0.94 -47.24
N ALA E 44 -14.27 -1.98 -47.58
CA ALA E 44 -14.76 -3.34 -47.47
C ALA E 44 -14.73 -3.79 -46.02
N PRO E 45 -15.56 -4.78 -45.66
CA PRO E 45 -15.53 -5.29 -44.28
C PRO E 45 -14.17 -5.87 -43.89
N ARG E 46 -13.87 -5.86 -42.60
CA ARG E 46 -12.60 -6.41 -42.09
C ARG E 46 -12.88 -7.43 -40.99
N LEU E 47 -12.32 -8.62 -41.14
CA LEU E 47 -12.51 -9.68 -40.16
C LEU E 47 -11.84 -9.34 -38.83
N LEU E 48 -12.66 -9.24 -37.78
CA LEU E 48 -12.15 -8.98 -36.43
C LEU E 48 -12.05 -10.27 -35.61
N ILE E 49 -13.10 -11.07 -35.65
CA ILE E 49 -13.13 -12.29 -34.86
C ILE E 49 -13.62 -13.47 -35.70
N TYR E 50 -13.02 -14.63 -35.52
CA TYR E 50 -13.52 -15.85 -36.14
C TYR E 50 -13.54 -16.96 -35.11
N GLY E 51 -14.34 -17.99 -35.34
CA GLY E 51 -14.45 -19.07 -34.37
C GLY E 51 -15.00 -18.57 -33.05
N ALA E 52 -15.91 -17.59 -33.14
CA ALA E 52 -16.61 -17.01 -31.99
C ALA E 52 -15.73 -16.21 -31.03
N SER E 53 -14.46 -16.59 -30.90
CA SER E 53 -13.59 -15.96 -29.91
C SER E 53 -12.18 -15.70 -30.43
N SER E 54 -11.79 -16.42 -31.48
CA SER E 54 -10.43 -16.32 -32.03
C SER E 54 -10.21 -14.99 -32.75
N ARG E 55 -9.01 -14.45 -32.62
CA ARG E 55 -8.67 -13.17 -33.20
C ARG E 55 -7.47 -13.26 -34.15
N PRO E 56 -7.67 -12.88 -35.42
CA PRO E 56 -6.64 -12.89 -36.45
C PRO E 56 -5.49 -11.95 -36.11
N SER E 57 -4.32 -12.20 -36.69
CA SER E 57 -3.18 -11.31 -36.51
C SER E 57 -3.46 -9.97 -37.19
N GLY E 58 -3.13 -8.88 -36.51
CA GLY E 58 -3.39 -7.56 -37.04
C GLY E 58 -4.54 -6.89 -36.31
N VAL E 59 -5.33 -7.69 -35.62
CA VAL E 59 -6.45 -7.18 -34.83
C VAL E 59 -6.01 -6.90 -33.39
N ALA E 60 -6.33 -5.70 -32.90
CA ALA E 60 -5.96 -5.24 -31.56
C ALA E 60 -6.51 -6.12 -30.44
N ASP E 61 -5.81 -6.12 -29.30
CA ASP E 61 -6.21 -6.97 -28.17
C ASP E 61 -7.46 -6.49 -27.46
N ARG E 62 -7.87 -5.26 -27.75
CA ARG E 62 -9.07 -4.71 -27.14
C ARG E 62 -10.34 -5.32 -27.74
N PHE E 63 -10.19 -5.99 -28.88
CA PHE E 63 -11.28 -6.73 -29.49
C PHE E 63 -11.31 -8.18 -29.01
N SER E 64 -12.44 -8.62 -28.46
CA SER E 64 -12.58 -10.00 -28.02
C SER E 64 -13.99 -10.52 -28.31
N GLY E 65 -14.09 -11.81 -28.64
CA GLY E 65 -15.37 -12.42 -28.91
C GLY E 65 -15.70 -13.50 -27.91
N SER E 66 -16.99 -13.70 -27.62
CA SER E 66 -17.40 -14.74 -26.70
C SER E 66 -18.80 -15.26 -27.03
N GLY E 67 -19.21 -16.32 -26.33
CA GLY E 67 -20.52 -16.89 -26.51
C GLY E 67 -20.53 -18.20 -27.27
N SER E 68 -21.71 -18.82 -27.34
CA SER E 68 -21.89 -20.06 -28.08
C SER E 68 -23.38 -20.34 -28.31
N GLY E 69 -23.65 -21.39 -29.08
CA GLY E 69 -25.01 -21.84 -29.29
C GLY E 69 -25.81 -20.83 -30.08
N THR E 70 -26.53 -19.97 -29.38
CA THR E 70 -27.34 -18.95 -30.02
C THR E 70 -26.97 -17.56 -29.53
N ASP E 71 -26.22 -17.48 -28.44
CA ASP E 71 -25.86 -16.18 -27.88
C ASP E 71 -24.38 -15.86 -27.99
N PHE E 72 -24.07 -14.79 -28.71
CA PHE E 72 -22.69 -14.35 -28.92
C PHE E 72 -22.53 -12.88 -28.57
N THR E 73 -21.31 -12.49 -28.20
CA THR E 73 -21.04 -11.13 -27.76
C THR E 73 -19.67 -10.67 -28.24
N LEU E 74 -19.64 -9.51 -28.89
CA LEU E 74 -18.38 -8.86 -29.25
C LEU E 74 -18.09 -7.75 -28.25
N THR E 75 -16.88 -7.76 -27.70
CA THR E 75 -16.50 -6.79 -26.69
C THR E 75 -15.30 -5.97 -27.12
N ILE E 76 -15.47 -4.65 -27.11
CA ILE E 76 -14.39 -3.70 -27.28
C ILE E 76 -14.12 -3.06 -25.94
N SER E 77 -13.00 -3.43 -25.31
CA SER E 77 -12.70 -2.99 -23.95
C SER E 77 -12.66 -1.46 -23.82
N ARG E 78 -12.05 -0.80 -24.80
CA ARG E 78 -12.02 0.66 -24.84
C ARG E 78 -12.14 1.14 -26.29
N LEU E 79 -13.10 2.05 -26.50
CA LEU E 79 -13.38 2.58 -27.82
C LEU E 79 -12.35 3.61 -28.28
N GLU E 80 -11.60 3.24 -29.31
CA GLU E 80 -10.68 4.17 -29.96
C GLU E 80 -11.43 4.94 -31.07
N PRO E 81 -10.90 6.10 -31.47
CA PRO E 81 -11.52 6.90 -32.54
C PRO E 81 -11.81 6.08 -33.80
N GLU E 82 -10.91 5.15 -34.11
CA GLU E 82 -11.02 4.31 -35.30
CA GLU E 82 -11.05 4.33 -35.32
C GLU E 82 -12.00 3.16 -35.09
N ASP E 83 -12.42 2.95 -33.84
CA ASP E 83 -13.30 1.84 -33.53
C ASP E 83 -14.77 2.15 -33.80
N PHE E 84 -15.09 3.43 -33.94
CA PHE E 84 -16.46 3.85 -34.20
C PHE E 84 -16.85 3.59 -35.66
N ALA E 85 -17.44 2.43 -35.90
CA ALA E 85 -17.84 2.01 -37.23
C ALA E 85 -19.05 1.09 -37.15
N VAL E 86 -19.31 0.35 -38.23
CA VAL E 86 -20.41 -0.60 -38.20
C VAL E 86 -19.87 -2.02 -38.02
N TYR E 87 -20.55 -2.83 -37.23
CA TYR E 87 -20.08 -4.18 -36.96
C TYR E 87 -21.12 -5.22 -37.35
N TYR E 88 -20.70 -6.22 -38.11
CA TYR E 88 -21.60 -7.26 -38.56
C TYR E 88 -21.19 -8.61 -37.97
N CYS E 89 -22.17 -9.43 -37.58
CA CYS E 89 -21.86 -10.79 -37.17
C CYS E 89 -22.35 -11.77 -38.22
N GLN E 90 -21.60 -12.85 -38.41
CA GLN E 90 -21.89 -13.81 -39.48
C GLN E 90 -21.73 -15.24 -39.00
N GLN E 91 -22.70 -16.10 -39.33
CA GLN E 91 -22.57 -17.52 -39.03
C GLN E 91 -22.17 -18.26 -40.30
N TYR E 92 -21.24 -19.19 -40.16
CA TYR E 92 -20.78 -19.96 -41.31
C TYR E 92 -20.68 -21.44 -40.96
N GLY E 93 -21.54 -21.88 -40.03
CA GLY E 93 -21.60 -23.28 -39.64
C GLY E 93 -22.47 -24.11 -40.56
N GLN E 94 -23.33 -23.45 -41.33
CA GLN E 94 -24.14 -24.13 -42.32
C GLN E 94 -23.65 -23.83 -43.72
N SER E 95 -24.23 -24.52 -44.71
CA SER E 95 -23.90 -24.28 -46.10
C SER E 95 -24.43 -22.92 -46.51
N LEU E 96 -25.57 -22.55 -45.96
CA LEU E 96 -26.14 -21.23 -46.16
C LEU E 96 -25.61 -20.28 -45.09
N SER E 97 -24.69 -19.41 -45.50
CA SER E 97 -24.09 -18.44 -44.59
C SER E 97 -24.95 -17.19 -44.54
N THR E 98 -25.09 -16.61 -43.35
CA THR E 98 -25.93 -15.44 -43.17
C THR E 98 -25.27 -14.36 -42.30
N PHE E 99 -25.61 -13.11 -42.56
CA PHE E 99 -25.11 -11.98 -41.77
C PHE E 99 -26.21 -11.40 -40.89
N GLY E 100 -25.80 -10.69 -39.83
CA GLY E 100 -26.73 -9.91 -39.04
C GLY E 100 -26.97 -8.58 -39.75
N GLN E 101 -27.97 -7.82 -39.31
CA GLN E 101 -28.29 -6.55 -39.96
C GLN E 101 -27.27 -5.47 -39.59
N GLY E 102 -26.45 -5.76 -38.59
CA GLY E 102 -25.36 -4.87 -38.22
C GLY E 102 -25.66 -3.93 -37.07
N THR E 103 -24.60 -3.50 -36.38
CA THR E 103 -24.71 -2.53 -35.30
C THR E 103 -23.69 -1.42 -35.51
N LYS E 104 -24.17 -0.17 -35.54
CA LYS E 104 -23.29 0.98 -35.69
C LYS E 104 -22.91 1.55 -34.33
N VAL E 105 -21.62 1.65 -34.06
CA VAL E 105 -21.14 2.25 -32.84
C VAL E 105 -20.71 3.70 -33.10
N GLU E 106 -21.47 4.65 -32.58
CA GLU E 106 -21.18 6.06 -32.83
C GLU E 106 -20.67 6.78 -31.59
N VAL E 107 -19.99 7.89 -31.83
CA VAL E 107 -19.45 8.73 -30.77
C VAL E 107 -20.52 9.52 -30.03
N LYS E 108 -20.56 9.36 -28.71
CA LYS E 108 -21.42 10.18 -27.87
C LYS E 108 -20.72 11.46 -27.52
N ARG E 109 -21.32 12.59 -27.87
CA ARG E 109 -20.74 13.87 -27.49
C ARG E 109 -21.79 14.78 -26.90
N THR E 110 -21.37 15.98 -26.52
CA THR E 110 -22.29 16.99 -26.01
C THR E 110 -23.26 17.44 -27.11
N VAL E 111 -24.48 17.76 -26.70
CA VAL E 111 -25.51 18.19 -27.64
C VAL E 111 -25.11 19.46 -28.38
N ALA E 112 -25.24 19.45 -29.69
CA ALA E 112 -24.94 20.63 -30.49
C ALA E 112 -26.12 20.98 -31.38
N ALA E 113 -26.53 22.25 -31.35
CA ALA E 113 -27.63 22.71 -32.19
C ALA E 113 -27.14 22.92 -33.62
N PRO E 114 -28.04 22.66 -34.60
CA PRO E 114 -27.66 22.82 -36.00
C PRO E 114 -27.60 24.28 -36.44
N SER E 115 -26.62 24.61 -37.26
CA SER E 115 -26.58 25.92 -37.91
C SER E 115 -27.40 25.81 -39.19
N VAL E 116 -28.53 26.50 -39.24
CA VAL E 116 -29.44 26.36 -40.36
C VAL E 116 -29.24 27.43 -41.44
N PHE E 117 -29.16 26.98 -42.69
CA PHE E 117 -29.03 27.88 -43.83
C PHE E 117 -30.06 27.53 -44.90
N ILE E 118 -30.55 28.54 -45.63
CA ILE E 118 -31.46 28.25 -46.72
C ILE E 118 -30.90 28.79 -48.04
N PHE E 119 -31.11 28.03 -49.11
CA PHE E 119 -30.59 28.37 -50.42
C PHE E 119 -31.72 28.33 -51.44
N PRO E 120 -32.04 29.49 -52.03
CA PRO E 120 -33.00 29.56 -53.13
C PRO E 120 -32.44 28.92 -54.38
N PRO E 121 -33.31 28.47 -55.30
CA PRO E 121 -32.82 27.94 -56.57
C PRO E 121 -32.13 29.02 -57.39
N SER E 122 -31.01 28.68 -58.02
CA SER E 122 -30.23 29.61 -58.82
C SER E 122 -30.97 30.05 -60.08
N ASP E 123 -30.56 31.17 -60.64
CA ASP E 123 -31.13 31.67 -61.88
C ASP E 123 -30.81 30.68 -63.00
N GLU E 124 -29.61 30.11 -62.93
N GLU E 124 -29.61 30.11 -62.93
CA GLU E 124 -29.14 29.15 -63.92
CA GLU E 124 -29.14 29.16 -63.92
C GLU E 124 -30.05 27.93 -63.97
C GLU E 124 -30.03 27.92 -63.97
N GLN E 125 -30.44 27.44 -62.80
CA GLN E 125 -31.34 26.29 -62.73
C GLN E 125 -32.74 26.67 -63.19
N LEU E 126 -33.16 27.88 -62.83
CA LEU E 126 -34.47 28.37 -63.22
C LEU E 126 -34.59 28.48 -64.73
N LYS E 127 -33.47 28.75 -65.40
CA LYS E 127 -33.47 28.79 -66.86
C LYS E 127 -33.67 27.40 -67.47
N SER E 128 -33.46 26.35 -66.68
CA SER E 128 -33.59 25.00 -67.18
C SER E 128 -34.96 24.39 -66.88
N GLY E 129 -35.78 25.11 -66.12
CA GLY E 129 -37.16 24.70 -65.92
C GLY E 129 -37.49 24.01 -64.61
N THR E 130 -36.52 23.89 -63.71
CA THR E 130 -36.75 23.27 -62.41
C THR E 130 -36.28 24.16 -61.26
N ALA E 131 -36.85 23.94 -60.08
CA ALA E 131 -36.50 24.73 -58.91
C ALA E 131 -36.20 23.84 -57.70
N SER E 132 -35.00 23.99 -57.16
CA SER E 132 -34.59 23.23 -55.97
C SER E 132 -34.21 24.17 -54.83
N VAL E 133 -34.96 24.08 -53.73
CA VAL E 133 -34.65 24.84 -52.54
C VAL E 133 -33.91 23.96 -51.54
N VAL E 134 -32.75 24.40 -51.08
CA VAL E 134 -31.93 23.55 -50.22
C VAL E 134 -31.78 24.10 -48.80
N CYS E 135 -32.14 23.28 -47.81
CA CYS E 135 -31.99 23.62 -46.41
C CYS E 135 -30.81 22.83 -45.83
N LEU E 136 -29.86 23.56 -45.25
CA LEU E 136 -28.67 22.95 -44.68
C LEU E 136 -28.71 23.01 -43.16
N LEU E 137 -28.57 21.85 -42.54
CA LEU E 137 -28.43 21.74 -41.09
C LEU E 137 -26.99 21.37 -40.79
N ASN E 138 -26.20 22.34 -40.35
CA ASN E 138 -24.76 22.15 -40.26
C ASN E 138 -24.25 21.88 -38.84
N ASN E 139 -23.46 20.81 -38.73
CA ASN E 139 -22.74 20.47 -37.50
C ASN E 139 -23.59 20.40 -36.24
N PHE E 140 -24.34 19.31 -36.09
CA PHE E 140 -25.20 19.13 -34.92
C PHE E 140 -25.10 17.72 -34.34
N TYR E 141 -25.53 17.58 -33.09
CA TYR E 141 -25.61 16.28 -32.43
C TYR E 141 -26.73 16.32 -31.39
N PRO E 142 -27.51 15.24 -31.27
CA PRO E 142 -27.43 13.96 -31.98
C PRO E 142 -27.93 13.97 -33.42
N ARG E 143 -27.91 12.79 -34.05
CA ARG E 143 -28.22 12.65 -35.46
C ARG E 143 -29.68 12.94 -35.79
N GLU E 144 -30.57 12.65 -34.83
CA GLU E 144 -32.00 12.82 -35.04
C GLU E 144 -32.39 14.29 -35.13
N ALA E 145 -32.84 14.70 -36.31
CA ALA E 145 -33.27 16.07 -36.52
C ALA E 145 -34.56 16.08 -37.35
N LYS E 146 -35.35 17.14 -37.22
CA LYS E 146 -36.60 17.21 -37.97
C LYS E 146 -36.68 18.49 -38.80
N VAL E 147 -36.98 18.29 -40.08
CA VAL E 147 -37.10 19.39 -41.03
C VAL E 147 -38.48 19.43 -41.69
N GLN E 148 -39.13 20.59 -41.63
CA GLN E 148 -40.44 20.76 -42.26
C GLN E 148 -40.42 21.93 -43.24
N TRP E 149 -40.93 21.71 -44.43
CA TRP E 149 -40.96 22.75 -45.46
C TRP E 149 -42.31 23.46 -45.48
N LYS E 150 -42.28 24.78 -45.43
CA LYS E 150 -43.48 25.58 -45.50
C LYS E 150 -43.40 26.55 -46.69
N VAL E 151 -44.33 26.40 -47.63
CA VAL E 151 -44.39 27.29 -48.77
C VAL E 151 -45.66 28.16 -48.72
N ASP E 152 -45.47 29.47 -48.58
CA ASP E 152 -46.57 30.39 -48.29
C ASP E 152 -47.32 29.92 -47.05
N ASN E 153 -46.52 29.52 -46.07
CA ASN E 153 -46.99 29.04 -44.77
C ASN E 153 -47.89 27.81 -44.88
N ALA E 154 -47.73 27.07 -45.97
CA ALA E 154 -48.43 25.79 -46.18
C ALA E 154 -47.48 24.60 -46.01
N LEU E 155 -47.84 23.66 -45.15
CA LEU E 155 -46.99 22.50 -44.87
C LEU E 155 -46.81 21.60 -46.11
N GLN E 156 -45.55 21.41 -46.51
CA GLN E 156 -45.24 20.59 -47.67
C GLN E 156 -45.05 19.14 -47.25
N SER E 157 -45.24 18.21 -48.18
CA SER E 157 -45.17 16.79 -47.85
C SER E 157 -45.03 15.90 -49.09
N GLY E 158 -43.89 15.21 -49.20
CA GLY E 158 -43.67 14.26 -50.27
C GLY E 158 -43.00 14.84 -51.50
N ASN E 159 -42.50 16.06 -51.39
CA ASN E 159 -41.81 16.71 -52.49
C ASN E 159 -40.43 17.15 -52.02
N SER E 160 -39.94 16.51 -50.97
CA SER E 160 -38.63 16.80 -50.43
C SER E 160 -37.87 15.52 -50.08
N GLN E 161 -36.55 15.56 -50.27
CA GLN E 161 -35.69 14.44 -49.93
C GLN E 161 -34.51 14.91 -49.11
N GLU E 162 -34.11 14.15 -48.09
CA GLU E 162 -32.97 14.58 -47.29
C GLU E 162 -31.90 13.50 -47.18
N SER E 163 -30.67 13.95 -46.91
CA SER E 163 -29.56 13.03 -46.68
C SER E 163 -28.67 13.55 -45.55
N VAL E 164 -28.06 12.63 -44.82
CA VAL E 164 -27.21 13.00 -43.68
C VAL E 164 -25.77 12.53 -43.93
N THR E 165 -24.81 13.35 -43.54
CA THR E 165 -23.40 12.98 -43.68
C THR E 165 -22.99 11.95 -42.63
N GLU E 166 -21.86 11.30 -42.85
CA GLU E 166 -21.30 10.42 -41.83
C GLU E 166 -20.82 11.28 -40.69
N GLN E 167 -20.76 10.70 -39.49
CA GLN E 167 -20.35 11.44 -38.31
C GLN E 167 -18.93 11.95 -38.52
N ASP E 168 -18.77 13.27 -38.39
CA ASP E 168 -17.49 13.92 -38.66
C ASP E 168 -16.39 13.34 -37.77
N SER E 169 -15.24 13.06 -38.36
CA SER E 169 -14.16 12.39 -37.63
C SER E 169 -13.49 13.34 -36.64
N LYS E 170 -13.76 14.64 -36.77
CA LYS E 170 -13.13 15.63 -35.91
C LYS E 170 -14.01 16.04 -34.73
N ASP E 171 -15.20 16.57 -34.99
CA ASP E 171 -16.06 17.04 -33.91
C ASP E 171 -17.23 16.12 -33.59
N SER E 172 -17.31 14.99 -34.31
CA SER E 172 -18.35 13.99 -34.09
C SER E 172 -19.78 14.52 -34.24
N THR E 173 -19.98 15.50 -35.12
CA THR E 173 -21.31 16.05 -35.37
C THR E 173 -21.88 15.51 -36.67
N TYR E 174 -23.15 15.80 -36.92
CA TYR E 174 -23.79 15.39 -38.18
C TYR E 174 -24.22 16.61 -38.98
N SER E 175 -24.44 16.41 -40.27
CA SER E 175 -25.00 17.46 -41.11
C SER E 175 -26.07 16.89 -42.02
N LEU E 176 -27.16 17.64 -42.15
CA LEU E 176 -28.31 17.19 -42.92
C LEU E 176 -28.57 18.15 -44.08
N SER E 177 -28.93 17.60 -45.22
CA SER E 177 -29.28 18.39 -46.39
C SER E 177 -30.68 18.01 -46.85
N SER E 178 -31.59 18.97 -46.86
CA SER E 178 -32.95 18.73 -47.29
C SER E 178 -33.26 19.51 -48.56
N THR E 179 -33.68 18.80 -49.61
CA THR E 179 -33.97 19.44 -50.87
C THR E 179 -35.45 19.37 -51.19
N LEU E 180 -36.05 20.54 -51.38
CA LEU E 180 -37.44 20.66 -51.81
C LEU E 180 -37.46 20.93 -53.31
N THR E 181 -38.10 20.04 -54.06
CA THR E 181 -38.08 20.14 -55.51
C THR E 181 -39.44 20.47 -56.09
N LEU E 182 -39.50 21.54 -56.88
CA LEU E 182 -40.71 21.93 -57.57
C LEU E 182 -40.40 22.27 -59.02
N SER E 183 -41.42 22.37 -59.85
CA SER E 183 -41.24 22.85 -61.22
C SER E 183 -41.14 24.37 -61.19
N LYS E 184 -40.59 24.95 -62.25
CA LYS E 184 -40.41 26.40 -62.31
C LYS E 184 -41.74 27.14 -62.18
N ALA E 185 -42.79 26.58 -62.76
CA ALA E 185 -44.12 27.19 -62.71
C ALA E 185 -44.66 27.21 -61.28
N ASP E 186 -44.59 26.06 -60.61
CA ASP E 186 -45.07 25.93 -59.25
C ASP E 186 -44.23 26.80 -58.32
N TYR E 187 -42.96 26.94 -58.66
CA TYR E 187 -42.07 27.78 -57.87
C TYR E 187 -42.43 29.23 -58.03
N GLU E 188 -42.86 29.60 -59.23
CA GLU E 188 -43.23 30.98 -59.52
C GLU E 188 -44.65 31.26 -59.09
N LYS E 189 -45.33 30.24 -58.59
CA LYS E 189 -46.69 30.42 -58.09
C LYS E 189 -46.68 31.02 -56.68
N HIS E 190 -45.60 30.78 -55.94
CA HIS E 190 -45.55 31.17 -54.54
C HIS E 190 -44.45 32.20 -54.22
N LYS E 191 -44.52 32.76 -53.01
CA LYS E 191 -43.61 33.83 -52.63
C LYS E 191 -42.69 33.46 -51.48
N VAL E 192 -43.28 33.08 -50.35
CA VAL E 192 -42.49 32.79 -49.16
C VAL E 192 -42.08 31.32 -49.08
N TYR E 193 -40.77 31.08 -49.02
CA TYR E 193 -40.27 29.71 -48.87
C TYR E 193 -39.50 29.62 -47.57
N ALA E 194 -39.91 28.69 -46.71
CA ALA E 194 -39.30 28.58 -45.39
C ALA E 194 -38.99 27.13 -45.01
N CYS E 195 -37.89 26.96 -44.30
CA CYS E 195 -37.56 25.65 -43.75
CA CYS E 195 -37.49 25.66 -43.76
C CYS E 195 -37.42 25.74 -42.24
N GLU E 196 -38.19 24.91 -41.56
CA GLU E 196 -38.28 24.92 -40.11
C GLU E 196 -37.60 23.68 -39.50
N VAL E 197 -36.67 23.93 -38.58
CA VAL E 197 -35.85 22.90 -37.99
C VAL E 197 -36.08 22.72 -36.49
N THR E 198 -36.47 21.52 -36.10
CA THR E 198 -36.58 21.16 -34.69
C THR E 198 -35.51 20.12 -34.34
N HIS E 199 -34.76 20.41 -33.29
CA HIS E 199 -33.66 19.56 -32.84
C HIS E 199 -33.53 19.66 -31.32
N GLN E 200 -32.92 18.65 -30.71
N GLN E 200 -32.91 18.65 -30.70
CA GLN E 200 -32.74 18.59 -29.27
CA GLN E 200 -32.78 18.63 -29.25
C GLN E 200 -31.95 19.80 -28.74
C GLN E 200 -31.88 19.73 -28.70
N GLY E 201 -31.00 20.26 -29.54
CA GLY E 201 -30.13 21.36 -29.15
C GLY E 201 -30.79 22.73 -29.27
N LEU E 202 -32.03 22.76 -29.72
CA LEU E 202 -32.78 24.00 -29.88
C LEU E 202 -33.91 24.13 -28.86
N SER E 203 -33.94 25.25 -28.14
CA SER E 203 -35.01 25.52 -27.20
C SER E 203 -36.33 25.77 -27.94
N SER E 204 -36.23 26.36 -29.13
CA SER E 204 -37.40 26.62 -29.97
C SER E 204 -37.06 26.36 -31.44
N PRO E 205 -38.07 25.93 -32.22
CA PRO E 205 -37.92 25.67 -33.66
C PRO E 205 -37.31 26.83 -34.44
N VAL E 206 -36.22 26.57 -35.16
CA VAL E 206 -35.56 27.62 -35.93
C VAL E 206 -36.07 27.67 -37.37
N THR E 207 -36.46 28.85 -37.84
CA THR E 207 -36.99 28.98 -39.19
C THR E 207 -36.13 29.87 -40.08
N LYS E 208 -35.63 29.31 -41.18
CA LYS E 208 -34.91 30.13 -42.16
C LYS E 208 -35.76 30.28 -43.42
N SER E 209 -35.95 31.51 -43.88
CA SER E 209 -36.85 31.74 -45.01
C SER E 209 -36.37 32.81 -45.98
N PHE E 210 -37.02 32.86 -47.14
CA PHE E 210 -36.74 33.90 -48.13
C PHE E 210 -37.97 34.13 -49.00
N ASN E 211 -38.01 35.30 -49.64
CA ASN E 211 -39.09 35.60 -50.58
C ASN E 211 -38.58 35.51 -52.00
N ARG E 212 -39.32 34.80 -52.85
CA ARG E 212 -38.89 34.56 -54.22
C ARG E 212 -38.78 35.88 -54.98
N GLY E 213 -37.57 36.19 -55.44
CA GLY E 213 -37.35 37.40 -56.23
C GLY E 213 -36.81 38.56 -55.42
N GLU E 214 -36.10 38.25 -54.34
CA GLU E 214 -35.54 39.29 -53.47
C GLU E 214 -34.07 39.02 -53.14
N GLN F 1 1.23 -11.71 -49.46
CA GLN F 1 -0.09 -11.38 -48.93
C GLN F 1 -1.17 -11.61 -49.99
N VAL F 2 -2.26 -12.26 -49.59
CA VAL F 2 -3.37 -12.51 -50.51
C VAL F 2 -4.08 -11.22 -50.88
N GLN F 3 -4.25 -11.00 -52.18
CA GLN F 3 -4.92 -9.81 -52.68
C GLN F 3 -5.96 -10.17 -53.73
N LEU F 4 -7.16 -9.61 -53.58
CA LEU F 4 -8.25 -9.87 -54.51
C LEU F 4 -8.58 -8.60 -55.27
N VAL F 5 -8.53 -8.66 -56.60
CA VAL F 5 -8.82 -7.50 -57.43
C VAL F 5 -9.98 -7.78 -58.38
N GLN F 6 -11.06 -7.02 -58.21
CA GLN F 6 -12.28 -7.23 -58.97
C GLN F 6 -12.36 -6.35 -60.21
N SER F 7 -13.31 -6.66 -61.08
CA SER F 7 -13.54 -5.91 -62.30
C SER F 7 -14.25 -4.59 -62.04
N GLY F 8 -14.27 -3.73 -63.06
CA GLY F 8 -14.86 -2.40 -62.94
C GLY F 8 -16.37 -2.39 -62.79
N ALA F 9 -16.91 -1.21 -62.51
CA ALA F 9 -18.34 -1.02 -62.30
C ALA F 9 -19.16 -1.37 -63.54
N GLU F 10 -20.41 -1.78 -63.32
CA GLU F 10 -21.29 -2.17 -64.42
C GLU F 10 -22.62 -1.44 -64.30
N VAL F 11 -23.16 -1.02 -65.44
CA VAL F 11 -24.47 -0.38 -65.48
C VAL F 11 -25.38 -1.24 -66.35
N LYS F 12 -26.44 -1.79 -65.76
CA LYS F 12 -27.28 -2.72 -66.50
C LYS F 12 -28.76 -2.34 -66.48
N ARG F 13 -29.50 -2.79 -67.50
CA ARG F 13 -30.95 -2.58 -67.55
C ARG F 13 -31.66 -3.78 -66.94
N PRO F 14 -32.88 -3.57 -66.42
CA PRO F 14 -33.64 -4.68 -65.84
C PRO F 14 -33.83 -5.84 -66.82
N GLY F 15 -33.53 -7.05 -66.36
CA GLY F 15 -33.72 -8.24 -67.17
C GLY F 15 -32.43 -8.79 -67.77
N SER F 16 -31.37 -7.99 -67.72
CA SER F 16 -30.09 -8.39 -68.30
C SER F 16 -29.27 -9.23 -67.33
N SER F 17 -28.04 -9.56 -67.73
CA SER F 17 -27.15 -10.34 -66.88
C SER F 17 -25.84 -9.61 -66.64
N VAL F 18 -25.28 -9.77 -65.44
CA VAL F 18 -24.01 -9.14 -65.11
C VAL F 18 -23.00 -10.22 -64.70
N THR F 19 -21.73 -9.99 -65.04
CA THR F 19 -20.68 -10.92 -64.67
C THR F 19 -19.49 -10.19 -64.05
N VAL F 20 -19.30 -10.37 -62.75
CA VAL F 20 -18.18 -9.74 -62.05
C VAL F 20 -17.03 -10.73 -61.86
N SER F 21 -15.81 -10.30 -62.18
CA SER F 21 -14.64 -11.16 -62.04
C SER F 21 -13.84 -10.81 -60.80
N CYS F 22 -13.08 -11.79 -60.30
CA CYS F 22 -12.25 -11.61 -59.10
C CYS F 22 -10.92 -12.33 -59.24
N LYS F 23 -9.86 -11.57 -59.47
CA LYS F 23 -8.52 -12.13 -59.65
C LYS F 23 -7.78 -12.22 -58.33
N ALA F 24 -7.35 -13.43 -57.98
CA ALA F 24 -6.62 -13.67 -56.73
C ALA F 24 -5.12 -13.71 -56.98
N SER F 25 -4.36 -13.10 -56.08
CA SER F 25 -2.90 -13.17 -56.16
C SER F 25 -2.29 -13.44 -54.78
N GLY F 26 -1.31 -14.33 -54.75
CA GLY F 26 -0.66 -14.74 -53.53
C GLY F 26 -1.42 -15.93 -52.97
N GLY F 27 -0.91 -16.50 -51.87
CA GLY F 27 -1.51 -17.70 -51.28
C GLY F 27 -1.91 -18.77 -52.30
N SER F 28 -2.69 -19.74 -51.84
CA SER F 28 -3.22 -20.73 -52.76
C SER F 28 -4.65 -20.34 -53.16
N PHE F 29 -5.04 -20.66 -54.39
CA PHE F 29 -6.35 -20.31 -54.92
C PHE F 29 -7.29 -21.52 -54.84
N SER F 30 -6.80 -22.66 -55.31
CA SER F 30 -7.61 -23.85 -55.50
C SER F 30 -8.25 -24.42 -54.22
N THR F 31 -7.59 -24.32 -53.08
CA THR F 31 -8.05 -25.04 -51.89
C THR F 31 -8.89 -24.21 -50.92
N TYR F 32 -9.02 -22.91 -51.16
CA TYR F 32 -9.79 -22.06 -50.25
C TYR F 32 -11.07 -21.50 -50.87
N ALA F 33 -12.11 -21.40 -50.05
CA ALA F 33 -13.42 -20.99 -50.49
C ALA F 33 -13.45 -19.51 -50.92
N LEU F 34 -14.02 -19.26 -52.09
CA LEU F 34 -14.19 -17.90 -52.58
C LEU F 34 -15.68 -17.58 -52.64
N SER F 35 -16.10 -16.63 -51.80
CA SER F 35 -17.50 -16.28 -51.69
C SER F 35 -17.78 -14.89 -52.26
N TRP F 36 -19.07 -14.60 -52.47
CA TRP F 36 -19.51 -13.30 -52.93
C TRP F 36 -20.50 -12.72 -51.92
N VAL F 37 -20.23 -11.51 -51.47
CA VAL F 37 -21.10 -10.83 -50.51
C VAL F 37 -21.45 -9.46 -51.05
N ARG F 38 -22.75 -9.20 -51.22
CA ARG F 38 -23.18 -7.91 -51.74
C ARG F 38 -23.72 -6.99 -50.65
N GLN F 39 -23.77 -5.70 -50.96
CA GLN F 39 -24.25 -4.69 -50.03
C GLN F 39 -24.95 -3.55 -50.77
N ALA F 40 -26.26 -3.47 -50.63
CA ALA F 40 -27.04 -2.39 -51.23
C ALA F 40 -26.74 -1.07 -50.52
N PRO F 41 -26.88 0.07 -51.23
CA PRO F 41 -26.63 1.39 -50.63
C PRO F 41 -27.44 1.61 -49.35
N GLY F 42 -26.74 1.83 -48.24
CA GLY F 42 -27.37 2.07 -46.96
C GLY F 42 -27.95 0.81 -46.33
N ARG F 43 -27.56 -0.34 -46.85
CA ARG F 43 -28.03 -1.63 -46.32
C ARG F 43 -26.88 -2.44 -45.75
N GLY F 44 -27.22 -3.65 -45.29
CA GLY F 44 -26.24 -4.51 -44.67
C GLY F 44 -25.59 -5.48 -45.63
N LEU F 45 -24.78 -6.38 -45.09
CA LEU F 45 -24.06 -7.37 -45.88
C LEU F 45 -24.97 -8.55 -46.20
N GLU F 46 -24.82 -9.11 -47.39
CA GLU F 46 -25.65 -10.23 -47.82
C GLU F 46 -24.82 -11.28 -48.55
N TRP F 47 -24.77 -12.48 -47.98
CA TRP F 47 -24.04 -13.59 -48.58
C TRP F 47 -24.80 -14.18 -49.76
N MET F 48 -24.15 -14.27 -50.91
CA MET F 48 -24.80 -14.78 -52.11
C MET F 48 -24.45 -16.23 -52.39
N GLY F 49 -23.17 -16.55 -52.25
CA GLY F 49 -22.69 -17.89 -52.55
C GLY F 49 -21.19 -18.03 -52.47
N GLY F 50 -20.68 -19.24 -52.65
CA GLY F 50 -19.25 -19.48 -52.59
C GLY F 50 -18.82 -20.68 -53.42
N VAL F 51 -17.53 -20.82 -53.62
CA VAL F 51 -17.00 -21.94 -54.40
C VAL F 51 -15.59 -22.34 -53.97
N ILE F 52 -15.39 -23.64 -53.81
CA ILE F 52 -14.04 -24.17 -53.63
C ILE F 52 -13.58 -24.69 -55.00
N PRO F 53 -12.64 -23.96 -55.63
CA PRO F 53 -12.13 -24.12 -56.99
C PRO F 53 -11.65 -25.52 -57.34
N LEU F 54 -10.92 -26.14 -56.43
CA LEU F 54 -10.28 -27.43 -56.69
C LEU F 54 -11.31 -28.53 -56.90
N LEU F 55 -12.35 -28.51 -56.09
CA LEU F 55 -13.34 -29.58 -56.12
C LEU F 55 -14.66 -29.11 -56.74
N THR F 56 -14.68 -27.83 -57.13
CA THR F 56 -15.87 -27.20 -57.70
C THR F 56 -17.03 -27.34 -56.73
N ILE F 57 -16.77 -27.07 -55.45
CA ILE F 57 -17.85 -27.17 -54.48
C ILE F 57 -18.52 -25.80 -54.37
N THR F 58 -19.71 -25.67 -54.97
CA THR F 58 -20.40 -24.38 -54.98
C THR F 58 -21.65 -24.38 -54.09
N ASN F 59 -21.85 -23.30 -53.34
CA ASN F 59 -23.05 -23.14 -52.54
C ASN F 59 -23.73 -21.80 -52.82
N TYR F 60 -24.97 -21.80 -53.28
CA TYR F 60 -25.64 -20.52 -53.57
C TYR F 60 -26.67 -20.24 -52.49
N ALA F 61 -26.95 -18.97 -52.24
CA ALA F 61 -28.01 -18.60 -51.30
C ALA F 61 -29.37 -18.79 -51.95
N PRO F 62 -30.33 -19.36 -51.21
CA PRO F 62 -31.68 -19.69 -51.70
C PRO F 62 -32.39 -18.54 -52.39
N ARG F 63 -32.08 -17.31 -52.00
CA ARG F 63 -32.73 -16.15 -52.59
C ARG F 63 -32.32 -15.99 -54.06
N PHE F 64 -31.15 -16.49 -54.40
CA PHE F 64 -30.62 -16.29 -55.76
C PHE F 64 -30.65 -17.53 -56.64
N GLN F 65 -31.07 -18.66 -56.08
CA GLN F 65 -31.13 -19.92 -56.83
C GLN F 65 -32.00 -19.80 -58.09
N GLY F 66 -31.34 -19.88 -59.24
CA GLY F 66 -32.04 -19.78 -60.52
C GLY F 66 -31.48 -18.64 -61.34
N ARG F 67 -30.92 -17.65 -60.65
CA ARG F 67 -30.35 -16.48 -61.30
C ARG F 67 -28.83 -16.39 -61.20
N ILE F 68 -28.25 -17.21 -60.33
CA ILE F 68 -26.83 -17.07 -59.99
C ILE F 68 -25.98 -18.23 -60.48
N THR F 69 -24.76 -17.90 -60.91
CA THR F 69 -23.78 -18.90 -61.32
C THR F 69 -22.37 -18.46 -60.92
N ILE F 70 -21.78 -19.18 -59.97
CA ILE F 70 -20.44 -18.86 -59.51
C ILE F 70 -19.41 -19.89 -60.00
N THR F 71 -18.38 -19.43 -60.69
CA THR F 71 -17.39 -20.33 -61.25
C THR F 71 -15.96 -19.99 -60.83
N ALA F 72 -15.03 -20.92 -61.01
CA ALA F 72 -13.63 -20.68 -60.67
C ALA F 72 -12.69 -21.21 -61.75
N ASP F 73 -11.84 -20.33 -62.25
CA ASP F 73 -10.83 -20.69 -63.24
C ASP F 73 -9.44 -20.76 -62.59
N ARG F 74 -8.96 -21.98 -62.39
CA ARG F 74 -7.69 -22.20 -61.71
C ARG F 74 -6.49 -21.90 -62.58
N SER F 75 -6.72 -21.87 -63.90
CA SER F 75 -5.66 -21.58 -64.84
C SER F 75 -5.29 -20.10 -64.78
N THR F 76 -6.24 -19.29 -64.31
CA THR F 76 -6.03 -17.85 -64.20
C THR F 76 -6.21 -17.37 -62.76
N SER F 77 -6.49 -18.30 -61.87
CA SER F 77 -6.76 -18.00 -60.46
C SER F 77 -7.84 -16.92 -60.31
N THR F 78 -8.94 -17.08 -61.04
CA THR F 78 -9.99 -16.05 -61.06
C THR F 78 -11.39 -16.61 -60.88
N ALA F 79 -12.12 -16.10 -59.89
CA ALA F 79 -13.50 -16.51 -59.67
C ALA F 79 -14.46 -15.57 -60.39
N TYR F 80 -15.67 -16.04 -60.66
CA TYR F 80 -16.66 -15.27 -61.39
C TYR F 80 -18.05 -15.40 -60.77
N LEU F 81 -18.73 -14.25 -60.65
CA LEU F 81 -20.13 -14.21 -60.23
C LEU F 81 -21.02 -13.75 -61.39
N GLU F 82 -21.97 -14.59 -61.80
CA GLU F 82 -22.90 -14.19 -62.84
C GLU F 82 -24.33 -14.14 -62.30
N LEU F 83 -24.96 -12.98 -62.45
CA LEU F 83 -26.34 -12.79 -61.99
C LEU F 83 -27.26 -12.38 -63.15
N ASN F 84 -28.25 -13.21 -63.45
CA ASN F 84 -29.17 -12.96 -64.55
C ASN F 84 -30.48 -12.36 -64.05
N SER F 85 -31.31 -11.89 -64.98
CA SER F 85 -32.62 -11.33 -64.67
C SER F 85 -32.51 -10.23 -63.62
N LEU F 86 -31.59 -9.30 -63.88
CA LEU F 86 -31.30 -8.23 -62.94
C LEU F 86 -32.50 -7.34 -62.70
N ARG F 87 -32.68 -6.94 -61.45
CA ARG F 87 -33.78 -6.06 -61.06
C ARG F 87 -33.17 -4.86 -60.32
N PRO F 88 -33.91 -3.74 -60.24
CA PRO F 88 -33.39 -2.55 -59.58
C PRO F 88 -32.88 -2.80 -58.16
N GLU F 89 -33.44 -3.78 -57.47
CA GLU F 89 -33.02 -4.08 -56.10
C GLU F 89 -31.72 -4.89 -56.07
N ASP F 90 -31.21 -5.23 -57.25
CA ASP F 90 -29.91 -5.89 -57.36
C ASP F 90 -28.81 -4.85 -57.41
N THR F 91 -29.21 -3.58 -57.45
CA THR F 91 -28.26 -2.47 -57.44
C THR F 91 -27.51 -2.47 -56.12
N ALA F 92 -26.22 -2.79 -56.17
CA ALA F 92 -25.43 -2.91 -54.95
C ALA F 92 -23.94 -2.94 -55.23
N VAL F 93 -23.16 -2.96 -54.15
CA VAL F 93 -21.73 -3.18 -54.27
C VAL F 93 -21.42 -4.65 -54.02
N TYR F 94 -20.82 -5.30 -55.00
CA TYR F 94 -20.53 -6.74 -54.93
C TYR F 94 -19.08 -7.02 -54.58
N TYR F 95 -18.88 -7.65 -53.43
CA TYR F 95 -17.55 -8.02 -52.94
C TYR F 95 -17.27 -9.50 -53.18
N CYS F 96 -16.02 -9.82 -53.49
CA CYS F 96 -15.56 -11.20 -53.41
C CYS F 96 -14.66 -11.31 -52.18
N ALA F 97 -14.83 -12.40 -51.43
CA ALA F 97 -14.03 -12.62 -50.23
C ALA F 97 -13.48 -14.04 -50.16
N ARG F 98 -12.23 -14.17 -49.73
CA ARG F 98 -11.63 -15.48 -49.53
C ARG F 98 -11.42 -15.73 -48.04
N GLU F 99 -11.65 -16.97 -47.62
CA GLU F 99 -11.44 -17.37 -46.25
C GLU F 99 -9.98 -17.36 -45.86
N GLY F 100 -9.74 -17.11 -44.58
CA GLY F 100 -8.40 -17.02 -44.04
C GLY F 100 -7.85 -18.36 -43.63
N THR F 101 -6.61 -18.37 -43.17
CA THR F 101 -5.97 -19.60 -42.74
C THR F 101 -5.23 -19.37 -41.42
N THR F 102 -4.62 -20.44 -40.90
CA THR F 102 -3.85 -20.37 -39.67
C THR F 102 -2.41 -20.65 -40.02
N GLY F 103 -2.24 -21.50 -41.01
CA GLY F 103 -0.94 -21.83 -41.53
C GLY F 103 -0.63 -20.82 -42.62
N TRP F 104 0.27 -21.18 -43.52
CA TRP F 104 0.63 -20.29 -44.61
C TRP F 104 0.68 -21.12 -45.88
N GLY F 105 0.39 -20.51 -47.01
CA GLY F 105 0.44 -21.25 -48.26
C GLY F 105 -0.81 -22.08 -48.40
N TRP F 106 -0.63 -23.34 -48.79
CA TRP F 106 -1.75 -24.24 -49.05
C TRP F 106 -2.14 -25.09 -47.83
N LEU F 107 -1.25 -25.20 -46.84
CA LEU F 107 -1.54 -26.05 -45.68
C LEU F 107 -0.62 -25.81 -44.47
N GLY F 108 -1.11 -25.05 -43.48
CA GLY F 108 -2.35 -24.33 -43.58
C GLY F 108 -3.64 -25.04 -43.19
N LYS F 109 -4.52 -24.30 -42.51
CA LYS F 109 -5.83 -24.77 -42.08
C LYS F 109 -6.85 -23.65 -42.28
N PRO F 110 -7.92 -23.92 -43.05
CA PRO F 110 -8.93 -22.89 -43.34
C PRO F 110 -9.77 -22.52 -42.12
N ILE F 111 -10.12 -21.25 -42.01
CA ILE F 111 -10.86 -20.77 -40.84
C ILE F 111 -12.32 -20.46 -41.14
N GLY F 112 -12.69 -20.48 -42.41
CA GLY F 112 -14.07 -20.29 -42.79
C GLY F 112 -14.47 -18.83 -42.93
N ALA F 113 -14.11 -18.03 -41.94
CA ALA F 113 -14.44 -16.60 -41.94
C ALA F 113 -13.69 -15.86 -43.05
N PHE F 114 -14.35 -14.84 -43.59
CA PHE F 114 -13.82 -14.07 -44.72
C PHE F 114 -12.71 -13.12 -44.28
N ALA F 115 -11.46 -13.57 -44.43
CA ALA F 115 -10.32 -12.77 -44.00
C ALA F 115 -9.75 -11.88 -45.10
N HIS F 116 -10.04 -12.21 -46.35
CA HIS F 116 -9.52 -11.41 -47.47
C HIS F 116 -10.65 -10.87 -48.34
N TRP F 117 -10.58 -9.58 -48.68
CA TRP F 117 -11.66 -8.95 -49.44
C TRP F 117 -11.19 -8.22 -50.69
N GLY F 118 -12.06 -8.17 -51.69
CA GLY F 118 -11.79 -7.38 -52.88
C GLY F 118 -12.19 -5.93 -52.65
N GLN F 119 -11.95 -5.07 -53.62
CA GLN F 119 -12.28 -3.66 -53.45
C GLN F 119 -13.75 -3.40 -53.72
N GLY F 120 -14.45 -4.40 -54.25
CA GLY F 120 -15.86 -4.27 -54.54
C GLY F 120 -16.13 -3.80 -55.96
N THR F 121 -17.32 -4.14 -56.46
CA THR F 121 -17.73 -3.77 -57.80
C THR F 121 -19.13 -3.17 -57.77
N LEU F 122 -19.26 -1.91 -58.15
CA LEU F 122 -20.57 -1.27 -58.16
C LEU F 122 -21.40 -1.74 -59.35
N VAL F 123 -22.52 -2.39 -59.06
CA VAL F 123 -23.45 -2.81 -60.10
C VAL F 123 -24.76 -2.06 -59.94
N THR F 124 -25.08 -1.22 -60.91
CA THR F 124 -26.30 -0.42 -60.89
C THR F 124 -27.32 -0.91 -61.91
N VAL F 125 -28.48 -1.34 -61.42
CA VAL F 125 -29.56 -1.79 -62.30
C VAL F 125 -30.70 -0.79 -62.34
N SER F 126 -30.91 -0.19 -63.51
CA SER F 126 -31.96 0.81 -63.68
C SER F 126 -32.42 0.93 -65.12
N SER F 127 -33.56 1.57 -65.33
CA SER F 127 -34.06 1.81 -66.68
C SER F 127 -33.53 3.14 -67.20
N ALA F 128 -32.91 3.90 -66.30
CA ALA F 128 -32.39 5.21 -66.63
C ALA F 128 -31.16 5.13 -67.53
N SER F 129 -30.91 6.20 -68.28
CA SER F 129 -29.72 6.26 -69.13
C SER F 129 -28.64 7.06 -68.43
N THR F 130 -27.38 6.77 -68.77
CA THR F 130 -26.25 7.49 -68.22
C THR F 130 -26.32 8.96 -68.65
N LYS F 131 -26.30 9.86 -67.68
CA LYS F 131 -26.36 11.28 -67.98
C LYS F 131 -25.46 12.06 -67.03
N GLY F 132 -24.76 13.05 -67.55
CA GLY F 132 -23.94 13.93 -66.74
C GLY F 132 -24.79 14.86 -65.89
N PRO F 133 -24.24 15.28 -64.74
CA PRO F 133 -24.98 16.14 -63.81
C PRO F 133 -24.98 17.60 -64.22
N SER F 134 -26.00 18.33 -63.79
CA SER F 134 -26.00 19.78 -63.87
C SER F 134 -25.53 20.34 -62.54
N VAL F 135 -24.56 21.24 -62.58
CA VAL F 135 -24.01 21.80 -61.35
C VAL F 135 -24.49 23.23 -61.16
N PHE F 136 -25.38 23.43 -60.19
CA PHE F 136 -25.93 24.76 -59.95
C PHE F 136 -25.32 25.38 -58.69
N PRO F 137 -25.18 26.71 -58.66
CA PRO F 137 -24.56 27.30 -57.47
C PRO F 137 -25.52 27.51 -56.31
N LEU F 138 -25.14 26.99 -55.15
CA LEU F 138 -25.80 27.32 -53.89
C LEU F 138 -25.10 28.55 -53.31
N ALA F 139 -25.54 29.72 -53.77
CA ALA F 139 -24.90 30.99 -53.45
C ALA F 139 -25.01 31.37 -51.99
N PRO F 140 -23.95 32.00 -51.45
CA PRO F 140 -23.95 32.44 -50.05
C PRO F 140 -25.05 33.46 -49.81
N SER F 141 -25.74 33.34 -48.68
CA SER F 141 -26.87 34.22 -48.39
C SER F 141 -26.45 35.68 -48.33
N SER F 142 -27.28 36.54 -48.92
CA SER F 142 -27.04 37.97 -48.97
C SER F 142 -27.40 38.67 -47.67
N LYS F 143 -27.62 37.87 -46.62
CA LYS F 143 -27.93 38.38 -45.30
C LYS F 143 -27.06 37.65 -44.28
N SER F 144 -25.89 37.21 -44.75
CA SER F 144 -24.94 36.48 -43.94
C SER F 144 -24.42 37.36 -42.80
N THR F 145 -24.30 36.77 -41.61
CA THR F 145 -23.85 37.49 -40.43
C THR F 145 -22.46 38.08 -40.69
N SER F 146 -22.39 39.41 -40.78
CA SER F 146 -21.14 40.10 -41.05
C SER F 146 -20.10 39.72 -40.00
N GLY F 147 -18.98 39.17 -40.45
CA GLY F 147 -17.90 38.82 -39.55
C GLY F 147 -18.10 37.52 -38.81
N GLY F 148 -18.97 36.66 -39.36
CA GLY F 148 -19.23 35.38 -38.74
C GLY F 148 -19.01 34.28 -39.74
N THR F 149 -20.00 33.40 -39.88
CA THR F 149 -19.88 32.27 -40.78
C THR F 149 -20.99 32.29 -41.83
N ALA F 150 -20.60 32.03 -43.07
CA ALA F 150 -21.54 31.96 -44.18
C ALA F 150 -21.40 30.60 -44.85
N ALA F 151 -22.51 30.08 -45.35
CA ALA F 151 -22.48 28.78 -46.00
C ALA F 151 -22.75 28.93 -47.49
N LEU F 152 -21.98 28.22 -48.30
CA LEU F 152 -22.18 28.21 -49.74
C LEU F 152 -21.99 26.78 -50.23
N GLY F 153 -22.19 26.54 -51.52
CA GLY F 153 -21.95 25.22 -52.06
C GLY F 153 -22.42 25.04 -53.49
N CYS F 154 -22.54 23.79 -53.92
CA CYS F 154 -23.04 23.44 -55.25
CA CYS F 154 -23.13 23.52 -55.22
C CYS F 154 -24.07 22.31 -55.19
N LEU F 155 -25.06 22.38 -56.07
CA LEU F 155 -26.05 21.34 -56.24
C LEU F 155 -25.74 20.51 -57.49
N VAL F 156 -25.34 19.26 -57.26
CA VAL F 156 -25.06 18.33 -58.34
C VAL F 156 -26.34 17.53 -58.62
N LYS F 157 -27.08 17.96 -59.63
CA LYS F 157 -28.43 17.44 -59.86
C LYS F 157 -28.58 16.61 -61.14
N ASP F 158 -29.40 15.57 -61.04
CA ASP F 158 -29.81 14.75 -62.18
C ASP F 158 -28.63 14.09 -62.89
N TYR F 159 -28.05 13.06 -62.28
CA TYR F 159 -27.01 12.30 -62.94
C TYR F 159 -27.21 10.80 -62.74
N PHE F 160 -26.56 10.02 -63.60
CA PHE F 160 -26.64 8.56 -63.54
C PHE F 160 -25.47 7.92 -64.28
N PRO F 161 -24.87 6.89 -63.67
CA PRO F 161 -25.17 6.46 -62.31
C PRO F 161 -24.17 7.02 -61.31
N GLU F 162 -24.13 6.43 -60.12
CA GLU F 162 -23.09 6.76 -59.15
C GLU F 162 -21.74 6.27 -59.68
N PRO F 163 -20.63 6.87 -59.20
CA PRO F 163 -20.57 7.97 -58.23
C PRO F 163 -20.17 9.31 -58.84
N VAL F 164 -20.17 10.34 -58.01
CA VAL F 164 -19.63 11.65 -58.37
C VAL F 164 -18.69 12.10 -57.27
N THR F 165 -17.61 12.77 -57.66
CA THR F 165 -16.68 13.32 -56.68
C THR F 165 -16.75 14.84 -56.72
N VAL F 166 -16.80 15.47 -55.55
CA VAL F 166 -16.80 16.93 -55.49
C VAL F 166 -15.66 17.42 -54.60
N SER F 167 -14.86 18.34 -55.14
CA SER F 167 -13.83 18.99 -54.33
C SER F 167 -14.04 20.50 -54.33
N TRP F 168 -13.23 21.22 -53.58
CA TRP F 168 -13.34 22.67 -53.52
C TRP F 168 -11.99 23.35 -53.70
N ASN F 169 -11.94 24.34 -54.60
CA ASN F 169 -10.72 25.03 -54.97
C ASN F 169 -9.63 24.05 -55.38
N SER F 170 -10.02 23.05 -56.17
CA SER F 170 -9.10 22.04 -56.68
C SER F 170 -8.40 21.28 -55.57
N GLY F 171 -9.11 21.05 -54.47
CA GLY F 171 -8.61 20.28 -53.36
C GLY F 171 -7.89 21.10 -52.30
N ALA F 172 -7.76 22.39 -52.56
CA ALA F 172 -7.08 23.30 -51.63
C ALA F 172 -7.96 23.62 -50.42
N LEU F 173 -9.27 23.55 -50.61
CA LEU F 173 -10.22 23.85 -49.55
C LEU F 173 -10.91 22.58 -49.02
N THR F 174 -10.58 22.19 -47.79
CA THR F 174 -11.13 20.97 -47.22
C THR F 174 -11.81 21.21 -45.87
N SER F 175 -11.36 22.22 -45.12
CA SER F 175 -11.93 22.49 -43.81
C SER F 175 -13.35 23.01 -43.91
N GLY F 176 -14.27 22.31 -43.25
CA GLY F 176 -15.67 22.73 -43.23
C GLY F 176 -16.48 22.25 -44.41
N VAL F 177 -15.91 21.33 -45.19
CA VAL F 177 -16.59 20.80 -46.36
C VAL F 177 -17.47 19.59 -46.03
N HIS F 178 -18.72 19.66 -46.45
CA HIS F 178 -19.66 18.56 -46.29
C HIS F 178 -20.26 18.16 -47.64
N THR F 179 -19.84 17.01 -48.18
CA THR F 179 -20.45 16.47 -49.38
C THR F 179 -21.45 15.39 -49.00
N PHE F 180 -22.74 15.68 -49.18
CA PHE F 180 -23.78 14.76 -48.72
C PHE F 180 -23.94 13.56 -49.64
N PRO F 181 -24.35 12.42 -49.06
CA PRO F 181 -24.68 11.23 -49.84
C PRO F 181 -25.79 11.52 -50.83
N ALA F 182 -25.69 10.94 -52.02
CA ALA F 182 -26.68 11.19 -53.06
C ALA F 182 -28.00 10.52 -52.74
N VAL F 183 -29.09 11.17 -53.13
CA VAL F 183 -30.40 10.55 -53.02
C VAL F 183 -30.87 10.16 -54.41
N LEU F 184 -31.61 9.07 -54.49
CA LEU F 184 -32.15 8.62 -55.78
C LEU F 184 -33.55 9.19 -55.99
N GLN F 185 -33.66 10.14 -56.89
CA GLN F 185 -34.93 10.77 -57.18
C GLN F 185 -35.88 9.81 -57.88
N SER F 186 -37.16 10.15 -57.90
CA SER F 186 -38.18 9.30 -58.51
C SER F 186 -38.01 9.22 -60.03
N SER F 187 -37.27 10.17 -60.59
CA SER F 187 -37.02 10.18 -62.03
C SER F 187 -35.99 9.12 -62.39
N GLY F 188 -35.34 8.56 -61.39
CA GLY F 188 -34.33 7.54 -61.60
C GLY F 188 -32.94 8.15 -61.66
N LEU F 189 -32.87 9.46 -61.50
CA LEU F 189 -31.61 10.17 -61.53
C LEU F 189 -31.15 10.52 -60.12
N TYR F 190 -29.84 10.56 -59.91
CA TYR F 190 -29.28 10.90 -58.61
C TYR F 190 -29.09 12.40 -58.46
N SER F 191 -28.98 12.85 -57.21
CA SER F 191 -28.74 14.25 -56.92
C SER F 191 -28.17 14.40 -55.52
N LEU F 192 -27.12 15.20 -55.39
CA LEU F 192 -26.57 15.52 -54.08
C LEU F 192 -26.16 16.99 -53.98
N SER F 193 -25.79 17.39 -52.77
CA SER F 193 -25.31 18.75 -52.54
C SER F 193 -23.98 18.73 -51.81
N SER F 194 -23.10 19.66 -52.17
CA SER F 194 -21.83 19.80 -51.47
C SER F 194 -21.72 21.21 -50.93
N VAL F 195 -21.69 21.34 -49.60
CA VAL F 195 -21.63 22.66 -48.98
C VAL F 195 -20.32 22.88 -48.24
N VAL F 196 -20.07 24.13 -47.88
CA VAL F 196 -18.89 24.51 -47.11
C VAL F 196 -19.18 25.82 -46.37
N THR F 197 -18.70 25.91 -45.14
CA THR F 197 -18.87 27.11 -44.34
C THR F 197 -17.53 27.85 -44.27
N VAL F 198 -17.58 29.15 -44.56
CA VAL F 198 -16.39 29.98 -44.61
C VAL F 198 -16.63 31.28 -43.86
N PRO F 199 -15.55 32.00 -43.50
CA PRO F 199 -15.75 33.33 -42.91
C PRO F 199 -16.48 34.26 -43.87
N SER F 200 -17.41 35.06 -43.35
CA SER F 200 -18.19 35.96 -44.19
C SER F 200 -17.30 37.04 -44.80
N SER F 201 -16.27 37.42 -44.05
CA SER F 201 -15.37 38.49 -44.45
C SER F 201 -14.60 38.11 -45.72
N SER F 202 -14.49 36.81 -45.95
CA SER F 202 -13.72 36.32 -47.08
C SER F 202 -14.56 36.31 -48.35
N LEU F 203 -15.87 36.51 -48.22
CA LEU F 203 -16.75 36.41 -49.37
C LEU F 203 -16.40 37.39 -50.49
N GLY F 204 -15.86 38.55 -50.13
CA GLY F 204 -15.54 39.56 -51.12
C GLY F 204 -14.14 39.48 -51.72
N THR F 205 -13.30 38.63 -51.14
CA THR F 205 -11.91 38.50 -51.58
C THR F 205 -11.60 37.10 -52.12
N GLN F 206 -12.07 36.08 -51.41
CA GLN F 206 -11.73 34.69 -51.72
C GLN F 206 -12.60 34.11 -52.84
N THR F 207 -11.97 33.37 -53.75
CA THR F 207 -12.72 32.70 -54.81
C THR F 207 -13.06 31.26 -54.43
N TYR F 208 -14.34 30.92 -54.52
CA TYR F 208 -14.77 29.56 -54.20
C TYR F 208 -15.34 28.87 -55.44
N ILE F 209 -14.69 27.78 -55.84
CA ILE F 209 -15.10 27.02 -57.02
C ILE F 209 -15.24 25.54 -56.66
N CYS F 210 -16.40 24.95 -56.93
CA CYS F 210 -16.60 23.53 -56.70
CA CYS F 210 -16.56 23.53 -56.69
C CYS F 210 -16.22 22.74 -57.95
N ASN F 211 -15.41 21.69 -57.76
CA ASN F 211 -15.01 20.82 -58.86
C ASN F 211 -15.78 19.51 -58.82
N VAL F 212 -16.72 19.39 -59.76
CA VAL F 212 -17.57 18.21 -59.86
C VAL F 212 -17.08 17.28 -60.95
N ASN F 213 -16.87 16.02 -60.59
CA ASN F 213 -16.35 15.04 -61.53
C ASN F 213 -17.24 13.80 -61.57
N HIS F 214 -17.79 13.51 -62.74
CA HIS F 214 -18.64 12.34 -62.96
C HIS F 214 -18.07 11.45 -64.06
N LYS F 215 -17.23 10.51 -63.65
CA LYS F 215 -16.57 9.58 -64.56
C LYS F 215 -17.51 8.74 -65.44
N PRO F 216 -18.61 8.21 -64.88
CA PRO F 216 -19.46 7.36 -65.73
C PRO F 216 -20.04 8.04 -66.97
N SER F 217 -20.07 9.36 -66.99
CA SER F 217 -20.64 10.08 -68.13
C SER F 217 -19.61 11.00 -68.76
N ASN F 218 -18.36 10.86 -68.32
CA ASN F 218 -17.26 11.68 -68.81
C ASN F 218 -17.50 13.17 -68.60
N THR F 219 -18.21 13.51 -67.54
CA THR F 219 -18.54 14.91 -67.28
C THR F 219 -17.61 15.50 -66.22
N LYS F 220 -17.11 16.70 -66.48
CA LYS F 220 -16.29 17.42 -65.51
C LYS F 220 -16.63 18.90 -65.51
N VAL F 221 -17.20 19.38 -64.42
CA VAL F 221 -17.66 20.76 -64.34
C VAL F 221 -17.02 21.53 -63.17
N ASP F 222 -16.36 22.63 -63.50
CA ASP F 222 -15.85 23.54 -62.48
C ASP F 222 -16.79 24.74 -62.36
N LYS F 223 -17.52 24.80 -61.26
CA LYS F 223 -18.52 25.85 -61.10
C LYS F 223 -18.07 26.88 -60.08
N LYS F 224 -18.08 28.15 -60.48
CA LYS F 224 -17.71 29.22 -59.56
C LYS F 224 -18.93 29.66 -58.77
N VAL F 225 -18.78 29.69 -57.45
CA VAL F 225 -19.86 30.10 -56.56
C VAL F 225 -19.58 31.49 -56.00
N GLU F 226 -20.50 32.41 -56.26
CA GLU F 226 -20.34 33.79 -55.84
C GLU F 226 -21.65 34.39 -55.32
N PRO F 227 -21.56 35.41 -54.44
CA PRO F 227 -22.73 36.12 -53.92
C PRO F 227 -23.61 36.67 -55.04
N LYS F 228 -24.92 36.47 -54.92
CA LYS F 228 -25.86 36.91 -55.95
C LYS F 228 -26.13 38.41 -55.87
N GLU G 1 21.11 31.32 45.07
CA GLU G 1 20.40 30.07 45.28
C GLU G 1 19.37 29.85 44.17
N ILE G 2 19.45 28.69 43.52
CA ILE G 2 18.51 28.37 42.45
C ILE G 2 17.21 27.77 42.99
N VAL G 3 16.10 28.43 42.68
CA VAL G 3 14.79 27.97 43.12
C VAL G 3 14.04 27.29 41.99
N LEU G 4 13.67 26.03 42.20
CA LEU G 4 12.88 25.30 41.21
C LEU G 4 11.41 25.37 41.55
N THR G 5 10.61 25.76 40.58
CA THR G 5 9.17 25.85 40.75
C THR G 5 8.49 24.89 39.81
N GLN G 6 7.81 23.89 40.36
CA GLN G 6 7.13 22.92 39.53
C GLN G 6 5.67 23.31 39.32
N SER G 7 5.19 23.08 38.11
CA SER G 7 3.83 23.42 37.74
C SER G 7 3.20 22.33 36.88
N PRO G 8 1.93 22.00 37.14
CA PRO G 8 1.14 22.59 38.23
C PRO G 8 1.36 21.86 39.55
N GLY G 9 0.64 22.24 40.60
CA GLY G 9 0.75 21.56 41.87
C GLY G 9 0.18 20.15 41.83
N THR G 10 -1.07 20.05 41.38
CA THR G 10 -1.73 18.76 41.24
C THR G 10 -2.23 18.62 39.81
N GLN G 11 -2.06 17.44 39.24
CA GLN G 11 -2.46 17.16 37.87
C GLN G 11 -3.40 15.97 37.80
N SER G 12 -4.66 16.23 37.45
CA SER G 12 -5.68 15.19 37.40
C SER G 12 -5.88 14.69 35.98
N LEU G 13 -5.52 13.43 35.73
CA LEU G 13 -5.62 12.85 34.39
C LEU G 13 -6.17 11.44 34.41
N SER G 14 -6.70 10.99 33.26
CA SER G 14 -7.24 9.64 33.13
C SER G 14 -6.14 8.67 32.72
N PRO G 15 -6.28 7.39 33.11
CA PRO G 15 -5.30 6.38 32.68
C PRO G 15 -5.23 6.32 31.16
N GLY G 16 -4.02 6.26 30.61
CA GLY G 16 -3.83 6.23 29.18
C GLY G 16 -3.55 7.59 28.58
N GLU G 17 -3.80 8.64 29.37
CA GLU G 17 -3.61 10.01 28.91
C GLU G 17 -2.15 10.47 29.01
N ARG G 18 -1.85 11.60 28.39
N ARG G 18 -1.83 11.57 28.35
CA ARG G 18 -0.48 12.15 28.32
CA ARG G 18 -0.47 12.10 28.35
C ARG G 18 -0.21 13.24 29.35
C ARG G 18 -0.29 13.15 29.43
N ALA G 19 0.80 13.03 30.20
CA ALA G 19 1.11 13.98 31.25
C ALA G 19 2.36 14.80 30.95
N THR G 20 2.27 16.12 31.12
CA THR G 20 3.44 16.99 30.95
C THR G 20 3.62 17.85 32.21
N LEU G 21 4.75 17.66 32.88
CA LEU G 21 5.07 18.37 34.12
C LEU G 21 6.17 19.40 33.86
N SER G 22 6.02 20.58 34.44
CA SER G 22 6.97 21.66 34.19
C SER G 22 7.85 21.98 35.40
N CYS G 23 9.12 22.26 35.12
CA CYS G 23 10.06 22.72 36.13
C CYS G 23 10.73 24.00 35.66
N ARG G 24 10.52 25.07 36.42
CA ARG G 24 11.05 26.39 36.07
C ARG G 24 12.08 26.88 37.06
N ALA G 25 13.29 27.14 36.57
CA ALA G 25 14.40 27.58 37.43
C ALA G 25 14.49 29.10 37.53
N SER G 26 14.87 29.59 38.71
CA SER G 26 15.01 31.03 38.94
C SER G 26 16.15 31.60 38.10
N GLN G 27 17.20 30.81 37.91
CA GLN G 27 18.29 31.18 37.03
C GLN G 27 18.73 29.97 36.21
N SER G 28 19.54 30.20 35.18
CA SER G 28 19.94 29.16 34.26
C SER G 28 20.71 28.00 34.92
N VAL G 29 20.22 26.78 34.71
CA VAL G 29 20.84 25.57 35.24
C VAL G 29 22.02 25.12 34.39
N GLY G 30 23.23 25.39 34.87
CA GLY G 30 24.45 25.03 34.17
C GLY G 30 24.51 23.57 33.73
N ASN G 31 25.02 23.35 32.52
CA ASN G 31 25.21 21.99 31.99
C ASN G 31 23.97 21.13 31.82
N ASN G 32 22.81 21.66 32.20
CA ASN G 32 21.53 20.95 32.09
C ASN G 32 21.42 19.91 33.18
N LYS G 33 22.13 20.14 34.29
CA LYS G 33 22.15 19.23 35.43
C LYS G 33 20.77 19.22 36.08
N LEU G 34 19.79 18.68 35.39
CA LEU G 34 18.42 18.64 35.87
C LEU G 34 17.93 17.20 35.93
N ALA G 35 17.31 16.82 37.04
CA ALA G 35 16.87 15.44 37.24
C ALA G 35 15.41 15.35 37.63
N TRP G 36 14.77 14.25 37.24
CA TRP G 36 13.39 13.97 37.60
C TRP G 36 13.31 12.68 38.39
N TYR G 37 12.64 12.79 39.54
CA TYR G 37 12.44 11.67 40.46
C TYR G 37 10.97 11.37 40.63
N GLN G 38 10.65 10.10 40.82
CA GLN G 38 9.28 9.67 41.13
C GLN G 38 9.23 9.09 42.53
N GLN G 39 8.16 9.40 43.27
CA GLN G 39 7.98 8.84 44.60
C GLN G 39 6.54 8.39 44.82
N ARG G 40 6.40 7.15 45.27
CA ARG G 40 5.10 6.59 45.63
C ARG G 40 4.95 6.61 47.14
N PRO G 41 3.70 6.63 47.64
CA PRO G 41 3.45 6.65 49.08
C PRO G 41 4.14 5.50 49.81
N GLY G 42 4.95 5.83 50.82
CA GLY G 42 5.59 4.82 51.64
C GLY G 42 6.91 4.35 51.07
N GLN G 43 7.30 4.90 49.93
CA GLN G 43 8.52 4.49 49.25
C GLN G 43 9.53 5.62 49.09
N ALA G 44 10.77 5.24 48.81
CA ALA G 44 11.83 6.19 48.54
C ALA G 44 11.73 6.71 47.11
N PRO G 45 12.26 7.91 46.85
CA PRO G 45 12.27 8.44 45.48
C PRO G 45 13.03 7.54 44.50
N ARG G 46 12.64 7.59 43.24
CA ARG G 46 13.31 6.81 42.21
C ARG G 46 13.72 7.72 41.04
N LEU G 47 14.99 7.66 40.66
CA LEU G 47 15.50 8.49 39.57
C LEU G 47 14.90 8.10 38.22
N LEU G 48 14.21 9.03 37.59
CA LEU G 48 13.64 8.80 36.26
C LEU G 48 14.49 9.41 35.16
N ILE G 49 14.90 10.67 35.36
CA ILE G 49 15.67 11.37 34.33
C ILE G 49 16.86 12.12 34.92
N TYR G 50 17.99 12.13 34.21
CA TYR G 50 19.11 12.98 34.60
C TYR G 50 19.71 13.67 33.38
N GLY G 51 20.40 14.78 33.62
CA GLY G 51 20.98 15.57 32.54
C GLY G 51 19.90 16.08 31.61
N ALA G 52 18.76 16.41 32.20
CA ALA G 52 17.57 16.94 31.52
C ALA G 52 16.86 15.96 30.59
N SER G 53 17.59 15.01 29.99
CA SER G 53 16.97 14.12 29.01
C SER G 53 17.41 12.66 29.09
N SER G 54 18.55 12.39 29.69
CA SER G 54 19.07 11.02 29.74
C SER G 54 18.23 10.13 30.65
N ARG G 55 18.06 8.88 30.27
CA ARG G 55 17.22 7.96 31.01
C ARG G 55 18.01 6.74 31.48
N PRO G 56 18.03 6.51 32.81
CA PRO G 56 18.71 5.36 33.43
C PRO G 56 18.12 4.03 32.98
N SER G 57 18.90 2.96 33.13
CA SER G 57 18.41 1.63 32.82
C SER G 57 17.31 1.21 33.79
N GLY G 58 16.24 0.62 33.27
CA GLY G 58 15.15 0.19 34.11
C GLY G 58 13.94 1.10 34.03
N VAL G 59 14.17 2.31 33.52
CA VAL G 59 13.10 3.28 33.37
C VAL G 59 12.41 3.16 32.00
N ALA G 60 11.09 3.07 32.03
CA ALA G 60 10.28 2.89 30.83
C ALA G 60 10.46 4.03 29.82
N ASP G 61 10.29 3.71 28.54
CA ASP G 61 10.48 4.68 27.47
C ASP G 61 9.36 5.72 27.42
N ARG G 62 8.29 5.48 28.16
CA ARG G 62 7.18 6.42 28.20
C ARG G 62 7.58 7.65 29.02
N PHE G 63 8.67 7.52 29.78
CA PHE G 63 9.23 8.65 30.50
C PHE G 63 10.28 9.34 29.64
N SER G 64 10.10 10.63 29.39
CA SER G 64 11.06 11.38 28.60
C SER G 64 11.27 12.78 29.16
N GLY G 65 12.49 13.28 29.06
CA GLY G 65 12.80 14.61 29.55
C GLY G 65 13.20 15.57 28.46
N SER G 66 12.88 16.84 28.65
CA SER G 66 13.26 17.86 27.68
C SER G 66 13.46 19.21 28.35
N GLY G 67 13.97 20.17 27.58
CA GLY G 67 14.19 21.52 28.07
C GLY G 67 15.64 21.85 28.34
N SER G 68 15.90 23.12 28.63
CA SER G 68 17.24 23.58 28.98
C SER G 68 17.18 24.98 29.61
N GLY G 69 18.33 25.46 30.09
CA GLY G 69 18.40 26.80 30.62
C GLY G 69 17.63 26.93 31.90
N THR G 70 16.37 27.38 31.78
CA THR G 70 15.50 27.55 32.93
C THR G 70 14.19 26.79 32.76
N ASP G 71 13.91 26.34 31.54
CA ASP G 71 12.63 25.65 31.30
C ASP G 71 12.81 24.17 31.03
N PHE G 72 12.24 23.34 31.91
CA PHE G 72 12.36 21.90 31.76
C PHE G 72 11.00 21.22 31.83
N THR G 73 10.90 20.05 31.21
CA THR G 73 9.63 19.36 31.11
C THR G 73 9.81 17.84 31.18
N LEU G 74 9.04 17.21 32.08
CA LEU G 74 8.98 15.76 32.14
C LEU G 74 7.68 15.29 31.48
N THR G 75 7.80 14.35 30.55
CA THR G 75 6.64 13.88 29.81
C THR G 75 6.45 12.38 30.00
N ILE G 76 5.25 12.02 30.45
CA ILE G 76 4.83 10.63 30.48
C ILE G 76 3.83 10.49 29.34
N SER G 77 4.26 9.84 28.26
CA SER G 77 3.49 9.74 27.03
C SER G 77 2.11 9.13 27.31
N ARG G 78 2.13 8.13 28.18
CA ARG G 78 0.95 7.42 28.64
C ARG G 78 0.96 6.99 30.08
N LEU G 79 -0.04 7.46 30.83
CA LEU G 79 -0.11 7.14 32.23
C LEU G 79 -0.56 5.70 32.52
N GLU G 80 0.37 4.91 33.04
CA GLU G 80 0.09 3.58 33.55
C GLU G 80 -0.33 3.73 35.03
N PRO G 81 -1.01 2.72 35.59
CA PRO G 81 -1.48 2.79 36.98
C PRO G 81 -0.42 3.19 38.00
N GLU G 82 0.80 2.70 37.85
CA GLU G 82 1.86 2.99 38.81
C GLU G 82 2.51 4.35 38.57
N ASP G 83 2.10 5.02 37.49
CA ASP G 83 2.66 6.31 37.15
C ASP G 83 1.99 7.42 37.95
N PHE G 84 0.84 7.11 38.55
CA PHE G 84 0.15 8.09 39.37
C PHE G 84 0.84 8.19 40.72
N ALA G 85 1.78 9.13 40.82
CA ALA G 85 2.58 9.32 42.02
C ALA G 85 3.01 10.78 42.12
N VAL G 86 4.03 11.04 42.94
CA VAL G 86 4.56 12.40 43.05
C VAL G 86 5.86 12.53 42.27
N TYR G 87 6.05 13.67 41.61
CA TYR G 87 7.26 13.87 40.82
C TYR G 87 8.04 15.11 41.25
N TYR G 88 9.34 14.94 41.46
CA TYR G 88 10.20 16.04 41.86
C TYR G 88 11.26 16.34 40.82
N CYS G 89 11.56 17.63 40.62
CA CYS G 89 12.68 18.00 39.78
C CYS G 89 13.80 18.53 40.67
N GLN G 90 15.04 18.27 40.28
CA GLN G 90 16.20 18.64 41.09
C GLN G 90 17.33 19.20 40.25
N GLN G 91 17.91 20.31 40.69
CA GLN G 91 19.09 20.86 40.02
C GLN G 91 20.33 20.59 40.84
N TYR G 92 21.41 20.21 40.15
CA TYR G 92 22.68 19.92 40.80
C TYR G 92 23.83 20.55 40.03
N GLY G 93 23.54 21.68 39.39
CA GLY G 93 24.54 22.42 38.64
C GLY G 93 25.35 23.33 39.54
N GLN G 94 24.84 23.59 40.74
CA GLN G 94 25.59 24.34 41.74
C GLN G 94 26.01 23.39 42.85
N SER G 95 26.84 23.89 43.77
CA SER G 95 27.26 23.10 44.93
C SER G 95 26.06 22.91 45.85
N LEU G 96 25.21 23.92 45.88
CA LEU G 96 23.95 23.85 46.61
C LEU G 96 22.87 23.28 45.68
N SER G 97 22.53 22.02 45.91
CA SER G 97 21.50 21.34 45.12
C SER G 97 20.13 21.57 45.73
N THR G 98 19.13 21.78 44.89
CA THR G 98 17.77 22.05 45.39
C THR G 98 16.71 21.25 44.65
N PHE G 99 15.62 20.95 45.36
CA PHE G 99 14.49 20.23 44.79
C PHE G 99 13.33 21.18 44.49
N GLY G 100 12.44 20.76 43.60
CA GLY G 100 11.20 21.47 43.39
C GLY G 100 10.22 21.05 44.48
N GLN G 101 9.12 21.77 44.60
CA GLN G 101 8.14 21.47 45.64
C GLN G 101 7.32 20.23 45.28
N GLY G 102 7.46 19.78 44.05
CA GLY G 102 6.84 18.54 43.62
C GLY G 102 5.51 18.68 42.93
N THR G 103 5.18 17.70 42.09
CA THR G 103 3.89 17.66 41.41
C THR G 103 3.25 16.28 41.59
N LYS G 104 2.03 16.26 42.10
CA LYS G 104 1.29 15.01 42.29
C LYS G 104 0.38 14.74 41.10
N VAL G 105 0.53 13.58 40.47
CA VAL G 105 -0.33 13.19 39.36
C VAL G 105 -1.39 12.18 39.81
N GLU G 106 -2.65 12.61 39.86
CA GLU G 106 -3.73 11.74 40.31
C GLU G 106 -4.69 11.34 39.20
N VAL G 107 -5.40 10.24 39.45
CA VAL G 107 -6.41 9.73 38.52
C VAL G 107 -7.65 10.61 38.51
N LYS G 108 -8.00 11.12 37.35
CA LYS G 108 -9.25 11.85 37.18
C LYS G 108 -10.35 10.86 36.86
N ARG G 109 -11.40 10.85 37.67
CA ARG G 109 -12.53 9.96 37.46
C ARG G 109 -13.87 10.69 37.54
N THR G 110 -14.95 9.94 37.35
CA THR G 110 -16.30 10.48 37.45
C THR G 110 -16.58 10.96 38.87
N VAL G 111 -17.37 12.02 38.99
CA VAL G 111 -17.72 12.57 40.29
C VAL G 111 -18.49 11.54 41.12
N ALA G 112 -18.05 11.33 42.35
CA ALA G 112 -18.70 10.40 43.26
C ALA G 112 -19.04 11.11 44.58
N ALA G 113 -20.28 10.95 45.01
CA ALA G 113 -20.71 11.55 46.27
C ALA G 113 -20.16 10.74 47.45
N PRO G 114 -19.81 11.43 48.55
CA PRO G 114 -19.29 10.77 49.74
C PRO G 114 -20.37 10.06 50.55
N SER G 115 -20.05 8.88 51.08
CA SER G 115 -20.93 8.23 52.03
C SER G 115 -20.64 8.72 53.44
N VAL G 116 -21.58 9.43 54.05
CA VAL G 116 -21.33 10.04 55.36
C VAL G 116 -21.81 9.15 56.50
N PHE G 117 -20.94 8.93 57.47
CA PHE G 117 -21.26 8.15 58.66
C PHE G 117 -20.86 8.92 59.91
N ILE G 118 -21.59 8.75 60.99
CA ILE G 118 -21.18 9.38 62.25
C ILE G 118 -21.03 8.34 63.36
N PHE G 119 -20.00 8.54 64.18
CA PHE G 119 -19.69 7.62 65.27
C PHE G 119 -19.56 8.39 66.57
N PRO G 120 -20.47 8.10 67.52
CA PRO G 120 -20.43 8.63 68.89
C PRO G 120 -19.27 8.02 69.64
N PRO G 121 -18.78 8.69 70.69
CA PRO G 121 -17.71 8.12 71.51
C PRO G 121 -18.16 6.84 72.21
N SER G 122 -17.29 5.84 72.23
CA SER G 122 -17.58 4.57 72.90
C SER G 122 -17.61 4.74 74.41
N ASP G 123 -18.23 3.79 75.10
CA ASP G 123 -18.32 3.83 76.55
C ASP G 123 -16.94 3.70 77.21
N GLU G 124 -16.07 2.90 76.59
CA GLU G 124 -14.72 2.68 77.10
C GLU G 124 -13.96 4.00 77.15
N GLN G 125 -14.09 4.79 76.10
CA GLN G 125 -13.42 6.08 76.02
C GLN G 125 -14.03 7.09 76.98
N LEU G 126 -15.36 7.05 77.12
CA LEU G 126 -16.08 7.93 78.04
C LEU G 126 -15.70 7.66 79.49
N LYS G 127 -15.36 6.40 79.79
CA LYS G 127 -14.92 6.03 81.12
C LYS G 127 -13.56 6.64 81.45
N SER G 128 -12.83 7.10 80.43
CA SER G 128 -11.49 7.64 80.62
C SER G 128 -11.46 9.16 80.74
N GLY G 129 -12.60 9.81 80.56
CA GLY G 129 -12.71 11.24 80.81
C GLY G 129 -12.64 12.12 79.57
N THR G 130 -12.53 11.51 78.39
CA THR G 130 -12.52 12.25 77.14
C THR G 130 -13.52 11.67 76.13
N ALA G 131 -13.95 12.51 75.19
CA ALA G 131 -14.92 12.09 74.19
C ALA G 131 -14.50 12.51 72.77
N SER G 132 -14.38 11.54 71.87
CA SER G 132 -14.05 11.81 70.48
C SER G 132 -15.16 11.32 69.54
N VAL G 133 -15.79 12.27 68.85
CA VAL G 133 -16.82 11.94 67.87
C VAL G 133 -16.24 11.95 66.47
N VAL G 134 -16.38 10.86 65.73
CA VAL G 134 -15.73 10.82 64.42
C VAL G 134 -16.72 10.71 63.26
N CYS G 135 -16.58 11.62 62.30
N CYS G 135 -16.57 11.62 62.30
CA CYS G 135 -17.39 11.64 61.09
CA CYS G 135 -17.37 11.57 61.10
C CYS G 135 -16.57 11.11 59.90
C CYS G 135 -16.53 11.04 59.94
N LEU G 136 -17.12 10.10 59.21
CA LEU G 136 -16.47 9.45 58.09
C LEU G 136 -17.08 9.82 56.75
N LEU G 137 -16.23 10.29 55.83
CA LEU G 137 -16.64 10.55 54.45
C LEU G 137 -16.01 9.49 53.54
N ASN G 138 -16.81 8.52 53.11
CA ASN G 138 -16.28 7.35 52.44
C ASN G 138 -16.42 7.35 50.91
N ASN G 139 -15.30 7.07 50.24
CA ASN G 139 -15.23 6.86 48.79
C ASN G 139 -15.87 7.98 47.97
N PHE G 140 -15.14 9.08 47.83
CA PHE G 140 -15.65 10.22 47.07
C PHE G 140 -14.59 10.79 46.12
N TYR G 141 -15.06 11.56 45.14
CA TYR G 141 -14.18 12.28 44.23
C TYR G 141 -14.92 13.54 43.76
N PRO G 142 -14.22 14.68 43.64
CA PRO G 142 -12.77 14.91 43.86
C PRO G 142 -12.38 14.99 45.33
N ARG G 143 -11.10 15.28 45.57
CA ARG G 143 -10.53 15.28 46.92
C ARG G 143 -11.05 16.39 47.81
N GLU G 144 -11.35 17.54 47.21
CA GLU G 144 -11.78 18.71 47.97
C GLU G 144 -13.15 18.51 48.61
N ALA G 145 -13.15 18.40 49.94
CA ALA G 145 -14.38 18.24 50.71
C ALA G 145 -14.33 19.07 51.99
N LYS G 146 -15.49 19.42 52.53
CA LYS G 146 -15.56 20.25 53.74
C LYS G 146 -16.42 19.65 54.85
N VAL G 147 -15.89 19.63 56.06
CA VAL G 147 -16.60 19.13 57.23
C VAL G 147 -16.75 20.24 58.28
N GLN G 148 -17.97 20.44 58.75
CA GLN G 148 -18.24 21.48 59.73
C GLN G 148 -18.86 20.88 60.98
N TRP G 149 -18.28 21.17 62.14
CA TRP G 149 -18.84 20.64 63.37
C TRP G 149 -19.70 21.67 64.09
N LYS G 150 -20.94 21.27 64.38
CA LYS G 150 -21.86 22.12 65.13
C LYS G 150 -22.32 21.36 66.36
N VAL G 151 -22.06 21.92 67.54
CA VAL G 151 -22.49 21.30 68.79
C VAL G 151 -23.64 22.12 69.33
N ASP G 152 -24.83 21.52 69.35
CA ASP G 152 -26.07 22.24 69.61
C ASP G 152 -26.18 23.40 68.61
N ASN G 153 -25.79 23.10 67.37
CA ASN G 153 -25.81 24.08 66.28
C ASN G 153 -24.98 25.33 66.55
N ALA G 154 -23.94 25.19 67.37
CA ALA G 154 -22.96 26.25 67.58
C ALA G 154 -21.70 25.90 66.80
N LEU G 155 -21.27 26.79 65.92
CA LEU G 155 -20.11 26.53 65.07
C LEU G 155 -18.81 26.39 65.85
N GLN G 156 -18.17 25.24 65.72
CA GLN G 156 -16.91 24.96 66.40
C GLN G 156 -15.74 25.37 65.50
N SER G 157 -14.60 25.67 66.11
CA SER G 157 -13.44 26.12 65.34
C SER G 157 -12.14 26.03 66.14
N GLY G 158 -11.70 24.80 66.42
CA GLY G 158 -10.45 24.59 67.12
C GLY G 158 -10.46 23.32 67.94
N ASN G 159 -11.49 22.51 67.74
CA ASN G 159 -11.61 21.25 68.46
C ASN G 159 -11.80 20.04 67.54
N SER G 160 -11.42 20.18 66.27
CA SER G 160 -11.54 19.07 65.33
C SER G 160 -10.33 18.96 64.41
N GLN G 161 -9.93 17.73 64.12
CA GLN G 161 -8.84 17.47 63.19
C GLN G 161 -9.22 16.39 62.19
N GLU G 162 -8.85 16.58 60.93
CA GLU G 162 -9.21 15.61 59.90
C GLU G 162 -8.02 15.14 59.06
N SER G 163 -8.14 13.94 58.49
CA SER G 163 -7.10 13.42 57.59
C SER G 163 -7.72 12.69 56.39
N VAL G 164 -7.03 12.74 55.27
CA VAL G 164 -7.52 12.12 54.03
C VAL G 164 -6.59 11.01 53.57
N THR G 165 -7.17 9.91 53.10
CA THR G 165 -6.38 8.79 52.60
C THR G 165 -5.79 9.05 51.22
N GLU G 166 -4.83 8.22 50.84
CA GLU G 166 -4.30 8.25 49.48
C GLU G 166 -5.38 7.74 48.53
N GLN G 167 -5.30 8.15 47.27
CA GLN G 167 -6.27 7.74 46.26
C GLN G 167 -6.26 6.22 46.10
N ASP G 168 -7.42 5.61 46.26
CA ASP G 168 -7.56 4.15 46.21
C ASP G 168 -7.11 3.60 44.85
N SER G 169 -6.38 2.49 44.88
CA SER G 169 -5.80 1.92 43.67
C SER G 169 -6.85 1.28 42.76
N LYS G 170 -8.02 1.00 43.31
CA LYS G 170 -9.08 0.32 42.55
C LYS G 170 -10.15 1.27 42.02
N ASP G 171 -10.80 2.03 42.89
CA ASP G 171 -11.89 2.89 42.45
C ASP G 171 -11.48 4.36 42.36
N SER G 172 -10.22 4.65 42.68
CA SER G 172 -9.66 5.99 42.58
C SER G 172 -10.42 7.05 43.36
N THR G 173 -11.01 6.65 44.48
CA THR G 173 -11.74 7.60 45.32
C THR G 173 -10.91 8.00 46.54
N TYR G 174 -11.41 8.97 47.29
CA TYR G 174 -10.77 9.41 48.51
C TYR G 174 -11.66 9.15 49.73
N SER G 175 -11.05 9.18 50.90
CA SER G 175 -11.80 9.06 52.15
C SER G 175 -11.30 10.07 53.17
N LEU G 176 -12.22 10.69 53.90
CA LEU G 176 -11.86 11.68 54.90
C LEU G 176 -12.35 11.23 56.26
N SER G 177 -11.53 11.46 57.29
CA SER G 177 -11.92 11.15 58.65
C SER G 177 -11.74 12.39 59.52
N SER G 178 -12.83 12.88 60.11
CA SER G 178 -12.75 14.05 60.98
C SER G 178 -13.12 13.73 62.43
N THR G 179 -12.24 14.08 63.36
CA THR G 179 -12.46 13.81 64.77
C THR G 179 -12.66 15.08 65.59
N LEU G 180 -13.79 15.12 66.29
CA LEU G 180 -14.15 16.19 67.22
C LEU G 180 -13.85 15.79 68.66
N THR G 181 -13.02 16.57 69.35
CA THR G 181 -12.61 16.20 70.70
C THR G 181 -13.17 17.14 71.76
N LEU G 182 -13.88 16.57 72.73
CA LEU G 182 -14.42 17.33 73.86
C LEU G 182 -14.18 16.55 75.16
N SER G 183 -14.36 17.21 76.30
CA SER G 183 -14.30 16.52 77.58
C SER G 183 -15.62 15.79 77.85
N LYS G 184 -15.58 14.81 78.75
CA LYS G 184 -16.77 14.02 79.09
C LYS G 184 -17.86 14.92 79.65
N ALA G 185 -17.45 15.97 80.36
CA ALA G 185 -18.39 16.92 80.95
C ALA G 185 -19.15 17.64 79.83
N ASP G 186 -18.41 18.14 78.84
CA ASP G 186 -19.03 18.83 77.72
C ASP G 186 -19.88 17.90 76.85
N TYR G 187 -19.44 16.66 76.72
CA TYR G 187 -20.18 15.70 75.90
C TYR G 187 -21.49 15.32 76.57
N GLU G 188 -21.47 15.23 77.89
CA GLU G 188 -22.69 14.89 78.61
C GLU G 188 -23.48 16.17 78.87
N LYS G 189 -22.90 17.31 78.51
CA LYS G 189 -23.56 18.61 78.62
C LYS G 189 -24.47 18.97 77.44
N HIS G 190 -24.12 18.49 76.25
CA HIS G 190 -24.84 18.86 75.04
C HIS G 190 -25.49 17.64 74.40
N LYS G 191 -26.39 17.86 73.44
CA LYS G 191 -27.13 16.75 72.86
C LYS G 191 -26.92 16.51 71.35
N VAL G 192 -27.22 17.52 70.52
CA VAL G 192 -27.16 17.31 69.07
C VAL G 192 -25.78 17.63 68.47
N TYR G 193 -25.20 16.63 67.81
CA TYR G 193 -23.89 16.79 67.17
C TYR G 193 -23.82 16.53 65.65
N ALA G 194 -23.35 17.53 64.91
CA ALA G 194 -23.14 17.47 63.46
C ALA G 194 -21.82 18.23 63.23
N CYS G 195 -20.91 17.89 62.29
CA CYS G 195 -20.88 16.86 61.23
C CYS G 195 -21.77 17.21 60.03
N GLU G 196 -21.45 18.34 59.41
CA GLU G 196 -22.10 18.81 58.19
C GLU G 196 -21.10 18.68 57.04
N VAL G 197 -21.51 18.03 55.95
CA VAL G 197 -20.58 17.75 54.86
C VAL G 197 -20.94 18.49 53.58
N THR G 198 -20.02 19.33 53.10
CA THR G 198 -20.21 20.01 51.83
C THR G 198 -19.22 19.48 50.79
N HIS G 199 -19.73 19.08 49.63
CA HIS G 199 -18.91 18.50 48.57
C HIS G 199 -19.47 18.82 47.17
N GLN G 200 -18.61 18.76 46.16
CA GLN G 200 -19.00 19.04 44.78
C GLN G 200 -20.07 18.07 44.28
N GLY G 201 -19.97 16.82 44.73
CA GLY G 201 -20.89 15.77 44.31
C GLY G 201 -22.25 15.82 44.98
N LEU G 202 -22.44 16.82 45.84
CA LEU G 202 -23.70 17.00 46.55
C LEU G 202 -24.50 18.21 46.06
N SER G 203 -25.76 17.98 45.73
CA SER G 203 -26.66 19.06 45.34
C SER G 203 -26.89 20.00 46.51
N SER G 204 -26.95 19.41 47.70
CA SER G 204 -27.07 20.16 48.95
C SER G 204 -26.23 19.41 49.97
N PRO G 205 -25.56 20.13 50.87
CA PRO G 205 -24.73 19.50 51.91
C PRO G 205 -25.48 18.47 52.74
N VAL G 206 -24.98 17.23 52.77
CA VAL G 206 -25.63 16.15 53.51
C VAL G 206 -25.06 16.00 54.92
N THR G 207 -25.96 16.00 55.91
CA THR G 207 -25.58 15.90 57.31
C THR G 207 -26.15 14.69 58.06
N LYS G 208 -25.28 13.89 58.64
CA LYS G 208 -25.69 12.79 59.53
C LYS G 208 -25.41 13.23 60.97
N SER G 209 -26.40 13.07 61.85
CA SER G 209 -26.28 13.60 63.21
C SER G 209 -26.85 12.67 64.28
N PHE G 210 -26.58 12.98 65.54
CA PHE G 210 -27.12 12.19 66.66
C PHE G 210 -27.25 12.98 67.96
N ASN G 211 -28.13 12.48 68.83
CA ASN G 211 -28.25 12.94 70.22
C ASN G 211 -27.75 11.87 71.18
N ARG G 212 -27.00 12.30 72.18
CA ARG G 212 -26.34 11.39 73.11
C ARG G 212 -27.19 10.38 73.88
N GLY G 213 -26.88 9.11 73.62
CA GLY G 213 -27.48 7.99 74.33
C GLY G 213 -28.63 7.28 73.65
N GLU G 214 -29.18 7.85 72.59
CA GLU G 214 -30.35 7.24 71.94
C GLU G 214 -30.05 6.39 70.74
N GLN H 1 25.00 -5.17 42.44
CA GLN H 1 24.08 -4.03 42.51
C GLN H 1 24.31 -3.22 43.78
N VAL H 2 24.38 -1.90 43.65
CA VAL H 2 24.58 -1.01 44.79
C VAL H 2 23.37 -1.00 45.73
N GLN H 3 23.63 -1.20 47.01
CA GLN H 3 22.55 -1.21 48.00
C GLN H 3 22.89 -0.33 49.20
N LEU H 4 21.94 0.53 49.58
CA LEU H 4 22.13 1.38 50.74
C LEU H 4 21.17 0.97 51.85
N VAL H 5 21.72 0.66 53.01
CA VAL H 5 20.92 0.22 54.16
C VAL H 5 21.12 1.13 55.35
N GLN H 6 20.05 1.80 55.77
CA GLN H 6 20.17 2.78 56.85
C GLN H 6 19.84 2.18 58.21
N SER H 7 20.16 2.92 59.27
CA SER H 7 19.88 2.48 60.62
C SER H 7 18.41 2.66 60.95
N GLY H 8 17.99 2.07 62.06
CA GLY H 8 16.60 2.10 62.47
C GLY H 8 16.11 3.48 62.89
N ALA H 9 14.81 3.58 63.10
CA ALA H 9 14.17 4.83 63.47
C ALA H 9 14.69 5.39 64.79
N GLU H 10 14.62 6.70 64.93
CA GLU H 10 15.14 7.35 66.14
C GLU H 10 14.12 8.31 66.76
N VAL H 11 14.09 8.33 68.08
CA VAL H 11 13.22 9.26 68.81
C VAL H 11 14.07 10.18 69.69
N LYS H 12 14.02 11.47 69.42
CA LYS H 12 14.82 12.45 70.16
C LYS H 12 14.02 13.62 70.74
N ARG H 13 14.56 14.22 71.80
CA ARG H 13 13.97 15.40 72.42
C ARG H 13 14.59 16.66 71.81
N PRO H 14 13.84 17.78 71.84
CA PRO H 14 14.36 19.05 71.31
C PRO H 14 15.68 19.45 71.99
N GLY H 15 16.68 19.79 71.20
CA GLY H 15 17.96 20.22 71.75
C GLY H 15 19.00 19.13 71.69
N SER H 16 18.55 17.90 71.41
CA SER H 16 19.46 16.77 71.34
C SER H 16 20.11 16.65 69.96
N SER H 17 20.88 15.58 69.78
CA SER H 17 21.56 15.32 68.51
C SER H 17 21.22 13.94 68.00
N VAL H 18 21.12 13.78 66.68
CA VAL H 18 20.84 12.48 66.09
C VAL H 18 21.94 12.09 65.10
N THR H 19 22.21 10.78 65.03
CA THR H 19 23.20 10.26 64.09
C THR H 19 22.62 9.07 63.32
N VAL H 20 22.34 9.29 62.03
CA VAL H 20 21.81 8.24 61.17
C VAL H 20 22.92 7.65 60.31
N SER H 21 22.97 6.32 60.25
CA SER H 21 24.01 5.65 59.47
C SER H 21 23.48 5.14 58.13
N CYS H 22 24.40 4.98 57.18
CA CYS H 22 24.06 4.51 55.83
C CYS H 22 25.15 3.55 55.36
N LYS H 23 24.85 2.27 55.39
CA LYS H 23 25.80 1.25 55.01
C LYS H 23 25.70 0.96 53.52
N ALA H 24 26.81 1.13 52.82
CA ALA H 24 26.87 0.96 51.37
C ALA H 24 27.43 -0.42 51.01
N SER H 25 26.81 -1.08 50.05
CA SER H 25 27.27 -2.38 49.58
C SER H 25 27.29 -2.52 48.06
N GLY H 26 28.30 -3.23 47.56
CA GLY H 26 28.49 -3.45 46.14
C GLY H 26 29.43 -2.54 45.39
N GLY H 27 28.91 -1.44 44.85
CA GLY H 27 29.69 -0.49 44.05
C GLY H 27 30.92 0.10 44.74
N SER H 28 31.46 1.17 44.18
CA SER H 28 32.59 1.82 44.82
C SER H 28 32.02 2.85 45.78
N PHE H 29 32.69 2.99 46.92
CA PHE H 29 32.23 3.85 47.99
C PHE H 29 32.95 5.19 48.00
N SER H 30 34.28 5.11 47.99
CA SER H 30 35.13 6.28 48.12
C SER H 30 34.98 7.34 47.02
N THR H 31 34.72 6.92 45.78
CA THR H 31 34.82 7.84 44.66
C THR H 31 33.49 8.45 44.21
N TYR H 32 32.39 8.01 44.80
CA TYR H 32 31.07 8.54 44.43
C TYR H 32 30.41 9.32 45.56
N ALA H 33 29.70 10.38 45.20
CA ALA H 33 29.10 11.29 46.17
C ALA H 33 27.97 10.63 46.95
N LEU H 34 28.01 10.80 48.27
CA LEU H 34 26.98 10.28 49.15
C LEU H 34 26.23 11.46 49.76
N SER H 35 24.95 11.59 49.42
CA SER H 35 24.16 12.71 49.90
C SER H 35 23.06 12.29 50.89
N TRP H 36 22.51 13.27 51.60
CA TRP H 36 21.40 13.05 52.51
C TRP H 36 20.24 13.97 52.15
N VAL H 37 19.05 13.38 51.99
CA VAL H 37 17.86 14.13 51.64
C VAL H 37 16.74 13.81 52.64
N ARG H 38 16.22 14.82 53.32
CA ARG H 38 15.14 14.58 54.28
C ARG H 38 13.76 14.97 53.72
N GLN H 39 12.71 14.42 54.34
CA GLN H 39 11.36 14.70 53.93
C GLN H 39 10.41 14.68 55.12
N ALA H 40 9.91 15.86 55.50
CA ALA H 40 8.95 15.98 56.58
C ALA H 40 7.63 15.34 56.16
N PRO H 41 6.85 14.84 57.13
CA PRO H 41 5.57 14.20 56.83
C PRO H 41 4.66 15.06 55.97
N GLY H 42 4.29 14.56 54.80
CA GLY H 42 3.41 15.27 53.90
C GLY H 42 4.06 16.43 53.18
N ARG H 43 5.39 16.47 53.18
CA ARG H 43 6.12 17.54 52.53
C ARG H 43 6.99 16.99 51.40
N GLY H 44 7.77 17.89 50.79
CA GLY H 44 8.62 17.52 49.68
C GLY H 44 10.03 17.15 50.09
N LEU H 45 10.88 16.90 49.09
CA LEU H 45 12.26 16.52 49.33
C LEU H 45 13.11 17.75 49.61
N GLU H 46 14.10 17.59 50.49
CA GLU H 46 14.99 18.69 50.85
C GLU H 46 16.43 18.21 50.96
N TRP H 47 17.29 18.74 50.11
CA TRP H 47 18.70 18.37 50.10
C TRP H 47 19.42 18.99 51.28
N MET H 48 20.09 18.17 52.06
CA MET H 48 20.79 18.64 53.25
C MET H 48 22.27 18.80 53.00
N GLY H 49 22.87 17.83 52.33
CA GLY H 49 24.30 17.87 52.08
C GLY H 49 24.84 16.61 51.44
N GLY H 50 26.14 16.62 51.13
CA GLY H 50 26.78 15.49 50.50
C GLY H 50 28.26 15.41 50.83
N VAL H 51 28.86 14.26 50.53
CA VAL H 51 30.27 14.05 50.81
C VAL H 51 30.91 13.09 49.82
N ILE H 52 32.10 13.44 49.35
CA ILE H 52 32.92 12.49 48.61
C ILE H 52 33.97 11.94 49.58
N PRO H 53 33.80 10.66 49.96
CA PRO H 53 34.56 9.94 50.98
C PRO H 53 36.07 9.96 50.80
N LEU H 54 36.57 9.70 49.59
CA LEU H 54 38.01 9.59 49.36
C LEU H 54 38.74 10.90 49.51
N LEU H 55 38.00 11.99 49.55
CA LEU H 55 38.63 13.30 49.56
C LEU H 55 38.10 14.09 50.73
N THR H 56 37.14 13.49 51.43
CA THR H 56 36.47 14.11 52.56
C THR H 56 35.91 15.46 52.13
N ILE H 57 35.36 15.51 50.92
CA ILE H 57 34.79 16.78 50.45
C ILE H 57 33.30 16.89 50.73
N THR H 58 32.94 17.76 51.67
CA THR H 58 31.55 17.92 52.09
C THR H 58 30.91 19.23 51.63
N ASN H 59 29.65 19.16 51.20
CA ASN H 59 28.86 20.34 50.87
C ASN H 59 27.56 20.35 51.63
N TYR H 60 27.33 21.38 52.44
CA TYR H 60 26.12 21.46 53.25
C TYR H 60 25.18 22.52 52.70
N ALA H 61 23.88 22.32 52.92
CA ALA H 61 22.90 23.32 52.57
C ALA H 61 22.90 24.41 53.65
N PRO H 62 22.87 25.68 53.23
CA PRO H 62 22.94 26.84 54.12
C PRO H 62 21.91 26.79 55.26
N ARG H 63 20.78 26.14 54.98
CA ARG H 63 19.68 26.06 55.93
C ARG H 63 20.09 25.23 57.15
N PHE H 64 21.03 24.32 56.96
CA PHE H 64 21.50 23.42 58.01
C PHE H 64 22.92 23.74 58.48
N GLN H 65 23.56 24.71 57.82
CA GLN H 65 24.94 25.09 58.12
C GLN H 65 25.18 25.47 59.58
N GLY H 66 25.93 24.62 60.28
CA GLY H 66 26.24 24.86 61.68
C GLY H 66 25.73 23.75 62.57
N ARG H 67 24.71 23.03 62.08
CA ARG H 67 24.07 21.96 62.82
C ARG H 67 24.35 20.58 62.23
N ILE H 68 24.88 20.56 61.01
CA ILE H 68 25.00 19.31 60.28
C ILE H 68 26.46 18.88 60.09
N THR H 69 26.69 17.58 60.16
CA THR H 69 28.02 17.02 59.93
C THR H 69 27.91 15.68 59.22
N ILE H 70 28.38 15.62 57.98
CA ILE H 70 28.32 14.39 57.20
C ILE H 70 29.70 13.77 57.06
N THR H 71 29.84 12.52 57.48
CA THR H 71 31.14 11.85 57.46
C THR H 71 31.10 10.54 56.68
N ALA H 72 32.27 10.02 56.33
CA ALA H 72 32.35 8.75 55.62
C ALA H 72 33.46 7.85 56.17
N ASP H 73 33.08 6.64 56.54
CA ASP H 73 34.02 5.64 57.04
C ASP H 73 34.31 4.63 55.94
N ARG H 74 35.52 4.74 55.40
CA ARG H 74 35.96 3.93 54.28
C ARG H 74 36.30 2.50 54.69
N SER H 75 36.51 2.30 55.99
CA SER H 75 36.85 0.98 56.51
C SER H 75 35.65 0.05 56.51
N THR H 76 34.46 0.64 56.57
CA THR H 76 33.23 -0.14 56.61
C THR H 76 32.28 0.22 55.47
N SER H 77 32.71 1.12 54.60
CA SER H 77 31.88 1.63 53.51
C SER H 77 30.57 2.19 54.08
N THR H 78 30.67 3.03 55.10
CA THR H 78 29.48 3.52 55.78
C THR H 78 29.51 5.04 56.00
N ALA H 79 28.50 5.72 55.48
CA ALA H 79 28.39 7.16 55.68
C ALA H 79 27.52 7.50 56.88
N TYR H 80 27.70 8.70 57.42
CA TYR H 80 26.99 9.12 58.62
C TYR H 80 26.46 10.55 58.51
N LEU H 81 25.22 10.74 58.95
CA LEU H 81 24.62 12.06 59.09
C LEU H 81 24.44 12.43 60.55
N GLU H 82 25.04 13.53 60.98
CA GLU H 82 24.84 14.02 62.34
C GLU H 82 24.12 15.36 62.33
N LEU H 83 22.99 15.42 63.01
CA LEU H 83 22.21 16.66 63.08
C LEU H 83 22.06 17.11 64.53
N ASN H 84 22.57 18.30 64.82
CA ASN H 84 22.56 18.85 66.18
C ASN H 84 21.43 19.83 66.40
N SER H 85 21.21 20.17 67.66
CA SER H 85 20.20 21.16 68.06
C SER H 85 18.84 20.86 67.45
N LEU H 86 18.38 19.63 67.62
CA LEU H 86 17.13 19.18 67.01
C LEU H 86 15.92 19.94 67.50
N ARG H 87 15.00 20.23 66.58
CA ARG H 87 13.74 20.91 66.89
C ARG H 87 12.59 20.09 66.32
N PRO H 88 11.37 20.28 66.85
CA PRO H 88 10.21 19.50 66.40
C PRO H 88 10.00 19.51 64.90
N GLU H 89 10.40 20.60 64.24
CA GLU H 89 10.24 20.71 62.79
C GLU H 89 11.34 19.96 62.03
N ASP H 90 12.26 19.34 62.76
CA ASP H 90 13.26 18.46 62.15
C ASP H 90 12.72 17.05 62.02
N THR H 91 11.52 16.82 62.53
CA THR H 91 10.87 15.52 62.43
C THR H 91 10.61 15.17 60.98
N ALA H 92 11.31 14.17 60.48
CA ALA H 92 11.23 13.82 59.07
C ALA H 92 11.77 12.43 58.78
N VAL H 93 11.64 11.99 57.54
CA VAL H 93 12.27 10.76 57.08
C VAL H 93 13.57 11.11 56.37
N TYR H 94 14.67 10.57 56.87
CA TYR H 94 15.98 10.88 56.32
C TYR H 94 16.49 9.78 55.40
N TYR H 95 16.65 10.13 54.13
CA TYR H 95 17.11 9.19 53.11
C TYR H 95 18.59 9.43 52.78
N CYS H 96 19.31 8.35 52.53
CA CYS H 96 20.67 8.46 52.03
CA CYS H 96 20.68 8.41 52.04
C CYS H 96 20.69 8.10 50.55
N ALA H 97 21.45 8.86 49.77
CA ALA H 97 21.44 8.70 48.32
C ALA H 97 22.83 8.62 47.70
N ARG H 98 22.99 7.70 46.74
CA ARG H 98 24.23 7.59 45.98
C ARG H 98 23.98 8.02 44.55
N GLU H 99 24.93 8.76 43.99
CA GLU H 99 24.85 9.16 42.60
C GLU H 99 25.09 7.95 41.70
N GLY H 100 24.49 7.97 40.51
CA GLY H 100 24.61 6.88 39.57
C GLY H 100 25.81 7.02 38.66
N THR H 101 26.03 6.01 37.84
CA THR H 101 27.13 5.96 36.89
C THR H 101 26.63 5.47 35.56
N THR H 102 27.56 5.11 34.68
CA THR H 102 27.20 4.50 33.41
C THR H 102 27.84 3.11 33.28
N GLY H 103 28.77 2.81 34.19
CA GLY H 103 29.44 1.51 34.18
C GLY H 103 30.19 1.20 35.46
N GLY H 108 33.37 4.46 34.39
CA GLY H 108 32.19 4.64 35.21
C GLY H 108 31.95 6.09 35.57
N LYS H 109 31.68 6.88 34.54
CA LYS H 109 31.43 8.32 34.66
C LYS H 109 30.22 8.62 35.58
N PRO H 110 30.44 9.44 36.63
CA PRO H 110 29.40 9.79 37.59
C PRO H 110 28.36 10.73 36.99
N ILE H 111 27.09 10.57 37.37
CA ILE H 111 26.03 11.39 36.76
C ILE H 111 25.47 12.47 37.67
N GLY H 112 25.84 12.44 38.95
CA GLY H 112 25.40 13.47 39.87
C GLY H 112 24.04 13.21 40.48
N ALA H 113 23.08 12.85 39.64
CA ALA H 113 21.72 12.59 40.09
C ALA H 113 21.67 11.36 40.98
N PHE H 114 20.76 11.37 41.95
CA PHE H 114 20.64 10.31 42.94
C PHE H 114 19.99 9.06 42.37
N ALA H 115 20.80 8.10 41.96
CA ALA H 115 20.28 6.88 41.34
C ALA H 115 20.02 5.77 42.35
N HIS H 116 20.67 5.85 43.51
CA HIS H 116 20.48 4.82 44.53
C HIS H 116 19.98 5.41 45.85
N TRP H 117 19.00 4.77 46.46
CA TRP H 117 18.41 5.31 47.67
C TRP H 117 18.39 4.29 48.81
N GLY H 118 18.47 4.78 50.03
CA GLY H 118 18.32 3.92 51.20
C GLY H 118 16.84 3.73 51.48
N GLN H 119 16.51 2.91 52.47
CA GLN H 119 15.11 2.64 52.77
C GLN H 119 14.51 3.78 53.57
N GLY H 120 15.36 4.69 54.04
CA GLY H 120 14.93 5.83 54.82
C GLY H 120 14.92 5.54 56.31
N THR H 121 15.10 6.59 57.10
CA THR H 121 15.11 6.47 58.56
C THR H 121 14.23 7.53 59.17
N LEU H 122 13.17 7.11 59.86
CA LEU H 122 12.28 8.05 60.52
C LEU H 122 12.88 8.64 61.78
N VAL H 123 13.04 9.96 61.80
CA VAL H 123 13.51 10.67 62.98
C VAL H 123 12.42 11.60 63.52
N THR H 124 11.95 11.30 64.73
CA THR H 124 10.92 12.08 65.37
C THR H 124 11.49 12.91 66.51
N VAL H 125 11.40 14.22 66.40
CA VAL H 125 11.88 15.11 67.45
C VAL H 125 10.69 15.73 68.18
N SER H 126 10.52 15.36 69.44
CA SER H 126 9.39 15.84 70.24
C SER H 126 9.67 15.80 71.74
N SER H 127 8.83 16.49 72.49
CA SER H 127 8.96 16.51 73.95
C SER H 127 8.15 15.38 74.56
N ALA H 128 7.31 14.76 73.73
CA ALA H 128 6.44 13.69 74.19
C ALA H 128 7.25 12.43 74.49
N SER H 129 6.71 11.57 75.35
CA SER H 129 7.33 10.29 75.64
C SER H 129 6.64 9.18 74.86
N THR H 130 7.36 8.09 74.62
CA THR H 130 6.80 6.95 73.92
C THR H 130 5.60 6.38 74.68
N LYS H 131 4.47 6.26 73.98
CA LYS H 131 3.26 5.76 74.60
C LYS H 131 2.49 4.85 73.65
N GLY H 132 1.99 3.73 74.18
CA GLY H 132 1.14 2.85 73.41
C GLY H 132 -0.21 3.47 73.20
N PRO H 133 -0.90 3.12 72.10
CA PRO H 133 -2.19 3.72 71.76
C PRO H 133 -3.36 3.10 72.53
N SER H 134 -4.41 3.88 72.70
CA SER H 134 -5.68 3.34 73.18
C SER H 134 -6.55 3.02 71.97
N VAL H 135 -7.08 1.80 71.93
CA VAL H 135 -7.89 1.38 70.79
C VAL H 135 -9.36 1.35 71.18
N PHE H 136 -10.13 2.32 70.67
CA PHE H 136 -11.55 2.42 70.98
C PHE H 136 -12.39 1.89 69.83
N PRO H 137 -13.58 1.34 70.15
CA PRO H 137 -14.42 0.81 69.07
C PRO H 137 -15.26 1.88 68.39
N LEU H 138 -15.14 1.96 67.07
CA LEU H 138 -16.06 2.74 66.26
C LEU H 138 -17.21 1.82 65.87
N ALA H 139 -18.18 1.69 66.76
CA ALA H 139 -19.26 0.73 66.58
C ALA H 139 -20.14 1.13 65.41
N PRO H 140 -20.56 0.14 64.60
CA PRO H 140 -21.46 0.36 63.47
C PRO H 140 -22.83 0.83 63.93
N SER H 141 -23.39 1.85 63.27
CA SER H 141 -24.71 2.32 63.66
C SER H 141 -25.72 1.20 63.41
N SER H 142 -26.61 0.98 64.37
CA SER H 142 -27.62 -0.06 64.24
C SER H 142 -28.81 0.42 63.42
N GLY H 148 -28.18 -2.61 53.68
CA GLY H 148 -27.30 -2.43 52.54
C GLY H 148 -25.84 -2.29 52.92
N THR H 149 -25.44 -1.09 53.31
CA THR H 149 -24.05 -0.83 53.66
C THR H 149 -23.91 -0.31 55.09
N ALA H 150 -22.97 -0.88 55.83
CA ALA H 150 -22.67 -0.42 57.19
C ALA H 150 -21.18 -0.14 57.36
N ALA H 151 -20.86 0.88 58.13
CA ALA H 151 -19.47 1.25 58.38
C ALA H 151 -19.10 1.07 59.85
N LEU H 152 -17.92 0.49 60.09
CA LEU H 152 -17.42 0.33 61.46
C LEU H 152 -15.93 0.63 61.48
N GLY H 153 -15.31 0.52 62.64
CA GLY H 153 -13.87 0.71 62.72
C GLY H 153 -13.28 0.77 64.12
N CYS H 154 -12.06 1.29 64.21
CA CYS H 154 -11.38 1.52 65.49
CA CYS H 154 -11.47 1.57 65.51
C CYS H 154 -10.67 2.86 65.51
N LEU H 155 -10.71 3.54 66.66
CA LEU H 155 -10.00 4.79 66.87
C LEU H 155 -8.73 4.49 67.64
N VAL H 156 -7.59 4.63 66.96
CA VAL H 156 -6.28 4.44 67.55
C VAL H 156 -5.79 5.79 68.04
N LYS H 157 -5.99 6.06 69.32
CA LYS H 157 -5.78 7.41 69.86
C LYS H 157 -4.64 7.51 70.87
N ASP H 158 -3.95 8.66 70.83
CA ASP H 158 -2.93 9.03 71.81
C ASP H 158 -1.79 8.04 71.88
N TYR H 159 -0.93 8.07 70.86
CA TYR H 159 0.27 7.25 70.85
C TYR H 159 1.46 8.05 70.36
N PHE H 160 2.65 7.56 70.64
CA PHE H 160 3.88 8.23 70.21
C PHE H 160 5.06 7.27 70.23
N PRO H 161 5.87 7.29 69.17
CA PRO H 161 5.67 8.07 67.95
C PRO H 161 5.07 7.23 66.83
N GLU H 162 5.19 7.73 65.60
CA GLU H 162 4.84 6.97 64.41
C GLU H 162 5.81 5.79 64.27
N PRO H 163 5.40 4.73 63.58
CA PRO H 163 4.12 4.50 62.91
C PRO H 163 3.23 3.51 63.65
N VAL H 164 2.02 3.31 63.13
CA VAL H 164 1.12 2.28 63.62
C VAL H 164 0.59 1.51 62.42
N THR H 165 0.51 0.19 62.54
CA THR H 165 -0.08 -0.60 61.46
C THR H 165 -1.40 -1.18 61.93
N VAL H 166 -2.43 -1.10 61.09
CA VAL H 166 -3.72 -1.63 61.45
C VAL H 166 -4.21 -2.63 60.41
N SER H 167 -4.58 -3.82 60.86
CA SER H 167 -5.18 -4.83 59.99
C SER H 167 -6.56 -5.21 60.50
N TRP H 168 -7.27 -6.05 59.75
CA TRP H 168 -8.58 -6.51 60.17
C TRP H 168 -8.72 -8.03 60.04
N ASN H 169 -9.14 -8.68 61.12
CA ASN H 169 -9.28 -10.14 61.16
C ASN H 169 -8.00 -10.85 60.70
N SER H 170 -6.87 -10.36 61.16
CA SER H 170 -5.56 -10.93 60.85
C SER H 170 -5.25 -10.96 59.35
N GLY H 171 -5.69 -9.92 58.64
CA GLY H 171 -5.39 -9.80 57.23
C GLY H 171 -6.44 -10.41 56.30
N ALA H 172 -7.46 -11.01 56.89
CA ALA H 172 -8.52 -11.64 56.12
C ALA H 172 -9.47 -10.63 55.50
N LEU H 173 -9.61 -9.47 56.16
CA LEU H 173 -10.50 -8.43 55.66
C LEU H 173 -9.71 -7.23 55.15
N THR H 174 -9.70 -7.06 53.82
CA THR H 174 -8.93 -5.98 53.20
C THR H 174 -9.78 -5.09 52.31
N SER H 175 -10.84 -5.66 51.74
CA SER H 175 -11.70 -4.90 50.83
C SER H 175 -12.54 -3.87 51.56
N GLY H 176 -12.39 -2.60 51.15
CA GLY H 176 -13.17 -1.52 51.72
C GLY H 176 -12.55 -0.97 52.98
N VAL H 177 -11.32 -1.39 53.28
CA VAL H 177 -10.64 -0.94 54.48
C VAL H 177 -9.90 0.35 54.18
N HIS H 178 -10.12 1.37 55.01
CA HIS H 178 -9.42 2.63 54.87
C HIS H 178 -8.75 3.02 56.18
N THR H 179 -7.42 2.90 56.22
CA THR H 179 -6.65 3.35 57.38
C THR H 179 -6.09 4.74 57.12
N PHE H 180 -6.60 5.72 57.86
CA PHE H 180 -6.26 7.11 57.62
C PHE H 180 -4.88 7.48 58.15
N PRO H 181 -4.23 8.45 57.48
CA PRO H 181 -2.97 9.02 57.97
C PRO H 181 -3.16 9.61 59.36
N ALA H 182 -2.15 9.48 60.21
CA ALA H 182 -2.24 9.97 61.57
C ALA H 182 -2.18 11.50 61.60
N VAL H 183 -2.91 12.08 62.55
CA VAL H 183 -2.81 13.51 62.80
C VAL H 183 -2.04 13.74 64.10
N LEU H 184 -1.29 14.82 64.17
CA LEU H 184 -0.56 15.15 65.39
C LEU H 184 -1.43 16.06 66.24
N GLN H 185 -1.94 15.52 67.34
CA GLN H 185 -2.82 16.27 68.24
C GLN H 185 -2.05 17.37 68.94
N SER H 186 -2.76 18.33 69.52
CA SER H 186 -2.11 19.43 70.21
C SER H 186 -1.37 18.96 71.46
N SER H 187 -1.75 17.78 71.95
CA SER H 187 -1.13 17.19 73.12
C SER H 187 0.25 16.60 72.83
N GLY H 188 0.59 16.48 71.55
CA GLY H 188 1.88 15.93 71.16
C GLY H 188 1.79 14.44 70.87
N LEU H 189 0.60 13.88 71.02
CA LEU H 189 0.38 12.48 70.74
C LEU H 189 -0.32 12.31 69.40
N TYR H 190 -0.04 11.20 68.71
CA TYR H 190 -0.66 10.94 67.43
C TYR H 190 -2.00 10.21 67.60
N SER H 191 -2.81 10.26 66.54
CA SER H 191 -4.10 9.57 66.54
C SER H 191 -4.57 9.35 65.12
N LEU H 192 -5.05 8.14 64.84
CA LEU H 192 -5.64 7.86 63.54
C LEU H 192 -6.88 7.00 63.70
N SER H 193 -7.62 6.84 62.61
CA SER H 193 -8.82 6.00 62.61
CA SER H 193 -8.82 6.00 62.61
C SER H 193 -8.74 4.97 61.50
N SER H 194 -9.22 3.76 61.77
CA SER H 194 -9.25 2.73 60.75
C SER H 194 -10.66 2.23 60.56
N VAL H 195 -11.23 2.48 59.38
CA VAL H 195 -12.62 2.10 59.13
C VAL H 195 -12.74 1.02 58.06
N VAL H 196 -13.93 0.42 57.98
CA VAL H 196 -14.23 -0.59 56.98
C VAL H 196 -15.74 -0.68 56.76
N THR H 197 -16.14 -0.87 55.50
CA THR H 197 -17.55 -1.02 55.16
C THR H 197 -17.90 -2.46 54.79
N VAL H 198 -18.93 -2.99 55.43
CA VAL H 198 -19.41 -4.35 55.17
C VAL H 198 -20.94 -4.33 55.10
N PRO H 199 -21.54 -5.38 54.50
CA PRO H 199 -23.01 -5.49 54.50
C PRO H 199 -23.61 -5.58 55.91
N SER H 200 -24.76 -4.93 56.10
CA SER H 200 -25.43 -4.90 57.39
C SER H 200 -25.88 -6.30 57.80
N SER H 201 -26.12 -7.15 56.80
CA SER H 201 -26.59 -8.50 57.03
C SER H 201 -25.57 -9.35 57.77
N SER H 202 -24.30 -9.01 57.62
CA SER H 202 -23.21 -9.79 58.22
C SER H 202 -22.86 -9.37 59.65
N LEU H 203 -23.40 -8.25 60.09
CA LEU H 203 -23.05 -7.68 61.41
C LEU H 203 -23.34 -8.66 62.54
N GLY H 204 -24.39 -9.45 62.35
CA GLY H 204 -24.83 -10.43 63.34
C GLY H 204 -24.21 -11.78 63.10
N THR H 205 -23.48 -11.93 61.98
CA THR H 205 -22.93 -13.23 61.62
C THR H 205 -21.41 -13.25 61.65
N GLN H 206 -20.77 -12.28 60.99
CA GLN H 206 -19.31 -12.23 60.96
C GLN H 206 -18.76 -11.37 62.10
N THR H 207 -17.68 -11.85 62.71
CA THR H 207 -16.98 -11.13 63.77
C THR H 207 -15.86 -10.27 63.20
N TYR H 208 -15.85 -8.99 63.56
CA TYR H 208 -14.83 -8.07 63.06
C TYR H 208 -13.91 -7.56 64.17
N ILE H 209 -12.62 -7.87 64.04
CA ILE H 209 -11.63 -7.46 65.02
C ILE H 209 -10.46 -6.75 64.37
N CYS H 210 -10.16 -5.52 64.82
CA CYS H 210 -9.03 -4.79 64.26
C CYS H 210 -7.77 -5.05 65.07
N ASN H 211 -6.68 -5.36 64.35
CA ASN H 211 -5.39 -5.60 64.96
C ASN H 211 -4.49 -4.37 64.83
N VAL H 212 -4.30 -3.69 65.95
CA VAL H 212 -3.49 -2.48 65.99
C VAL H 212 -2.11 -2.82 66.52
N ASN H 213 -1.09 -2.39 65.78
CA ASN H 213 0.26 -2.75 66.11
C ASN H 213 1.12 -1.48 66.21
N HIS H 214 1.66 -1.23 67.40
CA HIS H 214 2.55 -0.08 67.63
C HIS H 214 3.88 -0.56 68.17
N LYS H 215 4.77 -0.90 67.24
CA LYS H 215 6.11 -1.39 67.57
C LYS H 215 6.98 -0.45 68.41
N PRO H 216 6.96 0.87 68.13
CA PRO H 216 7.82 1.74 68.95
C PRO H 216 7.56 1.68 70.46
N SER H 217 6.41 1.15 70.87
CA SER H 217 6.08 1.06 72.29
C SER H 217 5.85 -0.38 72.69
N ASN H 218 6.17 -1.29 71.76
CA ASN H 218 6.00 -2.72 71.96
C ASN H 218 4.54 -3.06 72.31
N THR H 219 3.61 -2.28 71.76
CA THR H 219 2.19 -2.45 72.05
C THR H 219 1.47 -3.17 70.91
N LYS H 220 0.64 -4.15 71.24
CA LYS H 220 -0.17 -4.82 70.23
C LYS H 220 -1.55 -5.13 70.78
N VAL H 221 -2.57 -4.49 70.23
CA VAL H 221 -3.93 -4.64 70.73
C VAL H 221 -4.89 -5.14 69.66
N ASP H 222 -5.53 -6.27 69.93
CA ASP H 222 -6.56 -6.80 69.06
C ASP H 222 -7.92 -6.47 69.65
N LYS H 223 -8.64 -5.52 69.04
CA LYS H 223 -9.91 -5.06 69.59
C LYS H 223 -11.08 -5.54 68.76
N LYS H 224 -12.05 -6.17 69.42
CA LYS H 224 -13.24 -6.66 68.75
C LYS H 224 -14.32 -5.57 68.70
N VAL H 225 -14.83 -5.34 67.50
CA VAL H 225 -15.88 -4.34 67.29
C VAL H 225 -17.22 -5.02 67.03
N GLU H 226 -18.21 -4.67 67.84
CA GLU H 226 -19.53 -5.27 67.73
C GLU H 226 -20.60 -4.18 67.89
N PRO H 227 -21.79 -4.40 67.32
CA PRO H 227 -22.91 -3.45 67.45
C PRO H 227 -23.26 -3.15 68.91
N GLU I 1 5.82 15.97 -65.68
CA GLU I 1 6.12 15.74 -64.27
C GLU I 1 4.89 15.79 -63.39
N ILE I 2 4.72 14.76 -62.56
CA ILE I 2 3.63 14.75 -61.58
C ILE I 2 4.12 15.51 -60.35
N VAL I 3 3.39 16.55 -59.98
CA VAL I 3 3.76 17.35 -58.82
C VAL I 3 2.90 16.97 -57.62
N LEU I 4 3.58 16.54 -56.55
CA LEU I 4 2.89 16.18 -55.33
C LEU I 4 2.86 17.34 -54.35
N THR I 5 1.68 17.64 -53.84
CA THR I 5 1.49 18.70 -52.87
C THR I 5 0.94 18.15 -51.56
N GLN I 6 1.74 18.26 -50.50
CA GLN I 6 1.31 17.76 -49.19
C GLN I 6 0.65 18.89 -48.40
N SER I 7 -0.40 18.53 -47.67
CA SER I 7 -1.14 19.50 -46.88
C SER I 7 -1.52 18.89 -45.53
N PRO I 8 -1.40 19.69 -44.45
CA PRO I 8 -0.91 21.07 -44.47
C PRO I 8 0.60 21.12 -44.39
N GLY I 9 1.16 22.32 -44.31
CA GLY I 9 2.60 22.46 -44.16
C GLY I 9 3.03 21.96 -42.80
N THR I 10 2.40 22.48 -41.75
CA THR I 10 2.70 22.04 -40.39
C THR I 10 1.42 21.60 -39.69
N GLN I 11 1.51 20.50 -38.94
CA GLN I 11 0.36 19.97 -38.21
C GLN I 11 0.68 19.88 -36.72
N SER I 12 0.04 20.75 -35.94
CA SER I 12 0.28 20.80 -34.50
C SER I 12 -0.80 20.03 -33.76
N LEU I 13 -0.42 18.91 -33.15
CA LEU I 13 -1.40 18.08 -32.45
C LEU I 13 -0.87 17.59 -31.10
N SER I 14 -1.78 17.21 -30.22
CA SER I 14 -1.41 16.70 -28.90
C SER I 14 -1.20 15.19 -28.98
N PRO I 15 -0.30 14.66 -28.14
CA PRO I 15 -0.06 13.21 -28.11
C PRO I 15 -1.34 12.43 -27.78
N GLY I 16 -1.58 11.36 -28.52
CA GLY I 16 -2.77 10.55 -28.34
C GLY I 16 -3.88 10.86 -29.34
N GLU I 17 -3.73 11.98 -30.05
CA GLU I 17 -4.72 12.40 -31.03
C GLU I 17 -4.55 11.68 -32.37
N ARG I 18 -5.54 11.85 -33.24
CA ARG I 18 -5.53 11.23 -34.56
C ARG I 18 -5.07 12.24 -35.61
N ALA I 19 -4.01 11.90 -36.32
CA ALA I 19 -3.42 12.80 -37.31
C ALA I 19 -3.79 12.39 -38.73
N THR I 20 -4.20 13.36 -39.53
CA THR I 20 -4.55 13.11 -40.92
C THR I 20 -3.75 14.01 -41.89
N LEU I 21 -2.92 13.37 -42.70
CA LEU I 21 -2.06 14.07 -43.66
C LEU I 21 -2.55 13.88 -45.10
N SER I 22 -2.48 14.94 -45.88
CA SER I 22 -2.97 14.93 -47.26
C SER I 22 -1.86 14.97 -48.30
N CYS I 23 -2.00 14.17 -49.35
CA CYS I 23 -1.12 14.23 -50.50
C CYS I 23 -1.93 14.33 -51.78
N ARG I 24 -1.76 15.43 -52.51
CA ARG I 24 -2.53 15.68 -53.72
C ARG I 24 -1.64 15.71 -54.96
N ALA I 25 -1.95 14.84 -55.92
CA ALA I 25 -1.16 14.75 -57.14
C ALA I 25 -1.69 15.64 -58.26
N SER I 26 -0.78 16.21 -59.05
CA SER I 26 -1.14 17.05 -60.18
C SER I 26 -1.78 16.22 -61.30
N GLN I 27 -1.40 14.95 -61.40
CA GLN I 27 -1.99 14.02 -62.36
C GLN I 27 -2.30 12.70 -61.68
N SER I 28 -3.04 11.83 -62.35
CA SER I 28 -3.42 10.54 -61.77
C SER I 28 -2.17 9.68 -61.51
N VAL I 29 -2.01 9.22 -60.28
CA VAL I 29 -0.87 8.36 -59.93
C VAL I 29 -1.14 6.90 -60.27
N GLY I 30 -0.94 6.55 -61.55
CA GLY I 30 -1.11 5.19 -62.03
C GLY I 30 -0.93 4.06 -61.04
N ASN I 31 -1.83 3.07 -61.08
CA ASN I 31 -1.71 1.86 -60.26
C ASN I 31 -1.65 2.09 -58.74
N ASN I 32 -1.86 3.33 -58.31
CA ASN I 32 -1.82 3.69 -56.90
C ASN I 32 -0.42 3.61 -56.29
N LYS I 33 0.60 3.68 -57.14
CA LYS I 33 1.98 3.61 -56.68
C LYS I 33 2.33 4.86 -55.87
N LEU I 34 1.74 4.97 -54.69
CA LEU I 34 1.96 6.09 -53.79
C LEU I 34 2.55 5.57 -52.49
N ALA I 35 3.58 6.24 -52.00
CA ALA I 35 4.29 5.79 -50.81
C ALA I 35 4.40 6.89 -49.77
N TRP I 36 4.43 6.47 -48.50
CA TRP I 36 4.59 7.37 -47.38
C TRP I 36 5.83 7.00 -46.58
N TYR I 37 6.68 8.00 -46.38
CA TYR I 37 7.94 7.87 -45.65
C TYR I 37 7.96 8.75 -44.41
N GLN I 38 8.64 8.26 -43.38
CA GLN I 38 8.87 9.02 -42.16
C GLN I 38 10.35 9.36 -42.04
N GLN I 39 10.65 10.59 -41.65
CA GLN I 39 12.02 10.99 -41.42
C GLN I 39 12.15 11.80 -40.13
N ARG I 40 13.07 11.35 -39.28
CA ARG I 40 13.41 12.03 -38.05
C ARG I 40 14.72 12.77 -38.26
N PRO I 41 14.96 13.83 -37.47
CA PRO I 41 16.20 14.60 -37.60
C PRO I 41 17.46 13.74 -37.46
N GLY I 42 18.34 13.81 -38.46
CA GLY I 42 19.61 13.10 -38.41
C GLY I 42 19.55 11.69 -38.94
N GLN I 43 18.37 11.24 -39.36
CA GLN I 43 18.21 9.87 -39.86
C GLN I 43 17.70 9.83 -41.29
N ALA I 44 17.86 8.66 -41.91
CA ALA I 44 17.34 8.42 -43.25
C ALA I 44 15.82 8.17 -43.17
N PRO I 45 15.11 8.42 -44.28
CA PRO I 45 13.66 8.15 -44.32
C PRO I 45 13.31 6.69 -44.04
N ARG I 46 12.11 6.44 -43.54
CA ARG I 46 11.65 5.08 -43.30
C ARG I 46 10.32 4.86 -44.01
N LEU I 47 10.23 3.79 -44.80
CA LEU I 47 9.01 3.49 -45.52
C LEU I 47 7.89 3.11 -44.57
N LEU I 48 6.81 3.89 -44.59
CA LEU I 48 5.65 3.62 -43.76
C LEU I 48 4.55 2.91 -44.55
N ILE I 49 4.25 3.45 -45.73
CA ILE I 49 3.17 2.89 -46.54
C ILE I 49 3.59 2.77 -48.01
N TYR I 50 3.17 1.72 -48.69
CA TYR I 50 3.40 1.63 -50.13
C TYR I 50 2.14 1.15 -50.85
N GLY I 51 2.04 1.46 -52.14
CA GLY I 51 0.87 1.11 -52.92
C GLY I 51 -0.37 1.77 -52.36
N ALA I 52 -0.19 2.99 -51.86
CA ALA I 52 -1.26 3.83 -51.28
C ALA I 52 -1.83 3.31 -49.95
N SER I 53 -1.84 2.00 -49.74
CA SER I 53 -2.49 1.46 -48.55
C SER I 53 -1.73 0.31 -47.88
N SER I 54 -0.84 -0.36 -48.62
CA SER I 54 -0.11 -1.49 -48.06
C SER I 54 0.95 -1.04 -47.05
N ARG I 55 1.11 -1.82 -45.98
CA ARG I 55 2.05 -1.49 -44.91
C ARG I 55 3.10 -2.58 -44.73
N PRO I 56 4.37 -2.19 -44.85
CA PRO I 56 5.47 -3.15 -44.67
C PRO I 56 5.50 -3.72 -43.26
N SER I 57 6.09 -4.91 -43.11
CA SER I 57 6.24 -5.50 -41.80
C SER I 57 7.25 -4.68 -41.00
N GLY I 58 6.94 -4.41 -39.74
CA GLY I 58 7.79 -3.61 -38.89
C GLY I 58 7.21 -2.23 -38.62
N VAL I 59 6.27 -1.81 -39.45
CA VAL I 59 5.57 -0.55 -39.24
C VAL I 59 4.33 -0.81 -38.40
N ALA I 60 4.14 -0.02 -37.34
CA ALA I 60 3.02 -0.22 -36.43
C ALA I 60 1.69 -0.12 -37.16
N ASP I 61 0.68 -0.83 -36.66
CA ASP I 61 -0.62 -0.89 -37.30
C ASP I 61 -1.41 0.39 -37.14
N ARG I 62 -0.93 1.30 -36.29
CA ARG I 62 -1.62 2.57 -36.07
C ARG I 62 -1.44 3.50 -37.27
N PHE I 63 -0.47 3.16 -38.12
CA PHE I 63 -0.27 3.85 -39.39
C PHE I 63 -1.08 3.19 -40.51
N SER I 64 -1.90 3.97 -41.19
CA SER I 64 -2.68 3.43 -42.30
C SER I 64 -2.75 4.43 -43.45
N GLY I 65 -2.74 3.91 -44.68
CA GLY I 65 -2.82 4.77 -45.85
C GLY I 65 -4.08 4.51 -46.64
N SER I 66 -4.59 5.55 -47.28
CA SER I 66 -5.80 5.39 -48.09
C SER I 66 -5.83 6.39 -49.25
N GLY I 67 -6.82 6.23 -50.12
CA GLY I 67 -6.98 7.13 -51.25
C GLY I 67 -6.60 6.53 -52.58
N SER I 68 -6.86 7.28 -53.66
CA SER I 68 -6.50 6.85 -55.01
C SER I 68 -6.56 8.02 -55.98
N GLY I 69 -6.15 7.77 -57.22
CA GLY I 69 -6.24 8.77 -58.27
C GLY I 69 -5.27 9.90 -58.02
N THR I 70 -5.77 10.97 -57.41
CA THR I 70 -4.95 12.13 -57.09
C THR I 70 -5.01 12.47 -55.60
N ASP I 71 -5.96 11.86 -54.89
CA ASP I 71 -6.11 12.16 -53.47
C ASP I 71 -5.68 11.01 -52.59
N PHE I 72 -4.64 11.26 -51.80
CA PHE I 72 -4.10 10.23 -50.91
C PHE I 72 -4.00 10.78 -49.50
N THR I 73 -4.06 9.88 -48.52
CA THR I 73 -4.11 10.29 -47.13
C THR I 73 -3.37 9.34 -46.22
N LEU I 74 -2.49 9.89 -45.38
CA LEU I 74 -1.84 9.14 -44.32
C LEU I 74 -2.52 9.40 -42.99
N THR I 75 -2.90 8.33 -42.31
CA THR I 75 -3.62 8.45 -41.05
C THR I 75 -2.90 7.77 -39.91
N ILE I 76 -2.61 8.53 -38.86
CA ILE I 76 -2.07 7.98 -37.63
C ILE I 76 -3.17 7.99 -36.58
N SER I 77 -3.70 6.81 -36.28
CA SER I 77 -4.85 6.66 -35.39
C SER I 77 -4.60 7.26 -34.00
N ARG I 78 -3.39 7.04 -33.50
CA ARG I 78 -2.98 7.53 -32.19
C ARG I 78 -1.55 8.03 -32.26
N LEU I 79 -1.35 9.30 -31.92
CA LEU I 79 -0.04 9.92 -31.99
C LEU I 79 0.81 9.50 -30.79
N GLU I 80 1.82 8.67 -31.05
CA GLU I 80 2.81 8.30 -30.05
C GLU I 80 3.94 9.30 -30.08
N PRO I 81 4.72 9.38 -28.98
CA PRO I 81 5.84 10.32 -28.90
C PRO I 81 6.78 10.23 -30.10
N GLU I 82 7.00 9.00 -30.57
CA GLU I 82 7.91 8.74 -31.68
C GLU I 82 7.30 9.02 -33.05
N ASP I 83 6.02 9.37 -33.10
CA ASP I 83 5.35 9.66 -34.37
C ASP I 83 5.57 11.10 -34.83
N PHE I 84 6.01 11.96 -33.93
CA PHE I 84 6.22 13.36 -34.28
C PHE I 84 7.52 13.59 -35.07
N ALA I 85 7.38 13.59 -36.39
CA ALA I 85 8.53 13.76 -37.28
C ALA I 85 8.08 14.41 -38.58
N VAL I 86 8.90 14.29 -39.62
CA VAL I 86 8.51 14.83 -40.93
C VAL I 86 8.02 13.68 -41.81
N TYR I 87 6.98 13.92 -42.59
CA TYR I 87 6.42 12.86 -43.44
C TYR I 87 6.40 13.25 -44.91
N TYR I 88 6.89 12.35 -45.76
CA TYR I 88 6.92 12.60 -47.20
C TYR I 88 6.05 11.63 -47.98
N CYS I 89 5.41 12.12 -49.04
CA CYS I 89 4.72 11.25 -49.97
C CYS I 89 5.50 11.20 -51.28
N GLN I 90 5.48 10.03 -51.93
CA GLN I 90 6.26 9.83 -53.15
C GLN I 90 5.45 9.05 -54.18
N GLN I 91 5.46 9.51 -55.43
CA GLN I 91 4.81 8.75 -56.49
C GLN I 91 5.88 8.06 -57.35
N TYR I 92 5.64 6.80 -57.70
CA TYR I 92 6.58 6.04 -58.51
C TYR I 92 5.86 5.26 -59.59
N GLY I 93 4.73 5.80 -60.06
CA GLY I 93 3.96 5.18 -61.12
C GLY I 93 4.49 5.53 -62.51
N GLN I 94 5.28 6.60 -62.58
CA GLN I 94 5.93 6.99 -63.81
C GLN I 94 7.42 6.71 -63.71
N SER I 95 8.14 6.90 -64.82
CA SER I 95 9.59 6.72 -64.82
C SER I 95 10.26 7.82 -63.99
N LEU I 96 9.71 9.02 -64.05
CA LEU I 96 10.18 10.11 -63.22
C LEU I 96 9.46 10.12 -61.88
N SER I 97 10.15 9.67 -60.83
CA SER I 97 9.56 9.65 -59.50
C SER I 97 9.80 10.96 -58.79
N THR I 98 8.80 11.43 -58.06
CA THR I 98 8.89 12.70 -57.34
C THR I 98 8.37 12.58 -55.92
N PHE I 99 8.93 13.41 -55.04
CA PHE I 99 8.51 13.47 -53.65
C PHE I 99 7.63 14.69 -53.41
N GLY I 100 6.85 14.65 -52.34
CA GLY I 100 6.13 15.83 -51.90
C GLY I 100 7.08 16.70 -51.10
N GLN I 101 6.69 17.93 -50.80
CA GLN I 101 7.56 18.84 -50.06
C GLN I 101 7.61 18.47 -48.59
N GLY I 102 6.70 17.61 -48.17
CA GLY I 102 6.73 17.10 -46.80
C GLY I 102 5.79 17.83 -45.85
N THR I 103 5.40 17.13 -44.81
CA THR I 103 4.56 17.69 -43.75
C THR I 103 5.17 17.38 -42.40
N LYS I 104 5.40 18.41 -41.60
CA LYS I 104 5.93 18.22 -40.26
C LYS I 104 4.81 18.10 -39.26
N VAL I 105 4.80 16.99 -38.52
CA VAL I 105 3.83 16.81 -37.45
C VAL I 105 4.49 17.08 -36.11
N GLU I 106 4.10 18.19 -35.49
CA GLU I 106 4.69 18.61 -34.23
C GLU I 106 3.73 18.50 -33.05
N VAL I 107 4.30 18.41 -31.86
CA VAL I 107 3.52 18.37 -30.63
C VAL I 107 2.94 19.73 -30.30
N LYS I 108 1.61 19.79 -30.18
CA LYS I 108 0.94 20.99 -29.72
C LYS I 108 0.88 20.97 -28.20
N ARG I 109 1.44 22.00 -27.56
CA ARG I 109 1.43 22.12 -26.11
C ARG I 109 0.94 23.48 -25.67
N THR I 110 0.90 23.69 -24.37
CA THR I 110 0.50 24.99 -23.83
C THR I 110 1.53 26.02 -24.24
N VAL I 111 1.08 27.24 -24.50
CA VAL I 111 1.95 28.31 -24.95
C VAL I 111 3.02 28.65 -23.90
N ALA I 112 4.27 28.70 -24.34
CA ALA I 112 5.38 29.05 -23.46
C ALA I 112 6.20 30.20 -24.06
N ALA I 113 6.44 31.23 -23.24
CA ALA I 113 7.23 32.38 -23.64
C ALA I 113 8.72 32.05 -23.64
N PRO I 114 9.48 32.68 -24.54
CA PRO I 114 10.92 32.43 -24.61
C PRO I 114 11.70 33.09 -23.48
N SER I 115 12.71 32.40 -22.95
CA SER I 115 13.63 33.01 -22.01
C SER I 115 14.77 33.66 -22.80
N VAL I 116 14.82 34.99 -22.79
CA VAL I 116 15.77 35.71 -23.64
C VAL I 116 17.05 36.07 -22.90
N PHE I 117 18.19 35.76 -23.52
CA PHE I 117 19.50 36.11 -22.96
C PHE I 117 20.33 36.80 -24.04
N ILE I 118 21.18 37.75 -23.64
CA ILE I 118 22.06 38.39 -24.62
C ILE I 118 23.53 38.21 -24.23
N PHE I 119 24.37 38.01 -25.25
CA PHE I 119 25.78 37.76 -25.06
C PHE I 119 26.63 38.72 -25.88
N PRO I 120 27.42 39.55 -25.19
CA PRO I 120 28.39 40.43 -25.85
C PRO I 120 29.49 39.60 -26.48
N PRO I 121 30.18 40.15 -27.49
CA PRO I 121 31.32 39.44 -28.06
C PRO I 121 32.42 39.24 -27.03
N SER I 122 33.06 38.07 -27.06
CA SER I 122 34.13 37.76 -26.14
C SER I 122 35.36 38.62 -26.40
N ASP I 123 36.21 38.75 -25.38
CA ASP I 123 37.44 39.50 -25.53
C ASP I 123 38.38 38.80 -26.50
N GLU I 124 38.33 37.48 -26.51
CA GLU I 124 39.13 36.68 -27.42
C GLU I 124 38.78 36.97 -28.88
N GLN I 125 37.48 37.05 -29.17
CA GLN I 125 37.02 37.34 -30.53
C GLN I 125 37.32 38.78 -30.92
N LEU I 126 37.15 39.70 -29.97
CA LEU I 126 37.46 41.10 -30.20
C LEU I 126 38.95 41.29 -30.47
N LYS I 127 39.75 40.41 -29.89
CA LYS I 127 41.20 40.42 -30.09
C LYS I 127 41.55 40.00 -31.53
N SER I 128 40.61 39.34 -32.20
CA SER I 128 40.83 38.87 -33.56
C SER I 128 40.26 39.79 -34.63
N GLY I 129 39.53 40.84 -34.21
CA GLY I 129 39.06 41.84 -35.15
C GLY I 129 37.61 41.74 -35.59
N THR I 130 36.87 40.79 -35.03
CA THR I 130 35.45 40.63 -35.36
C THR I 130 34.61 40.61 -34.08
N ALA I 131 33.33 40.94 -34.20
CA ALA I 131 32.45 40.98 -33.04
C ALA I 131 31.12 40.26 -33.31
N SER I 132 30.80 39.28 -32.48
CA SER I 132 29.54 38.56 -32.59
C SER I 132 28.69 38.72 -31.34
N VAL I 133 27.53 39.35 -31.49
CA VAL I 133 26.57 39.50 -30.41
C VAL I 133 25.49 38.42 -30.55
N VAL I 134 25.28 37.64 -29.51
CA VAL I 134 24.38 36.50 -29.63
C VAL I 134 23.12 36.63 -28.77
N CYS I 135 21.96 36.55 -29.40
CA CYS I 135 20.69 36.59 -28.69
C CYS I 135 20.11 35.18 -28.65
N LEU I 136 19.84 34.70 -27.45
CA LEU I 136 19.30 33.37 -27.25
C LEU I 136 17.85 33.43 -26.80
N LEU I 137 16.99 32.75 -27.54
CA LEU I 137 15.58 32.59 -27.18
C LEU I 137 15.38 31.16 -26.72
N ASN I 138 15.28 30.96 -25.42
CA ASN I 138 15.34 29.62 -24.87
C ASN I 138 13.98 29.02 -24.50
N ASN I 139 13.74 27.83 -25.01
CA ASN I 139 12.60 26.99 -24.63
C ASN I 139 11.25 27.69 -24.72
N PHE I 140 10.72 27.79 -25.94
CA PHE I 140 9.42 28.43 -26.15
C PHE I 140 8.52 27.63 -27.09
N TYR I 141 7.23 27.93 -27.04
CA TYR I 141 6.23 27.36 -27.93
C TYR I 141 5.10 28.37 -28.15
N PRO I 142 4.63 28.52 -29.40
CA PRO I 142 4.99 27.81 -30.63
C PRO I 142 6.32 28.25 -31.22
N ARG I 143 6.66 27.70 -32.38
CA ARG I 143 7.96 27.95 -33.02
C ARG I 143 8.12 29.37 -33.53
N GLU I 144 7.02 29.98 -33.95
CA GLU I 144 7.08 31.31 -34.56
C GLU I 144 7.42 32.42 -33.55
N ALA I 145 8.60 33.01 -33.72
CA ALA I 145 9.10 34.10 -32.89
C ALA I 145 9.78 35.14 -33.76
N LYS I 146 9.85 36.38 -33.28
CA LYS I 146 10.44 37.46 -34.05
C LYS I 146 11.57 38.15 -33.27
N VAL I 147 12.72 38.28 -33.92
CA VAL I 147 13.89 38.91 -33.29
C VAL I 147 14.35 40.12 -34.09
N GLN I 148 14.48 41.25 -33.41
CA GLN I 148 14.94 42.48 -34.03
C GLN I 148 16.18 43.01 -33.32
N TRP I 149 17.21 43.33 -34.09
CA TRP I 149 18.44 43.86 -33.52
C TRP I 149 18.50 45.39 -33.56
N LYS I 150 18.78 45.99 -32.41
CA LYS I 150 18.95 47.43 -32.32
C LYS I 150 20.31 47.85 -31.79
N VAL I 151 21.03 48.63 -32.59
CA VAL I 151 22.31 49.20 -32.19
C VAL I 151 22.13 50.71 -32.04
N ASP I 152 22.21 51.20 -30.79
CA ASP I 152 21.85 52.58 -30.46
C ASP I 152 20.43 52.91 -30.89
N ASN I 153 19.51 51.99 -30.62
CA ASN I 153 18.10 52.11 -30.97
C ASN I 153 17.86 52.25 -32.46
N ALA I 154 18.81 51.77 -33.27
CA ALA I 154 18.65 51.74 -34.72
C ALA I 154 18.37 50.30 -35.17
N LEU I 155 17.27 50.11 -35.88
CA LEU I 155 16.88 48.79 -36.34
C LEU I 155 17.91 48.26 -37.34
N GLN I 156 18.51 47.11 -37.02
CA GLN I 156 19.52 46.50 -37.88
C GLN I 156 18.85 45.63 -38.93
N SER I 157 19.55 45.40 -40.04
CA SER I 157 18.97 44.68 -41.16
C SER I 157 20.02 44.16 -42.14
N GLY I 158 20.13 42.83 -42.23
CA GLY I 158 21.04 42.19 -43.17
C GLY I 158 22.42 41.87 -42.62
N ASN I 159 22.57 41.99 -41.31
CA ASN I 159 23.83 41.67 -40.66
C ASN I 159 23.65 40.64 -39.56
N SER I 160 22.55 39.90 -39.60
CA SER I 160 22.28 38.88 -38.60
C SER I 160 21.72 37.59 -39.21
N GLN I 161 22.11 36.46 -38.62
CA GLN I 161 21.60 35.16 -39.05
C GLN I 161 21.13 34.33 -37.86
N GLU I 162 20.00 33.64 -38.03
CA GLU I 162 19.49 32.83 -36.92
C GLU I 162 19.24 31.38 -37.30
N SER I 163 19.24 30.50 -36.30
CA SER I 163 18.91 29.10 -36.52
C SER I 163 18.04 28.58 -35.39
N VAL I 164 17.18 27.62 -35.70
CA VAL I 164 16.24 27.06 -34.75
C VAL I 164 16.50 25.59 -34.51
N THR I 165 16.39 25.17 -33.26
CA THR I 165 16.55 23.77 -32.89
C THR I 165 15.31 22.97 -33.25
N GLU I 166 15.45 21.65 -33.23
CA GLU I 166 14.29 20.78 -33.39
C GLU I 166 13.45 20.87 -32.12
N GLN I 167 12.16 20.56 -32.23
CA GLN I 167 11.28 20.60 -31.07
C GLN I 167 11.81 19.65 -30.01
N ASP I 168 12.06 20.18 -28.82
CA ASP I 168 12.66 19.40 -27.74
C ASP I 168 11.81 18.17 -27.39
N SER I 169 12.46 17.03 -27.20
CA SER I 169 11.74 15.79 -26.97
C SER I 169 11.10 15.71 -25.59
N LYS I 170 11.53 16.57 -24.67
CA LYS I 170 11.03 16.51 -23.29
C LYS I 170 9.89 17.49 -23.03
N ASP I 171 10.14 18.78 -23.24
CA ASP I 171 9.15 19.80 -22.95
C ASP I 171 8.45 20.34 -24.20
N SER I 172 8.78 19.78 -25.36
CA SER I 172 8.17 20.13 -26.64
C SER I 172 8.33 21.61 -26.98
N THR I 173 9.42 22.21 -26.54
CA THR I 173 9.66 23.62 -26.82
C THR I 173 10.69 23.82 -27.93
N TYR I 174 10.84 25.05 -28.37
CA TYR I 174 11.84 25.41 -29.36
C TYR I 174 12.84 26.40 -28.78
N SER I 175 14.01 26.48 -29.40
CA SER I 175 15.00 27.48 -29.03
C SER I 175 15.62 28.09 -30.29
N LEU I 176 15.80 29.39 -30.27
CA LEU I 176 16.32 30.13 -31.42
C LEU I 176 17.62 30.82 -31.05
N SER I 177 18.57 30.81 -31.99
CA SER I 177 19.82 31.51 -31.78
C SER I 177 20.04 32.51 -32.89
N SER I 178 20.13 33.78 -32.52
CA SER I 178 20.34 34.84 -33.49
C SER I 178 21.71 35.47 -33.28
N THR I 179 22.50 35.52 -34.35
CA THR I 179 23.84 36.06 -34.28
C THR I 179 23.95 37.34 -35.10
N LEU I 180 24.30 38.43 -34.43
CA LEU I 180 24.54 39.72 -35.06
C LEU I 180 26.04 39.92 -35.23
N THR I 181 26.49 40.11 -36.46
CA THR I 181 27.92 40.21 -36.73
C THR I 181 28.33 41.61 -37.16
N LEU I 182 29.33 42.14 -36.46
CA LEU I 182 29.88 43.46 -36.72
C LEU I 182 31.41 43.42 -36.76
N SER I 183 32.02 44.46 -37.30
CA SER I 183 33.48 44.60 -37.25
C SER I 183 33.88 45.17 -35.91
N LYS I 184 35.14 44.98 -35.52
CA LYS I 184 35.62 45.50 -34.24
C LYS I 184 35.52 47.02 -34.20
N ALA I 185 35.79 47.65 -35.34
CA ALA I 185 35.73 49.11 -35.45
C ALA I 185 34.32 49.66 -35.30
N ASP I 186 33.38 49.09 -36.05
CA ASP I 186 31.99 49.53 -36.01
C ASP I 186 31.33 49.21 -34.67
N TYR I 187 31.80 48.14 -34.02
CA TYR I 187 31.28 47.73 -32.72
C TYR I 187 31.64 48.72 -31.62
N GLU I 188 32.83 49.30 -31.73
CA GLU I 188 33.31 50.24 -30.73
C GLU I 188 32.81 51.66 -31.00
N LYS I 189 32.06 51.81 -32.09
CA LYS I 189 31.46 53.09 -32.44
C LYS I 189 30.18 53.32 -31.64
N HIS I 190 29.56 52.24 -31.19
CA HIS I 190 28.26 52.32 -30.50
C HIS I 190 28.32 51.83 -29.06
N LYS I 191 27.25 52.09 -28.30
CA LYS I 191 27.21 51.78 -26.89
C LYS I 191 26.12 50.75 -26.55
N VAL I 192 24.88 51.07 -26.91
CA VAL I 192 23.75 50.24 -26.53
C VAL I 192 23.49 49.15 -27.57
N TYR I 193 23.56 47.89 -27.13
CA TYR I 193 23.25 46.77 -28.01
C TYR I 193 22.07 46.01 -27.45
N ALA I 194 21.02 45.89 -28.25
CA ALA I 194 19.78 45.29 -27.76
C ALA I 194 19.15 44.33 -28.75
N CYS I 195 18.54 43.28 -28.20
CA CYS I 195 17.76 42.35 -29.01
CA CYS I 195 17.77 42.32 -28.97
C CYS I 195 16.32 42.32 -28.48
N GLU I 196 15.39 42.56 -29.40
CA GLU I 196 13.96 42.62 -29.07
C GLU I 196 13.22 41.39 -29.59
N VAL I 197 12.51 40.74 -28.69
CA VAL I 197 11.84 39.49 -28.98
C VAL I 197 10.32 39.62 -28.85
N THR I 198 9.62 39.34 -29.94
CA THR I 198 8.17 39.29 -29.92
C THR I 198 7.70 37.85 -30.10
N HIS I 199 6.84 37.40 -29.18
CA HIS I 199 6.33 36.03 -29.20
C HIS I 199 4.93 35.98 -28.60
N GLN I 200 4.18 34.95 -28.97
CA GLN I 200 2.80 34.77 -28.50
C GLN I 200 2.70 34.62 -26.98
N GLY I 201 3.71 33.99 -26.37
CA GLY I 201 3.69 33.76 -24.94
C GLY I 201 4.07 34.99 -24.14
N LEU I 202 4.38 36.07 -24.85
CA LEU I 202 4.73 37.34 -24.22
C LEU I 202 3.61 38.35 -24.43
N SER I 203 3.15 38.94 -23.34
CA SER I 203 2.11 39.97 -23.43
C SER I 203 2.65 41.21 -24.14
N SER I 204 3.93 41.47 -23.95
CA SER I 204 4.61 42.59 -24.60
C SER I 204 6.03 42.21 -25.02
N PRO I 205 6.51 42.78 -26.14
CA PRO I 205 7.86 42.52 -26.65
C PRO I 205 8.95 42.72 -25.60
N VAL I 206 9.78 41.71 -25.40
CA VAL I 206 10.86 41.78 -24.40
C VAL I 206 12.18 42.23 -25.02
N THR I 207 12.83 43.22 -24.41
CA THR I 207 14.10 43.68 -24.94
C THR I 207 15.23 43.44 -23.95
N LYS I 208 16.23 42.66 -24.38
CA LYS I 208 17.44 42.43 -23.59
C LYS I 208 18.60 43.22 -24.17
N SER I 209 19.30 43.96 -23.33
CA SER I 209 20.35 44.84 -23.82
C SER I 209 21.58 44.88 -22.93
N PHE I 210 22.66 45.45 -23.46
CA PHE I 210 23.87 45.66 -22.68
C PHE I 210 24.63 46.86 -23.24
N ASN I 211 25.49 47.43 -22.42
CA ASN I 211 26.37 48.52 -22.83
C ASN I 211 27.80 48.01 -23.00
N ARG I 212 28.44 48.39 -24.10
CA ARG I 212 29.78 47.91 -24.40
C ARG I 212 30.78 48.32 -23.32
N GLY I 213 31.41 47.35 -22.67
CA GLY I 213 32.46 47.63 -21.72
C GLY I 213 32.00 47.71 -20.27
N GLU I 214 30.69 47.78 -20.08
CA GLU I 214 30.12 47.89 -18.74
C GLU I 214 29.70 46.51 -18.22
N GLN J 1 19.22 -9.91 -43.89
CA GLN J 1 18.69 -8.55 -43.93
C GLN J 1 19.46 -7.66 -44.91
N VAL J 2 18.73 -6.92 -45.74
CA VAL J 2 19.34 -6.00 -46.70
C VAL J 2 19.97 -4.80 -46.01
N GLN J 3 21.25 -4.54 -46.32
CA GLN J 3 21.97 -3.42 -45.73
C GLN J 3 22.74 -2.63 -46.80
N LEU J 4 22.58 -1.31 -46.76
CA LEU J 4 23.27 -0.41 -47.68
C LEU J 4 24.28 0.45 -46.93
N VAL J 5 25.54 0.37 -47.33
CA VAL J 5 26.60 1.15 -46.67
C VAL J 5 27.31 2.05 -47.68
N GLN J 6 27.24 3.36 -47.45
CA GLN J 6 27.78 4.33 -48.38
C GLN J 6 29.19 4.80 -48.03
N SER J 7 29.83 5.50 -48.95
CA SER J 7 31.17 6.01 -48.74
C SER J 7 31.17 7.22 -47.82
N GLY J 8 32.35 7.60 -47.33
CA GLY J 8 32.50 8.68 -46.38
C GLY J 8 32.17 10.04 -46.97
N ALA J 9 32.11 11.06 -46.12
CA ALA J 9 31.78 12.40 -46.55
C ALA J 9 32.85 12.91 -47.52
N GLU J 10 32.44 13.76 -48.45
CA GLU J 10 33.38 14.21 -49.45
C GLU J 10 33.31 15.72 -49.65
N VAL J 11 34.45 16.35 -49.91
CA VAL J 11 34.48 17.80 -50.16
C VAL J 11 34.99 18.15 -51.56
N LYS J 12 34.17 18.82 -52.36
CA LYS J 12 34.53 19.17 -53.74
C LYS J 12 34.42 20.66 -54.07
N ARG J 13 35.22 21.03 -55.06
CA ARG J 13 35.27 22.37 -55.56
C ARG J 13 34.30 22.48 -56.74
N PRO J 14 33.79 23.69 -56.98
CA PRO J 14 32.86 23.94 -58.08
C PRO J 14 33.44 23.54 -59.44
N GLY J 15 32.68 22.75 -60.20
CA GLY J 15 33.10 22.35 -61.53
C GLY J 15 33.65 20.93 -61.58
N SER J 16 33.96 20.35 -60.43
CA SER J 16 34.53 19.01 -60.37
C SER J 16 33.44 17.93 -60.39
N SER J 17 33.87 16.68 -60.25
CA SER J 17 32.95 15.54 -60.28
CA SER J 17 32.94 15.56 -60.27
C SER J 17 33.10 14.69 -59.03
N VAL J 18 31.98 14.13 -58.55
CA VAL J 18 31.97 13.34 -57.34
C VAL J 18 31.42 11.94 -57.60
N THR J 19 31.94 10.96 -56.86
CA THR J 19 31.47 9.58 -56.96
C THR J 19 31.17 8.98 -55.59
N VAL J 20 29.89 8.78 -55.30
CA VAL J 20 29.49 8.16 -54.04
C VAL J 20 29.16 6.70 -54.25
N SER J 21 29.69 5.84 -53.38
CA SER J 21 29.47 4.39 -53.51
C SER J 21 28.39 3.91 -52.56
N CYS J 22 27.75 2.81 -52.91
CA CYS J 22 26.72 2.21 -52.10
C CYS J 22 26.82 0.69 -52.14
N LYS J 23 27.34 0.12 -51.05
CA LYS J 23 27.54 -1.31 -50.94
C LYS J 23 26.34 -2.06 -50.35
N ALA J 24 25.79 -3.00 -51.11
CA ALA J 24 24.63 -3.77 -50.66
C ALA J 24 25.09 -5.12 -50.15
N SER J 25 24.57 -5.53 -49.00
CA SER J 25 24.87 -6.85 -48.46
C SER J 25 23.60 -7.48 -47.93
N GLY J 26 23.40 -8.76 -48.22
CA GLY J 26 22.20 -9.44 -47.78
C GLY J 26 21.10 -9.32 -48.81
N GLY J 27 20.59 -10.45 -49.26
CA GLY J 27 19.56 -10.47 -50.29
C GLY J 27 20.14 -10.49 -51.69
N SER J 28 19.27 -10.25 -52.67
CA SER J 28 19.68 -10.24 -54.07
C SER J 28 20.00 -8.83 -54.56
N PHE J 29 20.96 -8.75 -55.47
CA PHE J 29 21.40 -7.48 -56.00
C PHE J 29 20.66 -7.40 -57.34
N SER J 30 21.25 -8.03 -58.36
CA SER J 30 20.61 -8.34 -59.64
C SER J 30 19.32 -7.61 -60.08
N THR J 31 18.18 -8.07 -59.58
CA THR J 31 16.87 -7.67 -60.11
C THR J 31 16.10 -6.56 -59.39
N TYR J 32 16.63 -6.01 -58.30
CA TYR J 32 15.86 -5.01 -57.57
C TYR J 32 16.42 -3.60 -57.77
N ALA J 33 15.52 -2.64 -57.87
CA ALA J 33 15.87 -1.26 -58.21
C ALA J 33 16.68 -0.55 -57.13
N LEU J 34 17.77 0.06 -57.56
CA LEU J 34 18.63 0.83 -56.67
C LEU J 34 18.62 2.30 -57.09
N SER J 35 18.04 3.16 -56.26
CA SER J 35 17.90 4.57 -56.57
C SER J 35 18.77 5.48 -55.70
N TRP J 36 18.92 6.72 -56.13
CA TRP J 36 19.66 7.73 -55.39
C TRP J 36 18.76 8.93 -55.10
N VAL J 37 18.67 9.30 -53.83
CA VAL J 37 17.83 10.43 -53.41
C VAL J 37 18.65 11.39 -52.57
N ARG J 38 18.76 12.64 -53.02
CA ARG J 38 19.53 13.62 -52.26
C ARG J 38 18.65 14.57 -51.47
N GLN J 39 19.25 15.22 -50.48
CA GLN J 39 18.53 16.14 -49.62
C GLN J 39 19.43 17.29 -49.19
N ALA J 40 19.11 18.49 -49.69
CA ALA J 40 19.83 19.70 -49.33
C ALA J 40 19.60 20.02 -47.86
N PRO J 41 20.57 20.69 -47.21
CA PRO J 41 20.46 21.04 -45.79
C PRO J 41 19.19 21.83 -45.45
N GLY J 42 18.35 21.26 -44.60
CA GLY J 42 17.12 21.91 -44.18
C GLY J 42 16.03 21.93 -45.24
N ARG J 43 16.19 21.10 -46.27
CA ARG J 43 15.21 21.01 -47.35
C ARG J 43 14.62 19.60 -47.43
N GLY J 44 13.80 19.36 -48.44
CA GLY J 44 13.12 18.08 -48.58
C GLY J 44 13.87 17.05 -49.40
N LEU J 45 13.22 15.93 -49.65
CA LEU J 45 13.81 14.83 -50.40
C LEU J 45 13.74 15.09 -51.91
N GLU J 46 14.78 14.67 -52.62
CA GLU J 46 14.83 14.88 -54.06
C GLU J 46 15.37 13.65 -54.78
N TRP J 47 14.53 13.04 -55.61
CA TRP J 47 14.89 11.85 -56.36
C TRP J 47 15.77 12.20 -57.55
N MET J 48 16.92 11.53 -57.66
CA MET J 48 17.88 11.81 -58.73
C MET J 48 17.83 10.80 -59.88
N GLY J 49 17.73 9.52 -59.55
CA GLY J 49 17.75 8.49 -60.56
C GLY J 49 17.75 7.09 -59.97
N GLY J 50 17.74 6.08 -60.84
CA GLY J 50 17.73 4.69 -60.38
C GLY J 50 18.39 3.76 -61.38
N VAL J 51 18.67 2.54 -60.94
CA VAL J 51 19.33 1.55 -61.78
C VAL J 51 18.95 0.12 -61.40
N ILE J 52 18.70 -0.69 -62.42
CA ILE J 52 18.57 -2.14 -62.25
C ILE J 52 19.91 -2.76 -62.62
N PRO J 53 20.60 -3.32 -61.61
CA PRO J 53 21.98 -3.84 -61.71
C PRO J 53 22.16 -4.75 -62.91
N LEU J 54 21.17 -5.60 -63.16
CA LEU J 54 21.22 -6.53 -64.27
C LEU J 54 21.16 -5.73 -65.56
N LEU J 55 22.26 -5.77 -66.33
CA LEU J 55 22.44 -4.99 -67.56
C LEU J 55 22.52 -3.48 -67.35
N THR J 56 22.47 -3.02 -66.10
CA THR J 56 22.56 -1.60 -65.80
C THR J 56 21.49 -0.77 -66.50
N ILE J 57 20.23 -1.03 -66.16
CA ILE J 57 19.13 -0.29 -66.76
C ILE J 57 18.94 0.95 -65.91
N THR J 58 19.34 2.09 -66.46
CA THR J 58 19.33 3.34 -65.72
C THR J 58 18.19 4.26 -66.14
N ASN J 59 17.57 4.88 -65.15
CA ASN J 59 16.54 5.88 -65.38
C ASN J 59 16.89 7.16 -64.63
N TYR J 60 17.07 8.26 -65.35
CA TYR J 60 17.48 9.52 -64.72
C TYR J 60 16.37 10.56 -64.66
N ALA J 61 16.46 11.43 -63.66
CA ALA J 61 15.57 12.58 -63.56
C ALA J 61 16.04 13.67 -64.51
N PRO J 62 15.12 14.28 -65.25
CA PRO J 62 15.41 15.30 -66.26
C PRO J 62 16.28 16.46 -65.75
N ARG J 63 16.17 16.79 -64.47
CA ARG J 63 16.91 17.91 -63.90
C ARG J 63 18.41 17.64 -63.87
N PHE J 64 18.77 16.36 -63.81
CA PHE J 64 20.17 15.95 -63.71
C PHE J 64 20.65 15.32 -65.01
N GLN J 65 19.74 15.18 -65.96
CA GLN J 65 20.02 14.54 -67.25
C GLN J 65 21.17 15.22 -67.98
N GLY J 66 22.30 14.51 -68.09
CA GLY J 66 23.47 15.03 -68.76
C GLY J 66 24.64 15.18 -67.81
N ARG J 67 24.32 15.28 -66.52
CA ARG J 67 25.32 15.49 -65.49
C ARG J 67 25.50 14.25 -64.60
N ILE J 68 24.56 13.32 -64.70
CA ILE J 68 24.51 12.20 -63.78
C ILE J 68 24.83 10.89 -64.46
N THR J 69 25.54 10.02 -63.75
CA THR J 69 25.88 8.68 -64.25
C THR J 69 25.81 7.66 -63.13
N ILE J 70 24.83 6.77 -63.20
CA ILE J 70 24.68 5.75 -62.19
C ILE J 70 25.10 4.40 -62.73
N THR J 71 26.02 3.75 -62.04
CA THR J 71 26.52 2.46 -62.50
C THR J 71 26.33 1.42 -61.41
N ALA J 72 26.40 0.15 -61.77
CA ALA J 72 26.27 -0.92 -60.80
C ALA J 72 27.31 -1.99 -61.04
N ASP J 73 28.07 -2.31 -60.01
CA ASP J 73 29.08 -3.35 -60.08
C ASP J 73 28.53 -4.57 -59.35
N ARG J 74 28.11 -5.56 -60.12
CA ARG J 74 27.48 -6.75 -59.56
C ARG J 74 28.51 -7.69 -58.96
N SER J 75 29.76 -7.49 -59.34
CA SER J 75 30.84 -8.34 -58.85
C SER J 75 31.18 -8.01 -57.39
N THR J 76 30.85 -6.80 -56.97
CA THR J 76 31.12 -6.37 -55.59
C THR J 76 29.84 -5.95 -54.89
N SER J 77 28.71 -6.09 -55.60
CA SER J 77 27.39 -5.67 -55.12
C SER J 77 27.39 -4.21 -54.68
N THR J 78 27.96 -3.35 -55.52
CA THR J 78 28.12 -1.93 -55.17
C THR J 78 27.69 -1.02 -56.31
N ALA J 79 26.74 -0.13 -56.02
CA ALA J 79 26.31 0.85 -57.01
C ALA J 79 27.11 2.14 -56.83
N TYR J 80 27.19 2.94 -57.87
CA TYR J 80 27.95 4.17 -57.84
C TYR J 80 27.15 5.30 -58.46
N LEU J 81 27.16 6.44 -57.78
CA LEU J 81 26.55 7.66 -58.29
C LEU J 81 27.64 8.64 -58.65
N GLU J 82 27.67 9.05 -59.91
CA GLU J 82 28.63 10.04 -60.38
C GLU J 82 27.91 11.32 -60.76
N LEU J 83 28.28 12.41 -60.11
CA LEU J 83 27.67 13.70 -60.41
C LEU J 83 28.76 14.68 -60.84
N ASN J 84 28.64 15.17 -62.07
CA ASN J 84 29.64 16.03 -62.67
C ASN J 84 29.27 17.49 -62.54
N SER J 85 30.18 18.38 -62.88
CA SER J 85 29.91 19.81 -62.92
C SER J 85 29.27 20.32 -61.64
N LEU J 86 29.89 20.00 -60.50
CA LEU J 86 29.32 20.34 -59.21
C LEU J 86 29.22 21.86 -58.98
N ARG J 87 28.12 22.26 -58.37
CA ARG J 87 27.88 23.66 -58.05
C ARG J 87 27.54 23.76 -56.55
N PRO J 88 27.69 24.96 -55.96
CA PRO J 88 27.42 25.14 -54.53
C PRO J 88 26.05 24.64 -54.09
N GLU J 89 25.08 24.65 -55.00
CA GLU J 89 23.73 24.19 -54.69
C GLU J 89 23.61 22.66 -54.73
N ASP J 90 24.70 21.98 -55.08
CA ASP J 90 24.72 20.52 -55.06
C ASP J 90 25.12 19.97 -53.69
N THR J 91 25.47 20.88 -52.78
CA THR J 91 25.84 20.48 -51.44
C THR J 91 24.64 19.85 -50.74
N ALA J 92 24.73 18.55 -50.48
CA ALA J 92 23.59 17.83 -49.91
C ALA J 92 23.98 16.49 -49.32
N VAL J 93 23.01 15.83 -48.69
CA VAL J 93 23.22 14.46 -48.23
C VAL J 93 22.63 13.51 -49.25
N TYR J 94 23.48 12.64 -49.79
CA TYR J 94 23.07 11.72 -50.84
C TYR J 94 22.79 10.33 -50.28
N TYR J 95 21.54 9.93 -50.38
CA TYR J 95 21.08 8.63 -49.87
C TYR J 95 20.95 7.61 -50.99
N CYS J 96 21.31 6.37 -50.66
CA CYS J 96 21.11 5.25 -51.57
CA CYS J 96 21.15 5.23 -51.55
C CYS J 96 19.99 4.36 -51.06
N ALA J 97 19.05 4.04 -51.94
CA ALA J 97 17.85 3.31 -51.53
C ALA J 97 17.52 2.13 -52.42
N ARG J 98 17.15 1.00 -51.81
CA ARG J 98 16.68 -0.14 -52.59
C ARG J 98 15.20 -0.41 -52.29
N GLU J 99 14.46 -0.81 -53.32
CA GLU J 99 13.05 -1.16 -53.17
C GLU J 99 12.89 -2.44 -52.34
N GLY J 100 11.75 -2.58 -51.67
CA GLY J 100 11.50 -3.73 -50.83
C GLY J 100 10.87 -4.90 -51.56
N THR J 101 10.71 -6.02 -50.87
CA THR J 101 10.12 -7.21 -51.51
C THR J 101 9.08 -7.87 -50.61
N THR J 102 8.38 -8.86 -51.17
CA THR J 102 7.43 -9.66 -50.41
C THR J 102 7.62 -11.16 -50.59
N GLY J 103 8.78 -11.68 -50.18
CA GLY J 103 9.04 -13.11 -50.31
C GLY J 103 10.21 -13.59 -49.45
CA LEU J 107 9.04 -15.67 -54.51
C LEU J 107 9.14 -14.15 -54.62
N GLY J 108 10.16 -13.59 -53.96
CA GLY J 108 10.52 -12.18 -54.01
C GLY J 108 9.93 -11.27 -55.07
N LYS J 109 8.93 -10.48 -54.68
CA LYS J 109 8.26 -9.55 -55.60
C LYS J 109 8.53 -8.10 -55.22
N PRO J 110 9.06 -7.31 -56.17
CA PRO J 110 9.42 -5.90 -55.91
C PRO J 110 8.21 -4.99 -55.72
N ILE J 111 8.32 -4.04 -54.80
CA ILE J 111 7.22 -3.15 -54.46
C ILE J 111 7.44 -1.73 -54.95
N GLY J 112 8.65 -1.43 -55.42
CA GLY J 112 8.95 -0.12 -55.98
C GLY J 112 9.38 0.91 -54.95
N ALA J 113 8.62 1.00 -53.85
CA ALA J 113 8.90 1.98 -52.81
C ALA J 113 10.23 1.71 -52.12
N PHE J 114 10.91 2.77 -51.71
CA PHE J 114 12.23 2.66 -51.12
C PHE J 114 12.16 2.14 -49.68
N ALA J 115 12.30 0.82 -49.52
CA ALA J 115 12.19 0.19 -48.22
C ALA J 115 13.52 0.09 -47.49
N HIS J 116 14.63 0.15 -48.23
CA HIS J 116 15.94 0.07 -47.60
C HIS J 116 16.78 1.29 -47.92
N TRP J 117 17.41 1.87 -46.90
CA TRP J 117 18.17 3.10 -47.10
C TRP J 117 19.59 2.98 -46.56
N GLY J 118 20.51 3.72 -47.18
CA GLY J 118 21.86 3.80 -46.69
C GLY J 118 21.93 4.85 -45.59
N GLN J 119 23.10 5.02 -44.99
CA GLN J 119 23.25 5.98 -43.91
C GLN J 119 23.40 7.39 -44.45
N GLY J 120 23.58 7.50 -45.77
CA GLY J 120 23.71 8.80 -46.41
C GLY J 120 25.14 9.25 -46.49
N THR J 121 25.43 10.10 -47.48
CA THR J 121 26.78 10.64 -47.65
C THR J 121 26.77 12.14 -47.87
N LEU J 122 27.38 12.88 -46.96
CA LEU J 122 27.45 14.33 -47.10
C LEU J 122 28.44 14.73 -48.18
N VAL J 123 27.94 15.39 -49.22
CA VAL J 123 28.78 15.94 -50.28
C VAL J 123 28.71 17.46 -50.22
N THR J 124 29.85 18.07 -49.92
CA THR J 124 29.96 19.51 -49.78
C THR J 124 30.71 20.14 -50.95
N VAL J 125 30.04 21.02 -51.70
CA VAL J 125 30.66 21.72 -52.80
C VAL J 125 30.90 23.19 -52.46
N SER J 126 32.17 23.59 -52.33
CA SER J 126 32.51 24.97 -51.98
C SER J 126 33.92 25.35 -52.41
N SER J 127 34.19 26.66 -52.41
CA SER J 127 35.51 27.18 -52.76
C SER J 127 36.37 27.30 -51.51
N ALA J 128 35.75 27.12 -50.34
CA ALA J 128 36.43 27.29 -49.07
C ALA J 128 37.45 26.17 -48.83
N SER J 129 38.44 26.48 -47.99
CA SER J 129 39.47 25.50 -47.62
C SER J 129 39.16 24.90 -46.27
N THR J 130 39.65 23.68 -46.03
CA THR J 130 39.43 23.01 -44.76
C THR J 130 40.05 23.82 -43.62
N LYS J 131 39.23 24.16 -42.64
CA LYS J 131 39.68 24.98 -41.51
C LYS J 131 39.05 24.55 -40.18
N GLY J 132 39.87 24.54 -39.13
CA GLY J 132 39.40 24.27 -37.78
C GLY J 132 38.61 25.46 -37.24
N PRO J 133 37.69 25.20 -36.30
CA PRO J 133 36.84 26.25 -35.75
C PRO J 133 37.52 27.10 -34.69
N SER J 134 37.08 28.34 -34.54
CA SER J 134 37.47 29.17 -33.40
C SER J 134 36.39 29.05 -32.34
N VAL J 135 36.78 28.72 -31.11
CA VAL J 135 35.81 28.55 -30.02
C VAL J 135 35.88 29.69 -29.01
N PHE J 136 34.85 30.53 -28.98
CA PHE J 136 34.80 31.65 -28.03
C PHE J 136 33.83 31.38 -26.89
N PRO J 137 34.10 31.93 -25.71
CA PRO J 137 33.18 31.70 -24.60
C PRO J 137 31.99 32.68 -24.56
N LEU J 138 30.79 32.15 -24.54
CA LEU J 138 29.58 32.92 -24.25
C LEU J 138 29.29 32.91 -22.75
N ALA J 139 29.93 33.82 -22.03
CA ALA J 139 29.89 33.87 -20.57
C ALA J 139 28.50 34.26 -20.04
N PRO J 140 28.10 33.63 -18.92
CA PRO J 140 26.83 33.95 -18.26
C PRO J 140 26.81 35.38 -17.74
N SER J 141 25.70 36.08 -17.96
CA SER J 141 25.54 37.46 -17.54
C SER J 141 25.58 37.62 -16.02
N SER J 142 26.20 38.71 -15.57
CA SER J 142 26.31 39.05 -14.15
C SER J 142 24.99 39.64 -13.63
N LYS J 143 23.93 39.42 -14.40
CA LYS J 143 22.59 39.91 -14.08
C LYS J 143 21.57 38.78 -14.19
N SER J 144 22.02 37.57 -13.91
CA SER J 144 21.18 36.38 -13.99
C SER J 144 20.03 36.42 -12.97
N GLY J 148 17.84 32.09 -10.13
CA GLY J 148 17.10 30.96 -10.65
C GLY J 148 17.84 30.22 -11.74
N THR J 149 17.74 30.72 -12.97
CA THR J 149 18.33 30.08 -14.13
C THR J 149 19.32 30.98 -14.85
N ALA J 150 20.46 30.42 -15.23
CA ALA J 150 21.46 31.16 -15.99
C ALA J 150 21.82 30.44 -17.27
N ALA J 151 22.09 31.19 -18.32
CA ALA J 151 22.47 30.60 -19.60
C ALA J 151 23.91 30.94 -19.95
N LEU J 152 24.65 29.93 -20.39
CA LEU J 152 26.02 30.13 -20.82
C LEU J 152 26.27 29.30 -22.09
N GLY J 153 27.46 29.37 -22.66
CA GLY J 153 27.72 28.54 -23.83
C GLY J 153 29.00 28.85 -24.55
N CYS J 154 29.12 28.37 -25.78
CA CYS J 154 30.30 28.60 -26.62
CA CYS J 154 30.29 28.70 -26.59
C CYS J 154 29.92 28.90 -28.06
N LEU J 155 30.66 29.81 -28.69
CA LEU J 155 30.50 30.16 -30.08
C LEU J 155 31.54 29.48 -30.95
N VAL J 156 31.08 28.55 -31.78
CA VAL J 156 31.95 27.85 -32.73
C VAL J 156 31.91 28.55 -34.09
N LYS J 157 32.89 29.41 -34.35
CA LYS J 157 32.84 30.29 -35.51
C LYS J 157 33.92 29.99 -36.54
N ASP J 158 33.56 30.13 -37.82
CA ASP J 158 34.49 30.04 -38.96
C ASP J 158 35.20 28.70 -39.08
N TYR J 159 34.48 27.68 -39.52
CA TYR J 159 35.09 26.38 -39.79
C TYR J 159 34.55 25.82 -41.10
N PHE J 160 35.27 24.83 -41.64
CA PHE J 160 34.86 24.18 -42.89
C PHE J 160 35.54 22.82 -43.04
N PRO J 161 34.77 21.81 -43.44
CA PRO J 161 33.32 21.85 -43.64
C PRO J 161 32.55 21.29 -42.45
N GLU J 162 31.28 20.96 -42.68
CA GLU J 162 30.48 20.22 -41.70
C GLU J 162 31.02 18.80 -41.56
N PRO J 163 30.76 18.15 -40.41
CA PRO J 163 30.04 18.63 -39.24
C PRO J 163 30.95 18.97 -38.07
N VAL J 164 30.36 19.47 -37.00
CA VAL J 164 31.08 19.68 -35.75
C VAL J 164 30.26 19.10 -34.61
N THR J 165 30.93 18.44 -33.66
CA THR J 165 30.22 17.92 -32.50
C THR J 165 30.62 18.70 -31.25
N VAL J 166 29.62 19.07 -30.45
CA VAL J 166 29.90 19.80 -29.22
C VAL J 166 29.29 19.08 -28.04
N SER J 167 30.11 18.83 -27.02
CA SER J 167 29.60 18.25 -25.78
C SER J 167 29.90 19.18 -24.61
N TRP J 168 29.42 18.82 -23.43
CA TRP J 168 29.66 19.65 -22.25
C TRP J 168 30.14 18.80 -21.09
N ASN J 169 31.23 19.23 -20.46
CA ASN J 169 31.86 18.50 -19.38
C ASN J 169 32.14 17.05 -19.79
N SER J 170 32.58 16.88 -21.04
CA SER J 170 32.91 15.57 -21.59
C SER J 170 31.71 14.62 -21.56
N GLY J 171 30.51 15.18 -21.77
CA GLY J 171 29.30 14.39 -21.82
C GLY J 171 28.57 14.26 -20.50
N ALA J 172 29.14 14.85 -19.44
CA ALA J 172 28.53 14.78 -18.12
C ALA J 172 27.31 15.70 -18.03
N LEU J 173 27.32 16.75 -18.83
CA LEU J 173 26.22 17.71 -18.86
C LEU J 173 25.44 17.62 -20.18
N THR J 174 24.21 17.11 -20.10
CA THR J 174 23.39 16.97 -21.29
C THR J 174 22.06 17.69 -21.10
N SER J 175 21.61 17.78 -19.86
CA SER J 175 20.34 18.42 -19.55
C SER J 175 20.39 19.94 -19.73
N GLY J 176 19.50 20.46 -20.57
CA GLY J 176 19.42 21.90 -20.80
C GLY J 176 20.37 22.39 -21.88
N VAL J 177 20.99 21.45 -22.59
CA VAL J 177 21.92 21.77 -23.66
C VAL J 177 21.22 21.95 -25.01
N HIS J 178 21.51 23.05 -25.69
CA HIS J 178 20.99 23.32 -27.01
C HIS J 178 22.12 23.64 -27.98
N THR J 179 22.44 22.69 -28.85
CA THR J 179 23.43 22.92 -29.90
C THR J 179 22.69 23.22 -31.20
N PHE J 180 22.78 24.47 -31.66
CA PHE J 180 22.02 24.92 -32.81
C PHE J 180 22.58 24.43 -34.14
N PRO J 181 21.71 24.28 -35.15
CA PRO J 181 22.18 23.97 -36.50
C PRO J 181 23.14 25.04 -36.98
N ALA J 182 24.17 24.65 -37.72
CA ALA J 182 25.16 25.61 -38.20
C ALA J 182 24.57 26.48 -39.30
N VAL J 183 25.00 27.73 -39.35
CA VAL J 183 24.65 28.61 -40.46
C VAL J 183 25.87 28.79 -41.34
N LEU J 184 25.65 28.92 -42.64
CA LEU J 184 26.74 29.16 -43.57
C LEU J 184 26.90 30.65 -43.81
N GLN J 185 27.97 31.21 -43.28
CA GLN J 185 28.24 32.64 -43.44
C GLN J 185 28.57 32.96 -44.89
N SER J 186 28.50 34.24 -45.25
CA SER J 186 28.77 34.66 -46.63
C SER J 186 30.23 34.47 -47.02
N SER J 187 31.09 34.34 -46.02
CA SER J 187 32.52 34.12 -46.25
C SER J 187 32.78 32.70 -46.71
N GLY J 188 31.76 31.85 -46.59
CA GLY J 188 31.86 30.46 -47.00
C GLY J 188 32.22 29.52 -45.87
N LEU J 189 32.39 30.08 -44.67
CA LEU J 189 32.71 29.28 -43.50
C LEU J 189 31.48 29.09 -42.62
N TYR J 190 31.41 27.96 -41.92
CA TYR J 190 30.28 27.67 -41.07
C TYR J 190 30.45 28.24 -39.67
N SER J 191 29.34 28.39 -38.95
CA SER J 191 29.37 28.88 -37.58
C SER J 191 28.09 28.47 -36.84
N LEU J 192 28.25 27.93 -35.65
CA LEU J 192 27.11 27.59 -34.80
C LEU J 192 27.38 27.99 -33.37
N SER J 193 26.36 27.91 -32.53
CA SER J 193 26.51 28.21 -31.11
C SER J 193 25.90 27.08 -30.29
N SER J 194 26.54 26.77 -29.18
CA SER J 194 26.00 25.75 -28.28
C SER J 194 25.80 26.34 -26.88
N VAL J 195 24.55 26.41 -26.44
CA VAL J 195 24.24 27.02 -25.17
C VAL J 195 23.71 25.97 -24.18
N VAL J 196 23.64 26.35 -22.92
CA VAL J 196 23.10 25.48 -21.88
C VAL J 196 22.61 26.33 -20.70
N THR J 197 21.48 25.94 -20.13
CA THR J 197 20.94 26.62 -18.97
C THR J 197 21.16 25.76 -17.74
N VAL J 198 21.70 26.38 -16.71
CA VAL J 198 22.05 25.71 -15.47
C VAL J 198 21.55 26.55 -14.31
N PRO J 199 21.47 25.96 -13.10
CA PRO J 199 21.11 26.79 -11.95
C PRO J 199 22.11 27.91 -11.72
N SER J 200 21.63 29.10 -11.38
CA SER J 200 22.50 30.25 -11.16
C SER J 200 23.40 30.04 -9.94
N SER J 201 22.91 29.25 -8.99
CA SER J 201 23.62 28.98 -7.75
C SER J 201 24.90 28.19 -8.01
N SER J 202 24.94 27.49 -9.14
CA SER J 202 26.06 26.61 -9.47
C SER J 202 27.23 27.32 -10.15
N LEU J 203 27.01 28.56 -10.59
CA LEU J 203 27.99 29.29 -11.37
C LEU J 203 29.36 29.51 -10.70
N GLY J 204 29.36 29.62 -9.38
CA GLY J 204 30.60 29.85 -8.66
C GLY J 204 31.34 28.60 -8.22
N THR J 205 30.72 27.45 -8.42
CA THR J 205 31.31 26.18 -7.98
C THR J 205 31.57 25.22 -9.14
N GLN J 206 30.58 25.07 -10.01
CA GLN J 206 30.68 24.11 -11.11
C GLN J 206 31.45 24.70 -12.28
N THR J 207 32.34 23.88 -12.84
CA THR J 207 33.12 24.27 -13.99
C THR J 207 32.39 23.80 -15.24
N TYR J 208 32.19 24.72 -16.18
CA TYR J 208 31.51 24.37 -17.42
C TYR J 208 32.49 24.46 -18.58
N ILE J 209 32.70 23.33 -19.24
CA ILE J 209 33.64 23.23 -20.35
C ILE J 209 32.97 22.64 -21.57
N CYS J 210 33.02 23.34 -22.70
CA CYS J 210 32.47 22.80 -23.95
CA CYS J 210 32.46 22.77 -23.93
C CYS J 210 33.57 22.14 -24.78
N ASN J 211 33.30 20.91 -25.22
CA ASN J 211 34.23 20.14 -26.02
C ASN J 211 33.82 20.15 -27.49
N VAL J 212 34.57 20.89 -28.30
CA VAL J 212 34.29 21.03 -29.73
C VAL J 212 35.21 20.14 -30.55
N ASN J 213 34.60 19.33 -31.42
CA ASN J 213 35.32 18.37 -32.24
C ASN J 213 35.00 18.54 -33.72
N HIS J 214 36.04 18.81 -34.49
CA HIS J 214 35.96 18.97 -35.94
C HIS J 214 36.93 17.99 -36.60
N LYS J 215 36.41 16.79 -36.89
CA LYS J 215 37.20 15.73 -37.52
C LYS J 215 37.88 16.09 -38.85
N PRO J 216 37.18 16.82 -39.75
CA PRO J 216 37.84 17.12 -41.03
C PRO J 216 39.16 17.91 -40.92
N SER J 217 39.40 18.54 -39.77
CA SER J 217 40.62 19.32 -39.58
C SER J 217 41.40 18.80 -38.39
N ASN J 218 40.96 17.66 -37.86
CA ASN J 218 41.59 17.03 -36.71
C ASN J 218 41.65 17.98 -35.52
N THR J 219 40.65 18.85 -35.40
CA THR J 219 40.66 19.85 -34.34
C THR J 219 39.82 19.42 -33.15
N LYS J 220 40.39 19.57 -31.96
CA LYS J 220 39.68 19.25 -30.73
C LYS J 220 39.99 20.32 -29.69
N VAL J 221 38.97 21.09 -29.33
CA VAL J 221 39.14 22.22 -28.43
C VAL J 221 38.25 22.14 -27.20
N ASP J 222 38.86 22.16 -26.02
CA ASP J 222 38.10 22.22 -24.77
C ASP J 222 38.13 23.65 -24.23
N LYS J 223 36.98 24.32 -24.28
CA LYS J 223 36.93 25.71 -23.86
C LYS J 223 36.19 25.86 -22.53
N LYS J 224 36.84 26.52 -21.58
CA LYS J 224 36.24 26.79 -20.28
C LYS J 224 35.45 28.07 -20.30
N VAL J 225 34.21 27.99 -19.84
CA VAL J 225 33.34 29.15 -19.75
C VAL J 225 33.15 29.52 -18.29
N GLU J 226 33.47 30.75 -17.93
CA GLU J 226 33.35 31.17 -16.54
C GLU J 226 32.66 32.53 -16.46
N PRO J 227 31.97 32.80 -15.33
CA PRO J 227 31.21 34.03 -15.15
C PRO J 227 32.03 35.31 -15.33
N LYS J 228 31.63 36.10 -16.32
CA LYS J 228 32.29 37.36 -16.62
C LYS J 228 31.75 38.44 -15.68
N GLU K 1 8.69 -23.09 61.56
CA GLU K 1 8.32 -23.24 60.15
C GLU K 1 7.50 -22.04 59.66
N ILE K 2 7.97 -21.44 58.57
CA ILE K 2 7.26 -20.32 57.95
C ILE K 2 6.20 -20.82 56.98
N VAL K 3 4.95 -20.41 57.18
CA VAL K 3 3.87 -20.80 56.29
C VAL K 3 3.52 -19.67 55.34
N LEU K 4 3.65 -19.93 54.04
CA LEU K 4 3.28 -18.96 53.02
C LEU K 4 1.88 -19.23 52.50
N THR K 5 1.05 -18.20 52.49
CA THR K 5 -0.30 -18.31 51.99
C THR K 5 -0.48 -17.37 50.80
N GLN K 6 -0.73 -17.94 49.64
CA GLN K 6 -0.90 -17.15 48.42
C GLN K 6 -2.36 -16.81 48.22
N SER K 7 -2.61 -15.61 47.71
CA SER K 7 -3.98 -15.15 47.50
C SER K 7 -4.13 -14.42 46.16
N PRO K 8 -5.22 -14.72 45.44
CA PRO K 8 -6.17 -15.76 45.83
C PRO K 8 -5.74 -17.14 45.36
N GLY K 9 -6.58 -18.14 45.57
CA GLY K 9 -6.30 -19.48 45.10
C GLY K 9 -6.32 -19.52 43.58
N THR K 10 -7.39 -18.98 43.01
CA THR K 10 -7.51 -18.89 41.56
C THR K 10 -7.75 -17.45 41.12
N GLN K 11 -7.11 -17.05 40.04
CA GLN K 11 -7.22 -15.69 39.53
C GLN K 11 -7.69 -15.70 38.08
N SER K 12 -8.92 -15.29 37.83
CA SER K 12 -9.47 -15.30 36.47
C SER K 12 -9.41 -13.93 35.82
N LEU K 13 -8.59 -13.79 34.78
CA LEU K 13 -8.45 -12.50 34.09
C LEU K 13 -8.40 -12.63 32.59
N SER K 14 -8.66 -11.52 31.91
CA SER K 14 -8.63 -11.47 30.46
C SER K 14 -7.22 -11.18 29.93
N PRO K 15 -6.91 -11.67 28.73
CA PRO K 15 -5.61 -11.42 28.11
C PRO K 15 -5.33 -9.94 27.92
N GLY K 16 -4.12 -9.51 28.29
CA GLY K 16 -3.75 -8.11 28.18
C GLY K 16 -3.93 -7.36 29.48
N GLU K 17 -4.65 -7.97 30.42
CA GLU K 17 -4.93 -7.34 31.71
C GLU K 17 -3.74 -7.43 32.66
N ARG K 18 -3.82 -6.68 33.76
CA ARG K 18 -2.76 -6.57 34.74
C ARG K 18 -3.06 -7.49 35.92
N ALA K 19 -2.14 -8.42 36.19
CA ALA K 19 -2.33 -9.40 37.25
C ALA K 19 -1.50 -9.07 38.48
N THR K 20 -2.13 -9.14 39.65
CA THR K 20 -1.43 -8.92 40.91
C THR K 20 -1.68 -10.11 41.84
N LEU K 21 -0.62 -10.84 42.14
CA LEU K 21 -0.69 -12.02 42.98
C LEU K 21 -0.10 -11.72 44.34
N SER K 22 -0.75 -12.22 45.39
CA SER K 22 -0.34 -11.92 46.76
C SER K 22 0.31 -13.12 47.43
N CYS K 23 1.36 -12.84 48.20
CA CYS K 23 2.00 -13.85 49.05
C CYS K 23 2.12 -13.31 50.46
N ARG K 24 1.50 -13.98 51.41
CA ARG K 24 1.50 -13.53 52.79
C ARG K 24 2.27 -14.53 53.66
N ALA K 25 3.31 -14.04 54.33
CA ALA K 25 4.16 -14.89 55.14
C ALA K 25 3.68 -14.96 56.60
N SER K 26 3.81 -16.15 57.19
CA SER K 26 3.43 -16.38 58.58
C SER K 26 4.35 -15.64 59.53
N GLN K 27 5.61 -15.49 59.14
CA GLN K 27 6.57 -14.72 59.90
C GLN K 27 7.39 -13.85 58.96
N SER K 28 8.14 -12.92 59.52
CA SER K 28 9.02 -12.08 58.72
C SER K 28 10.05 -13.02 58.12
N VAL K 29 10.30 -12.90 56.82
CA VAL K 29 11.23 -13.81 56.17
C VAL K 29 12.68 -13.47 56.54
N GLY K 30 13.03 -12.20 56.49
CA GLY K 30 14.38 -11.79 56.80
C GLY K 30 15.17 -11.72 55.52
N ASN K 31 16.01 -10.69 55.38
CA ASN K 31 16.84 -10.51 54.20
C ASN K 31 16.03 -10.37 52.90
N ASN K 32 14.72 -10.54 52.99
CA ASN K 32 13.79 -10.45 51.86
C ASN K 32 13.95 -11.61 50.89
N LYS K 33 14.48 -12.72 51.41
CA LYS K 33 14.73 -13.91 50.61
C LYS K 33 13.41 -14.54 50.16
N LEU K 34 12.71 -13.85 49.26
CA LEU K 34 11.43 -14.34 48.74
C LEU K 34 11.53 -14.47 47.22
N ALA K 35 11.03 -15.59 46.70
CA ALA K 35 11.14 -15.88 45.27
C ALA K 35 9.79 -16.23 44.65
N TRP K 36 9.66 -15.93 43.36
CA TRP K 36 8.47 -16.25 42.60
C TRP K 36 8.80 -17.15 41.43
N TYR K 37 8.08 -18.26 41.32
CA TYR K 37 8.27 -19.25 40.27
C TYR K 37 7.02 -19.42 39.42
N GLN K 38 7.22 -19.71 38.14
CA GLN K 38 6.12 -20.02 37.23
C GLN K 38 6.18 -21.49 36.81
N GLN K 39 5.03 -22.14 36.77
CA GLN K 39 4.94 -23.51 36.31
C GLN K 39 3.77 -23.73 35.37
N ARG K 40 4.06 -24.30 34.21
CA ARG K 40 3.05 -24.69 33.24
C ARG K 40 2.85 -26.20 33.33
N PRO K 41 1.67 -26.69 32.90
CA PRO K 41 1.43 -28.13 32.93
C PRO K 41 2.48 -28.92 32.15
N GLY K 42 3.11 -29.90 32.81
CA GLY K 42 4.07 -30.77 32.14
C GLY K 42 5.50 -30.26 32.14
N GLN K 43 5.73 -29.08 32.72
CA GLN K 43 7.07 -28.51 32.75
C GLN K 43 7.57 -28.27 34.18
N ALA K 44 8.87 -28.09 34.32
CA ALA K 44 9.46 -27.77 35.60
C ALA K 44 9.24 -26.30 35.90
N PRO K 45 9.23 -25.93 37.20
CA PRO K 45 9.09 -24.53 37.59
C PRO K 45 10.22 -23.65 37.04
N ARG K 46 9.93 -22.37 36.87
CA ARG K 46 10.91 -21.41 36.36
C ARG K 46 11.02 -20.21 37.30
N LEU K 47 12.24 -19.89 37.73
CA LEU K 47 12.44 -18.76 38.62
C LEU K 47 12.11 -17.45 37.91
N LEU K 48 11.14 -16.73 38.45
CA LEU K 48 10.75 -15.44 37.90
C LEU K 48 11.38 -14.31 38.68
N ILE K 49 11.26 -14.38 40.00
CA ILE K 49 11.75 -13.30 40.85
C ILE K 49 12.55 -13.86 42.02
N TYR K 50 13.63 -13.17 42.40
CA TYR K 50 14.36 -13.51 43.61
C TYR K 50 14.69 -12.26 44.42
N GLY K 51 14.93 -12.43 45.71
CA GLY K 51 15.22 -11.31 46.58
C GLY K 51 14.09 -10.32 46.62
N ALA K 52 12.87 -10.86 46.56
CA ALA K 52 11.62 -10.10 46.63
C ALA K 52 11.36 -9.20 45.42
N SER K 53 12.41 -8.68 44.79
CA SER K 53 12.23 -7.72 43.71
C SER K 53 13.16 -7.92 42.52
N SER K 54 14.28 -8.59 42.73
CA SER K 54 15.26 -8.78 41.66
C SER K 54 14.76 -9.77 40.62
N ARG K 55 15.05 -9.48 39.35
CA ARG K 55 14.61 -10.31 38.24
C ARG K 55 15.79 -10.81 37.41
N PRO K 56 15.93 -12.14 37.30
CA PRO K 56 17.01 -12.77 36.52
C PRO K 56 16.93 -12.41 35.05
N SER K 57 18.06 -12.50 34.36
CA SER K 57 18.09 -12.28 32.92
C SER K 57 17.35 -13.42 32.22
N GLY K 58 16.54 -13.09 31.23
CA GLY K 58 15.76 -14.07 30.51
C GLY K 58 14.29 -13.98 30.88
N VAL K 59 14.02 -13.36 32.02
CA VAL K 59 12.64 -13.14 32.46
C VAL K 59 12.15 -11.79 31.97
N ALA K 60 10.99 -11.78 31.32
CA ALA K 60 10.44 -10.56 30.74
C ALA K 60 10.19 -9.49 31.80
N ASP K 61 10.30 -8.22 31.40
CA ASP K 61 10.16 -7.10 32.33
C ASP K 61 8.71 -6.87 32.76
N ARG K 62 7.76 -7.55 32.12
CA ARG K 62 6.37 -7.40 32.50
C ARG K 62 6.13 -8.09 33.83
N PHE K 63 7.07 -8.96 34.20
CA PHE K 63 7.07 -9.59 35.51
C PHE K 63 7.89 -8.73 36.48
N SER K 64 7.28 -8.33 37.58
CA SER K 64 7.99 -7.53 38.58
C SER K 64 7.60 -7.97 39.99
N GLY K 65 8.54 -7.93 40.92
CA GLY K 65 8.24 -8.32 42.28
C GLY K 65 8.39 -7.16 43.23
N SER K 66 7.58 -7.15 44.28
CA SER K 66 7.64 -6.09 45.28
C SER K 66 7.18 -6.58 46.65
N GLY K 67 7.33 -5.72 47.65
CA GLY K 67 6.91 -6.04 49.00
C GLY K 67 8.08 -6.31 49.91
N SER K 68 7.81 -6.49 51.19
CA SER K 68 8.83 -6.81 52.17
C SER K 68 8.21 -7.31 53.48
N GLY K 69 9.08 -7.75 54.38
CA GLY K 69 8.62 -8.16 55.69
C GLY K 69 7.80 -9.43 55.64
N THR K 70 6.48 -9.25 55.59
CA THR K 70 5.55 -10.37 55.54
C THR K 70 4.61 -10.27 54.35
N ASP K 71 4.60 -9.11 53.70
CA ASP K 71 3.70 -8.90 52.57
C ASP K 71 4.45 -8.81 51.24
N PHE K 72 4.17 -9.74 50.33
CA PHE K 72 4.85 -9.76 49.04
C PHE K 72 3.87 -9.82 47.89
N THR K 73 4.28 -9.30 46.73
CA THR K 73 3.40 -9.20 45.59
C THR K 73 4.11 -9.41 44.26
N LEU K 74 3.56 -10.29 43.43
CA LEU K 74 4.03 -10.46 42.06
C LEU K 74 3.10 -9.74 41.09
N THR K 75 3.66 -8.89 40.23
CA THR K 75 2.85 -8.12 39.29
C THR K 75 3.23 -8.36 37.84
N ILE K 76 2.23 -8.76 37.05
CA ILE K 76 2.36 -8.91 35.60
C ILE K 76 1.61 -7.78 34.90
N SER K 77 2.35 -6.86 34.28
CA SER K 77 1.76 -5.67 33.68
C SER K 77 0.68 -6.00 32.64
N ARG K 78 0.94 -6.99 31.80
CA ARG K 78 -0.05 -7.43 30.83
C ARG K 78 0.01 -8.95 30.69
N LEU K 79 -1.13 -9.61 30.82
CA LEU K 79 -1.14 -11.06 30.71
C LEU K 79 -1.02 -11.51 29.25
N GLU K 80 0.12 -12.10 28.90
CA GLU K 80 0.29 -12.73 27.59
C GLU K 80 -0.22 -14.16 27.68
N PRO K 81 -0.56 -14.77 26.52
CA PRO K 81 -1.07 -16.15 26.49
C PRO K 81 -0.22 -17.13 27.31
N GLU K 82 1.09 -16.98 27.28
CA GLU K 82 1.98 -17.90 27.98
C GLU K 82 2.09 -17.55 29.46
N ASP K 83 1.49 -16.44 29.88
CA ASP K 83 1.56 -16.02 31.28
C ASP K 83 0.49 -16.72 32.13
N PHE K 84 -0.50 -17.31 31.46
CA PHE K 84 -1.55 -18.03 32.17
C PHE K 84 -1.04 -19.40 32.63
N ALA K 85 -0.55 -19.45 33.87
CA ALA K 85 -0.01 -20.67 34.45
C ALA K 85 -0.18 -20.65 35.96
N VAL K 86 0.57 -21.50 36.65
CA VAL K 86 0.51 -21.51 38.11
C VAL K 86 1.72 -20.78 38.67
N TYR K 87 1.53 -20.00 39.73
CA TYR K 87 2.63 -19.25 40.30
C TYR K 87 2.84 -19.58 41.78
N TYR K 88 4.07 -19.87 42.15
CA TYR K 88 4.42 -20.22 43.53
C TYR K 88 5.34 -19.19 44.15
N CYS K 89 5.16 -18.93 45.44
CA CYS K 89 6.10 -18.10 46.18
C CYS K 89 6.88 -18.98 47.15
N GLN K 90 8.16 -18.65 47.34
CA GLN K 90 9.05 -19.46 48.16
C GLN K 90 9.92 -18.60 49.06
N GLN K 91 9.98 -18.95 50.34
CA GLN K 91 10.88 -18.25 51.25
C GLN K 91 12.11 -19.10 51.56
N TYR K 92 13.27 -18.46 51.57
CA TYR K 92 14.52 -19.16 51.86
C TYR K 92 15.38 -18.31 52.80
N GLY K 93 14.72 -17.52 53.64
CA GLY K 93 15.40 -16.70 54.62
C GLY K 93 15.73 -17.47 55.89
N GLN K 94 15.03 -18.59 56.08
CA GLN K 94 15.32 -19.49 57.18
C GLN K 94 15.97 -20.74 56.64
N SER K 95 16.43 -21.62 57.52
CA SER K 95 17.04 -22.87 57.09
C SER K 95 15.99 -23.80 56.48
N LEU K 96 14.79 -23.76 57.04
CA LEU K 96 13.67 -24.53 56.50
C LEU K 96 12.94 -23.72 55.44
N SER K 97 13.12 -24.09 54.18
CA SER K 97 12.49 -23.40 53.07
C SER K 97 11.10 -23.98 52.81
N THR K 98 10.14 -23.11 52.51
CA THR K 98 8.77 -23.54 52.27
C THR K 98 8.16 -22.89 51.03
N PHE K 99 7.23 -23.61 50.41
CA PHE K 99 6.50 -23.13 49.24
C PHE K 99 5.08 -22.71 49.62
N GLY K 100 4.49 -21.86 48.80
CA GLY K 100 3.09 -21.50 48.94
C GLY K 100 2.23 -22.56 48.31
N GLN K 101 0.91 -22.48 48.54
CA GLN K 101 0.01 -23.48 48.00
C GLN K 101 -0.19 -23.25 46.50
N GLY K 102 0.26 -22.09 46.03
CA GLY K 102 0.22 -21.78 44.62
C GLY K 102 -1.00 -20.97 44.19
N THR K 103 -0.86 -20.23 43.11
CA THR K 103 -1.95 -19.47 42.54
C THR K 103 -2.05 -19.76 41.04
N LYS K 104 -3.22 -20.18 40.59
CA LYS K 104 -3.45 -20.45 39.19
C LYS K 104 -4.01 -19.21 38.51
N VAL K 105 -3.34 -18.72 37.49
CA VAL K 105 -3.87 -17.60 36.73
C VAL K 105 -4.51 -18.14 35.46
N GLU K 106 -5.84 -18.08 35.42
CA GLU K 106 -6.60 -18.60 34.30
C GLU K 106 -7.24 -17.50 33.49
N VAL K 107 -7.55 -17.82 32.24
CA VAL K 107 -8.20 -16.88 31.35
C VAL K 107 -9.66 -16.73 31.77
N LYS K 108 -10.08 -15.49 32.03
CA LYS K 108 -11.49 -15.22 32.30
C LYS K 108 -12.24 -15.02 31.00
N ARG K 109 -13.28 -15.83 30.80
CA ARG K 109 -14.11 -15.70 29.63
C ARG K 109 -15.58 -15.68 30.05
N THR K 110 -16.47 -15.56 29.07
CA THR K 110 -17.90 -15.60 29.33
C THR K 110 -18.32 -16.98 29.82
N VAL K 111 -19.32 -17.01 30.71
CA VAL K 111 -19.80 -18.26 31.27
C VAL K 111 -20.36 -19.17 30.18
N ALA K 112 -19.89 -20.42 30.16
CA ALA K 112 -20.34 -21.39 29.17
C ALA K 112 -20.83 -22.68 29.83
N ALA K 113 -22.01 -23.12 29.42
CA ALA K 113 -22.59 -24.37 29.92
C ALA K 113 -21.93 -25.57 29.26
N PRO K 114 -21.81 -26.68 29.99
CA PRO K 114 -21.20 -27.91 29.45
C PRO K 114 -22.15 -28.66 28.52
N SER K 115 -21.61 -29.22 27.44
CA SER K 115 -22.37 -30.14 26.59
C SER K 115 -22.24 -31.54 27.17
N VAL K 116 -23.35 -32.10 27.65
CA VAL K 116 -23.31 -33.37 28.36
C VAL K 116 -23.58 -34.56 27.44
N PHE K 117 -22.72 -35.57 27.52
CA PHE K 117 -22.92 -36.80 26.74
C PHE K 117 -22.78 -37.98 27.69
N ILE K 118 -23.53 -39.05 27.44
CA ILE K 118 -23.41 -40.24 28.25
C ILE K 118 -23.01 -41.44 27.40
N PHE K 119 -22.15 -42.29 27.96
CA PHE K 119 -21.60 -43.43 27.25
C PHE K 119 -21.83 -44.71 28.05
N PRO K 120 -22.63 -45.63 27.48
CA PRO K 120 -22.84 -46.95 28.08
C PRO K 120 -21.57 -47.79 27.97
N PRO K 121 -21.41 -48.79 28.85
CA PRO K 121 -20.26 -49.69 28.77
C PRO K 121 -20.26 -50.49 27.47
N SER K 122 -19.08 -50.66 26.88
CA SER K 122 -18.98 -51.43 25.65
C SER K 122 -19.27 -52.89 25.93
N ASP K 123 -19.64 -53.64 24.89
CA ASP K 123 -19.94 -55.05 25.06
C ASP K 123 -18.70 -55.85 25.45
N GLU K 124 -17.54 -55.42 24.97
CA GLU K 124 -16.27 -56.08 25.30
C GLU K 124 -15.97 -56.03 26.80
N GLN K 125 -16.15 -54.84 27.38
CA GLN K 125 -15.88 -54.64 28.80
C GLN K 125 -16.89 -55.40 29.64
N LEU K 126 -18.15 -55.40 29.19
CA LEU K 126 -19.18 -56.17 29.86
C LEU K 126 -18.87 -57.66 29.76
N LYS K 127 -18.21 -58.05 28.67
CA LYS K 127 -17.79 -59.43 28.46
C LYS K 127 -16.66 -59.81 29.41
N SER K 128 -15.94 -58.82 29.91
CA SER K 128 -14.83 -59.12 30.81
C SER K 128 -15.23 -59.01 32.29
N GLY K 129 -16.47 -58.61 32.55
CA GLY K 129 -17.00 -58.64 33.90
C GLY K 129 -17.08 -57.32 34.66
N THR K 130 -16.76 -56.21 34.00
CA THR K 130 -16.87 -54.91 34.66
C THR K 130 -17.68 -53.94 33.80
N ALA K 131 -18.26 -52.93 34.45
CA ALA K 131 -19.09 -51.96 33.74
C ALA K 131 -18.71 -50.53 34.12
N SER K 132 -18.37 -49.74 33.12
CA SER K 132 -18.03 -48.33 33.32
C SER K 132 -18.99 -47.43 32.54
N VAL K 133 -19.77 -46.64 33.26
CA VAL K 133 -20.67 -45.66 32.64
C VAL K 133 -20.00 -44.30 32.63
N VAL K 134 -19.89 -43.67 31.47
CA VAL K 134 -19.11 -42.43 31.40
C VAL K 134 -19.93 -41.20 31.07
N CYS K 135 -19.87 -40.19 31.95
CA CYS K 135 -20.52 -38.92 31.70
C CYS K 135 -19.50 -37.85 31.34
N LEU K 136 -19.70 -37.22 30.18
CA LEU K 136 -18.80 -36.20 29.68
C LEU K 136 -19.44 -34.82 29.75
N LEU K 137 -18.74 -33.89 30.39
CA LEU K 137 -19.12 -32.48 30.45
C LEU K 137 -18.18 -31.68 29.55
N ASN K 138 -18.64 -31.29 28.37
CA ASN K 138 -17.75 -30.73 27.36
C ASN K 138 -17.76 -29.21 27.26
N ASN K 139 -16.56 -28.63 27.30
CA ASN K 139 -16.33 -27.21 27.04
C ASN K 139 -17.21 -26.27 27.87
N PHE K 140 -16.83 -26.06 29.13
CA PHE K 140 -17.60 -25.18 30.01
C PHE K 140 -16.68 -24.22 30.79
N TYR K 141 -17.29 -23.15 31.29
CA TYR K 141 -16.62 -22.19 32.15
C TYR K 141 -17.63 -21.54 33.07
N PRO K 142 -17.28 -21.33 34.35
CA PRO K 142 -16.00 -21.62 34.99
C PRO K 142 -15.78 -23.10 35.29
N ARG K 143 -14.66 -23.39 35.96
CA ARG K 143 -14.24 -24.77 36.20
C ARG K 143 -15.16 -25.48 37.19
N GLU K 144 -15.79 -24.72 38.07
CA GLU K 144 -16.64 -25.29 39.12
C GLU K 144 -17.86 -25.99 38.53
N ALA K 145 -17.88 -27.32 38.62
CA ALA K 145 -19.00 -28.11 38.12
C ALA K 145 -19.30 -29.31 39.04
N LYS K 146 -20.54 -29.78 39.02
CA LYS K 146 -20.95 -30.91 39.86
C LYS K 146 -21.65 -32.03 39.09
N VAL K 147 -21.21 -33.27 39.32
CA VAL K 147 -21.80 -34.44 38.66
C VAL K 147 -22.38 -35.44 39.68
N GLN K 148 -23.64 -35.82 39.47
CA GLN K 148 -24.31 -36.78 40.36
C GLN K 148 -24.83 -37.99 39.58
N TRP K 149 -24.51 -39.18 40.08
CA TRP K 149 -24.92 -40.43 39.43
C TRP K 149 -26.18 -41.05 40.03
N LYS K 150 -27.15 -41.38 39.18
CA LYS K 150 -28.37 -42.04 39.63
C LYS K 150 -28.58 -43.38 38.91
N VAL K 151 -28.62 -44.46 39.67
CA VAL K 151 -28.88 -45.78 39.09
C VAL K 151 -30.27 -46.25 39.54
N ASP K 152 -31.22 -46.31 38.61
CA ASP K 152 -32.64 -46.51 38.93
C ASP K 152 -33.09 -45.46 39.93
N ASN K 153 -32.64 -44.22 39.73
CA ASN K 153 -32.91 -43.09 40.61
C ASN K 153 -32.39 -43.33 42.05
N ALA K 154 -31.36 -44.15 42.16
CA ALA K 154 -30.67 -44.35 43.44
C ALA K 154 -29.39 -43.52 43.39
N LEU K 155 -29.30 -42.57 44.32
CA LEU K 155 -28.18 -41.65 44.39
C LEU K 155 -26.93 -42.43 44.70
N GLN K 156 -25.94 -42.35 43.82
CA GLN K 156 -24.70 -43.10 43.98
C GLN K 156 -23.69 -42.32 44.80
N SER K 157 -22.75 -43.04 45.42
CA SER K 157 -21.78 -42.42 46.32
C SER K 157 -20.56 -43.31 46.58
N GLY K 158 -19.40 -42.88 46.09
CA GLY K 158 -18.15 -43.59 46.34
C GLY K 158 -17.82 -44.64 45.29
N ASN K 159 -18.56 -44.62 44.19
CA ASN K 159 -18.34 -45.56 43.09
C ASN K 159 -18.09 -44.85 41.76
N SER K 160 -17.68 -43.58 41.85
CA SER K 160 -17.40 -42.79 40.65
C SER K 160 -16.13 -41.95 40.83
N GLN K 161 -15.39 -41.78 39.74
CA GLN K 161 -14.17 -40.97 39.75
C GLN K 161 -14.16 -39.98 38.58
N GLU K 162 -13.73 -38.74 38.81
CA GLU K 162 -13.72 -37.77 37.72
C GLU K 162 -12.36 -37.11 37.51
N SER K 163 -12.10 -36.65 36.29
CA SER K 163 -10.89 -35.88 36.00
C SER K 163 -11.21 -34.73 35.04
N VAL K 164 -10.49 -33.63 35.20
CA VAL K 164 -10.72 -32.45 34.37
C VAL K 164 -9.48 -32.09 33.56
N THR K 165 -9.67 -31.70 32.31
CA THR K 165 -8.55 -31.27 31.46
C THR K 165 -8.09 -29.87 31.84
N GLU K 166 -6.91 -29.49 31.35
CA GLU K 166 -6.43 -28.13 31.52
C GLU K 166 -7.24 -27.17 30.68
N GLN K 167 -7.24 -25.90 31.07
CA GLN K 167 -7.99 -24.87 30.36
C GLN K 167 -7.55 -24.81 28.90
N ASP K 168 -8.51 -24.98 28.00
CA ASP K 168 -8.22 -25.05 26.58
C ASP K 168 -7.52 -23.79 26.08
N SER K 169 -6.50 -23.98 25.26
CA SER K 169 -5.68 -22.87 24.78
C SER K 169 -6.40 -22.05 23.73
N LYS K 170 -7.50 -22.59 23.18
CA LYS K 170 -8.23 -21.90 22.13
C LYS K 170 -9.46 -21.15 22.64
N ASP K 171 -10.39 -21.88 23.27
CA ASP K 171 -11.64 -21.26 23.73
C ASP K 171 -11.70 -21.03 25.23
N SER K 172 -10.60 -21.34 25.93
CA SER K 172 -10.48 -21.13 27.37
C SER K 172 -11.56 -21.86 28.17
N THR K 173 -12.01 -23.00 27.68
CA THR K 173 -13.02 -23.79 28.38
C THR K 173 -12.41 -24.99 29.09
N TYR K 174 -13.23 -25.66 29.90
CA TYR K 174 -12.79 -26.87 30.60
C TYR K 174 -13.63 -28.07 30.16
N SER K 175 -13.12 -29.27 30.39
CA SER K 175 -13.88 -30.47 30.12
C SER K 175 -13.70 -31.49 31.25
N LEU K 176 -14.81 -32.11 31.67
CA LEU K 176 -14.78 -33.05 32.77
C LEU K 176 -15.23 -34.43 32.31
N SER K 177 -14.56 -35.47 32.81
CA SER K 177 -14.93 -36.84 32.52
C SER K 177 -15.16 -37.62 33.81
N SER K 178 -16.38 -38.11 34.00
CA SER K 178 -16.72 -38.87 35.19
C SER K 178 -17.05 -40.32 34.85
N THR K 179 -16.36 -41.26 35.50
CA THR K 179 -16.56 -42.67 35.25
C THR K 179 -17.17 -43.36 36.46
N LEU K 180 -18.32 -44.00 36.26
CA LEU K 180 -19.00 -44.78 37.28
C LEU K 180 -18.69 -46.26 37.09
N THR K 181 -18.11 -46.88 38.11
CA THR K 181 -17.69 -48.28 37.98
C THR K 181 -18.51 -49.22 38.85
N LEU K 182 -19.12 -50.22 38.19
CA LEU K 182 -19.87 -51.26 38.88
C LEU K 182 -19.53 -52.64 38.31
N SER K 183 -19.95 -53.69 38.99
CA SER K 183 -19.79 -55.05 38.46
C SER K 183 -20.87 -55.35 37.42
N LYS K 184 -20.60 -56.36 36.58
CA LYS K 184 -21.53 -56.76 35.53
C LYS K 184 -22.86 -57.22 36.12
N ALA K 185 -22.80 -57.84 37.28
CA ALA K 185 -23.99 -58.32 37.96
C ALA K 185 -24.89 -57.16 38.39
N ASP K 186 -24.30 -56.17 39.04
CA ASP K 186 -25.05 -54.99 39.49
C ASP K 186 -25.55 -54.16 38.32
N TYR K 187 -24.82 -54.16 37.21
CA TYR K 187 -25.20 -53.37 36.05
C TYR K 187 -26.45 -53.92 35.38
N GLU K 188 -26.60 -55.25 35.39
CA GLU K 188 -27.75 -55.89 34.77
C GLU K 188 -28.93 -56.00 35.74
N LYS K 189 -28.73 -55.55 36.97
CA LYS K 189 -29.81 -55.55 37.96
C LYS K 189 -30.72 -54.34 37.78
N HIS K 190 -30.18 -53.27 37.22
CA HIS K 190 -30.91 -52.02 37.09
C HIS K 190 -31.10 -51.61 35.63
N LYS K 191 -31.95 -50.62 35.38
CA LYS K 191 -32.28 -50.24 34.02
C LYS K 191 -31.85 -48.82 33.64
N VAL K 192 -32.34 -47.83 34.36
CA VAL K 192 -32.07 -46.44 34.03
C VAL K 192 -30.80 -45.94 34.69
N TYR K 193 -29.85 -45.48 33.88
CA TYR K 193 -28.61 -44.92 34.41
C TYR K 193 -28.53 -43.46 33.99
N ALA K 194 -28.36 -42.57 34.95
CA ALA K 194 -28.41 -41.14 34.67
C ALA K 194 -27.27 -40.34 35.28
N CYS K 195 -26.86 -39.33 34.53
CA CYS K 195 -25.87 -38.36 34.94
C CYS K 195 -26.53 -37.00 35.05
N GLU K 196 -26.57 -36.45 36.26
CA GLU K 196 -27.14 -35.13 36.47
C GLU K 196 -26.02 -34.13 36.68
N VAL K 197 -26.05 -33.07 35.87
CA VAL K 197 -24.99 -32.09 35.84
C VAL K 197 -25.47 -30.74 36.32
N THR K 198 -24.85 -30.24 37.38
CA THR K 198 -25.15 -28.91 37.88
C THR K 198 -23.98 -27.98 37.60
N HIS K 199 -24.28 -26.85 36.96
CA HIS K 199 -23.26 -25.88 36.59
C HIS K 199 -23.84 -24.46 36.59
N GLN K 200 -22.97 -23.47 36.75
CA GLN K 200 -23.40 -22.07 36.77
C GLN K 200 -24.04 -21.68 35.44
N GLY K 201 -23.53 -22.25 34.35
CA GLY K 201 -24.02 -21.92 33.02
C GLY K 201 -25.32 -22.63 32.70
N LEU K 202 -25.78 -23.45 33.64
CA LEU K 202 -27.06 -24.13 33.48
C LEU K 202 -28.07 -23.58 34.49
N SER K 203 -29.22 -23.15 33.98
CA SER K 203 -30.29 -22.68 34.85
C SER K 203 -30.83 -23.84 35.67
N SER K 204 -30.81 -25.02 35.06
CA SER K 204 -31.26 -26.23 35.74
C SER K 204 -30.36 -27.41 35.41
N PRO K 205 -30.16 -28.31 36.37
CA PRO K 205 -29.33 -29.51 36.19
C PRO K 205 -29.75 -30.31 34.96
N VAL K 206 -28.80 -30.55 34.07
CA VAL K 206 -29.11 -31.31 32.86
C VAL K 206 -28.85 -32.78 33.14
N THR K 207 -29.83 -33.63 32.83
CA THR K 207 -29.67 -35.04 33.11
C THR K 207 -29.67 -35.83 31.81
N LYS K 208 -28.54 -36.51 31.55
CA LYS K 208 -28.47 -37.39 30.40
C LYS K 208 -28.50 -38.82 30.90
N SER K 209 -29.38 -39.62 30.32
CA SER K 209 -29.60 -40.96 30.84
C SER K 209 -29.80 -41.98 29.73
N PHE K 210 -29.76 -43.26 30.10
CA PHE K 210 -30.03 -44.32 29.14
C PHE K 210 -30.59 -45.56 29.83
N ASN K 211 -31.26 -46.39 29.04
CA ASN K 211 -31.80 -47.68 29.52
C ASN K 211 -30.94 -48.83 29.03
N ARG K 212 -30.64 -49.77 29.92
CA ARG K 212 -29.78 -50.90 29.55
C ARG K 212 -30.39 -51.74 28.43
N GLY K 213 -29.66 -51.80 27.31
CA GLY K 213 -30.03 -52.59 26.15
C GLY K 213 -30.73 -51.77 25.09
N GLU K 214 -31.22 -50.59 25.48
CA GLU K 214 -31.89 -49.68 24.57
C GLU K 214 -30.94 -48.57 24.13
N GLN L 1 24.78 -22.80 29.12
CA GLN L 1 24.41 -22.49 30.50
C GLN L 1 24.39 -23.74 31.38
N VAL L 2 24.05 -23.56 32.64
CA VAL L 2 23.96 -24.68 33.59
C VAL L 2 22.78 -25.58 33.23
N GLN L 3 23.04 -26.88 33.12
CA GLN L 3 22.00 -27.84 32.76
C GLN L 3 21.99 -29.04 33.71
N LEU L 4 20.81 -29.38 34.22
CA LEU L 4 20.66 -30.52 35.12
C LEU L 4 19.83 -31.62 34.47
N VAL L 5 20.40 -32.83 34.39
CA VAL L 5 19.72 -33.96 33.77
C VAL L 5 19.54 -35.14 34.72
N GLN L 6 18.30 -35.51 35.00
CA GLN L 6 17.99 -36.54 35.97
C GLN L 6 17.82 -37.92 35.34
N SER L 7 17.75 -38.95 36.19
CA SER L 7 17.57 -40.32 35.72
C SER L 7 16.13 -40.57 35.29
N GLY L 8 15.91 -41.68 34.59
CA GLY L 8 14.59 -42.01 34.08
C GLY L 8 13.61 -42.35 35.18
N ALA L 9 12.33 -42.47 34.82
CA ALA L 9 11.30 -42.79 35.81
C ALA L 9 11.53 -44.17 36.43
N GLU L 10 11.12 -44.31 37.69
CA GLU L 10 11.34 -45.55 38.43
C GLU L 10 10.07 -46.02 39.13
N VAL L 11 9.87 -47.33 39.16
CA VAL L 11 8.74 -47.92 39.87
C VAL L 11 9.23 -48.81 41.00
N LYS L 12 8.86 -48.46 42.23
CA LYS L 12 9.32 -49.19 43.40
C LYS L 12 8.16 -49.66 44.28
N ARG L 13 8.41 -50.71 45.05
CA ARG L 13 7.40 -51.28 45.94
C ARG L 13 7.48 -50.62 47.32
N PRO L 14 6.36 -50.62 48.06
CA PRO L 14 6.31 -50.01 49.40
C PRO L 14 7.35 -50.61 50.35
N GLY L 15 8.11 -49.75 51.01
CA GLY L 15 9.10 -50.19 51.99
C GLY L 15 10.52 -50.18 51.46
N SER L 16 10.66 -50.04 50.14
CA SER L 16 11.98 -50.05 49.52
C SER L 16 12.63 -48.66 49.55
N SER L 17 13.77 -48.55 48.90
CA SER L 17 14.49 -47.28 48.84
C SER L 17 14.74 -46.88 47.38
N VAL L 18 14.69 -45.57 47.11
CA VAL L 18 14.92 -45.07 45.77
C VAL L 18 16.09 -44.10 45.74
N THR L 19 16.82 -44.10 44.62
CA THR L 19 17.94 -43.19 44.43
C THR L 19 17.82 -42.49 43.08
N VAL L 20 17.52 -41.19 43.12
CA VAL L 20 17.40 -40.39 41.92
C VAL L 20 18.69 -39.62 41.69
N SER L 21 19.18 -39.65 40.45
CA SER L 21 20.43 -38.98 40.13
C SER L 21 20.17 -37.65 39.43
N CYS L 22 21.12 -36.73 39.53
CA CYS L 22 21.02 -35.42 38.90
C CYS L 22 22.39 -34.96 38.40
N LYS L 23 22.59 -35.00 37.08
CA LYS L 23 23.87 -34.61 36.48
C LYS L 23 23.94 -33.12 36.14
N ALA L 24 24.94 -32.47 36.69
CA ALA L 24 25.14 -31.04 36.47
C ALA L 24 26.17 -30.78 35.37
N SER L 25 25.88 -29.82 34.50
CA SER L 25 26.83 -29.43 33.46
C SER L 25 26.94 -27.91 33.34
N GLY L 26 28.18 -27.43 33.22
CA GLY L 26 28.46 -26.01 33.13
C GLY L 26 28.64 -25.41 34.50
N GLY L 27 28.94 -24.10 34.55
CA GLY L 27 29.16 -23.39 35.80
C GLY L 27 30.01 -24.11 36.83
N SER L 28 29.95 -23.65 38.07
CA SER L 28 30.65 -24.32 39.16
C SER L 28 29.69 -25.29 39.87
N PHE L 29 30.23 -26.42 40.31
CA PHE L 29 29.43 -27.47 40.95
C PHE L 29 29.52 -27.47 42.47
N SER L 30 30.75 -27.51 42.97
CA SER L 30 31.03 -27.70 44.39
C SER L 30 30.51 -26.61 45.33
N THR L 31 30.52 -25.36 44.90
CA THR L 31 30.26 -24.25 45.82
C THR L 31 28.81 -23.75 45.83
N TYR L 32 27.97 -24.30 44.96
CA TYR L 32 26.58 -23.86 44.89
C TYR L 32 25.60 -24.92 45.38
N ALA L 33 24.55 -24.48 46.07
CA ALA L 33 23.58 -25.37 46.70
C ALA L 33 22.69 -26.11 45.70
N LEU L 34 22.57 -27.42 45.92
CA LEU L 34 21.71 -28.27 45.11
C LEU L 34 20.58 -28.83 45.97
N SER L 35 19.35 -28.43 45.66
CA SER L 35 18.20 -28.86 46.44
C SER L 35 17.31 -29.83 45.67
N TRP L 36 16.43 -30.50 46.39
CA TRP L 36 15.47 -31.42 45.79
C TRP L 36 14.05 -31.02 46.17
N VAL L 37 13.20 -30.85 45.17
CA VAL L 37 11.82 -30.44 45.38
C VAL L 37 10.87 -31.41 44.69
N ARG L 38 9.98 -32.03 45.45
CA ARG L 38 9.04 -32.98 44.86
C ARG L 38 7.65 -32.36 44.67
N GLN L 39 6.86 -32.99 43.80
CA GLN L 39 5.51 -32.51 43.52
C GLN L 39 4.59 -33.69 43.24
N ALA L 40 3.66 -33.94 44.17
CA ALA L 40 2.67 -34.98 43.98
C ALA L 40 1.70 -34.59 42.85
N PRO L 41 1.11 -35.59 42.18
CA PRO L 41 0.18 -35.34 41.08
C PRO L 41 -0.96 -34.41 41.48
N GLY L 42 -1.09 -33.27 40.80
CA GLY L 42 -2.15 -32.33 41.09
C GLY L 42 -1.92 -31.55 42.38
N ARG L 43 -0.68 -31.58 42.87
CA ARG L 43 -0.34 -30.89 44.11
C ARG L 43 0.67 -29.77 43.91
N GLY L 44 1.06 -29.15 45.01
CA GLY L 44 2.00 -28.04 44.96
C GLY L 44 3.43 -28.49 45.15
N LEU L 45 4.35 -27.53 45.20
CA LEU L 45 5.77 -27.82 45.36
C LEU L 45 6.16 -28.01 46.82
N GLU L 46 7.11 -28.90 47.07
CA GLU L 46 7.59 -29.13 48.44
C GLU L 46 9.11 -29.34 48.47
N TRP L 47 9.80 -28.46 49.17
CA TRP L 47 11.24 -28.54 49.34
C TRP L 47 11.60 -29.66 50.32
N MET L 48 12.48 -30.55 49.89
CA MET L 48 12.84 -31.73 50.68
C MET L 48 14.15 -31.53 51.43
N GLY L 49 15.13 -30.96 50.75
CA GLY L 49 16.44 -30.77 51.33
C GLY L 49 17.41 -30.23 50.29
N GLY L 50 18.64 -29.97 50.72
CA GLY L 50 19.67 -29.42 49.86
C GLY L 50 21.04 -29.85 50.32
N VAL L 51 22.04 -29.64 49.46
CA VAL L 51 23.40 -30.02 49.78
C VAL L 51 24.40 -29.10 49.09
N ILE L 52 25.43 -28.70 49.83
CA ILE L 52 26.58 -28.04 49.26
C ILE L 52 27.68 -29.09 49.09
N PRO L 53 27.95 -29.45 47.83
CA PRO L 53 28.83 -30.53 47.36
C PRO L 53 30.22 -30.57 47.99
N LEU L 54 30.84 -29.44 48.25
CA LEU L 54 32.24 -29.39 48.66
C LEU L 54 32.52 -30.13 49.98
N LEU L 55 31.59 -30.06 50.92
CA LEU L 55 31.78 -30.71 52.21
C LEU L 55 30.58 -31.63 52.46
N THR L 56 29.71 -31.70 51.46
CA THR L 56 28.46 -32.45 51.54
C THR L 56 27.65 -31.89 52.71
N ILE L 57 27.55 -30.57 52.74
CA ILE L 57 26.78 -29.89 53.77
C ILE L 57 25.32 -30.07 53.44
N THR L 58 24.63 -30.90 54.20
CA THR L 58 23.25 -31.20 53.89
C THR L 58 22.30 -30.51 54.86
N ASN L 59 21.23 -29.98 54.29
CA ASN L 59 20.17 -29.34 55.06
C ASN L 59 18.84 -29.99 54.69
N TYR L 60 18.22 -30.66 55.65
CA TYR L 60 16.99 -31.39 55.37
C TYR L 60 15.76 -30.74 55.95
N ALA L 61 14.61 -30.96 55.33
CA ALA L 61 13.33 -30.54 55.88
C ALA L 61 12.92 -31.53 56.96
N PRO L 62 12.44 -31.02 58.10
CA PRO L 62 12.07 -31.85 59.26
C PRO L 62 11.14 -33.01 58.93
N ARG L 63 10.27 -32.83 57.94
CA ARG L 63 9.31 -33.88 57.60
C ARG L 63 10.00 -35.12 57.00
N PHE L 64 11.18 -34.91 56.39
CA PHE L 64 11.88 -36.02 55.74
C PHE L 64 13.10 -36.46 56.52
N GLN L 65 13.43 -35.74 57.59
CA GLN L 65 14.60 -36.05 58.40
C GLN L 65 14.53 -37.49 58.92
N GLY L 66 15.38 -38.36 58.39
CA GLY L 66 15.38 -39.75 58.80
C GLY L 66 15.08 -40.71 57.67
N ARG L 67 14.39 -40.23 56.63
CA ARG L 67 14.03 -41.07 55.52
C ARG L 67 14.83 -40.68 54.29
N ILE L 68 15.46 -39.51 54.39
CA ILE L 68 16.14 -38.90 53.25
C ILE L 68 17.66 -38.82 53.44
N THR L 69 18.40 -39.02 52.37
CA THR L 69 19.86 -38.86 52.37
C THR L 69 20.33 -38.31 51.03
N ILE L 70 20.83 -37.07 51.05
CA ILE L 70 21.29 -36.42 49.83
C ILE L 70 22.81 -36.35 49.77
N THR L 71 23.40 -36.88 48.70
CA THR L 71 24.86 -36.89 48.57
C THR L 71 25.31 -36.22 47.27
N ALA L 72 26.59 -35.88 47.19
CA ALA L 72 27.12 -35.23 46.00
C ALA L 72 28.48 -35.80 45.57
N ASP L 73 28.56 -36.21 44.31
CA ASP L 73 29.79 -36.72 43.73
C ASP L 73 30.44 -35.66 42.85
N ARG L 74 31.52 -35.08 43.36
CA ARG L 74 32.21 -33.98 42.68
C ARG L 74 33.05 -34.46 41.51
N SER L 75 33.35 -35.75 41.49
CA SER L 75 34.15 -36.33 40.42
C SER L 75 33.36 -36.41 39.12
N THR L 76 32.04 -36.48 39.24
CA THR L 76 31.15 -36.57 38.08
C THR L 76 30.13 -35.43 38.03
N SER L 77 30.23 -34.52 38.99
CA SER L 77 29.28 -33.41 39.13
C SER L 77 27.85 -33.91 39.19
N THR L 78 27.61 -34.91 40.04
CA THR L 78 26.31 -35.56 40.09
C THR L 78 25.76 -35.66 41.50
N ALA L 79 24.57 -35.12 41.71
CA ALA L 79 23.91 -35.19 43.00
C ALA L 79 22.99 -36.40 43.06
N TYR L 80 22.72 -36.87 44.27
CA TYR L 80 21.89 -38.03 44.47
C TYR L 80 20.91 -37.79 45.61
N LEU L 81 19.65 -38.15 45.36
CA LEU L 81 18.61 -38.12 46.36
C LEU L 81 18.21 -39.54 46.72
N GLU L 82 18.34 -39.90 48.00
CA GLU L 82 17.95 -41.22 48.45
C GLU L 82 16.78 -41.16 49.43
N LEU L 83 15.69 -41.86 49.09
CA LEU L 83 14.51 -41.90 49.94
C LEU L 83 14.16 -43.33 50.36
N ASN L 84 14.17 -43.58 51.67
CA ASN L 84 13.90 -44.91 52.20
C ASN L 84 12.46 -45.04 52.68
N SER L 85 12.05 -46.27 52.96
CA SER L 85 10.70 -46.55 53.48
C SER L 85 9.62 -45.96 52.57
N LEU L 86 9.69 -46.30 51.29
CA LEU L 86 8.78 -45.72 50.30
C LEU L 86 7.31 -46.08 50.59
N ARG L 87 6.45 -45.08 50.41
CA ARG L 87 5.02 -45.23 50.63
C ARG L 87 4.26 -44.73 49.39
N PRO L 88 3.02 -45.21 49.20
CA PRO L 88 2.22 -44.79 48.04
C PRO L 88 2.07 -43.27 47.92
N GLU L 89 2.06 -42.58 49.06
CA GLU L 89 1.90 -41.13 49.08
C GLU L 89 3.20 -40.41 48.74
N ASP L 90 4.27 -41.17 48.55
CA ASP L 90 5.55 -40.60 48.12
C ASP L 90 5.60 -40.54 46.59
N THR L 91 4.56 -41.06 45.95
CA THR L 91 4.46 -41.05 44.49
C THR L 91 4.39 -39.62 43.97
N ALA L 92 5.43 -39.19 43.27
CA ALA L 92 5.50 -37.80 42.84
C ALA L 92 6.55 -37.59 41.76
N VAL L 93 6.62 -36.37 41.24
CA VAL L 93 7.69 -35.99 40.33
C VAL L 93 8.76 -35.28 41.12
N TYR L 94 9.97 -35.82 41.09
CA TYR L 94 11.07 -35.26 41.87
C TYR L 94 11.99 -34.43 41.00
N TYR L 95 12.06 -33.13 41.32
CA TYR L 95 12.90 -32.20 40.60
C TYR L 95 14.16 -31.90 41.37
N CYS L 96 15.27 -31.77 40.66
CA CYS L 96 16.52 -31.30 41.26
CA CYS L 96 16.53 -31.31 41.24
C CYS L 96 16.77 -29.87 40.81
N ALA L 97 17.04 -28.99 41.76
CA ALA L 97 17.20 -27.58 41.44
C ALA L 97 18.48 -26.98 42.03
N ARG L 98 19.18 -26.18 41.23
CA ARG L 98 20.36 -25.49 41.72
C ARG L 98 20.11 -23.99 41.82
N GLU L 99 20.69 -23.39 42.86
CA GLU L 99 20.57 -21.96 43.07
C GLU L 99 21.32 -21.21 41.96
N GLY L 100 20.84 -20.00 41.67
CA GLY L 100 21.44 -19.20 40.61
C GLY L 100 22.59 -18.34 41.09
N THR L 101 23.24 -17.68 40.14
CA THR L 101 24.36 -16.82 40.46
C THR L 101 24.24 -15.50 39.70
N THR L 102 25.14 -14.56 40.00
CA THR L 102 25.18 -13.29 39.28
C THR L 102 26.57 -13.05 38.70
N GLY L 108 31.63 -15.26 42.01
CA GLY L 108 30.43 -14.48 41.74
C GLY L 108 29.62 -14.22 42.99
N LYS L 109 28.36 -14.64 42.97
CA LYS L 109 27.48 -14.46 44.13
C LYS L 109 26.22 -15.32 44.03
N PRO L 110 26.01 -16.21 45.01
CA PRO L 110 24.84 -17.09 45.07
C PRO L 110 23.58 -16.32 45.47
N ILE L 111 22.44 -16.69 44.91
CA ILE L 111 21.19 -15.96 45.19
C ILE L 111 20.23 -16.75 46.08
N GLY L 112 20.50 -18.04 46.26
CA GLY L 112 19.67 -18.86 47.11
C GLY L 112 18.47 -19.46 46.40
N ALA L 113 17.76 -18.61 45.65
CA ALA L 113 16.56 -19.04 44.94
C ALA L 113 16.89 -20.03 43.83
N PHE L 114 15.97 -20.94 43.57
CA PHE L 114 16.18 -22.01 42.60
C PHE L 114 16.07 -21.51 41.16
N ALA L 115 17.21 -21.18 40.56
CA ALA L 115 17.21 -20.63 39.20
C ALA L 115 17.37 -21.71 38.14
N HIS L 116 17.88 -22.87 38.52
CA HIS L 116 18.08 -23.94 37.54
C HIS L 116 17.34 -25.21 37.94
N TRP L 117 16.65 -25.83 36.98
CA TRP L 117 15.83 -27.01 37.28
C TRP L 117 16.14 -28.19 36.36
N GLY L 118 15.95 -29.40 36.88
CA GLY L 118 16.07 -30.60 36.09
C GLY L 118 14.77 -30.88 35.36
N GLN L 119 14.75 -31.93 34.54
CA GLN L 119 13.55 -32.26 33.78
C GLN L 119 12.55 -33.03 34.65
N GLY L 120 13.01 -33.44 35.83
CA GLY L 120 12.14 -34.16 36.75
C GLY L 120 12.18 -35.67 36.58
N THR L 121 11.90 -36.39 37.66
CA THR L 121 11.89 -37.84 37.62
C THR L 121 10.63 -38.39 38.29
N LEU L 122 9.81 -39.10 37.52
CA LEU L 122 8.58 -39.67 38.06
C LEU L 122 8.89 -40.90 38.91
N VAL L 123 8.58 -40.81 40.20
CA VAL L 123 8.72 -41.95 41.09
C VAL L 123 7.35 -42.41 41.57
N THR L 124 6.98 -43.61 41.14
CA THR L 124 5.69 -44.20 41.47
C THR L 124 5.88 -45.33 42.47
N VAL L 125 5.27 -45.19 43.64
CA VAL L 125 5.36 -46.23 44.65
C VAL L 125 4.05 -47.00 44.73
N SER L 126 4.09 -48.25 44.31
CA SER L 126 2.91 -49.09 44.29
C SER L 126 3.27 -50.58 44.32
N SER L 127 2.27 -51.40 44.63
CA SER L 127 2.44 -52.85 44.65
C SER L 127 2.10 -53.46 43.30
N ALA L 128 1.56 -52.63 42.40
CA ALA L 128 1.09 -53.10 41.11
C ALA L 128 2.21 -53.56 40.17
N SER L 129 1.87 -54.46 39.26
CA SER L 129 2.78 -54.95 38.25
C SER L 129 2.53 -54.28 36.90
N THR L 130 3.56 -54.25 36.06
CA THR L 130 3.43 -53.68 34.72
C THR L 130 2.37 -54.42 33.91
N LYS L 131 1.37 -53.67 33.43
CA LYS L 131 0.27 -54.26 32.68
C LYS L 131 -0.14 -53.34 31.53
N GLY L 132 -0.40 -53.94 30.37
CA GLY L 132 -0.91 -53.19 29.24
C GLY L 132 -2.35 -52.80 29.49
N PRO L 133 -2.79 -51.69 28.89
CA PRO L 133 -4.16 -51.19 29.09
C PRO L 133 -5.18 -51.92 28.24
N SER L 134 -6.42 -51.97 28.71
CA SER L 134 -7.52 -52.43 27.88
C SER L 134 -8.21 -51.22 27.26
N VAL L 135 -8.39 -51.26 25.94
CA VAL L 135 -8.99 -50.13 25.23
C VAL L 135 -10.42 -50.47 24.79
N PHE L 136 -11.39 -49.86 25.44
CA PHE L 136 -12.79 -50.12 25.11
C PHE L 136 -13.35 -48.93 24.33
N PRO L 137 -14.32 -49.18 23.44
CA PRO L 137 -14.86 -48.08 22.65
C PRO L 137 -15.95 -47.28 23.37
N LEU L 138 -15.76 -45.96 23.47
CA LEU L 138 -16.81 -45.05 23.88
C LEU L 138 -17.57 -44.61 22.63
N ALA L 139 -18.52 -45.44 22.21
CA ALA L 139 -19.24 -45.23 20.96
C ALA L 139 -20.15 -44.01 21.03
N PRO L 140 -20.26 -43.26 19.91
CA PRO L 140 -21.15 -42.09 19.82
C PRO L 140 -22.61 -42.49 19.98
N SER L 141 -23.36 -41.70 20.74
CA SER L 141 -24.77 -41.99 20.99
C SER L 141 -25.57 -42.01 19.69
N SER L 142 -26.48 -42.96 19.58
CA SER L 142 -27.31 -43.09 18.38
C SER L 142 -28.50 -42.11 18.37
N LYS L 143 -28.48 -41.15 19.28
CA LYS L 143 -29.53 -40.14 19.33
C LYS L 143 -28.96 -38.74 19.57
N GLY L 148 -26.11 -32.05 14.76
CA GLY L 148 -25.14 -30.99 14.93
C GLY L 148 -23.80 -31.51 15.42
N THR L 149 -23.69 -31.68 16.74
CA THR L 149 -22.44 -32.14 17.34
C THR L 149 -22.66 -33.43 18.12
N ALA L 150 -21.77 -34.39 17.88
CA ALA L 150 -21.77 -35.66 18.59
C ALA L 150 -20.39 -35.94 19.20
N ALA L 151 -20.37 -36.63 20.34
CA ALA L 151 -19.12 -36.95 21.01
C ALA L 151 -18.83 -38.45 20.99
N LEU L 152 -17.57 -38.80 20.72
CA LEU L 152 -17.15 -40.19 20.74
C LEU L 152 -15.79 -40.32 21.42
N GLY L 153 -15.27 -41.53 21.56
CA GLY L 153 -13.94 -41.70 22.13
C GLY L 153 -13.54 -43.12 22.48
N CYS L 154 -12.50 -43.25 23.29
CA CYS L 154 -12.00 -44.55 23.76
CA CYS L 154 -12.09 -44.56 23.79
C CYS L 154 -11.63 -44.50 25.24
N LEU L 155 -11.97 -45.55 25.98
CA LEU L 155 -11.65 -45.67 27.39
C LEU L 155 -10.44 -46.59 27.60
N VAL L 156 -9.34 -46.00 28.04
CA VAL L 156 -8.12 -46.75 28.35
C VAL L 156 -8.10 -47.13 29.83
N LYS L 157 -8.52 -48.36 30.12
CA LYS L 157 -8.77 -48.78 31.49
C LYS L 157 -7.78 -49.85 31.97
N ASP L 158 -7.45 -49.78 33.26
CA ASP L 158 -6.64 -50.78 33.95
C ASP L 158 -5.25 -50.96 33.35
N TYR L 159 -4.38 -49.99 33.59
CA TYR L 159 -2.99 -50.11 33.18
C TYR L 159 -2.06 -49.62 34.27
N PHE L 160 -0.80 -50.03 34.18
CA PHE L 160 0.21 -49.63 35.15
C PHE L 160 1.59 -49.87 34.55
N PRO L 161 2.50 -48.91 34.72
CA PRO L 161 2.22 -47.62 35.37
C PRO L 161 1.97 -46.52 34.35
N GLU L 162 2.06 -45.27 34.80
CA GLU L 162 2.05 -44.12 33.92
C GLU L 162 3.34 -44.10 33.09
N PRO L 163 3.32 -43.45 31.91
CA PRO L 163 2.19 -42.80 31.26
C PRO L 163 1.65 -43.58 30.07
N VAL L 164 0.59 -43.08 29.46
CA VAL L 164 0.09 -43.59 28.19
C VAL L 164 -0.15 -42.42 27.25
N THR L 165 0.18 -42.58 25.98
CA THR L 165 -0.08 -41.52 25.02
C THR L 165 -1.18 -41.94 24.06
N VAL L 166 -2.15 -41.06 23.82
CA VAL L 166 -3.25 -41.36 22.92
C VAL L 166 -3.41 -40.31 21.83
N SER L 167 -3.47 -40.76 20.58
CA SER L 167 -3.73 -39.86 19.45
C SER L 167 -4.99 -40.30 18.70
N TRP L 168 -5.38 -39.55 17.67
CA TRP L 168 -6.55 -39.90 16.87
C TRP L 168 -6.26 -39.87 15.38
N ASN L 169 -6.62 -40.95 14.69
CA ASN L 169 -6.34 -41.13 13.27
C ASN L 169 -4.86 -40.92 12.96
N SER L 170 -4.02 -41.48 13.82
CA SER L 170 -2.56 -41.39 13.69
C SER L 170 -2.07 -39.94 13.66
N GLY L 171 -2.75 -39.09 14.42
CA GLY L 171 -2.36 -37.69 14.53
C GLY L 171 -3.06 -36.78 13.54
N ALA L 172 -3.89 -37.34 12.66
CA ALA L 172 -4.59 -36.55 11.65
C ALA L 172 -5.75 -35.77 12.27
N LEU L 173 -6.32 -36.30 13.34
CA LEU L 173 -7.41 -35.64 14.03
C LEU L 173 -6.96 -35.14 15.40
N THR L 174 -6.84 -33.83 15.55
CA THR L 174 -6.40 -33.23 16.81
C THR L 174 -7.43 -32.21 17.29
N SER L 175 -8.17 -31.65 16.34
CA SER L 175 -9.18 -30.63 16.63
C SER L 175 -10.40 -31.21 17.34
N GLY L 176 -10.70 -30.65 18.51
CA GLY L 176 -11.86 -31.07 19.29
C GLY L 176 -11.57 -32.24 20.19
N VAL L 177 -10.29 -32.60 20.30
CA VAL L 177 -9.85 -33.73 21.09
C VAL L 177 -9.57 -33.38 22.55
N HIS L 178 -10.13 -34.15 23.47
CA HIS L 178 -9.88 -33.98 24.89
C HIS L 178 -9.40 -35.29 25.51
N THR L 179 -8.11 -35.36 25.82
CA THR L 179 -7.56 -36.50 26.55
C THR L 179 -7.41 -36.16 28.03
N PHE L 180 -8.25 -36.77 28.86
CA PHE L 180 -8.31 -36.44 30.27
C PHE L 180 -7.15 -37.04 31.07
N PRO L 181 -6.75 -36.36 32.16
CA PRO L 181 -5.76 -36.90 33.09
C PRO L 181 -6.23 -38.23 33.68
N ALA L 182 -5.31 -39.16 33.88
CA ALA L 182 -5.65 -40.47 34.39
C ALA L 182 -6.04 -40.43 35.86
N VAL L 183 -6.96 -41.32 36.25
CA VAL L 183 -7.30 -41.50 37.65
C VAL L 183 -6.73 -42.81 38.18
N LEU L 184 -6.34 -42.80 39.45
CA LEU L 184 -5.81 -44.01 40.08
C LEU L 184 -6.92 -44.75 40.81
N GLN L 185 -7.34 -45.89 40.25
CA GLN L 185 -8.40 -46.69 40.83
C GLN L 185 -7.97 -47.37 42.13
N SER L 186 -8.95 -47.86 42.89
CA SER L 186 -8.68 -48.52 44.16
C SER L 186 -7.95 -49.86 43.95
N SER L 187 -8.03 -50.39 42.73
CA SER L 187 -7.37 -51.64 42.39
C SER L 187 -5.86 -51.45 42.24
N GLY L 188 -5.44 -50.20 42.18
CA GLY L 188 -4.03 -49.88 42.03
C GLY L 188 -3.67 -49.68 40.57
N LEU L 189 -4.66 -49.81 39.69
CA LEU L 189 -4.45 -49.63 38.26
C LEU L 189 -4.97 -48.29 37.78
N TYR L 190 -4.31 -47.73 36.77
CA TYR L 190 -4.71 -46.44 36.22
C TYR L 190 -5.76 -46.58 35.12
N SER L 191 -6.46 -45.48 34.85
CA SER L 191 -7.48 -45.43 33.80
C SER L 191 -7.77 -44.01 33.36
N LEU L 192 -7.86 -43.79 32.05
CA LEU L 192 -8.25 -42.49 31.52
C LEU L 192 -9.22 -42.67 30.37
N SER L 193 -9.78 -41.55 29.92
CA SER L 193 -10.67 -41.54 28.78
C SER L 193 -10.19 -40.50 27.78
N SER L 194 -10.29 -40.82 26.50
CA SER L 194 -9.92 -39.88 25.45
C SER L 194 -11.10 -39.66 24.50
N VAL L 195 -11.63 -38.44 24.49
CA VAL L 195 -12.80 -38.14 23.68
C VAL L 195 -12.51 -37.17 22.56
N VAL L 196 -13.47 -37.04 21.65
CA VAL L 196 -13.39 -36.10 20.53
C VAL L 196 -14.82 -35.78 20.08
N THR L 197 -15.05 -34.50 19.78
CA THR L 197 -16.36 -34.06 19.31
C THR L 197 -16.32 -33.74 17.83
N VAL L 198 -17.26 -34.30 17.08
CA VAL L 198 -17.32 -34.11 15.64
C VAL L 198 -18.74 -33.78 15.17
N PRO L 199 -18.87 -33.19 13.97
CA PRO L 199 -20.18 -32.97 13.36
C PRO L 199 -20.92 -34.29 13.14
N SER L 200 -22.24 -34.29 13.33
CA SER L 200 -23.03 -35.50 13.16
C SER L 200 -23.02 -36.00 11.71
N SER L 201 -22.84 -35.07 10.78
CA SER L 201 -22.85 -35.40 9.35
C SER L 201 -21.67 -36.28 8.89
N SER L 202 -20.55 -36.17 9.58
CA SER L 202 -19.34 -36.90 9.18
C SER L 202 -19.28 -38.30 9.78
N LEU L 203 -20.14 -38.54 10.78
CA LEU L 203 -20.13 -39.79 11.54
C LEU L 203 -20.35 -41.01 10.66
N GLY L 204 -21.11 -40.84 9.59
CA GLY L 204 -21.44 -41.96 8.72
C GLY L 204 -20.42 -42.17 7.62
N THR L 205 -19.47 -41.27 7.50
CA THR L 205 -18.49 -41.34 6.41
C THR L 205 -17.05 -41.55 6.91
N GLN L 206 -16.65 -40.77 7.91
CA GLN L 206 -15.28 -40.83 8.42
C GLN L 206 -15.03 -41.89 9.48
N THR L 207 -13.86 -42.51 9.37
CA THR L 207 -13.41 -43.53 10.31
C THR L 207 -12.59 -42.89 11.42
N TYR L 208 -12.95 -43.20 12.66
CA TYR L 208 -12.25 -42.66 13.82
C TYR L 208 -11.53 -43.77 14.57
N ILE L 209 -10.20 -43.66 14.65
CA ILE L 209 -9.40 -44.66 15.34
C ILE L 209 -8.51 -44.01 16.38
N CYS L 210 -8.63 -44.44 17.63
CA CYS L 210 -7.78 -43.93 18.70
CA CYS L 210 -7.76 -43.90 18.68
C CYS L 210 -6.53 -44.79 18.85
N ASN L 211 -5.38 -44.14 18.88
CA ASN L 211 -4.09 -44.81 19.01
C ASN L 211 -3.59 -44.73 20.44
N VAL L 212 -3.68 -45.86 21.14
CA VAL L 212 -3.24 -45.94 22.52
C VAL L 212 -1.86 -46.57 22.57
N ASN L 213 -0.94 -45.88 23.21
CA ASN L 213 0.45 -46.30 23.28
C ASN L 213 0.95 -46.34 24.71
N HIS L 214 1.34 -47.54 25.13
CA HIS L 214 1.91 -47.72 26.47
C HIS L 214 3.30 -48.34 26.32
N LYS L 215 4.28 -47.45 26.17
CA LYS L 215 5.68 -47.83 26.03
C LYS L 215 6.22 -48.67 27.21
N PRO L 216 5.86 -48.32 28.46
CA PRO L 216 6.40 -49.14 29.56
C PRO L 216 6.02 -50.62 29.52
N SER L 217 5.02 -50.99 28.71
CA SER L 217 4.60 -52.38 28.61
C SER L 217 4.61 -52.90 27.17
N ASN L 218 5.17 -52.11 26.25
CA ASN L 218 5.20 -52.48 24.84
C ASN L 218 3.81 -52.72 24.28
N THR L 219 2.83 -51.98 24.79
CA THR L 219 1.46 -52.18 24.33
C THR L 219 1.13 -51.11 23.30
N LYS L 220 0.56 -51.54 22.18
CA LYS L 220 0.14 -50.61 21.14
C LYS L 220 -1.20 -51.05 20.57
N VAL L 221 -2.23 -50.26 20.82
CA VAL L 221 -3.57 -50.62 20.40
C VAL L 221 -4.20 -49.52 19.54
N ASP L 222 -4.55 -49.86 18.31
CA ASP L 222 -5.29 -48.95 17.46
C ASP L 222 -6.75 -49.40 17.43
N LYS L 223 -7.63 -48.67 18.10
CA LYS L 223 -9.02 -49.09 18.21
C LYS L 223 -9.98 -48.21 17.41
N LYS L 224 -10.79 -48.83 16.57
CA LYS L 224 -11.77 -48.13 15.76
C LYS L 224 -13.10 -47.96 16.50
N VAL L 225 -13.61 -46.73 16.54
CA VAL L 225 -14.89 -46.43 17.18
C VAL L 225 -15.99 -46.10 16.18
N GLU L 226 -17.09 -46.84 16.27
CA GLU L 226 -18.21 -46.67 15.34
C GLU L 226 -19.55 -46.72 16.08
N PRO L 227 -20.60 -46.08 15.51
CA PRO L 227 -21.95 -46.10 16.06
C PRO L 227 -22.50 -47.51 16.28
N LYS L 228 -23.12 -47.74 17.43
CA LYS L 228 -23.67 -49.05 17.76
C LYS L 228 -25.00 -49.31 17.04
#